data_6QTC
#
_entry.id   6QTC
#
loop_
_entity.id
_entity.type
_entity.pdbx_description
1 polymer 'tSH2 domain of transcription elongation factor Spt6'
2 polymer 'Tyrosine phosphorylated CTD'
#
loop_
_entity_poly.entity_id
_entity_poly.type
_entity_poly.pdbx_seq_one_letter_code
_entity_poly.pdbx_strand_id
1 'polypeptide(L)'
;SHRVINHPYYFPFNGKQAEDYLRSKERGDFVIRQSSRGDDHLAITWKLDKDLFQHVDIQELEKENPLALGKVLVVEGQRY
HDLDQIIVEYLQNKIRLLNELTSNEKFKAGTKKEVVKFIEDYSKVNPKKSVYYFSLNYENPGWFYLIFKLNAESKLYIWN
VKLTHTGFFLVNYNYPTVIQLCNGFKTLLKSSNTRN
;
A
2 'polypeptide(L)' PS(PTR)SPTSPS(PTR)SPTSPS B
#
# COMPACT_ATOMS: atom_id res chain seq x y z
N HIS A 2 -8.48 15.43 -17.11
CA HIS A 2 -9.55 14.42 -17.16
C HIS A 2 -9.24 13.35 -18.21
N ARG A 3 -10.28 12.62 -18.64
CA ARG A 3 -10.23 11.50 -19.56
C ARG A 3 -9.65 11.82 -20.96
N VAL A 4 -8.97 12.96 -21.11
CA VAL A 4 -8.39 13.39 -22.38
C VAL A 4 -6.98 12.83 -22.60
N ILE A 5 -6.47 12.00 -21.69
CA ILE A 5 -5.14 11.43 -21.85
C ILE A 5 -5.05 10.58 -23.11
N ASN A 6 -3.84 10.50 -23.66
CA ASN A 6 -3.53 9.78 -24.88
C ASN A 6 -2.37 8.82 -24.67
N HIS A 7 -1.81 8.82 -23.45
CA HIS A 7 -0.68 7.97 -23.08
C HIS A 7 -1.01 6.49 -23.24
N PRO A 8 0.01 5.66 -23.53
CA PRO A 8 -0.16 4.22 -23.76
C PRO A 8 -0.54 3.48 -22.49
N TYR A 9 -0.34 4.09 -21.32
CA TYR A 9 -0.73 3.49 -20.05
C TYR A 9 -2.17 3.84 -19.69
N TYR A 10 -2.81 4.69 -20.51
CA TYR A 10 -4.16 5.16 -20.25
C TYR A 10 -5.22 4.13 -20.61
N PHE A 11 -6.27 4.08 -19.80
CA PHE A 11 -7.44 3.28 -20.06
C PHE A 11 -8.67 4.02 -19.52
N PRO A 12 -9.74 4.12 -20.32
CA PRO A 12 -10.99 4.74 -19.94
C PRO A 12 -11.80 3.82 -19.02
N PHE A 13 -11.17 2.74 -18.56
CA PHE A 13 -11.82 1.72 -17.75
C PHE A 13 -12.25 2.25 -16.39
N ASN A 14 -13.27 1.58 -15.84
CA ASN A 14 -13.77 1.84 -14.50
C ASN A 14 -12.74 1.32 -13.49
N GLY A 15 -12.83 1.72 -12.22
CA GLY A 15 -11.88 1.26 -11.21
C GLY A 15 -11.88 -0.26 -11.09
N LYS A 16 -13.07 -0.89 -11.18
CA LYS A 16 -13.17 -2.34 -11.14
C LYS A 16 -12.63 -2.96 -12.41
N GLN A 17 -12.78 -2.27 -13.55
CA GLN A 17 -12.35 -2.77 -14.83
C GLN A 17 -10.83 -2.63 -14.98
N ALA A 18 -10.26 -1.55 -14.44
CA ALA A 18 -8.82 -1.35 -14.45
C ALA A 18 -8.19 -2.36 -13.50
N GLU A 19 -8.89 -2.69 -12.41
CA GLU A 19 -8.45 -3.73 -11.49
C GLU A 19 -8.45 -5.08 -12.21
N ASP A 20 -9.63 -5.59 -12.59
CA ASP A 20 -9.75 -6.87 -13.26
C ASP A 20 -8.87 -6.94 -14.51
N TYR A 21 -8.49 -5.81 -15.10
CA TYR A 21 -7.50 -5.81 -16.17
C TYR A 21 -6.12 -6.14 -15.61
N LEU A 22 -5.73 -5.45 -14.52
CA LEU A 22 -4.42 -5.71 -13.93
C LEU A 22 -4.37 -7.08 -13.26
N ARG A 23 -5.51 -7.58 -12.79
CA ARG A 23 -5.54 -8.90 -12.16
C ARG A 23 -5.19 -9.99 -13.17
N SER A 24 -5.17 -9.64 -14.45
CA SER A 24 -4.74 -10.51 -15.54
C SER A 24 -3.34 -10.12 -16.03
N LYS A 25 -2.65 -9.23 -15.30
CA LYS A 25 -1.32 -8.75 -15.65
C LYS A 25 -0.29 -9.36 -14.70
N GLU A 26 0.65 -8.54 -14.21
CA GLU A 26 1.80 -8.99 -13.44
C GLU A 26 1.75 -8.53 -11.99
N ARG A 27 2.70 -8.99 -11.17
CA ARG A 27 2.80 -8.63 -9.76
C ARG A 27 3.16 -7.16 -9.63
N GLY A 28 3.51 -6.51 -10.75
CA GLY A 28 3.72 -5.07 -10.82
C GLY A 28 3.03 -4.56 -12.07
N ASP A 29 1.88 -3.89 -11.91
CA ASP A 29 1.16 -3.33 -13.05
C ASP A 29 0.67 -1.92 -12.75
N PHE A 30 0.32 -1.15 -13.78
CA PHE A 30 -0.18 0.21 -13.64
C PHE A 30 -0.95 0.67 -14.87
N VAL A 31 -2.11 1.31 -14.67
CA VAL A 31 -2.86 1.94 -15.74
C VAL A 31 -3.44 3.27 -15.29
N ILE A 32 -3.45 4.27 -16.18
CA ILE A 32 -4.00 5.59 -15.89
C ILE A 32 -5.49 5.60 -16.21
N ARG A 33 -6.29 6.20 -15.33
CA ARG A 33 -7.73 6.32 -15.53
C ARG A 33 -8.30 7.54 -14.81
N GLN A 34 -9.43 8.04 -15.31
CA GLN A 34 -10.12 9.19 -14.75
C GLN A 34 -10.35 9.07 -13.24
N SER A 35 -10.19 10.19 -12.54
CA SER A 35 -10.39 10.28 -11.09
C SER A 35 -11.86 10.44 -10.75
N SER A 36 -12.26 10.00 -9.55
CA SER A 36 -13.63 10.10 -9.09
C SER A 36 -13.91 11.40 -8.35
N ARG A 37 -13.04 12.41 -8.47
CA ARG A 37 -13.19 13.64 -7.71
C ARG A 37 -12.84 14.93 -8.46
N GLY A 38 -12.86 14.92 -9.79
CA GLY A 38 -12.73 16.15 -10.56
C GLY A 38 -12.22 15.91 -11.98
N ASP A 39 -12.47 16.88 -12.87
CA ASP A 39 -11.95 16.83 -14.22
C ASP A 39 -10.48 17.29 -14.23
N ASP A 40 -10.07 18.05 -13.21
CA ASP A 40 -8.67 18.38 -13.05
C ASP A 40 -7.99 17.25 -12.29
N HIS A 41 -8.57 16.05 -12.31
CA HIS A 41 -8.01 14.91 -11.60
C HIS A 41 -8.02 13.65 -12.46
N LEU A 42 -6.99 12.83 -12.26
CA LEU A 42 -6.82 11.53 -12.89
C LEU A 42 -6.34 10.55 -11.83
N ALA A 43 -6.18 9.28 -12.18
CA ALA A 43 -5.70 8.26 -11.26
C ALA A 43 -4.81 7.24 -11.96
N ILE A 44 -3.94 6.60 -11.17
CA ILE A 44 -3.19 5.45 -11.63
C ILE A 44 -3.61 4.27 -10.77
N THR A 45 -4.01 3.16 -11.38
CA THR A 45 -4.33 1.95 -10.64
C THR A 45 -3.19 0.98 -10.83
N TRP A 46 -2.47 0.69 -9.74
CA TRP A 46 -1.25 -0.09 -9.77
C TRP A 46 -1.37 -1.35 -8.92
N LYS A 47 -0.83 -2.44 -9.45
CA LYS A 47 -0.99 -3.80 -8.92
C LYS A 47 0.26 -4.26 -8.20
N LEU A 48 0.03 -4.88 -7.04
CA LEU A 48 1.06 -5.35 -6.11
C LEU A 48 1.15 -6.88 -6.09
N ASP A 49 0.05 -7.56 -6.42
CA ASP A 49 -0.04 -9.02 -6.40
C ASP A 49 -1.17 -9.45 -7.34
N LYS A 50 -1.27 -10.75 -7.61
CA LYS A 50 -2.18 -11.32 -8.60
C LYS A 50 -3.60 -10.76 -8.46
N ASP A 51 -4.03 -10.47 -7.23
CA ASP A 51 -5.35 -9.92 -6.94
C ASP A 51 -5.24 -8.83 -5.86
N LEU A 52 -4.35 -7.86 -6.07
CA LEU A 52 -4.14 -6.77 -5.13
C LEU A 52 -3.70 -5.52 -5.88
N PHE A 53 -4.35 -4.38 -5.60
CA PHE A 53 -4.21 -3.18 -6.40
C PHE A 53 -4.53 -1.94 -5.56
N GLN A 54 -3.94 -0.80 -5.93
CA GLN A 54 -4.17 0.46 -5.26
C GLN A 54 -4.38 1.58 -6.28
N HIS A 55 -5.26 2.53 -5.96
CA HIS A 55 -5.52 3.68 -6.79
C HIS A 55 -4.74 4.87 -6.25
N VAL A 56 -4.13 5.64 -7.15
CA VAL A 56 -3.39 6.84 -6.79
C VAL A 56 -3.87 8.00 -7.64
N ASP A 57 -4.62 8.93 -7.03
CA ASP A 57 -5.11 10.09 -7.76
C ASP A 57 -3.99 11.07 -8.07
N ILE A 58 -4.27 11.91 -9.08
CA ILE A 58 -3.39 12.90 -9.64
C ILE A 58 -4.19 14.18 -9.82
N GLN A 59 -3.55 15.34 -9.67
CA GLN A 59 -4.22 16.59 -9.99
C GLN A 59 -3.53 17.28 -11.15
N GLU A 60 -4.32 17.71 -12.13
CA GLU A 60 -3.85 18.36 -13.33
C GLU A 60 -3.75 19.86 -13.05
N LEU A 61 -2.64 20.24 -12.39
CA LEU A 61 -2.40 21.60 -11.95
C LEU A 61 -2.00 22.49 -13.12
N GLU A 62 -2.00 23.81 -12.89
CA GLU A 62 -1.59 24.80 -13.87
C GLU A 62 -2.53 24.86 -15.08
N LYS A 63 -3.81 25.12 -14.82
CA LYS A 63 -4.83 25.32 -15.84
C LYS A 63 -5.90 26.25 -15.29
N GLU A 64 -6.40 27.18 -16.11
CA GLU A 64 -7.43 28.11 -15.70
C GLU A 64 -8.79 27.43 -15.52
N ASN A 65 -9.01 26.30 -16.23
CA ASN A 65 -10.24 25.54 -16.13
C ASN A 65 -9.90 24.05 -15.97
N PRO A 66 -10.65 23.32 -15.14
CA PRO A 66 -10.45 21.89 -14.94
C PRO A 66 -10.91 21.10 -16.15
N LEU A 67 -11.61 21.74 -17.09
CA LEU A 67 -12.00 21.11 -18.36
C LEU A 67 -10.80 21.05 -19.28
N ALA A 68 -9.72 21.75 -18.93
CA ALA A 68 -8.50 21.77 -19.70
C ALA A 68 -7.45 20.90 -19.03
N LEU A 69 -6.55 20.31 -19.84
CA LEU A 69 -5.49 19.46 -19.34
C LEU A 69 -4.39 20.33 -18.72
N GLY A 70 -4.06 20.06 -17.46
CA GLY A 70 -3.09 20.84 -16.72
C GLY A 70 -1.70 20.73 -17.34
N LYS A 71 -0.94 21.83 -17.28
CA LYS A 71 0.42 21.86 -17.79
C LYS A 71 1.36 21.07 -16.89
N VAL A 72 0.85 20.65 -15.73
CA VAL A 72 1.59 19.82 -14.79
C VAL A 72 0.66 18.79 -14.15
N LEU A 73 1.27 17.75 -13.59
CA LEU A 73 0.57 16.68 -12.90
C LEU A 73 1.13 16.58 -11.48
N VAL A 74 0.25 16.67 -10.49
CA VAL A 74 0.64 16.58 -9.08
C VAL A 74 0.27 15.20 -8.53
N VAL A 75 1.22 14.58 -7.82
CA VAL A 75 1.04 13.27 -7.20
C VAL A 75 1.58 13.31 -5.79
N GLU A 76 0.76 12.92 -4.82
CA GLU A 76 1.12 12.95 -3.41
C GLU A 76 1.72 14.31 -3.00
N GLY A 77 1.32 15.37 -3.71
CA GLY A 77 1.74 16.73 -3.40
C GLY A 77 3.01 17.16 -4.15
N GLN A 78 3.36 16.47 -5.24
CA GLN A 78 4.57 16.80 -5.99
C GLN A 78 4.23 16.91 -7.47
N ARG A 79 4.63 18.03 -8.11
CA ARG A 79 4.31 18.29 -9.50
C ARG A 79 5.33 17.68 -10.46
N TYR A 80 4.86 17.46 -11.69
CA TYR A 80 5.64 16.90 -12.78
C TYR A 80 5.07 17.43 -14.10
N HIS A 81 5.79 17.25 -15.21
CA HIS A 81 5.40 17.85 -16.48
C HIS A 81 4.31 17.06 -17.21
N ASP A 82 4.22 15.74 -17.03
CA ASP A 82 3.29 14.93 -17.79
C ASP A 82 3.09 13.56 -17.12
N LEU A 83 2.07 12.82 -17.55
CA LEU A 83 1.74 11.50 -17.03
C LEU A 83 2.90 10.53 -17.17
N ASP A 84 3.69 10.62 -18.24
CA ASP A 84 4.79 9.70 -18.42
C ASP A 84 5.91 10.02 -17.41
N GLN A 85 5.94 11.24 -16.86
CA GLN A 85 6.91 11.57 -15.83
C GLN A 85 6.43 11.06 -14.49
N ILE A 86 5.13 11.20 -14.20
CA ILE A 86 4.63 10.73 -12.91
C ILE A 86 4.68 9.22 -12.88
N ILE A 87 4.49 8.56 -14.03
CA ILE A 87 4.57 7.11 -14.06
C ILE A 87 6.01 6.67 -13.89
N VAL A 88 6.97 7.18 -14.68
CA VAL A 88 8.34 6.68 -14.51
C VAL A 88 8.85 7.02 -13.12
N GLU A 89 8.63 8.25 -12.66
CA GLU A 89 9.06 8.65 -11.33
C GLU A 89 8.33 7.85 -10.26
N TYR A 90 6.99 7.87 -10.25
CA TYR A 90 6.27 7.23 -9.15
C TYR A 90 6.45 5.72 -9.19
N LEU A 91 6.38 5.08 -10.36
CA LEU A 91 6.49 3.64 -10.45
C LEU A 91 7.92 3.17 -10.18
N GLN A 92 8.92 3.71 -10.88
CA GLN A 92 10.26 3.18 -10.73
C GLN A 92 10.77 3.40 -9.31
N ASN A 93 10.46 4.56 -8.71
CA ASN A 93 10.87 4.79 -7.34
C ASN A 93 10.06 3.90 -6.38
N LYS A 94 8.77 3.71 -6.65
CA LYS A 94 7.94 2.85 -5.82
C LYS A 94 8.41 1.40 -5.92
N ILE A 95 8.76 0.95 -7.13
CA ILE A 95 9.17 -0.43 -7.37
C ILE A 95 10.55 -0.69 -6.75
N ARG A 96 11.48 0.27 -6.78
CA ARG A 96 12.77 0.03 -6.15
C ARG A 96 12.61 -0.01 -4.62
N LEU A 97 11.71 0.79 -4.06
CA LEU A 97 11.41 0.73 -2.63
C LEU A 97 10.75 -0.60 -2.31
N LEU A 98 10.00 -1.16 -3.28
CA LEU A 98 9.39 -2.46 -3.11
C LEU A 98 10.45 -3.57 -3.14
N ASN A 99 11.53 -3.38 -3.91
CA ASN A 99 12.60 -4.37 -3.94
C ASN A 99 13.40 -4.34 -2.65
N GLU A 100 13.61 -3.16 -2.08
CA GLU A 100 14.39 -3.07 -0.85
C GLU A 100 13.57 -3.54 0.34
N LEU A 101 12.26 -3.29 0.36
CA LEU A 101 11.42 -3.82 1.42
C LEU A 101 11.24 -5.33 1.29
N THR A 102 11.02 -5.85 0.07
CA THR A 102 10.77 -7.28 -0.09
C THR A 102 12.03 -8.09 0.15
N SER A 103 13.19 -7.48 -0.09
CA SER A 103 14.47 -8.11 0.19
C SER A 103 14.84 -7.98 1.67
N ASN A 104 14.14 -7.12 2.42
CA ASN A 104 14.40 -6.90 3.84
C ASN A 104 14.11 -8.16 4.66
N GLU A 105 14.92 -8.41 5.70
CA GLU A 105 14.72 -9.56 6.57
C GLU A 105 13.44 -9.37 7.38
N LYS A 106 12.93 -8.14 7.46
CA LYS A 106 11.72 -7.84 8.19
C LYS A 106 10.48 -8.16 7.35
N PHE A 107 10.64 -8.45 6.06
CA PHE A 107 9.49 -8.70 5.21
C PHE A 107 9.10 -10.18 5.24
N LYS A 108 7.82 -10.43 5.46
CA LYS A 108 7.22 -11.76 5.49
C LYS A 108 6.93 -12.26 4.07
N ALA A 109 6.06 -13.29 3.96
CA ALA A 109 5.75 -13.92 2.70
C ALA A 109 4.96 -13.00 1.78
N GLY A 110 4.49 -13.61 0.69
CA GLY A 110 3.95 -12.91 -0.47
C GLY A 110 2.42 -12.78 -0.51
N THR A 111 1.68 -13.62 0.21
CA THR A 111 0.22 -13.52 0.20
C THR A 111 -0.35 -13.93 1.56
N LYS A 112 -1.53 -13.43 1.89
CA LYS A 112 -2.12 -13.52 3.23
C LYS A 112 -1.81 -14.84 3.90
N LYS A 113 -2.32 -15.94 3.34
CA LYS A 113 -2.14 -17.28 3.88
C LYS A 113 -0.66 -17.57 4.14
N GLU A 114 0.20 -17.23 3.20
CA GLU A 114 1.60 -17.58 3.32
C GLU A 114 2.25 -16.81 4.46
N VAL A 115 1.95 -15.51 4.55
CA VAL A 115 2.52 -14.68 5.62
C VAL A 115 1.92 -15.03 6.97
N VAL A 116 0.63 -15.35 7.05
CA VAL A 116 0.07 -15.76 8.34
C VAL A 116 0.65 -17.11 8.77
N LYS A 117 0.92 -18.01 7.81
CA LYS A 117 1.58 -19.28 8.10
C LYS A 117 3.04 -19.05 8.48
N PHE A 118 3.72 -18.09 7.84
CA PHE A 118 5.13 -17.86 8.14
C PHE A 118 5.28 -17.17 9.49
N ILE A 119 4.41 -16.21 9.84
CA ILE A 119 4.55 -15.56 11.15
C ILE A 119 4.12 -16.51 12.27
N GLU A 120 3.07 -17.31 12.04
CA GLU A 120 2.64 -18.22 13.09
C GLU A 120 3.68 -19.31 13.23
N ASP A 121 4.20 -19.85 12.11
CA ASP A 121 5.21 -20.89 12.17
C ASP A 121 6.46 -20.35 12.81
N TYR A 122 6.85 -19.12 12.48
CA TYR A 122 8.05 -18.55 13.07
C TYR A 122 7.82 -18.26 14.55
N SER A 123 6.56 -18.05 14.95
CA SER A 123 6.26 -17.76 16.35
C SER A 123 6.23 -19.06 17.17
N LYS A 124 5.61 -20.11 16.64
CA LYS A 124 5.47 -21.38 17.35
C LYS A 124 6.76 -22.18 17.43
N VAL A 125 7.64 -22.05 16.44
CA VAL A 125 8.95 -22.67 16.46
C VAL A 125 9.90 -21.91 17.39
N ASN A 126 9.48 -20.71 17.81
CA ASN A 126 10.20 -19.85 18.72
C ASN A 126 9.26 -19.28 19.78
N PRO A 127 8.60 -20.15 20.55
CA PRO A 127 7.50 -19.79 21.43
C PRO A 127 7.93 -18.97 22.66
N LYS A 128 9.18 -18.50 22.71
CA LYS A 128 9.64 -17.64 23.77
C LYS A 128 10.38 -16.42 23.21
N LYS A 129 10.45 -16.31 21.88
CA LYS A 129 11.00 -15.14 21.21
C LYS A 129 9.87 -14.33 20.59
N SER A 130 10.07 -13.03 20.40
CA SER A 130 9.05 -12.16 19.84
C SER A 130 9.15 -12.13 18.31
N VAL A 131 8.09 -11.63 17.68
CA VAL A 131 7.96 -11.64 16.22
C VAL A 131 7.46 -10.31 15.72
N TYR A 132 8.06 -9.78 14.66
CA TYR A 132 7.62 -8.53 14.03
C TYR A 132 8.03 -8.51 12.57
N TYR A 133 7.07 -8.46 11.65
CA TYR A 133 7.36 -8.45 10.22
C TYR A 133 6.41 -7.56 9.42
N PHE A 134 6.89 -7.18 8.23
CA PHE A 134 6.17 -6.37 7.27
C PHE A 134 5.66 -7.25 6.14
N SER A 135 4.45 -7.00 5.63
CA SER A 135 3.98 -7.71 4.45
C SER A 135 2.94 -6.87 3.73
N LEU A 136 2.41 -7.34 2.59
CA LEU A 136 1.36 -6.62 1.88
C LEU A 136 0.11 -6.58 2.75
N ASN A 137 -0.63 -5.46 2.71
CA ASN A 137 -1.94 -5.37 3.33
C ASN A 137 -2.98 -5.56 2.22
N TYR A 138 -3.96 -6.42 2.47
CA TYR A 138 -4.92 -6.81 1.45
C TYR A 138 -6.25 -6.08 1.61
N GLU A 139 -6.50 -5.57 2.82
CA GLU A 139 -7.68 -4.79 3.13
C GLU A 139 -7.40 -3.30 2.93
N ASN A 140 -6.11 -2.94 2.83
CA ASN A 140 -5.65 -1.57 2.65
C ASN A 140 -4.45 -1.55 1.70
N PRO A 141 -4.67 -1.74 0.40
CA PRO A 141 -3.61 -1.73 -0.60
C PRO A 141 -2.84 -0.41 -0.56
N GLY A 142 -1.60 -0.42 -1.07
CA GLY A 142 -0.72 0.74 -1.01
C GLY A 142 -0.09 0.89 0.37
N TRP A 143 -0.53 0.05 1.32
CA TRP A 143 0.04 -0.03 2.65
C TRP A 143 0.54 -1.44 2.89
N PHE A 144 1.58 -1.55 3.73
CA PHE A 144 2.13 -2.82 4.14
C PHE A 144 1.78 -3.05 5.60
N TYR A 145 1.42 -4.29 5.96
CA TYR A 145 1.01 -4.60 7.31
C TYR A 145 2.24 -4.88 8.16
N LEU A 146 2.14 -4.65 9.46
CA LEU A 146 3.25 -4.72 10.39
C LEU A 146 2.81 -5.55 11.59
N ILE A 147 2.87 -6.88 11.44
CA ILE A 147 2.41 -7.85 12.43
C ILE A 147 3.44 -8.01 13.54
N PHE A 148 2.97 -8.06 14.80
CA PHE A 148 3.79 -8.21 15.97
C PHE A 148 3.18 -9.23 16.94
N LYS A 149 4.03 -10.08 17.52
CA LYS A 149 3.65 -11.05 18.56
C LYS A 149 4.74 -11.10 19.61
N LEU A 150 4.40 -11.17 20.89
CA LEU A 150 5.43 -11.24 21.92
C LEU A 150 6.06 -12.64 21.93
N ASN A 151 5.28 -13.67 21.60
CA ASN A 151 5.74 -15.05 21.43
C ASN A 151 4.57 -15.91 20.94
N ALA A 152 4.77 -17.24 20.85
CA ALA A 152 3.73 -18.16 20.41
C ALA A 152 2.49 -18.09 21.30
N GLU A 153 2.70 -17.85 22.59
CA GLU A 153 1.64 -17.84 23.57
C GLU A 153 0.92 -16.49 23.61
N SER A 154 1.42 -15.52 22.84
CA SER A 154 0.90 -14.17 22.84
C SER A 154 -0.18 -13.94 21.80
N LYS A 155 -0.93 -12.85 21.99
CA LYS A 155 -1.88 -12.34 21.02
C LYS A 155 -1.09 -11.82 19.82
N LEU A 156 -1.78 -11.15 18.90
CA LEU A 156 -1.16 -10.63 17.70
C LEU A 156 -1.67 -9.22 17.46
N TYR A 157 -0.75 -8.32 17.10
CA TYR A 157 -1.06 -6.92 16.84
C TYR A 157 -0.47 -6.48 15.51
N ILE A 158 -1.20 -5.65 14.77
CA ILE A 158 -0.76 -5.19 13.47
C ILE A 158 -0.90 -3.69 13.33
N TRP A 159 0.04 -3.06 12.62
CA TRP A 159 -0.05 -1.67 12.18
C TRP A 159 0.36 -1.60 10.72
N ASN A 160 0.43 -0.40 10.12
CA ASN A 160 0.67 -0.30 8.69
C ASN A 160 1.67 0.78 8.31
N VAL A 161 2.28 0.62 7.13
CA VAL A 161 3.18 1.61 6.55
C VAL A 161 2.78 1.83 5.09
N LYS A 162 2.52 3.10 4.75
CA LYS A 162 2.13 3.46 3.39
C LYS A 162 3.36 3.48 2.51
N LEU A 163 3.21 3.00 1.29
CA LEU A 163 4.26 3.07 0.30
C LEU A 163 4.06 4.33 -0.55
N THR A 164 5.16 5.02 -0.83
CA THR A 164 5.17 6.24 -1.63
C THR A 164 6.47 6.26 -2.41
N HIS A 165 6.50 6.99 -3.54
CA HIS A 165 7.71 7.09 -4.33
C HIS A 165 8.76 7.89 -3.57
N THR A 166 8.34 8.56 -2.50
CA THR A 166 9.20 9.36 -1.64
C THR A 166 9.76 8.50 -0.50
N GLY A 167 9.31 7.25 -0.36
CA GLY A 167 9.77 6.38 0.71
C GLY A 167 8.65 5.54 1.33
N PHE A 168 8.72 5.38 2.66
CA PHE A 168 7.75 4.66 3.44
C PHE A 168 7.16 5.59 4.50
N PHE A 169 5.83 5.64 4.61
CA PHE A 169 5.20 6.57 5.55
C PHE A 169 4.44 5.83 6.64
N LEU A 170 4.76 6.13 7.90
CA LEU A 170 4.12 5.50 9.04
C LEU A 170 4.08 6.46 10.23
N VAL A 171 3.04 6.29 11.05
CA VAL A 171 2.71 7.11 12.21
C VAL A 171 2.49 8.58 11.85
N ASN A 172 3.50 9.27 11.29
CA ASN A 172 3.36 10.67 10.92
C ASN A 172 4.45 11.14 9.95
N TYR A 173 5.38 10.29 9.51
CA TYR A 173 6.48 10.76 8.69
C TYR A 173 6.93 9.74 7.64
N ASN A 174 7.60 10.23 6.59
CA ASN A 174 8.09 9.40 5.48
C ASN A 174 9.59 9.18 5.57
N TYR A 175 10.01 7.95 5.26
CA TYR A 175 11.39 7.53 5.28
C TYR A 175 11.79 7.06 3.88
N PRO A 176 12.73 7.75 3.24
CA PRO A 176 13.09 7.59 1.84
C PRO A 176 13.71 6.23 1.50
N THR A 177 13.87 5.35 2.49
CA THR A 177 14.36 3.99 2.24
C THR A 177 13.99 3.09 3.41
N VAL A 178 13.97 1.77 3.16
CA VAL A 178 13.58 0.79 4.15
C VAL A 178 14.52 0.83 5.34
N ILE A 179 15.78 1.23 5.12
CA ILE A 179 16.74 1.30 6.22
C ILE A 179 16.34 2.46 7.13
N GLN A 180 15.92 3.58 6.53
CA GLN A 180 15.47 4.74 7.28
C GLN A 180 14.12 4.45 7.92
N LEU A 181 13.34 3.54 7.35
CA LEU A 181 12.08 3.11 7.94
C LEU A 181 12.39 2.34 9.23
N CYS A 182 13.45 1.54 9.22
CA CYS A 182 13.88 0.84 10.42
C CYS A 182 14.37 1.84 11.46
N ASN A 183 15.05 2.92 11.03
CA ASN A 183 15.48 3.97 11.95
C ASN A 183 14.27 4.76 12.44
N GLY A 184 13.26 4.93 11.59
CA GLY A 184 12.04 5.62 11.93
C GLY A 184 11.28 4.83 12.99
N PHE A 185 11.22 3.52 12.80
CA PHE A 185 10.57 2.64 13.76
C PHE A 185 11.29 2.69 15.11
N LYS A 186 12.62 2.74 15.12
CA LYS A 186 13.39 2.79 16.36
C LYS A 186 13.25 4.13 17.07
N THR A 187 13.35 5.23 16.32
CA THR A 187 13.16 6.53 16.93
C THR A 187 11.73 6.75 17.39
N LEU A 188 10.78 6.03 16.78
CA LEU A 188 9.37 6.12 17.14
C LEU A 188 9.05 5.27 18.36
N LEU A 189 9.61 4.05 18.43
CA LEU A 189 9.39 3.21 19.59
C LEU A 189 10.10 3.80 20.81
N LYS A 190 11.16 4.59 20.59
CA LYS A 190 11.83 5.25 21.69
C LYS A 190 10.98 6.41 22.17
N SER A 191 10.36 7.14 21.23
CA SER A 191 9.44 8.21 21.54
C SER A 191 8.18 7.65 22.19
N SER A 192 7.89 6.36 21.93
CA SER A 192 6.75 5.68 22.54
C SER A 192 7.14 5.12 23.91
N ASN A 193 8.39 4.68 24.06
CA ASN A 193 8.90 4.18 25.33
C ASN A 193 9.08 5.33 26.32
N THR A 194 9.33 6.53 25.81
CA THR A 194 9.36 7.72 26.66
C THR A 194 7.93 8.11 27.08
N ARG A 195 6.97 7.22 26.84
CA ARG A 195 5.57 7.37 27.25
C ARG A 195 5.06 6.07 27.87
N ASN A 196 5.80 4.98 27.67
CA ASN A 196 5.45 3.65 28.17
C ASN A 196 6.70 2.90 28.59
N PRO B 1 -10.76 0.71 3.08
CA PRO B 1 -10.07 -0.06 2.04
C PRO B 1 -9.59 0.84 0.91
N SER B 2 -8.31 0.74 0.57
CA SER B 2 -7.61 1.55 -0.44
C SER B 2 -7.62 3.05 -0.14
N PTR B 3 -8.50 3.52 0.76
CA PTR B 3 -8.56 4.90 1.18
C PTR B 3 -8.91 4.94 2.68
O PTR B 3 -9.92 5.51 3.07
CB PTR B 3 -9.65 5.64 0.38
CG PTR B 3 -9.40 5.81 -1.11
CD1 PTR B 3 -10.45 5.57 -2.01
CD2 PTR B 3 -8.16 6.23 -1.60
CE1 PTR B 3 -10.28 5.78 -3.38
CE2 PTR B 3 -7.97 6.43 -2.98
CZ PTR B 3 -9.03 6.23 -3.88
OH PTR B 3 -8.84 6.50 -5.17
P PTR B 3 -10.02 6.53 -6.24
O1P PTR B 3 -11.05 7.48 -5.76
O2P PTR B 3 -10.41 5.14 -6.58
O3P PTR B 3 -9.42 7.16 -7.58
H PTR B 3 -9.16 2.88 1.16
HA PTR B 3 -7.60 5.38 1.03
HB2 PTR B 3 -10.58 5.11 0.51
HB3 PTR B 3 -9.75 6.64 0.78
HD1 PTR B 3 -11.42 5.22 -1.63
HD2 PTR B 3 -7.34 6.38 -0.93
HE1 PTR B 3 -11.11 5.59 -4.05
HE2 PTR B 3 -7.01 6.76 -3.35
HO3P PTR B 3 -8.75 7.84 -7.41
N SER B 4 -8.06 4.35 3.53
CA SER B 4 -8.32 4.31 4.97
C SER B 4 -7.05 4.06 5.77
N PRO B 5 -6.28 5.11 6.07
CA PRO B 5 -5.09 5.05 6.89
C PRO B 5 -5.39 4.60 8.32
N THR B 6 -4.49 3.79 8.90
CA THR B 6 -4.54 3.38 10.30
C THR B 6 -3.24 2.66 10.66
N SER B 7 -2.55 3.10 11.71
CA SER B 7 -1.31 2.47 12.13
C SER B 7 -0.85 2.97 13.51
N PRO B 8 -1.08 2.22 14.59
CA PRO B 8 -0.50 2.50 15.90
C PRO B 8 1.02 2.31 15.87
N SER B 9 1.69 2.72 16.94
CA SER B 9 3.15 2.68 17.03
C SER B 9 3.69 1.26 17.22
N PTR B 10 5.01 1.13 17.08
CA PTR B 10 5.79 -0.11 17.17
C PTR B 10 5.47 -0.90 18.44
O PTR B 10 5.56 -2.13 18.42
CB PTR B 10 7.25 0.34 17.17
CG PTR B 10 8.29 -0.72 16.85
CD1 PTR B 10 8.94 -0.67 15.62
CD2 PTR B 10 8.63 -1.73 17.78
CE1 PTR B 10 9.98 -1.59 15.31
CE2 PTR B 10 9.64 -2.64 17.49
CZ PTR B 10 10.36 -2.57 16.26
OH PTR B 10 11.36 -3.41 16.04
P PTR B 10 12.39 -3.28 14.80
O1P PTR B 10 11.64 -3.52 13.55
O2P PTR B 10 13.44 -4.46 14.95
O3P PTR B 10 13.15 -2.03 14.96
H PTR B 10 5.54 1.96 16.89
HA PTR B 10 5.59 -0.70 16.29
HB2 PTR B 10 7.36 1.13 16.44
HB3 PTR B 10 7.47 0.75 18.16
HD1 PTR B 10 8.66 0.06 14.89
HD2 PTR B 10 8.10 -1.79 18.73
HE1 PTR B 10 10.47 -1.52 14.36
HE2 PTR B 10 9.91 -3.41 18.20
HO2P PTR B 10 13.92 -4.43 15.79
N SER B 11 5.10 -0.22 19.53
CA SER B 11 4.78 -0.86 20.80
C SER B 11 5.94 -1.74 21.29
N PRO B 12 7.03 -1.13 21.78
CA PRO B 12 8.23 -1.83 22.20
C PRO B 12 8.01 -2.65 23.48
N THR B 13 6.95 -2.34 24.24
CA THR B 13 6.60 -3.00 25.50
C THR B 13 7.82 -3.20 26.40
N SER B 14 8.85 -2.36 26.26
CA SER B 14 10.10 -2.52 26.98
C SER B 14 10.89 -1.22 26.91
N PRO B 15 11.94 -1.07 27.74
CA PRO B 15 12.85 0.07 27.75
C PRO B 15 13.61 0.28 26.44
N SER B 16 13.24 -0.43 25.37
CA SER B 16 13.91 -0.33 24.08
C SER B 16 13.86 1.10 23.55
N HIS A 2 12.16 8.20 -24.00
CA HIS A 2 11.65 8.81 -22.76
C HIS A 2 10.16 9.08 -22.90
N ARG A 3 9.50 9.44 -21.79
CA ARG A 3 8.07 9.69 -21.79
C ARG A 3 7.76 10.96 -21.01
N VAL A 4 6.65 11.61 -21.37
CA VAL A 4 6.23 12.88 -20.79
C VAL A 4 4.70 12.95 -20.82
N ILE A 5 4.12 13.80 -19.97
CA ILE A 5 2.68 13.95 -19.89
C ILE A 5 2.33 15.36 -19.43
N ASN A 6 1.18 15.86 -19.87
CA ASN A 6 0.75 17.23 -19.59
C ASN A 6 -0.07 17.32 -18.30
N HIS A 7 -0.31 16.18 -17.66
CA HIS A 7 -1.10 16.10 -16.44
C HIS A 7 -0.50 17.02 -15.37
N PRO A 8 -1.32 17.82 -14.69
CA PRO A 8 -0.87 18.79 -13.72
C PRO A 8 -0.19 18.15 -12.49
N TYR A 9 -0.20 16.82 -12.38
CA TYR A 9 0.49 16.11 -11.31
C TYR A 9 1.72 15.38 -11.84
N TYR A 10 2.11 15.61 -13.10
CA TYR A 10 3.32 15.04 -13.66
C TYR A 10 4.56 15.59 -12.95
N PHE A 11 5.55 14.74 -12.74
CA PHE A 11 6.85 15.12 -12.22
C PHE A 11 7.91 14.21 -12.85
N PRO A 12 9.04 14.77 -13.30
CA PRO A 12 10.14 14.03 -13.90
C PRO A 12 10.93 13.28 -12.83
N PHE A 13 10.47 13.34 -11.58
CA PHE A 13 11.15 12.72 -10.46
C PHE A 13 11.17 11.21 -10.57
N ASN A 14 12.26 10.63 -10.07
CA ASN A 14 12.42 9.19 -9.96
C ASN A 14 11.71 8.72 -8.69
N GLY A 15 11.68 7.42 -8.43
CA GLY A 15 10.96 6.89 -7.28
C GLY A 15 11.45 7.47 -5.96
N LYS A 16 12.76 7.63 -5.79
CA LYS A 16 13.31 8.18 -4.56
C LYS A 16 13.00 9.67 -4.44
N GLN A 17 13.08 10.42 -5.54
CA GLN A 17 12.82 11.84 -5.49
C GLN A 17 11.32 12.11 -5.27
N ALA A 18 10.46 11.30 -5.88
CA ALA A 18 9.02 11.42 -5.66
C ALA A 18 8.73 11.10 -4.19
N GLU A 19 9.48 10.16 -3.60
CA GLU A 19 9.36 9.83 -2.18
C GLU A 19 9.88 10.95 -1.29
N ASP A 20 11.12 11.41 -1.50
CA ASP A 20 11.68 12.44 -0.65
C ASP A 20 10.89 13.74 -0.76
N TYR A 21 10.12 13.89 -1.84
CA TYR A 21 9.22 15.01 -2.05
C TYR A 21 7.95 14.87 -1.22
N LEU A 22 7.22 13.76 -1.42
CA LEU A 22 5.99 13.47 -0.68
C LEU A 22 6.23 13.30 0.81
N ARG A 23 7.48 13.13 1.25
CA ARG A 23 7.80 13.07 2.66
C ARG A 23 7.47 14.41 3.35
N SER A 24 6.99 15.39 2.57
CA SER A 24 6.57 16.69 3.08
C SER A 24 5.07 16.96 2.80
N LYS A 25 4.44 16.19 1.91
CA LYS A 25 3.07 16.32 1.50
C LYS A 25 2.01 16.26 2.57
N GLU A 26 0.83 16.23 1.97
CA GLU A 26 -0.50 16.38 2.54
C GLU A 26 -1.02 15.08 3.13
N ARG A 27 -0.17 14.08 3.03
CA ARG A 27 -0.34 12.74 3.58
C ARG A 27 -1.44 11.94 2.86
N GLY A 28 -1.93 12.48 1.74
CA GLY A 28 -2.88 11.81 0.87
C GLY A 28 -2.72 12.41 -0.52
N ASP A 29 -1.50 12.32 -1.08
CA ASP A 29 -1.16 13.04 -2.29
C ASP A 29 -0.69 12.09 -3.39
N PHE A 30 -0.58 12.57 -4.63
CA PHE A 30 -0.09 11.77 -5.76
C PHE A 30 0.73 12.58 -6.75
N VAL A 31 1.72 11.94 -7.37
CA VAL A 31 2.55 12.51 -8.44
C VAL A 31 2.70 11.47 -9.55
N ILE A 32 2.70 11.91 -10.81
CA ILE A 32 2.83 11.02 -11.95
C ILE A 32 4.26 11.09 -12.46
N ARG A 33 4.86 9.95 -12.77
CA ARG A 33 6.23 9.86 -13.23
C ARG A 33 6.39 8.74 -14.23
N GLN A 34 7.37 8.83 -15.12
CA GLN A 34 7.70 7.70 -15.97
C GLN A 34 8.05 6.48 -15.10
N SER A 35 7.73 5.28 -15.59
CA SER A 35 7.88 4.04 -14.84
C SER A 35 9.33 3.71 -14.50
N SER A 36 10.29 4.41 -15.12
CA SER A 36 11.71 4.05 -15.04
C SER A 36 11.93 2.63 -15.56
N ARG A 37 10.94 2.09 -16.28
CA ARG A 37 10.98 0.77 -16.89
C ARG A 37 10.72 0.89 -18.39
N GLY A 38 11.00 2.07 -18.93
CA GLY A 38 10.91 2.33 -20.35
C GLY A 38 9.74 3.23 -20.73
N ASP A 39 9.66 3.56 -22.02
CA ASP A 39 8.54 4.30 -22.58
C ASP A 39 7.34 3.37 -22.66
N ASP A 40 6.16 3.93 -22.95
CA ASP A 40 4.91 3.19 -22.88
C ASP A 40 4.64 2.66 -21.47
N HIS A 41 5.38 3.16 -20.47
CA HIS A 41 5.13 2.86 -19.08
C HIS A 41 5.27 4.12 -18.23
N LEU A 42 4.32 4.31 -17.31
CA LEU A 42 4.29 5.43 -16.37
C LEU A 42 4.02 4.87 -14.99
N ALA A 43 4.06 5.72 -13.97
CA ALA A 43 3.77 5.33 -12.61
C ALA A 43 3.18 6.48 -11.82
N ILE A 44 2.22 6.17 -10.95
CA ILE A 44 1.68 7.15 -10.02
C ILE A 44 2.27 6.85 -8.64
N THR A 45 2.87 7.86 -8.02
CA THR A 45 3.39 7.74 -6.67
C THR A 45 2.45 8.47 -5.74
N TRP A 46 1.77 7.72 -4.86
CA TRP A 46 0.80 8.27 -3.94
C TRP A 46 1.34 8.16 -2.52
N LYS A 47 1.03 9.15 -1.70
CA LYS A 47 1.68 9.32 -0.42
C LYS A 47 0.71 9.28 0.75
N LEU A 48 1.14 8.50 1.75
CA LEU A 48 0.39 8.13 2.93
C LEU A 48 0.79 9.00 4.13
N ASP A 49 2.07 9.31 4.25
CA ASP A 49 2.57 10.13 5.35
C ASP A 49 3.99 10.62 5.05
N LYS A 50 4.56 11.41 5.97
CA LYS A 50 5.92 11.92 5.91
C LYS A 50 6.97 10.81 5.98
N ASP A 51 6.55 9.55 5.88
CA ASP A 51 7.45 8.41 5.94
C ASP A 51 6.95 7.25 5.08
N LEU A 52 6.03 7.51 4.13
CA LEU A 52 5.38 6.43 3.41
C LEU A 52 4.68 6.88 2.13
N PHE A 53 4.63 5.95 1.17
CA PHE A 53 4.20 6.17 -0.20
C PHE A 53 3.74 4.86 -0.81
N GLN A 54 3.39 4.89 -2.10
CA GLN A 54 3.10 3.71 -2.90
C GLN A 54 3.28 4.08 -4.37
N HIS A 55 3.94 3.21 -5.14
CA HIS A 55 4.10 3.40 -6.57
C HIS A 55 3.15 2.46 -7.30
N VAL A 56 2.51 2.96 -8.35
CA VAL A 56 1.58 2.17 -9.15
C VAL A 56 1.92 2.35 -10.63
N ASP A 57 2.54 1.33 -11.22
CA ASP A 57 2.93 1.37 -12.62
C ASP A 57 1.73 1.26 -13.56
N ILE A 58 1.93 1.78 -14.78
CA ILE A 58 0.91 1.91 -15.79
C ILE A 58 1.48 1.52 -17.14
N GLN A 59 0.72 0.77 -17.94
CA GLN A 59 1.10 0.54 -19.32
C GLN A 59 0.34 1.52 -20.19
N GLU A 60 1.05 2.13 -21.15
CA GLU A 60 0.42 2.93 -22.17
C GLU A 60 0.42 2.13 -23.47
N LEU A 61 -0.72 2.16 -24.15
CA LEU A 61 -0.96 1.36 -25.35
C LEU A 61 -1.91 2.13 -26.29
N GLU A 62 -2.20 1.58 -27.48
CA GLU A 62 -3.00 2.23 -28.51
C GLU A 62 -2.34 3.51 -29.03
N LYS A 63 -1.07 3.40 -29.44
CA LYS A 63 -0.35 4.49 -30.07
C LYS A 63 0.48 4.01 -31.26
N GLU A 64 0.61 4.91 -32.23
CA GLU A 64 1.31 4.66 -33.48
C GLU A 64 2.82 4.72 -33.27
N ASN A 65 3.25 5.43 -32.23
CA ASN A 65 4.66 5.55 -31.85
C ASN A 65 4.78 5.28 -30.35
N PRO A 66 5.78 4.51 -29.92
CA PRO A 66 6.00 4.13 -28.54
C PRO A 66 6.48 5.31 -27.68
N LEU A 67 6.50 6.52 -28.25
CA LEU A 67 6.84 7.73 -27.50
C LEU A 67 5.57 8.53 -27.22
N ALA A 68 4.48 8.23 -27.95
CA ALA A 68 3.25 9.00 -27.86
C ALA A 68 2.36 8.47 -26.74
N LEU A 69 1.55 9.35 -26.14
CA LEU A 69 0.70 9.00 -25.02
C LEU A 69 -0.40 8.04 -25.43
N GLY A 70 -0.49 6.90 -24.75
CA GLY A 70 -1.40 5.82 -25.10
C GLY A 70 -2.84 6.14 -24.75
N LYS A 71 -3.77 5.78 -25.64
CA LYS A 71 -5.20 5.97 -25.44
C LYS A 71 -5.81 4.88 -24.56
N VAL A 72 -5.02 3.90 -24.14
CA VAL A 72 -5.47 2.90 -23.19
C VAL A 72 -4.40 2.66 -22.13
N LEU A 73 -4.74 3.02 -20.90
CA LEU A 73 -3.84 2.90 -19.77
C LEU A 73 -4.28 1.72 -18.92
N VAL A 74 -3.46 0.67 -18.91
CA VAL A 74 -3.70 -0.52 -18.09
C VAL A 74 -2.96 -0.39 -16.77
N VAL A 75 -3.68 -0.65 -15.66
CA VAL A 75 -3.14 -0.60 -14.32
C VAL A 75 -3.61 -1.81 -13.54
N GLU A 76 -2.67 -2.55 -12.94
CA GLU A 76 -2.98 -3.79 -12.21
C GLU A 76 -3.87 -4.72 -13.04
N GLY A 77 -3.75 -4.65 -14.37
CA GLY A 77 -4.50 -5.50 -15.28
C GLY A 77 -5.86 -4.92 -15.67
N GLN A 78 -6.09 -3.62 -15.46
CA GLN A 78 -7.37 -2.99 -15.73
C GLN A 78 -7.18 -1.80 -16.66
N ARG A 79 -7.88 -1.82 -17.80
CA ARG A 79 -7.74 -0.82 -18.85
C ARG A 79 -8.62 0.40 -18.60
N TYR A 80 -8.11 1.58 -18.97
CA TYR A 80 -8.83 2.84 -18.92
C TYR A 80 -8.46 3.69 -20.12
N HIS A 81 -9.26 4.72 -20.42
CA HIS A 81 -9.09 5.50 -21.64
C HIS A 81 -8.00 6.57 -21.54
N ASP A 82 -7.69 7.05 -20.33
CA ASP A 82 -6.76 8.15 -20.14
C ASP A 82 -6.19 8.15 -18.73
N LEU A 83 -5.07 8.84 -18.52
CA LEU A 83 -4.45 9.00 -17.22
C LEU A 83 -5.42 9.66 -16.26
N ASP A 84 -6.26 10.57 -16.75
CA ASP A 84 -7.22 11.22 -15.87
C ASP A 84 -8.28 10.21 -15.39
N GLN A 85 -8.51 9.13 -16.15
CA GLN A 85 -9.46 8.12 -15.71
C GLN A 85 -8.80 7.25 -14.66
N ILE A 86 -7.53 6.88 -14.87
CA ILE A 86 -6.87 6.01 -13.90
C ILE A 86 -6.62 6.78 -12.62
N ILE A 87 -6.40 8.09 -12.70
CA ILE A 87 -6.20 8.84 -11.48
C ILE A 87 -7.52 8.97 -10.74
N VAL A 88 -8.62 9.40 -11.39
CA VAL A 88 -9.86 9.54 -10.63
C VAL A 88 -10.31 8.18 -10.13
N GLU A 89 -10.30 7.15 -10.98
CA GLU A 89 -10.70 5.82 -10.57
C GLU A 89 -9.75 5.28 -9.49
N TYR A 90 -8.46 5.10 -9.83
CA TYR A 90 -7.58 4.41 -8.91
C TYR A 90 -7.39 5.17 -7.61
N LEU A 91 -7.31 6.50 -7.65
CA LEU A 91 -7.10 7.26 -6.43
C LEU A 91 -8.37 7.36 -5.60
N GLN A 92 -9.49 7.79 -6.17
CA GLN A 92 -10.68 7.98 -5.36
C GLN A 92 -11.16 6.66 -4.81
N ASN A 93 -11.08 5.59 -5.61
CA ASN A 93 -11.48 4.27 -5.12
C ASN A 93 -10.50 3.81 -4.05
N LYS A 94 -9.19 4.01 -4.24
CA LYS A 94 -8.20 3.60 -3.26
C LYS A 94 -8.31 4.41 -1.97
N ILE A 95 -8.57 5.71 -2.10
CA ILE A 95 -8.70 6.60 -0.96
C ILE A 95 -10.01 6.30 -0.21
N ARG A 96 -11.05 5.88 -0.92
CA ARG A 96 -12.31 5.54 -0.26
C ARG A 96 -12.11 4.26 0.57
N LEU A 97 -11.35 3.31 0.02
CA LEU A 97 -10.99 2.10 0.72
C LEU A 97 -10.09 2.46 1.91
N LEU A 98 -9.28 3.50 1.78
CA LEU A 98 -8.48 3.96 2.90
C LEU A 98 -9.37 4.59 3.96
N ASN A 99 -10.51 5.18 3.57
CA ASN A 99 -11.41 5.77 4.54
C ASN A 99 -12.13 4.69 5.34
N GLU A 100 -12.51 3.59 4.69
CA GLU A 100 -13.20 2.52 5.39
C GLU A 100 -12.24 1.78 6.32
N LEU A 101 -10.99 1.58 5.89
CA LEU A 101 -10.03 0.88 6.73
C LEU A 101 -9.54 1.76 7.86
N THR A 102 -9.30 3.05 7.60
CA THR A 102 -8.84 3.93 8.66
C THR A 102 -9.95 4.17 9.69
N SER A 103 -11.19 4.10 9.23
CA SER A 103 -12.36 4.20 10.09
C SER A 103 -12.63 2.90 10.84
N ASN A 104 -11.92 1.82 10.49
CA ASN A 104 -12.14 0.52 11.10
C ASN A 104 -11.60 0.49 12.53
N GLU A 105 -12.32 -0.15 13.45
CA GLU A 105 -11.94 -0.20 14.85
C GLU A 105 -10.65 -1.00 15.06
N LYS A 106 -10.26 -1.82 14.07
CA LYS A 106 -9.03 -2.58 14.16
C LYS A 106 -7.86 -1.84 13.51
N PHE A 107 -8.07 -0.63 12.98
CA PHE A 107 -6.95 0.13 12.41
C PHE A 107 -6.25 0.93 13.51
N LYS A 108 -4.93 0.74 13.61
CA LYS A 108 -4.08 1.43 14.58
C LYS A 108 -3.72 2.83 14.09
N ALA A 109 -2.75 3.46 14.75
CA ALA A 109 -2.33 4.81 14.43
C ALA A 109 -1.59 4.87 13.10
N GLY A 110 -0.79 5.92 12.94
CA GLY A 110 -0.21 6.31 11.67
C GLY A 110 1.23 5.85 11.50
N THR A 111 2.17 6.56 12.13
CA THR A 111 3.59 6.27 11.97
C THR A 111 4.02 5.21 12.97
N LYS A 112 5.10 4.51 12.68
CA LYS A 112 5.54 3.34 13.44
C LYS A 112 5.49 3.56 14.94
N LYS A 113 6.07 4.66 15.39
CA LYS A 113 6.07 5.03 16.80
C LYS A 113 4.65 5.12 17.35
N GLU A 114 3.73 5.74 16.62
CA GLU A 114 2.40 5.97 17.12
C GLU A 114 1.62 4.67 17.22
N VAL A 115 1.67 3.83 16.17
CA VAL A 115 1.00 2.54 16.22
C VAL A 115 1.68 1.58 17.18
N VAL A 116 3.01 1.61 17.30
CA VAL A 116 3.68 0.73 18.24
C VAL A 116 3.36 1.16 19.68
N LYS A 117 3.24 2.48 19.91
CA LYS A 117 2.85 3.07 21.18
C LYS A 117 1.41 2.68 21.50
N PHE A 118 0.55 2.66 20.49
CA PHE A 118 -0.86 2.34 20.71
C PHE A 118 -1.07 0.83 20.87
N ILE A 119 -0.37 -0.03 20.12
CA ILE A 119 -0.53 -1.47 20.30
C ILE A 119 0.07 -1.89 21.64
N GLU A 120 1.25 -1.36 21.98
CA GLU A 120 1.89 -1.76 23.22
C GLU A 120 1.05 -1.28 24.40
N ASP A 121 0.50 -0.07 24.32
CA ASP A 121 -0.39 0.41 25.37
C ASP A 121 -1.64 -0.44 25.38
N TYR A 122 -2.28 -0.64 24.22
CA TYR A 122 -3.53 -1.40 24.21
C TYR A 122 -3.29 -2.82 24.71
N SER A 123 -2.02 -3.24 24.72
CA SER A 123 -1.65 -4.59 25.11
C SER A 123 -1.28 -4.65 26.58
N LYS A 124 -0.45 -3.71 27.05
CA LYS A 124 -0.02 -3.68 28.45
C LYS A 124 -1.11 -3.15 29.38
N VAL A 125 -2.05 -2.39 28.83
CA VAL A 125 -3.20 -1.89 29.59
C VAL A 125 -4.22 -3.02 29.78
N ASN A 126 -4.12 -4.08 28.97
CA ASN A 126 -5.01 -5.23 29.00
C ASN A 126 -4.18 -6.49 28.74
N PRO A 127 -3.21 -6.77 29.61
CA PRO A 127 -2.18 -7.78 29.38
C PRO A 127 -2.73 -9.19 29.35
N LYS A 128 -3.97 -9.41 29.81
CA LYS A 128 -4.57 -10.73 29.76
C LYS A 128 -5.40 -10.92 28.49
N LYS A 129 -5.66 -9.83 27.75
CA LYS A 129 -6.40 -9.92 26.50
C LYS A 129 -5.47 -9.96 25.30
N SER A 130 -6.02 -10.44 24.17
CA SER A 130 -5.30 -10.47 22.91
C SER A 130 -5.47 -9.16 22.18
N VAL A 131 -4.59 -8.89 21.22
CA VAL A 131 -4.63 -7.68 20.43
C VAL A 131 -4.34 -8.00 18.98
N TYR A 132 -5.10 -7.39 18.06
CA TYR A 132 -4.78 -7.51 16.64
C TYR A 132 -5.24 -6.25 15.93
N TYR A 133 -4.33 -5.59 15.21
CA TYR A 133 -4.65 -4.36 14.49
C TYR A 133 -3.95 -4.25 13.15
N PHE A 134 -4.57 -3.43 12.28
CA PHE A 134 -4.08 -3.13 10.94
C PHE A 134 -3.49 -1.73 10.96
N SER A 135 -2.36 -1.52 10.27
CA SER A 135 -1.80 -0.19 10.17
C SER A 135 -0.93 -0.11 8.92
N LEU A 136 -0.21 0.99 8.72
CA LEU A 136 0.65 1.18 7.58
C LEU A 136 1.91 0.33 7.70
N ASN A 137 2.43 -0.16 6.56
CA ASN A 137 3.72 -0.83 6.52
C ASN A 137 4.75 0.16 5.98
N TYR A 138 5.93 0.24 6.61
CA TYR A 138 6.91 1.26 6.28
C TYR A 138 8.08 0.70 5.48
N GLU A 139 8.32 -0.61 5.62
CA GLU A 139 9.37 -1.30 4.91
C GLU A 139 8.88 -1.73 3.53
N ASN A 140 7.56 -1.63 3.30
CA ASN A 140 6.93 -2.01 2.05
C ASN A 140 5.81 -1.01 1.73
N PRO A 141 6.03 -0.09 0.80
CA PRO A 141 5.05 0.90 0.43
C PRO A 141 3.88 0.25 -0.31
N GLY A 142 2.66 0.70 -0.04
CA GLY A 142 1.46 0.13 -0.63
C GLY A 142 0.94 -1.10 0.13
N TRP A 143 1.41 -1.31 1.36
CA TRP A 143 1.01 -2.46 2.17
C TRP A 143 0.61 -2.02 3.58
N PHE A 144 -0.29 -2.80 4.19
CA PHE A 144 -0.69 -2.62 5.57
C PHE A 144 -0.11 -3.73 6.43
N TYR A 145 0.23 -3.41 7.68
CA TYR A 145 0.74 -4.39 8.62
C TYR A 145 -0.40 -4.86 9.51
N LEU A 146 -0.30 -6.09 10.01
CA LEU A 146 -1.38 -6.72 10.75
C LEU A 146 -0.82 -7.35 12.03
N ILE A 147 -0.56 -6.50 13.02
CA ILE A 147 0.07 -6.91 14.27
C ILE A 147 -0.90 -7.72 15.12
N PHE A 148 -0.41 -8.78 15.76
CA PHE A 148 -1.20 -9.64 16.64
C PHE A 148 -0.36 -10.09 17.83
N LYS A 149 -0.96 -10.04 19.04
CA LYS A 149 -0.35 -10.55 20.27
C LYS A 149 -1.42 -11.27 21.09
N LEU A 150 -1.06 -12.35 21.79
CA LEU A 150 -2.03 -13.08 22.60
C LEU A 150 -2.29 -12.37 23.92
N ASN A 151 -1.26 -11.67 24.45
CA ASN A 151 -1.24 -11.04 25.76
C ASN A 151 -0.11 -10.00 25.74
N ALA A 152 0.06 -9.23 26.82
CA ALA A 152 1.20 -8.33 26.91
C ALA A 152 2.49 -9.13 26.98
N GLU A 153 2.44 -10.26 27.68
CA GLU A 153 3.57 -11.13 27.93
C GLU A 153 3.87 -12.03 26.73
N SER A 154 2.98 -12.02 25.74
CA SER A 154 3.07 -12.86 24.56
C SER A 154 4.10 -12.35 23.56
N LYS A 155 4.50 -13.25 22.66
CA LYS A 155 5.26 -12.90 21.47
C LYS A 155 4.35 -12.07 20.59
N LEU A 156 4.87 -11.63 19.44
CA LEU A 156 4.11 -10.77 18.55
C LEU A 156 4.31 -11.20 17.10
N TYR A 157 3.22 -11.18 16.33
CA TYR A 157 3.22 -11.58 14.94
C TYR A 157 2.56 -10.53 14.06
N ILE A 158 3.11 -10.32 12.87
CA ILE A 158 2.58 -9.33 11.94
C ILE A 158 2.32 -9.97 10.57
N TRP A 159 1.07 -9.93 10.11
CA TRP A 159 0.74 -10.30 8.75
C TRP A 159 0.73 -9.04 7.88
N ASN A 160 0.57 -9.19 6.57
CA ASN A 160 0.58 -8.05 5.66
C ASN A 160 -0.46 -8.19 4.55
N VAL A 161 -1.06 -7.07 4.15
CA VAL A 161 -2.05 -7.02 3.09
C VAL A 161 -1.77 -5.83 2.18
N LYS A 162 -1.80 -6.07 0.86
CA LYS A 162 -1.48 -5.05 -0.13
C LYS A 162 -2.70 -4.20 -0.45
N LEU A 163 -2.46 -2.94 -0.79
CA LEU A 163 -3.51 -2.02 -1.20
C LEU A 163 -3.66 -1.99 -2.72
N THR A 164 -4.90 -1.87 -3.19
CA THR A 164 -5.24 -1.71 -4.59
C THR A 164 -6.56 -0.95 -4.65
N HIS A 165 -6.85 -0.26 -5.76
CA HIS A 165 -8.09 0.50 -5.84
C HIS A 165 -9.29 -0.45 -5.88
N THR A 166 -9.04 -1.72 -6.23
CA THR A 166 -10.08 -2.73 -6.32
C THR A 166 -10.34 -3.37 -4.95
N GLY A 167 -9.52 -3.06 -3.94
CA GLY A 167 -9.69 -3.65 -2.63
C GLY A 167 -8.37 -3.84 -1.87
N PHE A 168 -8.30 -4.94 -1.11
CA PHE A 168 -7.13 -5.30 -0.34
C PHE A 168 -6.69 -6.71 -0.72
N PHE A 169 -5.40 -6.87 -1.04
CA PHE A 169 -4.90 -8.13 -1.56
C PHE A 169 -4.12 -8.91 -0.51
N LEU A 170 -4.58 -10.13 -0.24
CA LEU A 170 -4.04 -10.99 0.79
C LEU A 170 -3.90 -12.41 0.25
N VAL A 171 -2.74 -13.03 0.52
CA VAL A 171 -2.37 -14.35 0.00
C VAL A 171 -2.39 -14.39 -1.52
N ASN A 172 -3.58 -14.50 -2.12
CA ASN A 172 -3.74 -14.60 -3.57
C ASN A 172 -5.09 -14.03 -4.03
N TYR A 173 -5.82 -13.32 -3.15
CA TYR A 173 -7.13 -12.81 -3.51
C TYR A 173 -7.36 -11.39 -3.01
N ASN A 174 -8.18 -10.62 -3.75
CA ASN A 174 -8.49 -9.23 -3.43
C ASN A 174 -9.88 -9.09 -2.81
N TYR A 175 -9.96 -8.29 -1.74
CA TYR A 175 -11.20 -8.04 -1.03
C TYR A 175 -11.58 -6.56 -1.17
N PRO A 176 -12.70 -6.26 -1.86
CA PRO A 176 -13.09 -4.91 -2.23
C PRO A 176 -13.49 -4.02 -1.04
N THR A 177 -13.46 -4.56 0.18
CA THR A 177 -13.77 -3.79 1.37
C THR A 177 -13.17 -4.48 2.58
N VAL A 178 -12.94 -3.75 3.68
CA VAL A 178 -12.34 -4.33 4.87
C VAL A 178 -13.28 -5.36 5.50
N ILE A 179 -14.59 -5.26 5.21
CA ILE A 179 -15.54 -6.25 5.68
C ILE A 179 -15.30 -7.57 4.96
N GLN A 180 -14.91 -7.50 3.68
CA GLN A 180 -14.59 -8.68 2.89
C GLN A 180 -13.18 -9.15 3.23
N LEU A 181 -12.31 -8.25 3.71
CA LEU A 181 -10.98 -8.62 4.17
C LEU A 181 -11.13 -9.41 5.47
N CYS A 182 -12.11 -9.04 6.28
CA CYS A 182 -12.45 -9.78 7.48
C CYS A 182 -12.93 -11.17 7.08
N ASN A 183 -13.89 -11.23 6.15
CA ASN A 183 -14.37 -12.50 5.59
C ASN A 183 -13.20 -13.26 4.98
N GLY A 184 -12.23 -12.53 4.41
CA GLY A 184 -11.04 -13.10 3.81
C GLY A 184 -10.15 -13.74 4.85
N PHE A 185 -10.01 -13.07 6.00
CA PHE A 185 -9.21 -13.60 7.08
C PHE A 185 -9.81 -14.90 7.60
N LYS A 186 -11.11 -14.91 7.91
CA LYS A 186 -11.80 -16.10 8.40
C LYS A 186 -11.84 -17.24 7.39
N THR A 187 -12.05 -16.91 6.11
CA THR A 187 -12.08 -17.96 5.11
C THR A 187 -10.67 -18.53 4.87
N LEU A 188 -9.64 -17.70 5.10
CA LEU A 188 -8.26 -18.13 4.90
C LEU A 188 -7.81 -19.04 6.03
N LEU A 189 -8.14 -18.70 7.29
CA LEU A 189 -7.75 -19.54 8.41
C LEU A 189 -8.55 -20.83 8.41
N LYS A 190 -9.78 -20.82 7.89
CA LYS A 190 -10.59 -22.03 7.82
C LYS A 190 -10.09 -22.91 6.70
N SER A 191 -9.76 -22.32 5.54
CA SER A 191 -9.22 -23.09 4.43
C SER A 191 -7.80 -23.56 4.74
N SER A 192 -7.05 -22.81 5.58
CA SER A 192 -5.73 -23.24 6.01
C SER A 192 -5.87 -24.39 7.01
N ASN A 193 -6.90 -24.33 7.88
CA ASN A 193 -7.17 -25.39 8.83
C ASN A 193 -7.76 -26.61 8.10
N THR A 194 -8.35 -26.39 6.92
CA THR A 194 -8.89 -27.48 6.11
C THR A 194 -7.74 -28.22 5.43
N ARG A 195 -6.62 -27.52 5.19
CA ARG A 195 -5.44 -28.11 4.60
C ARG A 195 -4.61 -28.79 5.68
N ASN A 196 -4.33 -28.03 6.75
CA ASN A 196 -3.59 -28.46 7.93
C ASN A 196 -2.31 -29.17 7.50
N PRO B 1 10.73 -4.61 2.44
CA PRO B 1 11.87 -5.14 1.67
C PRO B 1 11.72 -4.95 0.17
N SER B 2 10.50 -5.06 -0.35
CA SER B 2 10.22 -4.96 -1.77
C SER B 2 8.76 -4.54 -2.00
N PTR B 3 8.37 -4.36 -3.26
CA PTR B 3 7.00 -4.04 -3.62
C PTR B 3 6.08 -5.25 -3.37
O PTR B 3 4.87 -5.08 -3.19
CB PTR B 3 6.94 -3.65 -5.09
CG PTR B 3 7.61 -2.35 -5.48
CD1 PTR B 3 8.08 -1.44 -4.52
CD2 PTR B 3 7.75 -2.05 -6.85
CE1 PTR B 3 8.67 -0.23 -4.93
CE2 PTR B 3 8.32 -0.84 -7.26
CZ PTR B 3 8.79 0.08 -6.30
OH PTR B 3 9.32 1.26 -6.63
P PTR B 3 9.39 1.83 -8.14
O1P PTR B 3 10.15 0.86 -8.96
O2P PTR B 3 9.85 3.23 -8.09
O3P PTR B 3 7.90 1.85 -8.73
H PTR B 3 9.04 -4.46 -4.01
HA PTR B 3 6.65 -3.21 -3.00
HB2 PTR B 3 7.38 -4.46 -5.68
HB3 PTR B 3 5.90 -3.57 -5.38
HD1 PTR B 3 8.00 -1.66 -3.47
HD2 PTR B 3 7.39 -2.74 -7.59
HE1 PTR B 3 9.04 0.47 -4.19
HE2 PTR B 3 8.42 -0.64 -8.31
HO3P PTR B 3 7.45 1.01 -8.65
N SER B 4 6.65 -6.46 -3.38
CA SER B 4 5.89 -7.70 -3.24
C SER B 4 6.49 -8.63 -2.20
N PRO B 5 6.37 -8.29 -0.91
CA PRO B 5 6.77 -9.14 0.20
C PRO B 5 5.82 -10.33 0.33
N THR B 6 6.10 -11.21 1.30
CA THR B 6 5.29 -12.39 1.57
C THR B 6 4.99 -12.49 3.07
N SER B 7 4.03 -13.35 3.44
CA SER B 7 3.63 -13.54 4.82
C SER B 7 2.90 -14.87 4.96
N PRO B 8 2.89 -15.46 6.18
CA PRO B 8 2.20 -16.71 6.47
C PRO B 8 0.69 -16.50 6.47
N SER B 9 -0.07 -17.59 6.59
CA SER B 9 -1.52 -17.52 6.65
C SER B 9 -1.99 -17.07 8.04
N PTR B 10 -3.26 -16.64 8.11
CA PTR B 10 -3.87 -16.15 9.32
C PTR B 10 -4.11 -17.31 10.30
O PTR B 10 -4.61 -18.36 9.90
CB PTR B 10 -5.18 -15.45 8.91
CG PTR B 10 -5.95 -14.74 10.01
CD1 PTR B 10 -6.12 -13.34 9.93
CD2 PTR B 10 -6.50 -15.44 11.07
CE1 PTR B 10 -6.91 -12.67 10.87
CE2 PTR B 10 -7.27 -14.77 12.03
CZ PTR B 10 -7.52 -13.39 11.92
OH PTR B 10 -8.35 -12.83 12.79
P PTR B 10 -9.01 -11.38 12.56
O1P PTR B 10 -9.49 -11.32 11.16
O2P PTR B 10 -7.88 -10.27 12.74
O3P PTR B 10 -10.00 -11.16 13.64
H PTR B 10 -3.83 -16.66 7.28
HA PTR B 10 -3.21 -15.41 9.79
HB2 PTR B 10 -4.93 -14.72 8.14
HB3 PTR B 10 -5.83 -16.20 8.47
HD1 PTR B 10 -5.64 -12.79 9.14
HD2 PTR B 10 -6.33 -16.50 11.16
HE1 PTR B 10 -7.04 -11.60 10.77
HE2 PTR B 10 -7.69 -15.32 12.87
HO2P PTR B 10 -7.55 -10.22 13.64
N SER B 11 -3.75 -17.12 11.58
CA SER B 11 -3.86 -18.18 12.57
C SER B 11 -5.31 -18.42 12.98
N PRO B 12 -5.78 -19.68 12.93
CA PRO B 12 -7.14 -20.05 13.31
C PRO B 12 -7.33 -20.07 14.82
N THR B 13 -6.35 -19.60 15.58
CA THR B 13 -6.38 -19.67 17.04
C THR B 13 -7.53 -18.86 17.65
N SER B 14 -8.28 -18.11 16.83
CA SER B 14 -9.49 -17.40 17.24
C SER B 14 -9.28 -16.64 18.55
N PRO B 15 -8.38 -15.64 18.56
CA PRO B 15 -7.99 -14.92 19.75
C PRO B 15 -9.10 -14.00 20.26
N SER B 16 -9.11 -13.78 21.58
CA SER B 16 -10.08 -12.89 22.23
C SER B 16 -9.55 -12.46 23.60
N HIS A 2 -3.21 20.55 -9.16
CA HIS A 2 -3.11 21.97 -9.55
C HIS A 2 -3.27 22.14 -11.05
N ARG A 3 -2.23 21.85 -11.84
CA ARG A 3 -2.32 21.95 -13.29
C ARG A 3 -3.35 20.94 -13.83
N VAL A 4 -4.05 21.35 -14.88
CA VAL A 4 -5.18 20.62 -15.45
C VAL A 4 -4.75 19.49 -16.39
N ILE A 5 -5.67 18.57 -16.63
CA ILE A 5 -5.54 17.47 -17.58
C ILE A 5 -6.94 17.14 -18.09
N ASN A 6 -7.05 16.53 -19.27
CA ASN A 6 -8.33 16.36 -19.94
C ASN A 6 -9.14 15.13 -19.51
N HIS A 7 -8.55 14.22 -18.75
CA HIS A 7 -9.22 12.98 -18.35
C HIS A 7 -10.44 13.25 -17.45
N PRO A 8 -11.51 12.44 -17.57
CA PRO A 8 -12.74 12.63 -16.82
C PRO A 8 -12.55 12.61 -15.30
N TYR A 9 -11.50 11.95 -14.82
CA TYR A 9 -11.22 11.84 -13.39
C TYR A 9 -10.23 12.92 -12.93
N TYR A 10 -9.91 13.87 -13.81
CA TYR A 10 -9.03 14.97 -13.46
C TYR A 10 -9.63 15.82 -12.34
N PHE A 11 -8.78 16.53 -11.61
CA PHE A 11 -9.20 17.54 -10.66
C PHE A 11 -8.02 18.46 -10.35
N PRO A 12 -8.26 19.77 -10.17
CA PRO A 12 -7.21 20.75 -9.93
C PRO A 12 -6.81 20.85 -8.46
N PHE A 13 -7.53 20.20 -7.54
CA PHE A 13 -7.35 20.39 -6.11
C PHE A 13 -6.02 19.85 -5.58
N ASN A 14 -5.72 20.23 -4.34
CA ASN A 14 -4.50 19.83 -3.63
C ASN A 14 -4.70 18.42 -3.07
N GLY A 15 -3.66 17.75 -2.60
CA GLY A 15 -3.77 16.39 -2.09
C GLY A 15 -4.74 16.31 -0.91
N LYS A 16 -4.75 17.34 -0.05
CA LYS A 16 -5.64 17.40 1.10
C LYS A 16 -7.07 17.56 0.62
N GLN A 17 -7.27 18.39 -0.42
CA GLN A 17 -8.58 18.67 -0.96
C GLN A 17 -9.05 17.51 -1.86
N ALA A 18 -8.11 16.79 -2.47
CA ALA A 18 -8.42 15.60 -3.26
C ALA A 18 -8.96 14.55 -2.32
N GLU A 19 -8.38 14.45 -1.12
CA GLU A 19 -8.85 13.53 -0.09
C GLU A 19 -10.27 13.90 0.29
N ASP A 20 -10.45 15.08 0.90
CA ASP A 20 -11.75 15.52 1.37
C ASP A 20 -12.82 15.46 0.28
N TYR A 21 -12.42 15.52 -1.00
CA TYR A 21 -13.33 15.29 -2.10
C TYR A 21 -13.73 13.82 -2.15
N LEU A 22 -12.76 12.91 -2.26
CA LEU A 22 -13.02 11.48 -2.32
C LEU A 22 -13.66 10.94 -1.04
N ARG A 23 -13.46 11.59 0.11
CA ARG A 23 -14.06 11.11 1.35
C ARG A 23 -15.58 11.11 1.25
N SER A 24 -16.14 11.79 0.24
CA SER A 24 -17.56 11.82 -0.02
C SER A 24 -17.95 10.82 -1.12
N LYS A 25 -16.97 10.13 -1.72
CA LYS A 25 -17.19 9.24 -2.83
C LYS A 25 -17.38 7.80 -2.35
N GLU A 26 -16.78 6.85 -3.07
CA GLU A 26 -17.01 5.42 -2.89
C GLU A 26 -16.01 4.82 -1.91
N ARG A 27 -16.03 3.49 -1.77
CA ARG A 27 -15.03 2.81 -0.97
C ARG A 27 -13.76 2.61 -1.80
N GLY A 28 -13.91 2.59 -3.13
CA GLY A 28 -12.81 2.57 -4.08
C GLY A 28 -12.99 3.75 -5.01
N ASP A 29 -12.20 4.81 -4.82
CA ASP A 29 -12.31 6.01 -5.65
C ASP A 29 -10.93 6.45 -6.14
N PHE A 30 -10.87 7.29 -7.18
CA PHE A 30 -9.62 7.81 -7.71
C PHE A 30 -9.84 9.14 -8.43
N VAL A 31 -8.93 10.10 -8.21
CA VAL A 31 -8.95 11.41 -8.84
C VAL A 31 -7.53 11.76 -9.32
N ILE A 32 -7.39 12.39 -10.49
CA ILE A 32 -6.10 12.72 -11.08
C ILE A 32 -5.74 14.20 -10.93
N ARG A 33 -4.52 14.49 -10.48
CA ARG A 33 -4.04 15.84 -10.27
C ARG A 33 -2.57 15.98 -10.62
N GLN A 34 -2.12 17.20 -10.91
CA GLN A 34 -0.69 17.44 -10.99
C GLN A 34 -0.09 17.07 -9.64
N SER A 35 1.07 16.40 -9.67
CA SER A 35 1.74 15.94 -8.46
C SER A 35 2.44 17.10 -7.75
N SER A 36 3.00 16.80 -6.58
CA SER A 36 3.88 17.72 -5.88
C SER A 36 5.33 17.31 -6.15
N ARG A 37 5.55 16.43 -7.14
CA ARG A 37 6.88 15.95 -7.52
C ARG A 37 7.52 16.89 -8.53
N GLY A 38 6.70 17.53 -9.39
CA GLY A 38 7.23 18.40 -10.43
C GLY A 38 6.16 18.87 -11.41
N ASP A 39 6.59 19.58 -12.44
CA ASP A 39 5.72 20.13 -13.47
C ASP A 39 5.39 19.11 -14.57
N ASP A 40 6.29 18.16 -14.80
CA ASP A 40 6.07 17.06 -15.72
C ASP A 40 5.64 15.83 -14.93
N HIS A 41 4.99 16.02 -13.78
CA HIS A 41 4.59 14.92 -12.94
C HIS A 41 3.15 15.05 -12.48
N LEU A 42 2.41 13.94 -12.55
CA LEU A 42 0.99 13.85 -12.25
C LEU A 42 0.81 12.89 -11.07
N ALA A 43 -0.37 12.88 -10.45
CA ALA A 43 -0.65 12.00 -9.33
C ALA A 43 -2.09 11.52 -9.35
N ILE A 44 -2.29 10.24 -9.03
CA ILE A 44 -3.62 9.68 -8.83
C ILE A 44 -3.83 9.56 -7.32
N THR A 45 -4.91 10.15 -6.80
CA THR A 45 -5.25 10.02 -5.39
C THR A 45 -6.42 9.07 -5.32
N TRP A 46 -6.22 7.90 -4.70
CA TRP A 46 -7.23 6.86 -4.67
C TRP A 46 -7.64 6.53 -3.24
N LYS A 47 -8.94 6.24 -3.07
CA LYS A 47 -9.60 6.04 -1.80
C LYS A 47 -9.88 4.58 -1.52
N LEU A 48 -9.68 4.18 -0.26
CA LEU A 48 -9.90 2.83 0.22
C LEU A 48 -11.01 2.76 1.27
N ASP A 49 -11.28 3.88 1.94
CA ASP A 49 -12.28 3.96 3.00
C ASP A 49 -12.67 5.42 3.18
N LYS A 50 -13.73 5.70 3.95
CA LYS A 50 -14.28 7.03 4.09
C LYS A 50 -13.22 8.03 4.50
N ASP A 51 -12.26 7.59 5.33
CA ASP A 51 -11.15 8.43 5.81
C ASP A 51 -9.80 7.77 5.50
N LEU A 52 -9.63 7.26 4.27
CA LEU A 52 -8.40 6.57 3.92
C LEU A 52 -8.12 6.67 2.42
N PHE A 53 -6.89 7.05 2.04
CA PHE A 53 -6.53 7.35 0.67
C PHE A 53 -5.02 7.34 0.48
N GLN A 54 -4.57 7.14 -0.76
CA GLN A 54 -3.15 7.12 -1.08
C GLN A 54 -2.92 7.84 -2.41
N HIS A 55 -1.72 8.40 -2.61
CA HIS A 55 -1.35 9.05 -3.86
C HIS A 55 -0.42 8.14 -4.64
N VAL A 56 -0.38 8.33 -5.96
CA VAL A 56 0.52 7.60 -6.84
C VAL A 56 1.23 8.58 -7.74
N ASP A 57 2.55 8.71 -7.58
CA ASP A 57 3.36 9.62 -8.38
C ASP A 57 3.54 9.09 -9.81
N ILE A 58 3.53 10.01 -10.78
CA ILE A 58 3.61 9.70 -12.19
C ILE A 58 4.48 10.73 -12.88
N GLN A 59 5.17 10.36 -13.97
CA GLN A 59 5.91 11.34 -14.75
C GLN A 59 5.41 11.35 -16.20
N GLU A 60 5.13 12.55 -16.72
CA GLU A 60 4.61 12.76 -18.06
C GLU A 60 5.77 12.97 -19.02
N LEU A 61 6.33 11.87 -19.50
CA LEU A 61 7.52 11.87 -20.33
C LEU A 61 7.18 12.05 -21.82
N GLU A 62 8.22 12.29 -22.63
CA GLU A 62 8.13 12.50 -24.08
C GLU A 62 7.44 13.80 -24.48
N LYS A 63 6.99 14.65 -23.54
CA LYS A 63 6.39 15.92 -23.93
C LYS A 63 7.50 16.91 -24.25
N GLU A 64 7.36 17.63 -25.36
CA GLU A 64 8.32 18.64 -25.78
C GLU A 64 8.17 19.93 -24.97
N ASN A 65 7.32 19.90 -23.94
CA ASN A 65 7.15 21.00 -23.00
C ASN A 65 6.68 20.46 -21.66
N PRO A 66 7.07 21.10 -20.55
CA PRO A 66 6.58 20.75 -19.22
C PRO A 66 5.16 21.30 -19.06
N LEU A 67 4.50 20.97 -17.95
CA LEU A 67 3.08 21.25 -17.72
C LEU A 67 2.20 20.60 -18.78
N ALA A 68 2.82 20.00 -19.81
CA ALA A 68 2.09 19.40 -20.89
C ALA A 68 1.99 17.88 -20.70
N LEU A 69 0.88 17.31 -21.17
CA LEU A 69 0.67 15.87 -21.09
C LEU A 69 1.55 15.19 -22.12
N GLY A 70 2.38 14.26 -21.67
CA GLY A 70 3.36 13.58 -22.51
C GLY A 70 2.74 12.45 -23.32
N LYS A 71 3.52 11.91 -24.27
CA LYS A 71 3.13 10.73 -25.03
C LYS A 71 3.27 9.51 -24.13
N VAL A 72 3.79 9.76 -22.93
CA VAL A 72 4.12 8.77 -21.93
C VAL A 72 3.69 9.21 -20.54
N LEU A 73 3.37 8.20 -19.74
CA LEU A 73 3.18 8.33 -18.31
C LEU A 73 3.94 7.18 -17.67
N VAL A 74 5.03 7.51 -16.97
CA VAL A 74 5.87 6.54 -16.29
C VAL A 74 5.35 6.37 -14.86
N VAL A 75 5.20 5.12 -14.43
CA VAL A 75 4.79 4.79 -13.07
C VAL A 75 5.71 3.71 -12.53
N GLU A 76 6.41 3.99 -11.43
CA GLU A 76 7.39 3.07 -10.86
C GLU A 76 8.39 2.59 -11.91
N GLY A 77 8.62 3.41 -12.96
CA GLY A 77 9.57 3.09 -14.01
C GLY A 77 8.90 2.40 -15.20
N GLN A 78 7.57 2.36 -15.27
CA GLN A 78 6.86 1.68 -16.34
C GLN A 78 6.17 2.69 -17.26
N ARG A 79 6.59 2.71 -18.52
CA ARG A 79 6.09 3.62 -19.55
C ARG A 79 4.71 3.18 -20.03
N TYR A 80 3.74 4.11 -20.03
CA TYR A 80 2.42 3.87 -20.57
C TYR A 80 2.00 5.02 -21.48
N HIS A 81 1.14 4.69 -22.45
CA HIS A 81 0.72 5.57 -23.52
C HIS A 81 -0.15 6.75 -23.09
N ASP A 82 -0.85 6.60 -21.96
CA ASP A 82 -1.79 7.61 -21.50
C ASP A 82 -2.22 7.27 -20.06
N LEU A 83 -2.81 8.26 -19.38
CA LEU A 83 -3.28 8.15 -18.01
C LEU A 83 -4.36 7.09 -17.87
N ASP A 84 -5.22 6.93 -18.87
CA ASP A 84 -6.27 5.93 -18.75
C ASP A 84 -5.67 4.52 -18.76
N GLN A 85 -4.46 4.37 -19.33
CA GLN A 85 -3.77 3.09 -19.30
C GLN A 85 -3.21 2.85 -17.91
N ILE A 86 -2.60 3.87 -17.30
CA ILE A 86 -2.00 3.68 -15.99
C ILE A 86 -3.08 3.54 -14.94
N ILE A 87 -4.24 4.18 -15.13
CA ILE A 87 -5.31 4.00 -14.16
C ILE A 87 -5.86 2.59 -14.28
N VAL A 88 -6.20 2.11 -15.49
CA VAL A 88 -6.74 0.75 -15.57
C VAL A 88 -5.69 -0.24 -15.11
N GLU A 89 -4.45 -0.11 -15.60
CA GLU A 89 -3.38 -1.01 -15.19
C GLU A 89 -3.11 -0.90 -13.70
N TYR A 90 -2.66 0.26 -13.25
CA TYR A 90 -2.15 0.40 -11.90
C TYR A 90 -3.26 0.17 -10.86
N LEU A 91 -4.46 0.71 -11.09
CA LEU A 91 -5.52 0.55 -10.10
C LEU A 91 -6.10 -0.86 -10.12
N GLN A 92 -6.46 -1.40 -11.29
CA GLN A 92 -7.15 -2.68 -11.29
C GLN A 92 -6.22 -3.78 -10.81
N ASN A 93 -4.94 -3.72 -11.16
CA ASN A 93 -3.98 -4.70 -10.70
C ASN A 93 -3.70 -4.51 -9.20
N LYS A 94 -3.66 -3.26 -8.73
CA LYS A 94 -3.45 -2.98 -7.32
C LYS A 94 -4.68 -3.37 -6.49
N ILE A 95 -5.88 -3.14 -7.03
CA ILE A 95 -7.12 -3.49 -6.37
C ILE A 95 -7.29 -5.01 -6.38
N ARG A 96 -6.74 -5.70 -7.40
CA ARG A 96 -6.75 -7.15 -7.42
C ARG A 96 -5.89 -7.68 -6.27
N LEU A 97 -4.70 -7.09 -6.11
CA LEU A 97 -3.78 -7.41 -5.04
C LEU A 97 -4.42 -7.10 -3.69
N LEU A 98 -5.22 -6.02 -3.64
CA LEU A 98 -5.91 -5.66 -2.40
C LEU A 98 -7.00 -6.67 -2.08
N ASN A 99 -7.65 -7.26 -3.09
CA ASN A 99 -8.68 -8.26 -2.84
C ASN A 99 -8.06 -9.56 -2.35
N GLU A 100 -6.89 -9.93 -2.88
CA GLU A 100 -6.26 -11.18 -2.46
C GLU A 100 -5.65 -11.03 -1.08
N LEU A 101 -5.05 -9.87 -0.77
CA LEU A 101 -4.50 -9.64 0.55
C LEU A 101 -5.60 -9.46 1.58
N THR A 102 -6.67 -8.73 1.25
CA THR A 102 -7.74 -8.51 2.22
C THR A 102 -8.51 -9.81 2.46
N SER A 103 -8.51 -10.69 1.46
CA SER A 103 -9.10 -12.00 1.57
C SER A 103 -8.22 -12.94 2.40
N ASN A 104 -6.98 -12.52 2.72
CA ASN A 104 -6.07 -13.32 3.51
C ASN A 104 -6.52 -13.33 4.97
N GLU A 105 -6.43 -14.49 5.63
CA GLU A 105 -6.83 -14.64 7.03
C GLU A 105 -5.93 -13.78 7.92
N LYS A 106 -4.72 -13.46 7.43
CA LYS A 106 -3.77 -12.63 8.14
C LYS A 106 -4.09 -11.14 8.01
N PHE A 107 -5.04 -10.75 7.17
CA PHE A 107 -5.37 -9.34 7.03
C PHE A 107 -6.41 -8.93 8.07
N LYS A 108 -6.14 -7.85 8.80
CA LYS A 108 -7.00 -7.30 9.83
C LYS A 108 -8.03 -6.36 9.23
N ALA A 109 -8.72 -5.60 10.09
CA ALA A 109 -9.84 -4.75 9.72
C ALA A 109 -9.56 -3.86 8.53
N GLY A 110 -8.75 -2.81 8.71
CA GLY A 110 -8.39 -1.93 7.63
C GLY A 110 -7.87 -0.58 8.12
N THR A 111 -8.66 0.12 8.94
CA THR A 111 -8.20 1.40 9.50
C THR A 111 -7.54 1.13 10.85
N LYS A 112 -6.54 1.96 11.21
CA LYS A 112 -5.67 1.73 12.34
C LYS A 112 -6.41 1.43 13.64
N LYS A 113 -7.43 2.22 13.94
CA LYS A 113 -8.26 2.04 15.12
C LYS A 113 -8.94 0.67 15.10
N GLU A 114 -9.45 0.26 13.95
CA GLU A 114 -10.21 -0.97 13.89
C GLU A 114 -9.29 -2.17 14.07
N VAL A 115 -8.13 -2.14 13.41
CA VAL A 115 -7.16 -3.22 13.54
C VAL A 115 -6.52 -3.22 14.92
N VAL A 116 -6.29 -2.05 15.54
CA VAL A 116 -5.69 -2.05 16.87
C VAL A 116 -6.68 -2.63 17.88
N LYS A 117 -7.97 -2.38 17.67
CA LYS A 117 -9.04 -2.93 18.48
C LYS A 117 -9.24 -4.43 18.22
N PHE A 118 -9.06 -4.87 16.97
CA PHE A 118 -9.22 -6.28 16.65
C PHE A 118 -7.98 -7.08 17.05
N ILE A 119 -6.78 -6.51 16.94
CA ILE A 119 -5.58 -7.23 17.35
C ILE A 119 -5.50 -7.30 18.87
N GLU A 120 -5.90 -6.22 19.57
CA GLU A 120 -5.88 -6.26 21.02
C GLU A 120 -6.92 -7.25 21.49
N ASP A 121 -8.12 -7.23 20.90
CA ASP A 121 -9.15 -8.18 21.27
C ASP A 121 -8.68 -9.59 20.96
N TYR A 122 -8.13 -9.83 19.77
CA TYR A 122 -7.70 -11.17 19.42
C TYR A 122 -6.52 -11.62 20.28
N SER A 123 -5.80 -10.67 20.88
CA SER A 123 -4.68 -11.02 21.74
C SER A 123 -5.16 -11.29 23.17
N LYS A 124 -6.09 -10.48 23.68
CA LYS A 124 -6.58 -10.60 25.04
C LYS A 124 -7.55 -11.77 25.22
N VAL A 125 -8.29 -12.12 24.17
CA VAL A 125 -9.16 -13.28 24.19
C VAL A 125 -8.34 -14.57 24.06
N ASN A 126 -7.07 -14.43 23.70
CA ASN A 126 -6.12 -15.53 23.56
C ASN A 126 -4.78 -15.15 24.19
N PRO A 127 -4.78 -14.84 25.49
CA PRO A 127 -3.66 -14.25 26.19
C PRO A 127 -2.45 -15.17 26.36
N LYS A 128 -2.43 -16.32 25.68
CA LYS A 128 -1.27 -17.21 25.69
C LYS A 128 -0.89 -17.63 24.27
N LYS A 129 -1.68 -17.26 23.26
CA LYS A 129 -1.31 -17.39 21.86
C LYS A 129 -0.69 -16.09 21.40
N SER A 130 0.06 -16.16 20.30
CA SER A 130 0.64 -14.97 19.70
C SER A 130 -0.28 -14.46 18.62
N VAL A 131 -0.02 -13.25 18.12
CA VAL A 131 -0.85 -12.64 17.10
C VAL A 131 0.02 -11.97 16.06
N TYR A 132 -0.37 -12.08 14.78
CA TYR A 132 0.30 -11.34 13.73
C TYR A 132 -0.65 -11.10 12.58
N TYR A 133 -0.82 -9.84 12.19
CA TYR A 133 -1.73 -9.48 11.11
C TYR A 133 -1.24 -8.30 10.28
N PHE A 134 -1.73 -8.26 9.03
CA PHE A 134 -1.41 -7.24 8.04
C PHE A 134 -2.60 -6.30 7.92
N SER A 135 -2.36 -4.99 7.79
CA SER A 135 -3.46 -4.06 7.56
C SER A 135 -2.96 -2.83 6.82
N LEU A 136 -3.87 -2.01 6.28
CA LEU A 136 -3.46 -0.79 5.59
C LEU A 136 -2.97 0.23 6.62
N ASN A 137 -1.86 0.92 6.32
CA ASN A 137 -1.41 1.98 7.21
C ASN A 137 -2.26 3.21 6.96
N TYR A 138 -2.68 3.92 8.01
CA TYR A 138 -3.61 5.03 7.85
C TYR A 138 -2.88 6.30 7.42
N GLU A 139 -1.63 6.49 7.84
CA GLU A 139 -0.88 7.68 7.42
C GLU A 139 -0.32 7.48 6.02
N ASN A 140 -0.31 6.24 5.52
CA ASN A 140 0.21 5.93 4.20
C ASN A 140 -0.33 4.60 3.72
N PRO A 141 -1.57 4.58 3.21
CA PRO A 141 -2.22 3.39 2.68
C PRO A 141 -1.48 2.78 1.48
N GLY A 142 -0.42 3.45 1.00
CA GLY A 142 0.47 2.91 -0.02
C GLY A 142 1.41 1.86 0.59
N TRP A 143 1.32 1.68 1.91
CA TRP A 143 2.07 0.68 2.65
C TRP A 143 1.13 -0.01 3.64
N PHE A 144 1.43 -1.29 3.94
CA PHE A 144 0.67 -2.06 4.92
C PHE A 144 1.48 -2.16 6.19
N TYR A 145 0.79 -2.37 7.32
CA TYR A 145 1.45 -2.60 8.59
C TYR A 145 1.27 -4.05 9.01
N LEU A 146 2.33 -4.63 9.59
CA LEU A 146 2.32 -6.02 10.01
C LEU A 146 2.58 -6.06 11.51
N ILE A 147 1.50 -5.99 12.30
CA ILE A 147 1.55 -6.02 13.75
C ILE A 147 1.79 -7.44 14.27
N PHE A 148 2.61 -7.58 15.32
CA PHE A 148 2.88 -8.82 16.02
C PHE A 148 2.88 -8.61 17.53
N LYS A 149 2.34 -9.58 18.28
CA LYS A 149 2.43 -9.63 19.74
C LYS A 149 2.60 -11.09 20.16
N LEU A 150 3.44 -11.36 21.16
CA LEU A 150 3.65 -12.73 21.60
C LEU A 150 2.43 -13.24 22.36
N ASN A 151 1.70 -12.34 23.03
CA ASN A 151 0.42 -12.64 23.67
C ASN A 151 -0.17 -11.35 24.25
N ALA A 152 -1.26 -11.46 25.03
CA ALA A 152 -1.91 -10.33 25.65
C ALA A 152 -0.96 -9.57 26.59
N GLU A 153 -0.06 -10.31 27.24
CA GLU A 153 0.83 -9.77 28.25
C GLU A 153 2.10 -9.18 27.63
N SER A 154 2.30 -9.40 26.32
CA SER A 154 3.53 -9.01 25.65
C SER A 154 3.42 -7.62 25.02
N LYS A 155 4.59 -7.07 24.69
CA LYS A 155 4.74 -5.83 23.94
C LYS A 155 4.20 -6.05 22.53
N LEU A 156 4.40 -5.08 21.65
CA LEU A 156 3.90 -5.14 20.30
C LEU A 156 4.95 -4.63 19.32
N TYR A 157 5.06 -5.29 18.16
CA TYR A 157 6.02 -4.95 17.12
C TYR A 157 5.35 -4.90 15.77
N ILE A 158 5.73 -3.94 14.93
CA ILE A 158 5.13 -3.76 13.63
C ILE A 158 6.19 -3.69 12.54
N TRP A 159 5.87 -4.29 11.38
CA TRP A 159 6.67 -4.18 10.16
C TRP A 159 5.81 -3.50 9.09
N ASN A 160 6.41 -3.10 7.97
CA ASN A 160 5.65 -2.45 6.90
C ASN A 160 6.09 -2.94 5.52
N VAL A 161 5.14 -3.01 4.59
CA VAL A 161 5.41 -3.43 3.21
C VAL A 161 4.72 -2.50 2.23
N LYS A 162 5.45 -2.11 1.19
CA LYS A 162 4.98 -1.17 0.19
C LYS A 162 4.04 -1.85 -0.80
N LEU A 163 3.06 -1.09 -1.29
CA LEU A 163 2.12 -1.54 -2.30
C LEU A 163 2.57 -1.07 -3.68
N THR A 164 2.35 -1.90 -4.69
CA THR A 164 2.61 -1.58 -6.09
C THR A 164 1.66 -2.42 -6.93
N HIS A 165 1.35 -1.98 -8.16
CA HIS A 165 0.44 -2.76 -8.98
C HIS A 165 1.12 -4.04 -9.48
N THR A 166 2.45 -4.10 -9.28
CA THR A 166 3.25 -5.25 -9.66
C THR A 166 3.35 -6.23 -8.49
N GLY A 167 2.79 -5.89 -7.32
CA GLY A 167 2.83 -6.76 -6.16
C GLY A 167 3.00 -6.01 -4.83
N PHE A 168 3.70 -6.64 -3.90
CA PHE A 168 4.02 -6.09 -2.59
C PHE A 168 5.53 -6.04 -2.41
N PHE A 169 6.05 -4.98 -1.80
CA PHE A 169 7.49 -4.77 -1.76
C PHE A 169 8.03 -4.53 -0.36
N LEU A 170 9.14 -5.20 -0.04
CA LEU A 170 9.86 -5.00 1.20
C LEU A 170 11.33 -5.34 1.02
N VAL A 171 12.19 -4.67 1.81
CA VAL A 171 13.64 -4.80 1.80
C VAL A 171 14.25 -4.44 0.44
N ASN A 172 14.02 -5.26 -0.59
CA ASN A 172 14.57 -5.04 -1.92
C ASN A 172 13.82 -5.84 -2.99
N TYR A 173 12.70 -6.46 -2.63
CA TYR A 173 12.03 -7.39 -3.54
C TYR A 173 10.51 -7.18 -3.57
N ASN A 174 9.93 -7.36 -4.76
CA ASN A 174 8.49 -7.29 -4.99
C ASN A 174 7.90 -8.69 -5.15
N TYR A 175 6.66 -8.86 -4.69
CA TYR A 175 5.97 -10.13 -4.77
C TYR A 175 4.59 -9.93 -5.41
N PRO A 176 4.39 -10.48 -6.61
CA PRO A 176 3.22 -10.25 -7.47
C PRO A 176 1.92 -10.82 -6.91
N THR A 177 1.96 -11.44 -5.73
CA THR A 177 0.76 -11.94 -5.08
C THR A 177 1.05 -12.11 -3.59
N VAL A 178 -0.01 -12.09 -2.76
CA VAL A 178 0.14 -12.18 -1.32
C VAL A 178 0.75 -13.52 -0.91
N ILE A 179 0.56 -14.55 -1.75
CA ILE A 179 1.13 -15.85 -1.45
C ILE A 179 2.65 -15.78 -1.61
N GLN A 180 3.11 -15.11 -2.67
CA GLN A 180 4.53 -14.93 -2.92
C GLN A 180 5.12 -13.98 -1.90
N LEU A 181 4.31 -13.07 -1.36
CA LEU A 181 4.75 -12.18 -0.29
C LEU A 181 4.99 -13.00 0.97
N CYS A 182 4.19 -14.04 1.18
CA CYS A 182 4.39 -14.93 2.31
C CYS A 182 5.65 -15.77 2.11
N ASN A 183 5.95 -16.14 0.85
CA ASN A 183 7.21 -16.81 0.53
C ASN A 183 8.36 -15.82 0.68
N GLY A 184 8.09 -14.55 0.37
CA GLY A 184 9.04 -13.47 0.51
C GLY A 184 9.38 -13.25 1.98
N PHE A 185 8.35 -13.31 2.83
CA PHE A 185 8.52 -13.17 4.25
C PHE A 185 9.37 -14.31 4.79
N LYS A 186 9.12 -15.55 4.34
CA LYS A 186 9.86 -16.72 4.79
C LYS A 186 11.33 -16.65 4.38
N THR A 187 11.58 -16.34 3.11
CA THR A 187 12.95 -16.26 2.63
C THR A 187 13.69 -15.07 3.25
N LEU A 188 12.94 -14.02 3.63
CA LEU A 188 13.55 -12.82 4.19
C LEU A 188 13.85 -12.98 5.67
N LEU A 189 12.94 -13.60 6.43
CA LEU A 189 13.21 -13.85 7.84
C LEU A 189 14.35 -14.86 7.97
N LYS A 190 14.58 -15.70 6.95
CA LYS A 190 15.73 -16.60 6.97
C LYS A 190 16.99 -15.85 6.59
N SER A 191 16.88 -14.80 5.76
CA SER A 191 18.01 -13.95 5.43
C SER A 191 18.33 -13.05 6.63
N SER A 192 17.31 -12.70 7.42
CA SER A 192 17.48 -11.92 8.64
C SER A 192 17.99 -12.80 9.77
N ASN A 193 17.63 -14.09 9.75
CA ASN A 193 18.15 -15.06 10.70
C ASN A 193 19.59 -15.42 10.33
N THR A 194 19.97 -15.26 9.06
CA THR A 194 21.33 -15.49 8.62
C THR A 194 22.24 -14.39 9.15
N ARG A 195 21.67 -13.20 9.41
CA ARG A 195 22.39 -12.10 10.05
C ARG A 195 22.32 -12.26 11.57
N ASN A 196 21.16 -12.75 12.06
CA ASN A 196 20.84 -12.90 13.46
C ASN A 196 21.20 -11.63 14.24
N PRO B 1 -0.88 9.72 3.16
CA PRO B 1 -0.78 11.13 3.59
C PRO B 1 0.65 11.54 3.93
N SER B 2 1.28 10.87 4.89
CA SER B 2 2.66 11.13 5.28
C SER B 2 3.62 10.38 4.37
N PTR B 3 4.82 10.92 4.17
CA PTR B 3 5.80 10.35 3.26
C PTR B 3 7.09 10.02 4.03
O PTR B 3 8.11 10.68 3.84
CB PTR B 3 6.08 11.33 2.12
CG PTR B 3 4.89 11.83 1.33
CD1 PTR B 3 3.75 11.01 1.13
CD2 PTR B 3 4.91 13.12 0.78
CE1 PTR B 3 2.67 11.49 0.38
CE2 PTR B 3 3.83 13.60 0.02
CZ PTR B 3 2.70 12.78 -0.19
OH PTR B 3 1.65 13.17 -0.92
P PTR B 3 1.59 14.57 -1.71
O1P PTR B 3 0.25 14.68 -2.33
O2P PTR B 3 2.79 14.66 -2.57
O3P PTR B 3 1.68 15.75 -0.63
H PTR B 3 5.06 11.78 4.64
HA PTR B 3 5.40 9.43 2.84
HB2 PTR B 3 6.58 12.22 2.54
HB3 PTR B 3 6.78 10.87 1.43
HD1 PTR B 3 3.73 10.02 1.55
HD2 PTR B 3 5.77 13.74 0.93
HE1 PTR B 3 1.81 10.85 0.23
HE2 PTR B 3 3.88 14.59 -0.39
HO3P PTR B 3 0.95 15.73 -0.01
N SER B 4 7.05 9.00 4.90
CA SER B 4 8.22 8.56 5.64
C SER B 4 8.08 7.13 6.20
N PRO B 5 7.54 6.17 5.43
CA PRO B 5 7.40 4.80 5.89
C PRO B 5 8.77 4.10 5.93
N THR B 6 8.94 3.20 6.90
CA THR B 6 10.16 2.42 7.09
C THR B 6 9.79 1.10 7.77
N SER B 7 10.70 0.11 7.72
CA SER B 7 10.44 -1.18 8.35
C SER B 7 11.70 -2.03 8.53
N PRO B 8 11.77 -2.79 9.63
CA PRO B 8 12.75 -3.85 9.81
C PRO B 8 12.42 -5.01 8.85
N SER B 9 13.12 -6.13 8.98
CA SER B 9 12.98 -7.29 8.08
C SER B 9 11.61 -7.96 8.20
N PTR B 10 11.51 -9.02 9.01
CA PTR B 10 10.25 -9.72 9.26
C PTR B 10 10.39 -10.55 10.54
O PTR B 10 11.50 -10.84 10.98
CB PTR B 10 9.92 -10.63 8.07
CG PTR B 10 8.53 -11.21 8.11
CD1 PTR B 10 7.43 -10.46 7.68
CD2 PTR B 10 8.32 -12.52 8.58
CE1 PTR B 10 6.15 -11.03 7.65
CE2 PTR B 10 7.05 -13.10 8.56
CZ PTR B 10 5.94 -12.36 8.07
OH PTR B 10 4.73 -12.88 7.94
P PTR B 10 4.42 -14.46 8.05
O1P PTR B 10 4.73 -14.89 9.43
O2P PTR B 10 5.42 -15.24 7.08
O3P PTR B 10 3.06 -14.69 7.51
H PTR B 10 12.33 -9.37 9.49
HA PTR B 10 9.45 -9.00 9.38
HB2 PTR B 10 10.01 -10.05 7.16
HB3 PTR B 10 10.65 -11.43 8.03
HD1 PTR B 10 7.57 -9.43 7.35
HD2 PTR B 10 9.16 -13.08 8.96
HE1 PTR B 10 5.31 -10.44 7.30
HE2 PTR B 10 6.93 -14.10 8.92
HO2P PTR B 10 6.33 -15.14 7.34
N SER B 11 9.26 -10.94 11.16
CA SER B 11 9.28 -11.71 12.38
C SER B 11 9.64 -13.17 12.11
N PRO B 12 10.74 -13.67 12.70
CA PRO B 12 11.14 -15.07 12.60
C PRO B 12 10.34 -15.96 13.55
N THR B 13 9.34 -15.40 14.23
CA THR B 13 8.56 -16.11 15.23
C THR B 13 7.14 -15.55 15.31
N SER B 14 6.42 -15.87 16.39
CA SER B 14 5.02 -15.50 16.61
C SER B 14 4.07 -16.15 15.60
N PRO B 15 4.11 -17.48 15.44
CA PRO B 15 3.28 -18.25 14.52
C PRO B 15 1.85 -18.40 15.05
N SER B 16 1.26 -17.32 15.57
CA SER B 16 -0.07 -17.31 16.16
C SER B 16 -0.18 -18.29 17.34
N HIS A 2 14.35 3.98 -22.10
CA HIS A 2 13.62 4.82 -21.14
C HIS A 2 12.27 5.23 -21.72
N ARG A 3 11.41 5.83 -20.88
CA ARG A 3 10.07 6.22 -21.28
C ARG A 3 9.70 7.59 -20.72
N VAL A 4 8.66 8.18 -21.31
CA VAL A 4 8.17 9.51 -20.99
C VAL A 4 6.65 9.54 -21.19
N ILE A 5 5.98 10.46 -20.48
CA ILE A 5 4.54 10.61 -20.52
C ILE A 5 4.21 12.09 -20.51
N ASN A 6 3.06 12.49 -21.05
CA ASN A 6 2.73 13.89 -21.22
C ASN A 6 2.19 14.56 -19.95
N HIS A 7 1.94 13.77 -18.91
CA HIS A 7 1.36 14.27 -17.67
C HIS A 7 2.34 15.17 -16.90
N PRO A 8 1.90 16.34 -16.43
CA PRO A 8 2.72 17.25 -15.63
C PRO A 8 3.21 16.58 -14.34
N TYR A 9 2.56 15.49 -13.94
CA TYR A 9 2.95 14.73 -12.76
C TYR A 9 4.09 13.77 -13.07
N TYR A 10 4.52 13.71 -14.34
CA TYR A 10 5.62 12.86 -14.74
C TYR A 10 6.94 13.33 -14.13
N PHE A 11 7.79 12.38 -13.73
CA PHE A 11 9.14 12.66 -13.31
C PHE A 11 10.03 11.47 -13.68
N PRO A 12 11.12 11.71 -14.43
CA PRO A 12 12.07 10.70 -14.84
C PRO A 12 12.99 10.30 -13.68
N PHE A 13 12.69 10.80 -12.48
CA PHE A 13 13.48 10.59 -11.29
C PHE A 13 13.60 9.12 -10.92
N ASN A 14 14.65 8.80 -10.17
CA ASN A 14 14.86 7.47 -9.63
C ASN A 14 13.75 7.16 -8.63
N GLY A 15 13.56 5.88 -8.26
CA GLY A 15 12.49 5.53 -7.34
C GLY A 15 12.66 6.24 -6.00
N LYS A 16 13.90 6.31 -5.48
CA LYS A 16 14.18 6.98 -4.22
C LYS A 16 14.04 8.49 -4.38
N GLN A 17 14.30 8.99 -5.58
CA GLN A 17 14.22 10.41 -5.88
C GLN A 17 12.78 10.86 -6.09
N ALA A 18 11.95 10.00 -6.68
CA ALA A 18 10.52 10.26 -6.80
C ALA A 18 9.91 10.23 -5.42
N GLU A 19 10.43 9.36 -4.54
CA GLU A 19 10.03 9.31 -3.14
C GLU A 19 10.41 10.62 -2.45
N ASP A 20 11.70 10.92 -2.33
CA ASP A 20 12.15 12.12 -1.63
C ASP A 20 11.54 13.38 -2.23
N TYR A 21 11.09 13.35 -3.49
CA TYR A 21 10.35 14.47 -4.04
C TYR A 21 8.95 14.53 -3.40
N LEU A 22 8.20 13.42 -3.44
CA LEU A 22 6.86 13.39 -2.88
C LEU A 22 6.87 13.54 -1.36
N ARG A 23 7.98 13.20 -0.69
CA ARG A 23 8.05 13.36 0.75
C ARG A 23 7.88 14.84 1.12
N SER A 24 8.24 15.74 0.20
CA SER A 24 8.08 17.17 0.40
C SER A 24 6.64 17.63 0.13
N LYS A 25 5.78 16.73 -0.38
CA LYS A 25 4.39 17.05 -0.64
C LYS A 25 3.56 16.79 0.60
N GLU A 26 2.51 15.98 0.43
CA GLU A 26 1.46 15.78 1.42
C GLU A 26 0.99 14.33 1.42
N ARG A 27 0.22 13.94 2.45
CA ARG A 27 -0.14 12.56 2.74
C ARG A 27 -1.08 11.90 1.72
N GLY A 28 -1.23 12.47 0.52
CA GLY A 28 -2.00 11.86 -0.54
C GLY A 28 -1.62 12.49 -1.88
N ASP A 29 -0.32 12.47 -2.24
CA ASP A 29 0.12 13.16 -3.45
C ASP A 29 1.08 12.30 -4.28
N PHE A 30 1.03 12.43 -5.61
CA PHE A 30 1.65 11.48 -6.53
C PHE A 30 2.53 12.08 -7.62
N VAL A 31 3.47 11.27 -8.12
CA VAL A 31 4.26 11.55 -9.31
C VAL A 31 4.34 10.28 -10.15
N ILE A 32 4.40 10.42 -11.48
CA ILE A 32 4.48 9.28 -12.39
C ILE A 32 5.92 9.07 -12.81
N ARG A 33 6.40 7.82 -12.72
CA ARG A 33 7.79 7.46 -12.92
C ARG A 33 7.91 6.11 -13.61
N GLN A 34 8.80 5.99 -14.59
CA GLN A 34 9.00 4.74 -15.32
C GLN A 34 9.25 3.60 -14.32
N SER A 35 8.71 2.40 -14.60
CA SER A 35 8.75 1.27 -13.68
C SER A 35 10.19 0.80 -13.42
N SER A 36 11.16 1.30 -14.20
CA SER A 36 12.54 0.84 -14.14
C SER A 36 12.63 -0.67 -14.38
N ARG A 37 11.58 -1.25 -14.97
CA ARG A 37 11.48 -2.67 -15.27
C ARG A 37 11.09 -2.90 -16.73
N GLY A 38 11.08 -1.85 -17.53
CA GLY A 38 10.84 -1.96 -18.96
C GLY A 38 10.43 -0.62 -19.58
N ASP A 39 10.69 -0.47 -20.88
CA ASP A 39 10.27 0.68 -21.65
C ASP A 39 8.80 0.57 -22.05
N ASP A 40 8.09 -0.38 -21.46
CA ASP A 40 6.65 -0.49 -21.62
C ASP A 40 5.99 -0.58 -20.25
N HIS A 41 6.69 -0.13 -19.20
CA HIS A 41 6.14 -0.16 -17.85
C HIS A 41 6.42 1.16 -17.13
N LEU A 42 5.39 1.71 -16.49
CA LEU A 42 5.46 2.94 -15.71
C LEU A 42 4.99 2.65 -14.29
N ALA A 43 5.06 3.65 -13.42
CA ALA A 43 4.58 3.53 -12.05
C ALA A 43 4.12 4.88 -11.52
N ILE A 44 3.14 4.85 -10.61
CA ILE A 44 2.73 6.02 -9.87
C ILE A 44 3.29 5.88 -8.46
N THR A 45 4.02 6.90 -7.99
CA THR A 45 4.57 6.91 -6.65
C THR A 45 3.88 8.04 -5.89
N TRP A 46 3.18 7.71 -4.80
CA TRP A 46 2.43 8.71 -4.07
C TRP A 46 2.67 8.68 -2.56
N LYS A 47 2.86 9.88 -1.98
CA LYS A 47 3.15 10.07 -0.57
C LYS A 47 1.92 9.83 0.29
N LEU A 48 2.18 9.10 1.38
CA LEU A 48 1.25 8.80 2.46
C LEU A 48 1.70 9.45 3.77
N ASP A 49 3.01 9.71 3.92
CA ASP A 49 3.56 10.31 5.12
C ASP A 49 4.93 10.92 4.84
N LYS A 50 5.49 11.63 5.84
CA LYS A 50 6.78 12.29 5.76
C LYS A 50 7.92 11.32 5.44
N ASP A 51 7.65 10.01 5.52
CA ASP A 51 8.63 8.97 5.35
C ASP A 51 7.98 7.72 4.76
N LEU A 52 6.90 7.91 3.99
CA LEU A 52 6.15 6.81 3.43
C LEU A 52 5.50 7.19 2.11
N PHE A 53 5.53 6.27 1.15
CA PHE A 53 4.98 6.48 -0.17
C PHE A 53 4.61 5.13 -0.76
N GLN A 54 3.68 5.09 -1.70
CA GLN A 54 3.20 3.87 -2.29
C GLN A 54 3.41 3.88 -3.80
N HIS A 55 3.90 2.77 -4.34
CA HIS A 55 4.15 2.63 -5.77
C HIS A 55 3.08 1.75 -6.39
N VAL A 56 2.63 2.14 -7.59
CA VAL A 56 1.69 1.35 -8.37
C VAL A 56 2.19 1.25 -9.80
N ASP A 57 2.71 0.07 -10.18
CA ASP A 57 3.21 -0.16 -11.52
C ASP A 57 2.10 -0.30 -12.56
N ILE A 58 2.48 -0.05 -13.82
CA ILE A 58 1.59 0.05 -14.96
C ILE A 58 2.24 -0.59 -16.18
N GLN A 59 1.45 -1.29 -17.00
CA GLN A 59 1.92 -1.85 -18.26
C GLN A 59 1.35 -1.03 -19.41
N GLU A 60 2.20 -0.69 -20.38
CA GLU A 60 1.79 0.04 -21.56
C GLU A 60 1.42 -0.95 -22.66
N LEU A 61 0.14 -1.28 -22.76
CA LEU A 61 -0.37 -2.21 -23.75
C LEU A 61 -0.72 -1.47 -25.05
N GLU A 62 -0.93 -2.22 -26.13
CA GLU A 62 -1.28 -1.68 -27.44
C GLU A 62 -0.20 -0.73 -28.00
N LYS A 63 1.03 -0.86 -27.52
CA LYS A 63 2.17 -0.14 -28.05
C LYS A 63 2.61 -0.74 -29.39
N GLU A 64 3.08 0.10 -30.31
CA GLU A 64 3.56 -0.35 -31.61
C GLU A 64 4.92 -1.02 -31.51
N ASN A 65 5.67 -0.72 -30.44
CA ASN A 65 7.00 -1.27 -30.20
C ASN A 65 7.30 -1.14 -28.71
N PRO A 66 8.24 -1.94 -28.17
CA PRO A 66 8.62 -1.91 -26.77
C PRO A 66 9.13 -0.55 -26.30
N LEU A 67 9.42 0.36 -27.23
CA LEU A 67 9.89 1.70 -26.90
C LEU A 67 8.77 2.72 -27.04
N ALA A 68 7.64 2.32 -27.63
CA ALA A 68 6.56 3.23 -27.92
C ALA A 68 5.58 3.33 -26.76
N LEU A 69 4.84 4.45 -26.74
CA LEU A 69 3.81 4.69 -25.74
C LEU A 69 2.62 3.76 -26.00
N GLY A 70 2.08 3.16 -24.95
CA GLY A 70 0.95 2.26 -25.08
C GLY A 70 -0.33 3.05 -25.26
N LYS A 71 -1.13 2.68 -26.27
CA LYS A 71 -2.40 3.33 -26.54
C LYS A 71 -3.41 3.00 -25.44
N VAL A 72 -3.02 2.10 -24.54
CA VAL A 72 -3.75 1.77 -23.33
C VAL A 72 -2.78 1.54 -22.19
N LEU A 73 -3.28 1.61 -20.96
CA LEU A 73 -2.50 1.39 -19.75
C LEU A 73 -3.16 0.29 -18.94
N VAL A 74 -2.41 -0.77 -18.64
CA VAL A 74 -2.89 -1.91 -17.86
C VAL A 74 -2.42 -1.81 -16.41
N VAL A 75 -3.35 -2.01 -15.48
CA VAL A 75 -3.07 -1.99 -14.06
C VAL A 75 -3.92 -3.07 -13.39
N GLU A 76 -3.30 -3.85 -12.49
CA GLU A 76 -3.94 -5.00 -11.84
C GLU A 76 -4.59 -5.93 -12.88
N GLY A 77 -4.13 -5.87 -14.13
CA GLY A 77 -4.65 -6.73 -15.19
C GLY A 77 -5.85 -6.11 -15.92
N GLN A 78 -6.05 -4.79 -15.83
CA GLN A 78 -7.16 -4.12 -16.48
C GLN A 78 -6.64 -2.97 -17.32
N ARG A 79 -7.05 -2.88 -18.59
CA ARG A 79 -6.57 -1.84 -19.48
C ARG A 79 -7.48 -0.60 -19.43
N TYR A 80 -6.88 0.57 -19.69
CA TYR A 80 -7.55 1.85 -19.66
C TYR A 80 -7.01 2.78 -20.74
N HIS A 81 -7.76 3.83 -21.05
CA HIS A 81 -7.45 4.72 -22.15
C HIS A 81 -6.21 5.57 -21.91
N ASP A 82 -5.91 5.91 -20.65
CA ASP A 82 -4.80 6.80 -20.36
C ASP A 82 -4.41 6.70 -18.88
N LEU A 83 -3.28 7.32 -18.56
CA LEU A 83 -2.74 7.38 -17.21
C LEU A 83 -3.71 8.08 -16.26
N ASP A 84 -4.55 8.98 -16.77
CA ASP A 84 -5.51 9.67 -15.92
C ASP A 84 -6.64 8.74 -15.51
N GLN A 85 -7.03 7.79 -16.37
CA GLN A 85 -8.09 6.84 -16.01
C GLN A 85 -7.55 5.86 -15.00
N ILE A 86 -6.30 5.43 -15.14
CA ILE A 86 -5.78 4.46 -14.19
C ILE A 86 -5.59 5.13 -12.84
N ILE A 87 -5.19 6.40 -12.83
CA ILE A 87 -4.99 7.09 -11.57
C ILE A 87 -6.31 7.47 -10.92
N VAL A 88 -7.26 8.06 -11.64
CA VAL A 88 -8.50 8.48 -10.97
C VAL A 88 -9.26 7.25 -10.49
N GLU A 89 -9.41 6.23 -11.34
CA GLU A 89 -10.13 5.04 -10.96
C GLU A 89 -9.43 4.33 -9.81
N TYR A 90 -8.17 3.91 -9.96
CA TYR A 90 -7.55 3.13 -8.92
C TYR A 90 -7.24 3.95 -7.68
N LEU A 91 -6.74 5.18 -7.80
CA LEU A 91 -6.43 5.92 -6.59
C LEU A 91 -7.69 6.34 -5.86
N GLN A 92 -8.69 6.90 -6.54
CA GLN A 92 -9.85 7.37 -5.80
C GLN A 92 -10.57 6.20 -5.15
N ASN A 93 -10.66 5.06 -5.84
CA ASN A 93 -11.28 3.89 -5.24
C ASN A 93 -10.41 3.30 -4.14
N LYS A 94 -9.09 3.22 -4.32
CA LYS A 94 -8.24 2.68 -3.27
C LYS A 94 -8.16 3.63 -2.09
N ILE A 95 -8.21 4.94 -2.34
CA ILE A 95 -8.23 5.94 -1.28
C ILE A 95 -9.60 5.94 -0.59
N ARG A 96 -10.65 5.56 -1.31
CA ARG A 96 -11.96 5.42 -0.66
C ARG A 96 -11.94 4.22 0.27
N LEU A 97 -11.32 3.13 -0.18
CA LEU A 97 -11.12 1.96 0.65
C LEU A 97 -10.17 2.31 1.79
N LEU A 98 -9.28 3.28 1.57
CA LEU A 98 -8.41 3.79 2.62
C LEU A 98 -9.23 4.61 3.63
N ASN A 99 -10.30 5.27 3.18
CA ASN A 99 -11.13 6.03 4.10
C ASN A 99 -11.93 5.09 5.00
N GLU A 100 -12.40 3.97 4.44
CA GLU A 100 -13.18 3.04 5.24
C GLU A 100 -12.28 2.23 6.17
N LEU A 101 -11.07 1.88 5.73
CA LEU A 101 -10.15 1.17 6.61
C LEU A 101 -9.62 2.10 7.68
N THR A 102 -9.30 3.36 7.35
CA THR A 102 -8.81 4.28 8.37
C THR A 102 -9.92 4.63 9.35
N SER A 103 -11.17 4.55 8.88
CA SER A 103 -12.34 4.73 9.72
C SER A 103 -12.64 3.49 10.56
N ASN A 104 -11.95 2.37 10.30
CA ASN A 104 -12.20 1.12 11.00
C ASN A 104 -11.63 1.15 12.41
N GLU A 105 -12.33 0.50 13.35
CA GLU A 105 -11.90 0.43 14.74
C GLU A 105 -10.60 -0.37 14.86
N LYS A 106 -10.33 -1.24 13.87
CA LYS A 106 -9.13 -2.06 13.84
C LYS A 106 -7.93 -1.33 13.25
N PHE A 107 -8.09 -0.08 12.79
CA PHE A 107 -6.98 0.63 12.19
C PHE A 107 -6.21 1.42 13.25
N LYS A 108 -4.87 1.30 13.21
CA LYS A 108 -3.96 2.01 14.08
C LYS A 108 -3.69 3.41 13.54
N ALA A 109 -2.76 4.14 14.15
CA ALA A 109 -2.49 5.50 13.81
C ALA A 109 -1.79 5.63 12.46
N GLY A 110 -1.31 6.85 12.22
CA GLY A 110 -0.80 7.29 10.94
C GLY A 110 0.69 7.00 10.77
N THR A 111 1.54 7.84 11.35
CA THR A 111 2.97 7.74 11.11
C THR A 111 3.56 6.61 11.94
N LYS A 112 4.66 6.00 11.46
CA LYS A 112 5.22 4.79 12.03
C LYS A 112 5.28 4.84 13.56
N LYS A 113 5.83 5.95 14.06
CA LYS A 113 5.94 6.21 15.49
C LYS A 113 4.59 6.22 16.18
N GLU A 114 3.59 6.85 15.57
CA GLU A 114 2.31 6.97 16.23
C GLU A 114 1.60 5.63 16.28
N VAL A 115 1.62 4.87 15.19
CA VAL A 115 1.00 3.55 15.20
C VAL A 115 1.77 2.58 16.10
N VAL A 116 3.10 2.65 16.13
CA VAL A 116 3.85 1.79 17.03
C VAL A 116 3.65 2.22 18.49
N LYS A 117 3.51 3.53 18.75
CA LYS A 117 3.21 4.02 20.08
C LYS A 117 1.78 3.69 20.48
N PHE A 118 0.85 3.70 19.53
CA PHE A 118 -0.53 3.41 19.86
C PHE A 118 -0.70 1.92 20.15
N ILE A 119 -0.01 1.03 19.43
CA ILE A 119 -0.14 -0.40 19.71
C ILE A 119 0.58 -0.76 21.00
N GLU A 120 1.76 -0.16 21.24
CA GLU A 120 2.48 -0.47 22.47
C GLU A 120 1.73 0.12 23.64
N ASP A 121 1.20 1.34 23.50
CA ASP A 121 0.40 1.95 24.57
C ASP A 121 -0.81 1.08 24.82
N TYR A 122 -1.54 0.71 23.76
CA TYR A 122 -2.76 -0.07 23.95
C TYR A 122 -2.42 -1.44 24.53
N SER A 123 -1.20 -1.92 24.30
CA SER A 123 -0.78 -3.21 24.79
C SER A 123 -0.30 -3.14 26.24
N LYS A 124 0.46 -2.08 26.59
CA LYS A 124 0.99 -1.92 27.93
C LYS A 124 -0.05 -1.45 28.94
N VAL A 125 -1.05 -0.69 28.48
CA VAL A 125 -2.15 -0.26 29.32
C VAL A 125 -3.15 -1.41 29.53
N ASN A 126 -3.01 -2.46 28.72
CA ASN A 126 -3.85 -3.65 28.77
C ASN A 126 -2.98 -4.91 28.69
N PRO A 127 -2.04 -5.08 29.62
CA PRO A 127 -1.00 -6.10 29.56
C PRO A 127 -1.52 -7.52 29.71
N LYS A 128 -2.83 -7.70 29.89
CA LYS A 128 -3.40 -9.04 30.00
C LYS A 128 -4.50 -9.25 28.97
N LYS A 129 -4.67 -8.27 28.06
CA LYS A 129 -5.55 -8.40 26.90
C LYS A 129 -4.70 -8.53 25.64
N SER A 130 -5.28 -9.06 24.57
CA SER A 130 -4.58 -9.23 23.30
C SER A 130 -4.82 -8.03 22.40
N VAL A 131 -3.99 -7.88 21.36
CA VAL A 131 -4.01 -6.71 20.49
C VAL A 131 -3.93 -7.10 19.02
N TYR A 132 -4.75 -6.46 18.18
CA TYR A 132 -4.77 -6.70 16.74
C TYR A 132 -5.16 -5.42 16.01
N TYR A 133 -4.27 -4.87 15.16
CA TYR A 133 -4.61 -3.70 14.37
C TYR A 133 -3.99 -3.70 12.98
N PHE A 134 -4.60 -2.89 12.10
CA PHE A 134 -4.19 -2.69 10.73
C PHE A 134 -3.64 -1.28 10.58
N SER A 135 -2.57 -1.10 9.80
CA SER A 135 -2.04 0.22 9.48
C SER A 135 -1.27 0.11 8.16
N LEU A 136 -0.60 1.15 7.71
CA LEU A 136 0.17 1.07 6.47
C LEU A 136 1.49 0.33 6.74
N ASN A 137 1.95 -0.45 5.75
CA ASN A 137 3.28 -1.02 5.82
C ASN A 137 4.31 0.09 5.62
N TYR A 138 5.55 -0.16 6.07
CA TYR A 138 6.63 0.81 5.94
C TYR A 138 7.72 0.27 5.02
N GLU A 139 7.81 -1.05 4.92
CA GLU A 139 8.78 -1.73 4.07
C GLU A 139 8.14 -2.18 2.75
N ASN A 140 6.81 -2.14 2.69
CA ASN A 140 6.05 -2.57 1.53
C ASN A 140 4.74 -1.79 1.47
N PRO A 141 4.81 -0.47 1.24
CA PRO A 141 3.69 0.47 1.35
C PRO A 141 2.49 0.16 0.46
N GLY A 142 2.60 -0.81 -0.45
CA GLY A 142 1.49 -1.28 -1.25
C GLY A 142 0.63 -2.27 -0.45
N TRP A 143 1.00 -2.48 0.81
CA TRP A 143 0.31 -3.40 1.71
C TRP A 143 -0.04 -2.70 3.01
N PHE A 144 -0.98 -3.28 3.76
CA PHE A 144 -1.34 -2.83 5.09
C PHE A 144 -0.78 -3.82 6.12
N TYR A 145 -0.20 -3.29 7.20
CA TYR A 145 0.40 -4.15 8.20
C TYR A 145 -0.68 -4.63 9.16
N LEU A 146 -0.51 -5.82 9.74
CA LEU A 146 -1.49 -6.43 10.62
C LEU A 146 -0.81 -6.88 11.89
N ILE A 147 -0.61 -5.95 12.83
CA ILE A 147 0.07 -6.22 14.09
C ILE A 147 -0.80 -7.03 15.06
N PHE A 148 -0.21 -8.05 15.68
CA PHE A 148 -0.86 -8.89 16.66
C PHE A 148 0.05 -9.17 17.85
N LYS A 149 -0.50 -9.07 19.06
CA LYS A 149 0.19 -9.40 20.31
C LYS A 149 -0.79 -10.10 21.24
N LEU A 150 -0.32 -11.07 22.03
CA LEU A 150 -1.19 -11.77 22.96
C LEU A 150 -1.39 -10.93 24.22
N ASN A 151 -0.37 -10.16 24.62
CA ASN A 151 -0.32 -9.41 25.87
C ASN A 151 0.78 -8.34 25.75
N ALA A 152 0.99 -7.54 26.81
CA ALA A 152 2.08 -6.56 26.81
C ALA A 152 3.42 -7.27 26.69
N GLU A 153 3.61 -8.28 27.55
CA GLU A 153 4.86 -9.00 27.69
C GLU A 153 5.06 -10.04 26.60
N SER A 154 4.07 -10.17 25.70
CA SER A 154 4.10 -11.15 24.64
C SER A 154 4.94 -10.70 23.44
N LYS A 155 5.28 -11.66 22.59
CA LYS A 155 5.91 -11.41 21.30
C LYS A 155 4.94 -10.61 20.44
N LEU A 156 5.34 -10.35 19.18
CA LEU A 156 4.51 -9.59 18.27
C LEU A 156 4.69 -10.12 16.86
N TYR A 157 3.56 -10.23 16.16
CA TYR A 157 3.53 -10.68 14.77
C TYR A 157 2.83 -9.66 13.91
N ILE A 158 3.42 -9.36 12.75
CA ILE A 158 2.83 -8.44 11.79
C ILE A 158 2.60 -9.18 10.47
N TRP A 159 1.43 -8.97 9.86
CA TRP A 159 1.11 -9.58 8.59
C TRP A 159 0.77 -8.51 7.57
N ASN A 160 0.64 -8.89 6.30
CA ASN A 160 0.47 -7.92 5.24
C ASN A 160 -0.72 -8.24 4.32
N VAL A 161 -1.42 -7.19 3.85
CA VAL A 161 -2.49 -7.34 2.85
C VAL A 161 -2.31 -6.31 1.75
N LYS A 162 -2.31 -6.79 0.50
CA LYS A 162 -1.98 -6.00 -0.68
C LYS A 162 -3.14 -5.09 -1.07
N LEU A 163 -2.81 -3.93 -1.64
CA LEU A 163 -3.79 -3.02 -2.20
C LEU A 163 -4.29 -3.53 -3.54
N THR A 164 -5.50 -3.15 -3.96
CA THR A 164 -5.94 -3.53 -5.30
C THR A 164 -7.00 -2.60 -5.87
N HIS A 165 -7.31 -1.53 -5.15
CA HIS A 165 -8.23 -0.47 -5.57
C HIS A 165 -9.68 -0.92 -5.73
N THR A 166 -9.89 -2.17 -6.14
CA THR A 166 -11.19 -2.81 -6.16
C THR A 166 -11.45 -3.41 -4.78
N GLY A 167 -10.42 -3.47 -3.93
CA GLY A 167 -10.51 -4.08 -2.61
C GLY A 167 -9.15 -4.20 -1.94
N PHE A 168 -8.95 -5.29 -1.20
CA PHE A 168 -7.72 -5.65 -0.52
C PHE A 168 -7.41 -7.11 -0.81
N PHE A 169 -6.13 -7.47 -0.96
CA PHE A 169 -5.76 -8.81 -1.36
C PHE A 169 -4.92 -9.54 -0.31
N LEU A 170 -5.27 -10.81 -0.08
CA LEU A 170 -4.56 -11.68 0.84
C LEU A 170 -4.62 -13.11 0.30
N VAL A 171 -3.48 -13.81 0.35
CA VAL A 171 -3.29 -15.16 -0.14
C VAL A 171 -3.62 -15.31 -1.63
N ASN A 172 -4.91 -15.33 -1.99
CA ASN A 172 -5.38 -15.51 -3.36
C ASN A 172 -6.75 -14.86 -3.58
N TYR A 173 -7.17 -13.96 -2.69
CA TYR A 173 -8.53 -13.41 -2.76
C TYR A 173 -8.54 -11.90 -2.55
N ASN A 174 -9.41 -11.20 -3.29
CA ASN A 174 -9.61 -9.77 -3.16
C ASN A 174 -10.91 -9.51 -2.41
N TYR A 175 -10.87 -8.58 -1.46
CA TYR A 175 -12.02 -8.23 -0.65
C TYR A 175 -12.41 -6.77 -0.91
N PRO A 176 -13.60 -6.56 -1.51
CA PRO A 176 -14.03 -5.26 -1.99
C PRO A 176 -14.32 -4.25 -0.89
N THR A 177 -14.20 -4.66 0.37
CA THR A 177 -14.37 -3.74 1.50
C THR A 177 -13.71 -4.33 2.74
N VAL A 178 -13.41 -3.48 3.71
CA VAL A 178 -12.76 -3.89 4.94
C VAL A 178 -13.64 -4.85 5.73
N ILE A 179 -14.96 -4.77 5.55
CA ILE A 179 -15.86 -5.68 6.24
C ILE A 179 -15.67 -7.08 5.66
N GLN A 180 -15.54 -7.16 4.33
CA GLN A 180 -15.32 -8.43 3.67
C GLN A 180 -13.90 -8.91 3.91
N LEU A 181 -12.96 -7.99 4.14
CA LEU A 181 -11.59 -8.35 4.44
C LEU A 181 -11.54 -9.00 5.82
N CYS A 182 -12.41 -8.56 6.74
CA CYS A 182 -12.53 -9.19 8.04
C CYS A 182 -13.17 -10.57 7.89
N ASN A 183 -14.20 -10.69 7.05
CA ASN A 183 -14.82 -11.99 6.79
C ASN A 183 -13.78 -12.90 6.12
N GLY A 184 -12.93 -12.30 5.30
CA GLY A 184 -11.87 -13.00 4.59
C GLY A 184 -10.84 -13.53 5.56
N PHE A 185 -10.37 -12.65 6.47
CA PHE A 185 -9.39 -13.04 7.46
C PHE A 185 -9.91 -14.21 8.29
N LYS A 186 -11.17 -14.14 8.71
CA LYS A 186 -11.78 -15.15 9.58
C LYS A 186 -11.96 -16.48 8.87
N THR A 187 -12.45 -16.44 7.63
CA THR A 187 -12.61 -17.69 6.87
C THR A 187 -11.26 -18.26 6.44
N LEU A 188 -10.26 -17.41 6.25
CA LEU A 188 -8.96 -17.85 5.77
C LEU A 188 -8.19 -18.55 6.87
N LEU A 189 -8.21 -17.99 8.09
CA LEU A 189 -7.50 -18.61 9.20
C LEU A 189 -8.16 -19.93 9.59
N LYS A 190 -9.47 -20.07 9.35
CA LYS A 190 -10.16 -21.34 9.61
C LYS A 190 -9.89 -22.32 8.48
N SER A 191 -9.83 -21.85 7.23
CA SER A 191 -9.49 -22.70 6.11
C SER A 191 -8.03 -23.10 6.17
N SER A 192 -7.23 -22.38 6.98
CA SER A 192 -5.83 -22.68 7.18
C SER A 192 -5.62 -23.55 8.42
N ASN A 193 -6.44 -23.37 9.46
CA ASN A 193 -6.32 -24.16 10.68
C ASN A 193 -6.92 -25.56 10.46
N THR A 194 -7.95 -25.66 9.60
CA THR A 194 -8.52 -26.96 9.27
C THR A 194 -7.59 -27.74 8.34
N ARG A 195 -6.56 -27.07 7.79
CA ARG A 195 -5.52 -27.71 7.00
C ARG A 195 -4.29 -27.97 7.86
N ASN A 196 -3.98 -27.02 8.74
CA ASN A 196 -2.87 -27.04 9.68
C ASN A 196 -1.60 -27.56 8.99
N PRO B 1 6.88 -7.90 4.85
CA PRO B 1 8.02 -8.15 3.96
C PRO B 1 7.99 -7.24 2.74
N SER B 2 9.17 -6.72 2.35
CA SER B 2 9.27 -5.74 1.27
C SER B 2 9.05 -6.37 -0.10
N PTR B 3 8.44 -5.60 -1.01
CA PTR B 3 8.07 -6.03 -2.35
C PTR B 3 7.71 -7.52 -2.39
O PTR B 3 8.23 -8.28 -3.21
CB PTR B 3 9.23 -5.70 -3.32
CG PTR B 3 9.33 -4.27 -3.80
CD1 PTR B 3 9.17 -3.98 -5.16
CD2 PTR B 3 9.60 -3.22 -2.90
CE1 PTR B 3 9.29 -2.66 -5.64
CE2 PTR B 3 9.72 -1.90 -3.37
CZ PTR B 3 9.58 -1.60 -4.73
OH PTR B 3 9.74 -0.35 -5.13
P PTR B 3 9.71 0.13 -6.67
O1P PTR B 3 10.70 -0.67 -7.43
O2P PTR B 3 9.82 1.61 -6.70
O3P PTR B 3 8.27 -0.23 -7.27
H PTR B 3 8.19 -4.66 -0.75
HA PTR B 3 7.19 -5.47 -2.66
HB2 PTR B 3 10.17 -6.00 -2.87
HB3 PTR B 3 9.09 -6.32 -4.21
HD1 PTR B 3 8.95 -4.77 -5.85
HD2 PTR B 3 9.71 -3.42 -1.84
HE1 PTR B 3 9.16 -2.48 -6.69
HE2 PTR B 3 9.92 -1.11 -2.67
HO3P PTR B 3 7.56 0.16 -6.76
N SER B 4 6.82 -7.96 -1.50
CA SER B 4 6.43 -9.37 -1.41
C SER B 4 4.98 -9.51 -0.97
N PRO B 5 4.20 -10.37 -1.64
CA PRO B 5 2.81 -10.65 -1.28
C PRO B 5 2.70 -11.71 -0.18
N THR B 6 3.82 -12.29 0.25
CA THR B 6 3.84 -13.40 1.19
C THR B 6 3.36 -12.97 2.58
N SER B 7 2.30 -13.63 3.08
CA SER B 7 1.79 -13.41 4.42
C SER B 7 0.86 -14.56 4.82
N PRO B 8 0.88 -14.99 6.09
CA PRO B 8 0.00 -16.03 6.60
C PRO B 8 -1.42 -15.50 6.79
N SER B 9 -2.35 -16.41 7.08
CA SER B 9 -3.77 -16.11 7.26
C SER B 9 -4.08 -15.63 8.68
N PTR B 10 -3.86 -14.34 8.94
CA PTR B 10 -4.19 -13.69 10.21
C PTR B 10 -3.73 -14.52 11.43
O PTR B 10 -2.72 -15.22 11.36
CB PTR B 10 -5.70 -13.38 10.21
CG PTR B 10 -6.20 -12.40 11.26
CD1 PTR B 10 -5.34 -11.52 11.94
CD2 PTR B 10 -7.58 -12.38 11.55
CE1 PTR B 10 -5.86 -10.63 12.90
CE2 PTR B 10 -8.10 -11.48 12.48
CZ PTR B 10 -7.24 -10.60 13.18
OH PTR B 10 -7.68 -9.74 14.09
P PTR B 10 -9.25 -9.53 14.41
O1P PTR B 10 -9.87 -8.83 13.27
O2P PTR B 10 -9.35 -8.53 15.65
O3P PTR B 10 -9.81 -10.82 14.85
H PTR B 10 -3.46 -13.76 8.22
HA PTR B 10 -3.65 -12.74 10.23
HB2 PTR B 10 -5.94 -12.95 9.23
HB3 PTR B 10 -6.23 -14.31 10.31
HD1 PTR B 10 -4.29 -11.53 11.74
HD2 PTR B 10 -8.24 -13.07 11.04
HE1 PTR B 10 -5.20 -9.96 13.43
HE2 PTR B 10 -9.16 -11.48 12.66
HO2P PTR B 10 -8.94 -8.88 16.44
N SER B 11 -4.46 -14.44 12.54
CA SER B 11 -4.11 -15.13 13.77
C SER B 11 -5.10 -16.27 14.06
N PRO B 12 -4.79 -17.50 13.61
CA PRO B 12 -5.60 -18.66 13.91
C PRO B 12 -5.44 -19.08 15.38
N THR B 13 -4.45 -18.51 16.07
CA THR B 13 -4.24 -18.75 17.49
C THR B 13 -5.13 -17.85 18.34
N SER B 14 -6.16 -17.26 17.72
CA SER B 14 -7.11 -16.38 18.39
C SER B 14 -8.50 -16.58 17.80
N PRO B 15 -9.55 -16.39 18.61
CA PRO B 15 -10.92 -16.43 18.15
C PRO B 15 -11.21 -15.19 17.31
N SER B 16 -11.89 -15.37 16.18
CA SER B 16 -12.22 -14.26 15.30
C SER B 16 -13.36 -14.66 14.37
N HIS A 2 -3.32 21.59 -15.74
CA HIS A 2 -4.29 20.76 -16.49
C HIS A 2 -3.56 19.89 -17.50
N ARG A 3 -4.03 18.65 -17.68
CA ARG A 3 -3.38 17.68 -18.56
C ARG A 3 -4.39 16.77 -19.25
N VAL A 4 -3.91 16.06 -20.28
CA VAL A 4 -4.71 15.15 -21.09
C VAL A 4 -3.85 13.98 -21.56
N ILE A 5 -4.50 12.84 -21.79
CA ILE A 5 -3.89 11.61 -22.27
C ILE A 5 -5.00 10.78 -22.93
N ASN A 6 -4.65 9.91 -23.89
CA ASN A 6 -5.66 9.20 -24.68
C ASN A 6 -6.10 7.88 -24.05
N HIS A 7 -5.42 7.42 -23.00
CA HIS A 7 -5.76 6.15 -22.37
C HIS A 7 -7.17 6.18 -21.77
N PRO A 8 -8.01 5.18 -22.06
CA PRO A 8 -9.36 5.09 -21.54
C PRO A 8 -9.41 5.07 -20.02
N TYR A 9 -8.29 4.73 -19.37
CA TYR A 9 -8.20 4.73 -17.92
C TYR A 9 -7.94 6.13 -17.38
N TYR A 10 -7.67 7.10 -18.26
CA TYR A 10 -7.48 8.48 -17.83
C TYR A 10 -8.80 9.10 -17.40
N PHE A 11 -8.75 9.89 -16.33
CA PHE A 11 -9.87 10.67 -15.83
C PHE A 11 -9.31 11.96 -15.22
N PRO A 12 -9.88 13.13 -15.56
CA PRO A 12 -9.41 14.42 -15.09
C PRO A 12 -9.74 14.65 -13.61
N PHE A 13 -10.33 13.64 -12.96
CA PHE A 13 -10.80 13.71 -11.58
C PHE A 13 -9.67 13.97 -10.61
N ASN A 14 -10.05 14.53 -9.45
CA ASN A 14 -9.11 14.77 -8.36
C ASN A 14 -8.98 13.48 -7.54
N GLY A 15 -8.07 13.44 -6.57
CA GLY A 15 -7.82 12.21 -5.82
C GLY A 15 -9.08 11.69 -5.13
N LYS A 16 -9.87 12.56 -4.51
CA LYS A 16 -11.07 12.14 -3.80
C LYS A 16 -12.14 11.68 -4.79
N GLN A 17 -12.26 12.38 -5.92
CA GLN A 17 -13.23 12.07 -6.95
C GLN A 17 -12.85 10.77 -7.66
N ALA A 18 -11.54 10.53 -7.82
CA ALA A 18 -11.06 9.28 -8.41
C ALA A 18 -11.34 8.14 -7.45
N GLU A 19 -11.28 8.39 -6.14
CA GLU A 19 -11.62 7.39 -5.14
C GLU A 19 -13.10 7.06 -5.25
N ASP A 20 -13.97 8.04 -5.00
CA ASP A 20 -15.42 7.85 -5.07
C ASP A 20 -15.85 7.29 -6.41
N TYR A 21 -15.05 7.47 -7.47
CA TYR A 21 -15.32 6.81 -8.72
C TYR A 21 -15.05 5.31 -8.59
N LEU A 22 -13.82 4.94 -8.17
CA LEU A 22 -13.44 3.54 -8.07
C LEU A 22 -14.24 2.79 -7.02
N ARG A 23 -14.82 3.48 -6.03
CA ARG A 23 -15.61 2.79 -5.01
C ARG A 23 -16.79 2.06 -5.64
N SER A 24 -17.12 2.36 -6.89
CA SER A 24 -18.19 1.70 -7.63
C SER A 24 -17.66 0.60 -8.56
N LYS A 25 -16.35 0.40 -8.61
CA LYS A 25 -15.72 -0.65 -9.42
C LYS A 25 -15.49 -1.90 -8.56
N GLU A 26 -14.24 -2.35 -8.41
CA GLU A 26 -13.95 -3.66 -7.82
C GLU A 26 -12.77 -3.59 -6.85
N ARG A 27 -12.50 -4.72 -6.18
CA ARG A 27 -11.45 -4.80 -5.16
C ARG A 27 -10.06 -4.52 -5.73
N GLY A 28 -9.93 -4.53 -7.07
CA GLY A 28 -8.72 -4.12 -7.75
C GLY A 28 -9.11 -3.22 -8.91
N ASP A 29 -8.90 -1.91 -8.78
CA ASP A 29 -9.24 -0.97 -9.85
C ASP A 29 -8.15 0.09 -10.01
N PHE A 30 -8.14 0.82 -11.13
CA PHE A 30 -7.18 1.90 -11.35
C PHE A 30 -7.70 2.92 -12.35
N VAL A 31 -7.46 4.20 -12.06
CA VAL A 31 -7.74 5.30 -12.97
C VAL A 31 -6.54 6.24 -12.96
N ILE A 32 -6.22 6.83 -14.12
CA ILE A 32 -5.10 7.75 -14.22
C ILE A 32 -5.67 9.17 -14.15
N ARG A 33 -5.02 10.03 -13.37
CA ARG A 33 -5.45 11.40 -13.20
C ARG A 33 -4.27 12.36 -13.24
N GLN A 34 -4.54 13.59 -13.68
CA GLN A 34 -3.56 14.66 -13.61
C GLN A 34 -3.16 14.88 -12.16
N SER A 35 -1.87 15.16 -11.92
CA SER A 35 -1.39 15.33 -10.56
C SER A 35 -1.88 16.63 -9.95
N SER A 36 -2.20 17.62 -10.80
CA SER A 36 -2.53 18.97 -10.37
C SER A 36 -1.43 19.54 -9.48
N ARG A 37 -0.21 19.00 -9.61
CA ARG A 37 0.94 19.37 -8.79
C ARG A 37 2.15 19.72 -9.66
N GLY A 38 1.93 19.95 -10.96
CA GLY A 38 3.01 20.34 -11.85
C GLY A 38 2.67 20.20 -13.34
N ASP A 39 1.54 19.56 -13.66
CA ASP A 39 1.14 19.19 -15.02
C ASP A 39 2.14 18.23 -15.70
N ASP A 40 3.44 18.38 -15.48
CA ASP A 40 4.39 17.38 -15.94
C ASP A 40 4.39 16.22 -14.95
N HIS A 41 3.34 16.16 -14.12
CA HIS A 41 3.10 15.12 -13.16
C HIS A 41 1.68 14.58 -13.33
N LEU A 42 1.55 13.26 -13.29
CA LEU A 42 0.28 12.55 -13.34
C LEU A 42 0.23 11.62 -12.13
N ALA A 43 -0.91 10.96 -11.92
CA ALA A 43 -1.06 10.04 -10.81
C ALA A 43 -2.00 8.89 -11.16
N ILE A 44 -1.64 7.68 -10.76
CA ILE A 44 -2.54 6.54 -10.84
C ILE A 44 -3.25 6.44 -9.50
N THR A 45 -4.57 6.24 -9.54
CA THR A 45 -5.34 6.03 -8.32
C THR A 45 -5.97 4.66 -8.43
N TRP A 46 -5.54 3.74 -7.56
CA TRP A 46 -5.93 2.35 -7.68
C TRP A 46 -6.60 1.81 -6.41
N LYS A 47 -7.66 1.03 -6.59
CA LYS A 47 -8.54 0.56 -5.53
C LYS A 47 -8.08 -0.76 -4.96
N LEU A 48 -8.12 -0.83 -3.62
CA LEU A 48 -7.74 -1.98 -2.81
C LEU A 48 -8.95 -2.63 -2.13
N ASP A 49 -10.00 -1.84 -1.88
CA ASP A 49 -11.17 -2.28 -1.15
C ASP A 49 -12.34 -1.38 -1.55
N LYS A 50 -13.56 -1.73 -1.12
CA LYS A 50 -14.76 -1.00 -1.51
C LYS A 50 -14.62 0.48 -1.13
N ASP A 51 -13.92 0.76 -0.02
CA ASP A 51 -13.69 2.10 0.48
C ASP A 51 -12.20 2.35 0.70
N LEU A 52 -11.34 1.93 -0.24
CA LEU A 52 -9.91 2.15 -0.09
C LEU A 52 -9.19 2.15 -1.43
N PHE A 53 -8.09 2.90 -1.49
CA PHE A 53 -7.33 3.09 -2.72
C PHE A 53 -5.87 3.37 -2.38
N GLN A 54 -5.11 3.76 -3.40
CA GLN A 54 -3.76 4.26 -3.26
C GLN A 54 -3.45 5.16 -4.45
N HIS A 55 -2.81 6.30 -4.21
CA HIS A 55 -2.39 7.20 -5.26
C HIS A 55 -0.89 7.01 -5.48
N VAL A 56 -0.46 7.09 -6.74
CA VAL A 56 0.94 6.92 -7.11
C VAL A 56 1.33 8.01 -8.09
N ASP A 57 2.30 8.83 -7.68
CA ASP A 57 2.78 9.93 -8.49
C ASP A 57 3.58 9.45 -9.70
N ILE A 58 3.51 10.23 -10.78
CA ILE A 58 4.22 9.96 -12.02
C ILE A 58 4.84 11.26 -12.52
N GLN A 59 6.09 11.20 -12.97
CA GLN A 59 6.76 12.35 -13.54
C GLN A 59 6.91 12.16 -15.05
N GLU A 60 6.44 13.13 -15.82
CA GLU A 60 6.54 13.08 -17.26
C GLU A 60 7.88 13.66 -17.70
N LEU A 61 8.79 12.75 -18.07
CA LEU A 61 10.10 13.08 -18.63
C LEU A 61 10.00 13.24 -20.14
N GLU A 62 11.04 13.83 -20.73
CA GLU A 62 11.14 14.09 -22.16
C GLU A 62 9.87 14.76 -22.69
N LYS A 63 9.76 16.07 -22.44
CA LYS A 63 8.59 16.86 -22.83
C LYS A 63 9.04 18.21 -23.38
N GLU A 64 8.23 18.79 -24.27
CA GLU A 64 8.51 20.09 -24.86
C GLU A 64 8.07 21.21 -23.92
N ASN A 65 7.00 20.96 -23.14
CA ASN A 65 6.43 21.90 -22.19
C ASN A 65 5.72 21.10 -21.10
N PRO A 66 5.54 21.65 -19.90
CA PRO A 66 4.88 20.96 -18.81
C PRO A 66 3.45 20.54 -19.14
N LEU A 67 2.81 21.21 -20.11
CA LEU A 67 1.46 20.87 -20.52
C LEU A 67 1.47 19.72 -21.53
N ALA A 68 2.62 19.50 -22.16
CA ALA A 68 2.74 18.48 -23.19
C ALA A 68 3.02 17.12 -22.57
N LEU A 69 2.62 16.06 -23.28
CA LEU A 69 2.82 14.70 -22.82
C LEU A 69 4.29 14.32 -22.91
N GLY A 70 4.84 13.82 -21.81
CA GLY A 70 6.20 13.33 -21.76
C GLY A 70 6.29 12.02 -22.53
N LYS A 71 7.34 11.89 -23.34
CA LYS A 71 7.61 10.69 -24.13
C LYS A 71 8.13 9.59 -23.21
N VAL A 72 8.23 9.93 -21.92
CA VAL A 72 8.68 9.07 -20.84
C VAL A 72 7.79 9.29 -19.63
N LEU A 73 7.67 8.25 -18.80
CA LEU A 73 6.94 8.34 -17.54
C LEU A 73 7.78 7.68 -16.45
N VAL A 74 8.25 8.49 -15.48
CA VAL A 74 8.99 8.02 -14.32
C VAL A 74 8.03 7.81 -13.14
N VAL A 75 8.22 6.68 -12.44
CA VAL A 75 7.41 6.33 -11.28
C VAL A 75 8.32 5.81 -10.17
N GLU A 76 8.21 6.41 -8.98
CA GLU A 76 9.08 6.07 -7.85
C GLU A 76 10.56 6.04 -8.25
N GLY A 77 10.94 6.83 -9.26
CA GLY A 77 12.31 6.92 -9.71
C GLY A 77 12.66 5.93 -10.83
N GLN A 78 11.66 5.37 -11.51
CA GLN A 78 11.89 4.37 -12.55
C GLN A 78 11.15 4.79 -13.82
N ARG A 79 11.88 4.93 -14.93
CA ARG A 79 11.31 5.45 -16.17
C ARG A 79 10.67 4.35 -17.01
N TYR A 80 9.72 4.75 -17.85
CA TYR A 80 9.02 3.88 -18.78
C TYR A 80 8.65 4.66 -20.04
N HIS A 81 8.42 3.91 -21.12
CA HIS A 81 8.16 4.44 -22.44
C HIS A 81 6.77 5.05 -22.60
N ASP A 82 5.80 4.64 -21.78
CA ASP A 82 4.43 5.10 -21.91
C ASP A 82 3.60 4.71 -20.68
N LEU A 83 2.46 5.38 -20.52
CA LEU A 83 1.55 5.19 -19.41
C LEU A 83 1.01 3.76 -19.32
N ASP A 84 0.77 3.11 -20.46
CA ASP A 84 0.29 1.73 -20.41
C ASP A 84 1.41 0.80 -19.94
N GLN A 85 2.67 1.25 -19.99
CA GLN A 85 3.77 0.44 -19.49
C GLN A 85 3.88 0.62 -18.00
N ILE A 86 3.68 1.84 -17.49
CA ILE A 86 3.76 2.03 -16.06
C ILE A 86 2.57 1.35 -15.41
N ILE A 87 1.41 1.33 -16.06
CA ILE A 87 0.27 0.66 -15.46
C ILE A 87 0.49 -0.84 -15.47
N VAL A 88 0.84 -1.48 -16.59
CA VAL A 88 0.96 -2.93 -16.55
C VAL A 88 2.10 -3.33 -15.63
N GLU A 89 3.25 -2.66 -15.71
CA GLU A 89 4.37 -2.99 -14.85
C GLU A 89 4.04 -2.70 -13.39
N TYR A 90 3.59 -1.47 -13.08
CA TYR A 90 3.39 -1.09 -11.69
C TYR A 90 2.21 -1.82 -11.06
N LEU A 91 1.09 -1.97 -11.80
CA LEU A 91 -0.07 -2.65 -11.26
C LEU A 91 0.17 -4.14 -11.12
N GLN A 92 0.64 -4.82 -12.17
CA GLN A 92 0.76 -6.27 -12.10
C GLN A 92 1.77 -6.66 -11.03
N ASN A 93 2.86 -5.89 -10.89
CA ASN A 93 3.81 -6.15 -9.83
C ASN A 93 3.22 -5.81 -8.46
N LYS A 94 2.44 -4.72 -8.36
CA LYS A 94 1.84 -4.37 -7.09
C LYS A 94 0.73 -5.35 -6.71
N ILE A 95 -0.02 -5.86 -7.69
CA ILE A 95 -1.10 -6.79 -7.45
C ILE A 95 -0.55 -8.14 -7.00
N ARG A 96 0.57 -8.60 -7.59
CA ARG A 96 1.15 -9.86 -7.12
C ARG A 96 1.71 -9.69 -5.71
N LEU A 97 2.23 -8.50 -5.37
CA LEU A 97 2.68 -8.23 -4.01
C LEU A 97 1.49 -8.21 -3.05
N LEU A 98 0.33 -7.77 -3.54
CA LEU A 98 -0.89 -7.77 -2.74
C LEU A 98 -1.36 -9.20 -2.54
N ASN A 99 -1.18 -10.07 -3.54
CA ASN A 99 -1.61 -11.46 -3.41
C ASN A 99 -0.72 -12.21 -2.43
N GLU A 100 0.58 -11.90 -2.41
CA GLU A 100 1.48 -12.59 -1.51
C GLU A 100 1.35 -12.07 -0.08
N LEU A 101 1.09 -10.77 0.10
CA LEU A 101 0.89 -10.24 1.43
C LEU A 101 -0.45 -10.73 1.99
N THR A 102 -1.51 -10.74 1.18
CA THR A 102 -2.80 -11.18 1.66
C THR A 102 -2.80 -12.69 1.91
N SER A 103 -1.95 -13.41 1.17
CA SER A 103 -1.75 -14.84 1.36
C SER A 103 -0.83 -15.13 2.56
N ASN A 104 -0.19 -14.09 3.11
CA ASN A 104 0.71 -14.26 4.24
C ASN A 104 -0.08 -14.60 5.51
N GLU A 105 0.43 -15.55 6.30
CA GLU A 105 -0.23 -15.96 7.53
C GLU A 105 -0.27 -14.79 8.52
N LYS A 106 0.64 -13.83 8.36
CA LYS A 106 0.72 -12.64 9.20
C LYS A 106 -0.24 -11.55 8.76
N PHE A 107 -1.02 -11.76 7.69
CA PHE A 107 -1.99 -10.75 7.26
C PHE A 107 -3.33 -10.98 7.95
N LYS A 108 -3.83 -9.93 8.59
CA LYS A 108 -5.11 -9.92 9.31
C LYS A 108 -6.28 -9.72 8.36
N ALA A 109 -7.46 -9.48 8.92
CA ALA A 109 -8.67 -9.26 8.17
C ALA A 109 -8.63 -7.91 7.45
N GLY A 110 -9.82 -7.44 7.09
CA GLY A 110 -10.01 -6.31 6.19
C GLY A 110 -10.24 -5.02 6.95
N THR A 111 -11.50 -4.75 7.29
CA THR A 111 -11.87 -3.46 7.84
C THR A 111 -11.47 -3.38 9.31
N LYS A 112 -11.25 -2.15 9.79
CA LYS A 112 -10.68 -1.89 11.11
C LYS A 112 -11.29 -2.80 12.19
N LYS A 113 -12.62 -2.87 12.20
CA LYS A 113 -13.36 -3.70 13.15
C LYS A 113 -12.99 -5.17 13.03
N GLU A 114 -12.90 -5.67 11.80
CA GLU A 114 -12.67 -7.09 11.60
C GLU A 114 -11.25 -7.47 11.99
N VAL A 115 -10.27 -6.68 11.55
CA VAL A 115 -8.89 -6.94 11.94
C VAL A 115 -8.65 -6.67 13.42
N VAL A 116 -9.30 -5.65 14.00
CA VAL A 116 -9.13 -5.40 15.43
C VAL A 116 -9.81 -6.50 16.24
N LYS A 117 -10.94 -7.04 15.74
CA LYS A 117 -11.61 -8.16 16.39
C LYS A 117 -10.80 -9.44 16.24
N PHE A 118 -10.13 -9.62 15.09
CA PHE A 118 -9.33 -10.81 14.89
C PHE A 118 -8.04 -10.75 15.72
N ILE A 119 -7.40 -9.59 15.84
CA ILE A 119 -6.18 -9.51 16.64
C ILE A 119 -6.50 -9.62 18.13
N GLU A 120 -7.62 -9.03 18.57
CA GLU A 120 -7.98 -9.09 19.98
C GLU A 120 -8.47 -10.50 20.31
N ASP A 121 -9.22 -11.14 19.41
CA ASP A 121 -9.63 -12.52 19.63
C ASP A 121 -8.43 -13.46 19.62
N TYR A 122 -7.46 -13.19 18.74
CA TYR A 122 -6.25 -13.99 18.69
C TYR A 122 -5.39 -13.72 19.94
N SER A 123 -5.51 -12.51 20.49
CA SER A 123 -4.71 -12.14 21.64
C SER A 123 -5.35 -12.61 22.93
N LYS A 124 -6.69 -12.53 23.03
CA LYS A 124 -7.39 -12.98 24.23
C LYS A 124 -7.37 -14.50 24.36
N VAL A 125 -7.33 -15.22 23.25
CA VAL A 125 -7.22 -16.68 23.31
C VAL A 125 -5.79 -17.11 23.58
N ASN A 126 -4.82 -16.26 23.21
CA ASN A 126 -3.42 -16.55 23.45
C ASN A 126 -2.82 -15.46 24.34
N PRO A 127 -3.38 -15.24 25.54
CA PRO A 127 -3.08 -14.09 26.36
C PRO A 127 -1.64 -14.07 26.87
N LYS A 128 -0.92 -15.18 26.79
CA LYS A 128 0.47 -15.23 27.26
C LYS A 128 1.44 -15.27 26.08
N LYS A 129 0.92 -15.19 24.85
CA LYS A 129 1.76 -15.14 23.65
C LYS A 129 1.73 -13.77 23.00
N SER A 130 2.76 -13.50 22.19
CA SER A 130 2.85 -12.27 21.43
C SER A 130 1.98 -12.36 20.18
N VAL A 131 1.62 -11.21 19.64
CA VAL A 131 0.78 -11.09 18.46
C VAL A 131 1.30 -10.02 17.53
N TYR A 132 1.41 -10.31 16.23
CA TYR A 132 1.77 -9.29 15.25
C TYR A 132 1.20 -9.63 13.87
N TYR A 133 0.49 -8.68 13.26
CA TYR A 133 -0.10 -8.88 11.96
C TYR A 133 -0.13 -7.62 11.09
N PHE A 134 -0.06 -7.83 9.77
CA PHE A 134 -0.19 -6.81 8.75
C PHE A 134 -1.66 -6.68 8.37
N SER A 135 -2.12 -5.46 8.05
CA SER A 135 -3.43 -5.30 7.47
C SER A 135 -3.47 -4.02 6.63
N LEU A 136 -4.34 -3.96 5.62
CA LEU A 136 -4.43 -2.78 4.77
C LEU A 136 -4.93 -1.58 5.59
N ASN A 137 -4.25 -0.44 5.45
CA ASN A 137 -4.58 0.73 6.24
C ASN A 137 -5.48 1.68 5.47
N TYR A 138 -6.54 2.19 6.11
CA TYR A 138 -7.50 3.05 5.45
C TYR A 138 -7.18 4.52 5.69
N GLU A 139 -6.63 4.84 6.86
CA GLU A 139 -6.22 6.20 7.19
C GLU A 139 -4.89 6.55 6.51
N ASN A 140 -4.34 5.62 5.73
CA ASN A 140 -3.15 5.83 4.90
C ASN A 140 -3.28 4.96 3.64
N PRO A 141 -4.07 5.39 2.65
CA PRO A 141 -4.32 4.66 1.42
C PRO A 141 -3.01 4.33 0.70
N GLY A 142 -2.68 3.03 0.63
CA GLY A 142 -1.44 2.56 0.00
C GLY A 142 -0.41 2.07 1.03
N TRP A 143 -0.73 2.16 2.31
CA TRP A 143 0.12 1.63 3.36
C TRP A 143 -0.56 0.48 4.08
N PHE A 144 0.24 -0.39 4.67
CA PHE A 144 -0.23 -1.53 5.46
C PHE A 144 0.20 -1.33 6.90
N TYR A 145 -0.73 -1.58 7.83
CA TYR A 145 -0.46 -1.41 9.24
C TYR A 145 0.13 -2.70 9.78
N LEU A 146 0.75 -2.64 10.97
CA LEU A 146 1.43 -3.78 11.56
C LEU A 146 1.18 -3.75 13.06
N ILE A 147 0.03 -4.27 13.47
CA ILE A 147 -0.34 -4.30 14.87
C ILE A 147 0.54 -5.31 15.63
N PHE A 148 0.95 -4.95 16.85
CA PHE A 148 1.78 -5.80 17.70
C PHE A 148 1.34 -5.71 19.16
N LYS A 149 1.29 -6.87 19.83
CA LYS A 149 1.00 -7.00 21.25
C LYS A 149 1.91 -8.08 21.83
N LEU A 150 2.32 -7.94 23.10
CA LEU A 150 3.17 -8.95 23.72
C LEU A 150 2.33 -10.01 24.43
N ASN A 151 1.10 -9.66 24.80
CA ASN A 151 0.19 -10.50 25.58
C ASN A 151 -1.22 -9.94 25.44
N ALA A 152 -2.23 -10.59 26.05
CA ALA A 152 -3.57 -10.04 26.08
C ALA A 152 -3.56 -8.74 26.88
N GLU A 153 -2.87 -8.78 28.02
CA GLU A 153 -2.85 -7.71 28.99
C GLU A 153 -1.84 -6.63 28.60
N SER A 154 -1.13 -6.85 27.50
CA SER A 154 -0.11 -5.94 27.00
C SER A 154 -0.73 -4.72 26.33
N LYS A 155 0.09 -3.66 26.25
CA LYS A 155 -0.20 -2.50 25.43
C LYS A 155 -0.19 -2.97 23.98
N LEU A 156 -0.45 -2.04 23.06
CA LEU A 156 -0.51 -2.37 21.65
C LEU A 156 0.20 -1.30 20.84
N TYR A 157 0.92 -1.76 19.81
CA TYR A 157 1.70 -0.90 18.94
C TYR A 157 1.44 -1.23 17.48
N ILE A 158 1.48 -0.23 16.60
CA ILE A 158 1.27 -0.46 15.19
C ILE A 158 2.44 0.10 14.38
N TRP A 159 2.87 -0.63 13.33
CA TRP A 159 3.88 -0.13 12.41
C TRP A 159 3.25 0.06 11.04
N ASN A 160 3.99 0.67 10.11
CA ASN A 160 3.45 0.91 8.77
C ASN A 160 4.47 0.63 7.67
N VAL A 161 3.99 0.06 6.55
CA VAL A 161 4.81 -0.20 5.37
C VAL A 161 4.04 0.22 4.11
N LYS A 162 4.72 0.91 3.18
CA LYS A 162 4.09 1.37 1.95
C LYS A 162 4.11 0.27 0.91
N LEU A 163 3.02 0.12 0.15
CA LEU A 163 2.98 -0.82 -0.96
C LEU A 163 3.48 -0.12 -2.22
N THR A 164 4.39 -0.78 -2.95
CA THR A 164 4.98 -0.25 -4.17
C THR A 164 5.22 -1.38 -5.15
N HIS A 165 5.37 -1.07 -6.45
CA HIS A 165 5.60 -2.12 -7.43
C HIS A 165 6.98 -2.76 -7.26
N THR A 166 7.87 -2.08 -6.53
CA THR A 166 9.21 -2.58 -6.28
C THR A 166 9.22 -3.45 -5.02
N GLY A 167 8.09 -3.53 -4.32
CA GLY A 167 8.00 -4.29 -3.09
C GLY A 167 7.25 -3.56 -1.98
N PHE A 168 7.81 -3.62 -0.77
CA PHE A 168 7.28 -2.95 0.40
C PHE A 168 8.33 -2.01 0.95
N PHE A 169 7.93 -0.76 1.27
CA PHE A 169 8.87 0.22 1.75
C PHE A 169 8.72 0.43 3.25
N LEU A 170 9.85 0.42 3.96
CA LEU A 170 9.91 0.56 5.40
C LEU A 170 11.21 1.30 5.75
N VAL A 171 11.10 2.33 6.60
CA VAL A 171 12.19 3.21 7.00
C VAL A 171 12.85 3.89 5.80
N ASN A 172 13.74 3.19 5.09
CA ASN A 172 14.46 3.76 3.95
C ASN A 172 14.78 2.69 2.90
N TYR A 173 14.13 1.52 2.97
CA TYR A 173 14.46 0.41 2.09
C TYR A 173 13.20 -0.25 1.53
N ASN A 174 13.29 -0.73 0.29
CA ASN A 174 12.22 -1.47 -0.37
C ASN A 174 12.54 -2.96 -0.42
N TYR A 175 11.54 -3.78 -0.10
CA TYR A 175 11.69 -5.23 -0.08
C TYR A 175 10.76 -5.84 -1.13
N PRO A 176 11.34 -6.47 -2.16
CA PRO A 176 10.64 -6.95 -3.36
C PRO A 176 9.63 -8.07 -3.09
N THR A 177 9.47 -8.46 -1.83
CA THR A 177 8.46 -9.44 -1.44
C THR A 177 8.17 -9.29 0.05
N VAL A 178 6.98 -9.70 0.48
CA VAL A 178 6.56 -9.56 1.87
C VAL A 178 7.49 -10.36 2.77
N ILE A 179 8.09 -11.42 2.23
CA ILE A 179 8.99 -12.25 3.00
C ILE A 179 10.28 -11.47 3.28
N GLN A 180 10.73 -10.68 2.30
CA GLN A 180 11.93 -9.88 2.45
C GLN A 180 11.66 -8.69 3.37
N LEU A 181 10.42 -8.20 3.41
CA LEU A 181 10.05 -7.13 4.31
C LEU A 181 10.16 -7.65 5.74
N CYS A 182 9.65 -8.85 5.99
CA CYS A 182 9.74 -9.46 7.30
C CYS A 182 11.20 -9.76 7.65
N ASN A 183 12.00 -10.16 6.65
CA ASN A 183 13.41 -10.44 6.85
C ASN A 183 14.17 -9.14 7.15
N GLY A 184 13.79 -8.05 6.49
CA GLY A 184 14.41 -6.76 6.71
C GLY A 184 14.02 -6.21 8.08
N PHE A 185 12.78 -6.44 8.51
CA PHE A 185 12.36 -5.96 9.81
C PHE A 185 13.09 -6.72 10.91
N LYS A 186 13.37 -8.01 10.71
CA LYS A 186 14.13 -8.81 11.65
C LYS A 186 15.60 -8.41 11.66
N THR A 187 16.22 -8.29 10.48
CA THR A 187 17.62 -7.88 10.43
C THR A 187 17.80 -6.47 11.00
N LEU A 188 16.73 -5.67 10.97
CA LEU A 188 16.76 -4.32 11.53
C LEU A 188 16.69 -4.35 13.05
N LEU A 189 15.74 -5.11 13.61
CA LEU A 189 15.64 -5.19 15.06
C LEU A 189 16.82 -5.96 15.64
N LYS A 190 17.41 -6.89 14.87
CA LYS A 190 18.59 -7.58 15.34
C LYS A 190 19.79 -6.65 15.33
N SER A 191 19.76 -5.59 14.51
CA SER A 191 20.83 -4.61 14.51
C SER A 191 20.79 -3.78 15.80
N SER A 192 19.62 -3.71 16.44
CA SER A 192 19.46 -3.01 17.70
C SER A 192 19.57 -3.99 18.87
N ASN A 193 19.15 -5.24 18.67
CA ASN A 193 19.24 -6.27 19.68
C ASN A 193 20.71 -6.71 19.84
N THR A 194 21.55 -6.34 18.89
CA THR A 194 23.00 -6.55 19.00
C THR A 194 23.56 -5.56 20.01
N ARG A 195 22.78 -4.54 20.36
CA ARG A 195 23.15 -3.51 21.32
C ARG A 195 22.32 -3.64 22.60
N ASN A 196 21.05 -4.03 22.45
CA ASN A 196 20.10 -4.19 23.52
C ASN A 196 19.62 -5.64 23.61
N PRO B 1 -1.67 10.00 7.79
CA PRO B 1 -2.81 10.46 6.99
C PRO B 1 -2.44 10.63 5.52
N SER B 2 -2.14 9.50 4.86
CA SER B 2 -1.72 9.47 3.47
C SER B 2 -0.40 10.23 3.23
N PTR B 3 0.12 10.12 2.01
CA PTR B 3 1.37 10.74 1.56
C PTR B 3 2.61 10.32 2.37
O PTR B 3 3.53 9.73 1.79
CB PTR B 3 1.21 12.24 1.42
CG PTR B 3 0.65 12.64 0.07
CD1 PTR B 3 1.53 12.99 -0.97
CD2 PTR B 3 -0.73 12.64 -0.17
CE1 PTR B 3 1.03 13.34 -2.23
CE2 PTR B 3 -1.24 12.99 -1.43
CZ PTR B 3 -0.35 13.33 -2.47
OH PTR B 3 -0.76 13.65 -3.70
P PTR B 3 -2.27 13.56 -4.22
O1P PTR B 3 -2.26 13.74 -5.69
O2P PTR B 3 -3.11 14.45 -3.39
O3P PTR B 3 -2.78 12.05 -3.97
H PTR B 3 -0.40 9.59 1.32
HA PTR B 3 1.55 10.36 0.56
HB2 PTR B 3 0.57 12.64 2.21
HB3 PTR B 3 2.21 12.70 1.51
HD1 PTR B 3 2.59 13.00 -0.79
HD2 PTR B 3 -1.41 12.38 0.63
HE1 PTR B 3 1.71 13.61 -3.02
HE2 PTR B 3 -2.30 12.99 -1.59
HO3P PTR B 3 -2.13 11.41 -4.25
N SER B 4 2.68 10.62 3.67
CA SER B 4 3.89 10.33 4.43
C SER B 4 3.61 10.06 5.91
N PRO B 5 3.12 8.86 6.25
CA PRO B 5 3.01 8.39 7.61
C PRO B 5 4.40 8.00 8.13
N THR B 6 4.48 7.62 9.41
CA THR B 6 5.74 7.21 10.03
C THR B 6 5.49 6.17 11.12
N SER B 7 6.53 5.45 11.53
CA SER B 7 6.42 4.43 12.56
C SER B 7 7.81 4.01 13.05
N PRO B 8 7.91 3.56 14.31
CA PRO B 8 9.13 3.04 14.90
C PRO B 8 9.48 1.66 14.35
N SER B 9 10.60 1.09 14.81
CA SER B 9 11.07 -0.21 14.38
C SER B 9 10.30 -1.36 15.06
N PTR B 10 10.39 -2.56 14.47
CA PTR B 10 9.76 -3.77 14.94
C PTR B 10 10.42 -4.19 16.26
O PTR B 10 11.64 -4.30 16.34
CB PTR B 10 9.92 -4.81 13.82
CG PTR B 10 9.20 -6.14 13.89
CD1 PTR B 10 9.26 -6.96 15.03
CD2 PTR B 10 8.45 -6.56 12.78
CE1 PTR B 10 8.63 -8.22 15.03
CE2 PTR B 10 7.82 -7.81 12.77
CZ PTR B 10 7.91 -8.66 13.89
OH PTR B 10 7.39 -9.89 13.92
P PTR B 10 6.68 -10.58 12.64
O1P PTR B 10 7.58 -10.46 11.48
O2P PTR B 10 5.34 -9.76 12.30
O3P PTR B 10 6.25 -11.93 13.06
H PTR B 10 10.94 -2.63 13.63
HA PTR B 10 8.70 -3.59 15.10
HB2 PTR B 10 9.58 -4.33 12.91
HB3 PTR B 10 10.99 -5.02 13.70
HD1 PTR B 10 9.81 -6.64 15.90
HD2 PTR B 10 8.36 -5.90 11.93
HE1 PTR B 10 8.69 -8.84 15.90
HE2 PTR B 10 7.26 -8.09 11.90
HO2P PTR B 10 5.51 -8.84 12.10
N SER B 11 9.61 -4.44 17.30
CA SER B 11 10.14 -4.72 18.63
C SER B 11 10.83 -6.08 18.71
N PRO B 12 12.05 -6.12 19.26
CA PRO B 12 12.77 -7.36 19.52
C PRO B 12 12.17 -8.05 20.73
N THR B 13 12.77 -9.18 21.14
CA THR B 13 12.36 -9.94 22.31
C THR B 13 10.88 -10.32 22.25
N SER B 14 10.42 -10.79 21.09
CA SER B 14 9.04 -11.22 20.92
C SER B 14 8.93 -12.38 19.90
N PRO B 15 9.80 -13.38 19.96
CA PRO B 15 9.83 -14.47 18.98
C PRO B 15 8.63 -15.41 19.15
N SER B 16 7.96 -15.39 20.29
CA SER B 16 6.81 -16.26 20.56
C SER B 16 6.04 -15.78 21.78
N HIS A 2 8.27 5.53 -23.07
CA HIS A 2 9.55 6.25 -23.00
C HIS A 2 9.54 7.31 -21.89
N ARG A 3 9.35 6.86 -20.64
CA ARG A 3 9.40 7.70 -19.44
C ARG A 3 8.44 8.89 -19.46
N VAL A 4 7.54 8.97 -20.45
CA VAL A 4 6.57 10.05 -20.58
C VAL A 4 5.22 9.46 -20.97
N ILE A 5 4.16 10.23 -20.69
CA ILE A 5 2.80 9.81 -20.99
C ILE A 5 1.95 11.07 -21.20
N ASN A 6 0.89 10.97 -22.01
CA ASN A 6 0.07 12.11 -22.38
C ASN A 6 -0.96 12.49 -21.30
N HIS A 7 -1.12 11.64 -20.28
CA HIS A 7 -2.11 11.84 -19.24
C HIS A 7 -1.82 13.08 -18.39
N PRO A 8 -2.87 13.82 -17.99
CA PRO A 8 -2.75 15.04 -17.21
C PRO A 8 -2.30 14.74 -15.78
N TYR A 9 -2.43 13.48 -15.35
CA TYR A 9 -1.95 13.06 -14.05
C TYR A 9 -0.47 12.70 -14.11
N TYR A 10 0.16 12.83 -15.30
CA TYR A 10 1.57 12.56 -15.46
C TYR A 10 2.41 13.60 -14.71
N PHE A 11 3.52 13.15 -14.12
CA PHE A 11 4.54 14.00 -13.52
C PHE A 11 5.89 13.29 -13.69
N PRO A 12 6.91 13.99 -14.19
CA PRO A 12 8.25 13.46 -14.40
C PRO A 12 8.99 13.28 -13.09
N PHE A 13 8.33 13.57 -11.97
CA PHE A 13 8.91 13.52 -10.64
C PHE A 13 9.36 12.12 -10.27
N ASN A 14 10.40 12.06 -9.42
CA ASN A 14 10.88 10.82 -8.84
C ASN A 14 9.92 10.42 -7.71
N GLY A 15 10.15 9.26 -7.10
CA GLY A 15 9.23 8.75 -6.08
C GLY A 15 9.06 9.70 -4.91
N LYS A 16 10.15 10.31 -4.43
CA LYS A 16 10.07 11.19 -3.27
C LYS A 16 9.43 12.53 -3.65
N GLN A 17 9.71 13.02 -4.85
CA GLN A 17 9.13 14.28 -5.31
C GLN A 17 7.64 14.08 -5.61
N ALA A 18 7.26 12.91 -6.12
CA ALA A 18 5.87 12.60 -6.38
C ALA A 18 5.12 12.47 -5.07
N GLU A 19 5.74 11.85 -4.05
CA GLU A 19 5.08 11.66 -2.77
C GLU A 19 4.96 12.98 -2.00
N ASP A 20 6.00 13.82 -2.00
CA ASP A 20 5.93 15.11 -1.34
C ASP A 20 5.00 16.06 -2.08
N TYR A 21 4.82 15.86 -3.39
CA TYR A 21 3.88 16.66 -4.15
C TYR A 21 2.44 16.30 -3.75
N LEU A 22 2.13 15.00 -3.69
CA LEU A 22 0.78 14.56 -3.35
C LEU A 22 0.45 14.85 -1.89
N ARG A 23 1.43 14.94 -1.00
CA ARG A 23 1.14 15.28 0.39
C ARG A 23 0.38 16.60 0.45
N SER A 24 0.58 17.47 -0.54
CA SER A 24 -0.09 18.76 -0.63
C SER A 24 -1.47 18.66 -1.27
N LYS A 25 -1.95 17.44 -1.56
CA LYS A 25 -3.27 17.22 -2.12
C LYS A 25 -4.22 16.68 -1.05
N GLU A 26 -4.66 15.42 -1.16
CA GLU A 26 -5.71 14.85 -0.33
C GLU A 26 -5.46 13.36 -0.12
N ARG A 27 -6.15 12.76 0.85
CA ARG A 27 -5.89 11.39 1.28
C ARG A 27 -6.27 10.30 0.27
N GLY A 28 -6.52 10.69 -0.98
CA GLY A 28 -6.76 9.78 -2.07
C GLY A 28 -6.36 10.46 -3.37
N ASP A 29 -5.05 10.60 -3.63
CA ASP A 29 -4.60 11.39 -4.78
C ASP A 29 -3.49 10.72 -5.58
N PHE A 30 -3.57 10.71 -6.92
CA PHE A 30 -2.66 9.92 -7.73
C PHE A 30 -1.94 10.74 -8.80
N VAL A 31 -0.67 10.37 -9.04
CA VAL A 31 0.17 10.93 -10.09
C VAL A 31 0.89 9.79 -10.83
N ILE A 32 1.09 9.94 -12.13
CA ILE A 32 1.77 8.93 -12.94
C ILE A 32 3.20 9.38 -13.17
N ARG A 33 4.16 8.47 -13.01
CA ARG A 33 5.56 8.77 -13.24
C ARG A 33 6.25 7.58 -13.90
N GLN A 34 7.41 7.82 -14.49
CA GLN A 34 8.28 6.74 -14.94
C GLN A 34 8.62 5.86 -13.74
N SER A 35 8.85 4.57 -13.99
CA SER A 35 9.25 3.62 -12.95
C SER A 35 10.70 3.87 -12.53
N SER A 36 11.42 4.69 -13.31
CA SER A 36 12.84 4.94 -13.12
C SER A 36 13.66 3.66 -13.18
N ARG A 37 13.07 2.61 -13.79
CA ARG A 37 13.70 1.30 -13.93
C ARG A 37 13.60 0.77 -15.35
N GLY A 38 13.05 1.57 -16.28
CA GLY A 38 12.96 1.21 -17.67
C GLY A 38 12.33 2.35 -18.47
N ASP A 39 12.64 2.43 -19.77
CA ASP A 39 12.09 3.47 -20.61
C ASP A 39 10.60 3.25 -20.86
N ASP A 40 10.18 1.97 -20.84
CA ASP A 40 8.78 1.59 -20.96
C ASP A 40 8.32 0.89 -19.69
N HIS A 41 8.69 1.47 -18.54
CA HIS A 41 8.16 1.10 -17.25
C HIS A 41 7.68 2.37 -16.57
N LEU A 42 6.43 2.37 -16.08
CA LEU A 42 5.83 3.50 -15.41
C LEU A 42 5.43 3.12 -13.99
N ALA A 43 4.92 4.10 -13.25
CA ALA A 43 4.41 3.87 -11.91
C ALA A 43 3.33 4.88 -11.56
N ILE A 44 2.29 4.43 -10.87
CA ILE A 44 1.28 5.33 -10.34
C ILE A 44 1.54 5.50 -8.85
N THR A 45 1.60 6.76 -8.40
CA THR A 45 1.87 7.07 -7.01
C THR A 45 0.62 7.71 -6.42
N TRP A 46 0.02 7.04 -5.42
CA TRP A 46 -1.25 7.44 -4.85
C TRP A 46 -1.10 7.78 -3.36
N LYS A 47 -1.71 8.89 -2.93
CA LYS A 47 -1.68 9.36 -1.56
C LYS A 47 -2.76 8.68 -0.75
N LEU A 48 -2.35 8.14 0.39
CA LEU A 48 -3.20 7.47 1.36
C LEU A 48 -3.53 8.40 2.52
N ASP A 49 -2.61 9.31 2.85
CA ASP A 49 -2.81 10.24 3.96
C ASP A 49 -1.80 11.37 3.86
N LYS A 50 -1.94 12.38 4.72
CA LYS A 50 -1.07 13.56 4.72
C LYS A 50 0.40 13.22 4.95
N ASP A 51 0.70 11.96 5.24
CA ASP A 51 2.06 11.50 5.52
C ASP A 51 2.41 10.24 4.72
N LEU A 52 1.61 9.85 3.73
CA LEU A 52 1.80 8.53 3.14
C LEU A 52 1.30 8.41 1.71
N PHE A 53 1.88 7.45 1.00
CA PHE A 53 1.59 7.18 -0.40
C PHE A 53 1.70 5.69 -0.67
N GLN A 54 1.43 5.30 -1.92
CA GLN A 54 1.60 3.94 -2.40
C GLN A 54 1.92 4.00 -3.88
N HIS A 55 2.91 3.22 -4.33
CA HIS A 55 3.35 3.19 -5.71
C HIS A 55 2.93 1.87 -6.36
N VAL A 56 2.61 1.92 -7.65
CA VAL A 56 2.35 0.72 -8.44
C VAL A 56 3.05 0.84 -9.78
N ASP A 57 4.09 0.01 -9.98
CA ASP A 57 4.83 -0.03 -11.23
C ASP A 57 4.05 -0.72 -12.34
N ILE A 58 4.41 -0.36 -13.57
CA ILE A 58 3.72 -0.77 -14.78
C ILE A 58 4.72 -1.16 -15.84
N GLN A 59 4.39 -2.18 -16.64
CA GLN A 59 5.17 -2.52 -17.82
C GLN A 59 4.43 -2.02 -19.04
N GLU A 60 5.08 -1.17 -19.85
CA GLU A 60 4.56 -0.80 -21.14
C GLU A 60 5.15 -1.80 -22.14
N LEU A 61 4.28 -2.38 -22.97
CA LEU A 61 4.60 -3.48 -23.87
C LEU A 61 3.80 -3.31 -25.17
N GLU A 62 3.87 -4.26 -26.10
CA GLU A 62 3.28 -4.14 -27.42
C GLU A 62 4.02 -3.11 -28.28
N LYS A 63 5.31 -2.89 -27.98
CA LYS A 63 6.17 -2.03 -28.79
C LYS A 63 7.50 -2.71 -29.06
N GLU A 64 8.01 -2.45 -30.27
CA GLU A 64 9.22 -3.05 -30.79
C GLU A 64 10.46 -2.41 -30.16
N ASN A 65 10.30 -1.16 -29.69
CA ASN A 65 11.36 -0.43 -29.02
C ASN A 65 10.80 0.19 -27.74
N PRO A 66 11.51 0.07 -26.60
CA PRO A 66 11.07 0.66 -25.35
C PRO A 66 11.23 2.17 -25.39
N LEU A 67 11.83 2.70 -26.46
CA LEU A 67 11.93 4.13 -26.72
C LEU A 67 10.60 4.65 -27.24
N ALA A 68 9.64 3.74 -27.46
CA ALA A 68 8.31 4.09 -27.91
C ALA A 68 7.38 4.23 -26.70
N LEU A 69 6.11 3.86 -26.88
CA LEU A 69 5.15 3.80 -25.79
C LEU A 69 4.23 2.63 -26.02
N GLY A 70 4.15 1.72 -25.03
CA GLY A 70 3.44 0.47 -25.16
C GLY A 70 1.92 0.65 -25.15
N LYS A 71 1.23 -0.32 -25.76
CA LYS A 71 -0.22 -0.36 -25.84
C LYS A 71 -0.84 -1.43 -24.94
N VAL A 72 0.00 -2.15 -24.21
CA VAL A 72 -0.48 -3.08 -23.19
C VAL A 72 0.25 -2.83 -21.89
N LEU A 73 -0.50 -2.36 -20.90
CA LEU A 73 0.05 -1.99 -19.62
C LEU A 73 -0.25 -3.11 -18.64
N VAL A 74 0.80 -3.85 -18.27
CA VAL A 74 0.70 -4.90 -17.27
C VAL A 74 1.02 -4.34 -15.89
N VAL A 75 0.15 -4.63 -14.92
CA VAL A 75 0.34 -4.27 -13.52
C VAL A 75 0.06 -5.49 -12.65
N GLU A 76 0.99 -5.80 -11.74
CA GLU A 76 0.87 -6.96 -10.86
C GLU A 76 0.49 -8.22 -11.63
N GLY A 77 0.86 -8.30 -12.91
CA GLY A 77 0.60 -9.46 -13.75
C GLY A 77 -0.71 -9.38 -14.51
N GLN A 78 -1.32 -8.18 -14.60
CA GLN A 78 -2.60 -8.01 -15.27
C GLN A 78 -2.51 -7.00 -16.41
N ARG A 79 -2.79 -7.47 -17.64
CA ARG A 79 -2.69 -6.70 -18.87
C ARG A 79 -3.92 -5.82 -19.08
N TYR A 80 -3.68 -4.58 -19.52
CA TYR A 80 -4.74 -3.64 -19.87
C TYR A 80 -4.35 -2.87 -21.13
N HIS A 81 -5.34 -2.24 -21.77
CA HIS A 81 -5.16 -1.63 -23.08
C HIS A 81 -4.47 -0.27 -23.06
N ASP A 82 -4.54 0.45 -21.92
CA ASP A 82 -4.03 1.81 -21.79
C ASP A 82 -4.00 2.24 -20.33
N LEU A 83 -3.24 3.30 -20.05
CA LEU A 83 -3.07 3.85 -18.71
C LEU A 83 -4.43 4.24 -18.11
N ASP A 84 -5.37 4.71 -18.93
CA ASP A 84 -6.68 5.07 -18.42
C ASP A 84 -7.44 3.86 -17.91
N GLN A 85 -7.17 2.67 -18.45
CA GLN A 85 -7.82 1.48 -17.95
C GLN A 85 -7.18 1.07 -16.63
N ILE A 86 -5.85 1.17 -16.52
CA ILE A 86 -5.21 0.76 -15.29
C ILE A 86 -5.50 1.77 -14.19
N ILE A 87 -5.68 3.05 -14.54
CA ILE A 87 -6.02 4.01 -13.50
C ILE A 87 -7.44 3.76 -13.02
N VAL A 88 -8.43 3.69 -13.91
CA VAL A 88 -9.80 3.49 -13.44
C VAL A 88 -9.92 2.15 -12.71
N GLU A 89 -9.35 1.09 -13.27
CA GLU A 89 -9.38 -0.21 -12.63
C GLU A 89 -8.62 -0.16 -11.31
N TYR A 90 -7.33 0.16 -11.35
CA TYR A 90 -6.50 0.02 -10.17
C TYR A 90 -6.94 0.99 -9.08
N LEU A 91 -7.29 2.24 -9.43
CA LEU A 91 -7.69 3.21 -8.42
C LEU A 91 -9.07 2.89 -7.86
N GLN A 92 -10.09 2.75 -8.71
CA GLN A 92 -11.44 2.60 -8.20
C GLN A 92 -11.58 1.32 -7.38
N ASN A 93 -10.94 0.23 -7.82
CA ASN A 93 -10.97 -1.01 -7.07
C ASN A 93 -10.16 -0.89 -5.78
N LYS A 94 -9.02 -0.17 -5.82
CA LYS A 94 -8.19 0.05 -4.65
C LYS A 94 -8.86 0.98 -3.64
N ILE A 95 -9.59 1.99 -4.13
CA ILE A 95 -10.32 2.91 -3.27
C ILE A 95 -11.50 2.17 -2.63
N ARG A 96 -12.13 1.25 -3.37
CA ARG A 96 -13.21 0.43 -2.83
C ARG A 96 -12.68 -0.41 -1.68
N LEU A 97 -11.49 -1.01 -1.88
CA LEU A 97 -10.84 -1.82 -0.86
C LEU A 97 -10.47 -0.95 0.34
N LEU A 98 -10.07 0.31 0.11
CA LEU A 98 -9.72 1.18 1.21
C LEU A 98 -10.95 1.54 2.04
N ASN A 99 -12.12 1.63 1.42
CA ASN A 99 -13.33 1.93 2.17
C ASN A 99 -13.76 0.73 3.00
N GLU A 100 -13.62 -0.47 2.45
CA GLU A 100 -14.03 -1.64 3.21
C GLU A 100 -13.04 -1.96 4.32
N LEU A 101 -11.74 -1.78 4.09
CA LEU A 101 -10.76 -2.03 5.12
C LEU A 101 -10.85 -0.98 6.22
N THR A 102 -11.10 0.29 5.87
CA THR A 102 -11.25 1.31 6.89
C THR A 102 -12.57 1.10 7.65
N SER A 103 -13.54 0.49 6.97
CA SER A 103 -14.81 0.12 7.58
C SER A 103 -14.69 -1.16 8.42
N ASN A 104 -13.54 -1.84 8.39
CA ASN A 104 -13.35 -3.10 9.10
C ASN A 104 -13.33 -2.91 10.62
N GLU A 105 -13.72 -3.95 11.35
CA GLU A 105 -13.81 -3.92 12.81
C GLU A 105 -12.43 -3.77 13.45
N LYS A 106 -11.39 -4.30 12.80
CA LYS A 106 -10.03 -4.26 13.30
C LYS A 106 -9.17 -3.17 12.67
N PHE A 107 -9.75 -2.21 11.94
CA PHE A 107 -8.95 -1.11 11.41
C PHE A 107 -8.89 0.03 12.42
N LYS A 108 -7.67 0.50 12.69
CA LYS A 108 -7.38 1.59 13.63
C LYS A 108 -7.58 2.96 12.98
N ALA A 109 -7.08 4.01 13.64
CA ALA A 109 -7.20 5.37 13.16
C ALA A 109 -6.31 5.60 11.95
N GLY A 110 -6.06 6.89 11.69
CA GLY A 110 -5.44 7.37 10.46
C GLY A 110 -3.94 7.60 10.61
N THR A 111 -3.58 8.77 11.16
CA THR A 111 -2.19 9.18 11.23
C THR A 111 -1.48 8.43 12.35
N LYS A 112 -0.17 8.18 12.18
CA LYS A 112 0.59 7.30 13.07
C LYS A 112 0.31 7.57 14.54
N LYS A 113 0.33 8.85 14.92
CA LYS A 113 0.02 9.28 16.27
C LYS A 113 -1.37 8.85 16.70
N GLU A 114 -2.37 9.03 15.84
CA GLU A 114 -3.73 8.76 16.22
C GLU A 114 -3.95 7.26 16.41
N VAL A 115 -3.45 6.46 15.46
CA VAL A 115 -3.57 5.00 15.59
C VAL A 115 -2.73 4.47 16.75
N VAL A 116 -1.54 5.02 16.99
CA VAL A 116 -0.73 4.55 18.12
C VAL A 116 -1.38 4.97 19.44
N LYS A 117 -2.03 6.15 19.46
CA LYS A 117 -2.73 6.62 20.64
C LYS A 117 -4.04 5.85 20.85
N PHE A 118 -4.64 5.35 19.76
CA PHE A 118 -5.86 4.56 19.89
C PHE A 118 -5.54 3.12 20.30
N ILE A 119 -4.44 2.52 19.83
CA ILE A 119 -4.09 1.17 20.25
C ILE A 119 -3.60 1.17 21.69
N GLU A 120 -2.85 2.20 22.10
CA GLU A 120 -2.37 2.27 23.47
C GLU A 120 -3.57 2.49 24.38
N ASP A 121 -4.48 3.39 24.00
CA ASP A 121 -5.69 3.62 24.80
C ASP A 121 -6.49 2.34 24.87
N TYR A 122 -6.76 1.71 23.72
CA TYR A 122 -7.58 0.52 23.74
C TYR A 122 -6.89 -0.59 24.54
N SER A 123 -5.56 -0.55 24.66
CA SER A 123 -4.86 -1.57 25.42
C SER A 123 -4.91 -1.26 26.91
N LYS A 124 -4.69 0.00 27.28
CA LYS A 124 -4.63 0.39 28.69
C LYS A 124 -6.00 0.46 29.36
N VAL A 125 -7.05 0.74 28.59
CA VAL A 125 -8.41 0.74 29.10
C VAL A 125 -8.89 -0.70 29.35
N ASN A 126 -8.20 -1.66 28.72
CA ASN A 126 -8.52 -3.09 28.80
C ASN A 126 -7.23 -3.89 29.02
N PRO A 127 -6.53 -3.64 30.12
CA PRO A 127 -5.20 -4.18 30.39
C PRO A 127 -5.21 -5.69 30.67
N LYS A 128 -6.35 -6.35 30.45
CA LYS A 128 -6.47 -7.79 30.61
C LYS A 128 -6.75 -8.46 29.27
N LYS A 129 -7.23 -7.68 28.28
CA LYS A 129 -7.52 -8.21 26.96
C LYS A 129 -6.36 -7.93 26.01
N SER A 130 -6.24 -8.74 24.96
CA SER A 130 -5.22 -8.55 23.94
C SER A 130 -5.72 -7.57 22.89
N VAL A 131 -4.80 -7.07 22.07
CA VAL A 131 -5.11 -6.05 21.09
C VAL A 131 -4.46 -6.37 19.76
N TYR A 132 -5.21 -6.23 18.65
CA TYR A 132 -4.63 -6.32 17.33
C TYR A 132 -5.47 -5.55 16.33
N TYR A 133 -4.83 -4.65 15.57
CA TYR A 133 -5.49 -3.83 14.57
C TYR A 133 -4.63 -3.60 13.34
N PHE A 134 -5.32 -3.24 12.25
CA PHE A 134 -4.73 -2.91 10.96
C PHE A 134 -4.79 -1.40 10.79
N SER A 135 -3.76 -0.79 10.20
CA SER A 135 -3.80 0.63 9.88
C SER A 135 -2.81 0.93 8.76
N LEU A 136 -2.52 2.20 8.49
CA LEU A 136 -1.53 2.57 7.50
C LEU A 136 -0.14 2.13 7.95
N ASN A 137 0.84 2.20 7.04
CA ASN A 137 2.19 1.73 7.30
C ASN A 137 3.19 2.77 6.78
N TYR A 138 3.61 3.68 7.66
CA TYR A 138 4.55 4.74 7.31
C TYR A 138 5.89 4.13 6.94
N GLU A 139 6.15 2.97 7.53
CA GLU A 139 7.39 2.23 7.34
C GLU A 139 7.43 1.58 5.96
N ASN A 140 6.29 1.45 5.28
CA ASN A 140 6.21 0.84 3.96
C ASN A 140 5.00 1.38 3.18
N PRO A 141 5.21 2.35 2.27
CA PRO A 141 4.14 2.91 1.46
C PRO A 141 3.60 1.83 0.53
N GLY A 142 2.28 1.59 0.58
CA GLY A 142 1.63 0.53 -0.17
C GLY A 142 1.32 -0.68 0.71
N TRP A 143 1.49 -0.55 2.03
CA TRP A 143 1.19 -1.61 2.98
C TRP A 143 0.34 -1.06 4.13
N PHE A 144 -0.32 -1.97 4.84
CA PHE A 144 -1.06 -1.67 6.05
C PHE A 144 -0.35 -2.32 7.22
N TYR A 145 -0.20 -1.61 8.35
CA TYR A 145 0.48 -2.18 9.49
C TYR A 145 -0.49 -3.02 10.29
N LEU A 146 0.03 -3.98 11.04
CA LEU A 146 -0.75 -4.97 11.76
C LEU A 146 -0.16 -5.10 13.16
N ILE A 147 -0.57 -4.19 14.04
CA ILE A 147 -0.10 -4.10 15.43
C ILE A 147 -0.77 -5.16 16.31
N PHE A 148 -0.03 -5.74 17.26
CA PHE A 148 -0.52 -6.72 18.21
C PHE A 148 0.12 -6.54 19.59
N LYS A 149 -0.70 -6.65 20.65
CA LYS A 149 -0.25 -6.63 22.05
C LYS A 149 -1.04 -7.68 22.84
N LEU A 150 -0.40 -8.33 23.81
CA LEU A 150 -1.10 -9.33 24.62
C LEU A 150 -1.98 -8.66 25.66
N ASN A 151 -1.60 -7.45 26.12
CA ASN A 151 -2.38 -6.66 27.06
C ASN A 151 -1.79 -5.25 27.10
N ALA A 152 -2.16 -4.41 28.08
CA ALA A 152 -1.66 -3.06 28.18
C ALA A 152 -0.15 -3.02 28.39
N GLU A 153 0.36 -3.84 29.31
CA GLU A 153 1.74 -3.76 29.77
C GLU A 153 2.68 -4.58 28.91
N SER A 154 2.12 -5.45 28.06
CA SER A 154 2.89 -6.34 27.20
C SER A 154 3.63 -5.57 26.11
N LYS A 155 4.60 -6.26 25.51
CA LYS A 155 5.34 -5.76 24.37
C LYS A 155 4.36 -5.56 23.21
N LEU A 156 4.89 -5.10 22.08
CA LEU A 156 4.10 -4.80 20.91
C LEU A 156 4.81 -5.35 19.68
N TYR A 157 4.04 -6.01 18.82
CA TYR A 157 4.53 -6.58 17.59
C TYR A 157 3.72 -6.08 16.41
N ILE A 158 4.41 -5.71 15.32
CA ILE A 158 3.77 -5.21 14.13
C ILE A 158 4.27 -5.96 12.90
N TRP A 159 3.37 -6.20 11.95
CA TRP A 159 3.72 -6.71 10.63
C TRP A 159 2.83 -6.03 9.59
N ASN A 160 2.90 -6.42 8.31
CA ASN A 160 2.12 -5.70 7.32
C ASN A 160 1.52 -6.56 6.21
N VAL A 161 0.53 -5.96 5.52
CA VAL A 161 -0.16 -6.54 4.38
C VAL A 161 -0.17 -5.53 3.23
N LYS A 162 0.18 -5.98 2.02
CA LYS A 162 0.33 -5.08 0.88
C LYS A 162 -1.02 -4.77 0.25
N LEU A 163 -1.15 -3.55 -0.27
CA LEU A 163 -2.34 -3.13 -0.99
C LEU A 163 -2.21 -3.48 -2.47
N THR A 164 -3.33 -3.82 -3.10
CA THR A 164 -3.42 -4.05 -4.53
C THR A 164 -4.87 -3.84 -4.94
N HIS A 165 -5.14 -3.52 -6.20
CA HIS A 165 -6.52 -3.29 -6.62
C HIS A 165 -7.28 -4.61 -6.67
N THR A 166 -6.55 -5.73 -6.66
CA THR A 166 -7.13 -7.06 -6.67
C THR A 166 -7.47 -7.52 -5.25
N GLY A 167 -7.05 -6.76 -4.23
CA GLY A 167 -7.31 -7.15 -2.85
C GLY A 167 -6.19 -6.71 -1.89
N PHE A 168 -5.89 -7.58 -0.92
CA PHE A 168 -4.81 -7.37 0.03
C PHE A 168 -3.87 -8.56 -0.01
N PHE A 169 -2.56 -8.30 -0.03
CA PHE A 169 -1.58 -9.37 -0.19
C PHE A 169 -0.78 -9.61 1.08
N LEU A 170 -0.79 -10.86 1.54
CA LEU A 170 -0.13 -11.28 2.75
C LEU A 170 0.63 -12.59 2.50
N VAL A 171 1.92 -12.59 2.86
CA VAL A 171 2.89 -13.67 2.68
C VAL A 171 2.97 -14.21 1.25
N ASN A 172 1.90 -14.80 0.72
CA ASN A 172 1.91 -15.42 -0.59
C ASN A 172 0.52 -15.40 -1.26
N TYR A 173 -0.47 -14.75 -0.63
CA TYR A 173 -1.84 -14.80 -1.13
C TYR A 173 -2.52 -13.43 -1.13
N ASN A 174 -3.39 -13.21 -2.13
CA ASN A 174 -4.19 -11.99 -2.23
C ASN A 174 -5.63 -12.27 -1.83
N TYR A 175 -6.26 -11.29 -1.17
CA TYR A 175 -7.63 -11.40 -0.71
C TYR A 175 -8.46 -10.22 -1.22
N PRO A 176 -9.42 -10.49 -2.12
CA PRO A 176 -10.18 -9.49 -2.88
C PRO A 176 -11.12 -8.65 -2.01
N THR A 177 -11.14 -8.89 -0.70
CA THR A 177 -11.91 -8.10 0.24
C THR A 177 -11.32 -8.28 1.63
N VAL A 178 -11.53 -7.31 2.52
CA VAL A 178 -10.98 -7.35 3.85
C VAL A 178 -11.56 -8.52 4.63
N ILE A 179 -12.76 -8.97 4.23
CA ILE A 179 -13.38 -10.10 4.90
C ILE A 179 -12.59 -11.37 4.57
N GLN A 180 -12.15 -11.48 3.31
CA GLN A 180 -11.35 -12.61 2.87
C GLN A 180 -9.95 -12.51 3.44
N LEU A 181 -9.47 -11.29 3.71
CA LEU A 181 -8.19 -11.11 4.38
C LEU A 181 -8.30 -11.64 5.80
N CYS A 182 -9.45 -11.47 6.45
CA CYS A 182 -9.68 -12.01 7.77
C CYS A 182 -9.76 -13.53 7.72
N ASN A 183 -10.36 -14.09 6.67
CA ASN A 183 -10.38 -15.54 6.49
C ASN A 183 -8.98 -16.04 6.19
N GLY A 184 -8.21 -15.24 5.44
CA GLY A 184 -6.83 -15.54 5.13
C GLY A 184 -5.99 -15.50 6.40
N PHE A 185 -6.29 -14.57 7.29
CA PHE A 185 -5.57 -14.45 8.55
C PHE A 185 -5.79 -15.73 9.37
N LYS A 186 -7.04 -16.20 9.45
CA LYS A 186 -7.37 -17.38 10.25
C LYS A 186 -6.83 -18.66 9.61
N THR A 187 -6.85 -18.75 8.29
CA THR A 187 -6.25 -19.91 7.64
C THR A 187 -4.72 -19.86 7.70
N LEU A 188 -4.16 -18.65 7.89
CA LEU A 188 -2.72 -18.48 7.94
C LEU A 188 -2.19 -18.78 9.33
N LEU A 189 -2.86 -18.32 10.40
CA LEU A 189 -2.43 -18.66 11.75
C LEU A 189 -2.52 -20.18 11.92
N LYS A 190 -3.44 -20.81 11.19
CA LYS A 190 -3.59 -22.25 11.18
C LYS A 190 -2.40 -22.90 10.46
N SER A 191 -1.91 -22.25 9.41
CA SER A 191 -0.75 -22.74 8.67
C SER A 191 0.52 -22.50 9.47
N SER A 192 0.55 -21.42 10.25
CA SER A 192 1.68 -21.11 11.12
C SER A 192 1.67 -22.03 12.32
N ASN A 193 0.49 -22.44 12.79
CA ASN A 193 0.35 -23.40 13.87
C ASN A 193 0.65 -24.82 13.34
N THR A 194 0.48 -25.04 12.03
CA THR A 194 0.81 -26.32 11.42
C THR A 194 2.32 -26.47 11.33
N ARG A 195 3.03 -25.34 11.20
CA ARG A 195 4.49 -25.32 11.21
C ARG A 195 4.99 -25.30 12.65
N ASN A 196 4.27 -24.57 13.52
CA ASN A 196 4.59 -24.40 14.93
C ASN A 196 6.07 -24.07 15.14
N PRO B 1 13.27 3.42 -4.39
CA PRO B 1 13.90 2.63 -3.32
C PRO B 1 13.45 1.17 -3.34
N SER B 2 13.98 0.36 -2.43
CA SER B 2 13.57 -1.03 -2.28
C SER B 2 12.29 -1.11 -1.45
N PTR B 3 11.50 -2.17 -1.65
CA PTR B 3 10.26 -2.37 -0.91
C PTR B 3 10.08 -3.86 -0.58
O PTR B 3 10.44 -4.70 -1.39
CB PTR B 3 9.07 -1.88 -1.75
CG PTR B 3 9.26 -0.53 -2.40
CD1 PTR B 3 9.58 -0.45 -3.76
CD2 PTR B 3 9.11 0.65 -1.65
CE1 PTR B 3 9.72 0.80 -4.39
CE2 PTR B 3 9.24 1.90 -2.28
CZ PTR B 3 9.53 1.99 -3.65
OH PTR B 3 9.60 3.20 -4.20
P PTR B 3 9.83 3.45 -5.77
O1P PTR B 3 11.17 2.92 -6.12
O2P PTR B 3 9.53 4.86 -6.04
O3P PTR B 3 8.75 2.60 -6.59
H PTR B 3 11.76 -2.87 -2.31
HA PTR B 3 10.31 -1.81 0.03
HB2 PTR B 3 8.91 -2.61 -2.54
HB3 PTR B 3 8.20 -1.84 -1.12
HD1 PTR B 3 9.72 -1.35 -4.33
HD2 PTR B 3 8.90 0.59 -0.59
HE1 PTR B 3 9.97 0.83 -5.44
HE2 PTR B 3 9.12 2.81 -1.69
HO3P PTR B 3 7.86 2.78 -6.31
N SER B 4 9.56 -4.18 0.61
CA SER B 4 9.33 -5.57 1.00
C SER B 4 8.35 -5.67 2.17
N PRO B 5 7.53 -6.73 2.20
CA PRO B 5 6.69 -7.08 3.34
C PRO B 5 7.54 -7.74 4.43
N THR B 6 6.94 -7.95 5.60
CA THR B 6 7.56 -8.71 6.69
C THR B 6 6.48 -9.11 7.69
N SER B 7 6.54 -10.33 8.24
CA SER B 7 5.57 -10.77 9.23
C SER B 7 6.04 -12.01 10.00
N PRO B 8 5.82 -12.03 11.32
CA PRO B 8 6.02 -13.20 12.17
C PRO B 8 4.78 -14.10 12.15
N SER B 9 3.86 -13.84 11.21
CA SER B 9 2.55 -14.46 11.12
C SER B 9 1.61 -14.06 12.25
N PTR B 10 0.30 -14.19 11.99
CA PTR B 10 -0.76 -13.83 12.92
C PTR B 10 -0.80 -14.87 14.04
O PTR B 10 -1.31 -15.98 13.85
CB PTR B 10 -2.05 -13.80 12.09
CG PTR B 10 -3.35 -13.43 12.78
CD1 PTR B 10 -3.40 -12.52 13.84
CD2 PTR B 10 -4.52 -14.03 12.31
CE1 PTR B 10 -4.65 -12.16 14.40
CE2 PTR B 10 -5.76 -13.69 12.86
CZ PTR B 10 -5.84 -12.72 13.89
OH PTR B 10 -7.01 -12.29 14.38
P PTR B 10 -8.45 -12.72 13.79
O1P PTR B 10 -9.50 -11.99 14.54
O2P PTR B 10 -8.66 -14.29 14.10
O3P PTR B 10 -8.43 -12.58 12.31
H PTR B 10 0.02 -14.56 11.10
HA PTR B 10 -0.57 -12.85 13.33
HB2 PTR B 10 -1.90 -13.10 11.27
HB3 PTR B 10 -2.18 -14.79 11.65
HD1 PTR B 10 -2.48 -12.10 14.25
HD2 PTR B 10 -4.46 -14.76 11.52
HE1 PTR B 10 -4.69 -11.45 15.20
HE2 PTR B 10 -6.66 -14.15 12.48
HO2P PTR B 10 -8.68 -14.47 15.04
N SER B 11 -0.26 -14.52 15.21
CA SER B 11 -0.21 -15.44 16.33
C SER B 11 -1.61 -15.75 16.84
N PRO B 12 -1.90 -17.01 17.14
CA PRO B 12 -3.18 -17.45 17.69
C PRO B 12 -3.33 -17.04 19.16
N THR B 13 -2.27 -16.50 19.76
CA THR B 13 -2.26 -16.11 21.15
C THR B 13 -3.16 -14.89 21.38
N SER B 14 -4.23 -15.09 22.14
CA SER B 14 -5.15 -14.03 22.54
C SER B 14 -5.93 -14.47 23.78
N PRO B 15 -5.27 -14.55 24.94
CA PRO B 15 -5.84 -15.06 26.18
C PRO B 15 -7.13 -14.35 26.59
N SER B 16 -7.99 -15.10 27.30
CA SER B 16 -9.24 -14.59 27.83
C SER B 16 -8.96 -13.74 29.07
N HIS A 2 -0.10 16.08 -16.75
CA HIS A 2 -1.15 17.10 -16.63
C HIS A 2 -2.51 16.45 -16.38
N ARG A 3 -3.48 17.23 -15.88
CA ARG A 3 -4.81 16.74 -15.53
C ARG A 3 -5.78 16.74 -16.71
N VAL A 4 -5.40 17.31 -17.85
CA VAL A 4 -6.27 17.42 -19.01
C VAL A 4 -6.16 16.17 -19.90
N ILE A 5 -5.67 15.07 -19.33
CA ILE A 5 -5.51 13.82 -20.06
C ILE A 5 -6.87 13.22 -20.41
N ASN A 6 -6.91 12.32 -21.41
CA ASN A 6 -8.17 11.82 -21.95
C ASN A 6 -8.24 10.30 -21.99
N HIS A 7 -7.18 9.62 -21.56
CA HIS A 7 -7.13 8.16 -21.52
C HIS A 7 -8.25 7.63 -20.62
N PRO A 8 -8.74 6.39 -20.87
CA PRO A 8 -9.93 5.84 -20.26
C PRO A 8 -10.00 5.85 -18.74
N TYR A 9 -8.87 5.64 -18.05
CA TYR A 9 -8.84 5.61 -16.60
C TYR A 9 -8.50 6.95 -16.00
N TYR A 10 -8.23 7.95 -16.83
CA TYR A 10 -7.62 9.15 -16.35
C TYR A 10 -8.69 10.22 -16.20
N PHE A 11 -8.64 10.96 -15.09
CA PHE A 11 -9.65 11.93 -14.72
C PHE A 11 -9.00 13.23 -14.26
N PRO A 12 -9.61 14.38 -14.59
CA PRO A 12 -9.14 15.70 -14.20
C PRO A 12 -9.46 15.99 -12.74
N PHE A 13 -9.96 15.00 -12.00
CA PHE A 13 -10.41 15.16 -10.63
C PHE A 13 -9.26 15.52 -9.69
N ASN A 14 -9.63 16.23 -8.61
CA ASN A 14 -8.72 16.53 -7.53
C ASN A 14 -8.43 15.27 -6.72
N GLY A 15 -7.45 15.32 -5.80
CA GLY A 15 -7.08 14.14 -5.03
C GLY A 15 -8.26 13.58 -4.24
N LYS A 16 -8.95 14.45 -3.49
CA LYS A 16 -10.11 14.01 -2.71
C LYS A 16 -11.26 13.62 -3.63
N GLN A 17 -11.39 14.30 -4.78
CA GLN A 17 -12.48 14.02 -5.70
C GLN A 17 -12.27 12.66 -6.38
N ALA A 18 -11.02 12.32 -6.68
CA ALA A 18 -10.70 11.02 -7.25
C ALA A 18 -10.94 9.94 -6.22
N GLU A 19 -10.67 10.24 -4.94
CA GLU A 19 -10.94 9.30 -3.87
C GLU A 19 -12.44 9.10 -3.69
N ASP A 20 -13.20 10.20 -3.53
CA ASP A 20 -14.63 10.10 -3.32
C ASP A 20 -15.30 9.45 -4.53
N TYR A 21 -14.66 9.54 -5.71
CA TYR A 21 -15.14 8.86 -6.90
C TYR A 21 -14.94 7.36 -6.77
N LEU A 22 -13.67 6.92 -6.60
CA LEU A 22 -13.36 5.49 -6.54
C LEU A 22 -14.04 4.83 -5.35
N ARG A 23 -14.34 5.59 -4.29
CA ARG A 23 -15.05 5.03 -3.14
C ARG A 23 -16.37 4.41 -3.59
N SER A 24 -16.93 4.91 -4.70
CA SER A 24 -18.19 4.41 -5.25
C SER A 24 -17.97 3.24 -6.21
N LYS A 25 -16.70 2.83 -6.43
CA LYS A 25 -16.35 1.68 -7.25
C LYS A 25 -16.06 0.50 -6.32
N GLU A 26 -14.92 -0.18 -6.48
CA GLU A 26 -14.67 -1.45 -5.81
C GLU A 26 -13.27 -1.53 -5.22
N ARG A 27 -13.05 -2.56 -4.38
CA ARG A 27 -11.83 -2.70 -3.59
C ARG A 27 -10.58 -3.05 -4.41
N GLY A 28 -10.65 -2.84 -5.74
CA GLY A 28 -9.49 -2.92 -6.61
C GLY A 28 -9.68 -1.93 -7.76
N ASP A 29 -9.91 -0.64 -7.43
CA ASP A 29 -10.21 0.35 -8.46
C ASP A 29 -9.00 1.23 -8.75
N PHE A 30 -9.04 2.00 -9.84
CA PHE A 30 -7.98 2.93 -10.19
C PHE A 30 -8.46 4.05 -11.12
N VAL A 31 -8.02 5.28 -10.82
CA VAL A 31 -8.20 6.43 -11.71
C VAL A 31 -6.90 7.23 -11.75
N ILE A 32 -6.48 7.64 -12.94
CA ILE A 32 -5.30 8.48 -13.10
C ILE A 32 -5.68 9.94 -12.92
N ARG A 33 -4.80 10.71 -12.29
CA ARG A 33 -5.00 12.15 -12.09
C ARG A 33 -3.65 12.85 -12.00
N GLN A 34 -3.62 14.16 -12.17
CA GLN A 34 -2.42 14.95 -11.95
C GLN A 34 -1.99 14.86 -10.47
N SER A 35 -0.67 14.91 -10.25
CA SER A 35 -0.08 14.86 -8.92
C SER A 35 -0.09 16.24 -8.27
N SER A 36 0.09 16.26 -6.94
CA SER A 36 0.14 17.51 -6.18
C SER A 36 1.41 18.30 -6.51
N ARG A 37 2.37 17.70 -7.22
CA ARG A 37 3.66 18.33 -7.50
C ARG A 37 3.63 19.21 -8.74
N GLY A 38 2.77 18.94 -9.73
CA GLY A 38 2.71 19.78 -10.92
C GLY A 38 2.23 19.03 -12.17
N ASP A 39 2.22 19.75 -13.30
CA ASP A 39 1.76 19.22 -14.58
C ASP A 39 2.69 18.14 -15.12
N ASP A 40 3.95 18.14 -14.66
CA ASP A 40 4.92 17.13 -15.05
C ASP A 40 4.83 15.91 -14.14
N HIS A 41 3.77 15.82 -13.32
CA HIS A 41 3.61 14.72 -12.40
C HIS A 41 2.17 14.22 -12.39
N LEU A 42 2.01 12.90 -12.38
CA LEU A 42 0.70 12.26 -12.36
C LEU A 42 0.61 11.34 -11.14
N ALA A 43 -0.60 10.86 -10.88
CA ALA A 43 -0.86 9.99 -9.76
C ALA A 43 -1.96 8.99 -10.12
N ILE A 44 -1.78 7.72 -9.74
CA ILE A 44 -2.83 6.73 -9.88
C ILE A 44 -3.49 6.57 -8.52
N THR A 45 -4.80 6.79 -8.44
CA THR A 45 -5.53 6.66 -7.19
C THR A 45 -6.36 5.39 -7.25
N TRP A 46 -6.03 4.44 -6.38
CA TRP A 46 -6.59 3.10 -6.36
C TRP A 46 -7.45 2.88 -5.13
N LYS A 47 -8.59 2.19 -5.25
CA LYS A 47 -9.46 1.89 -4.11
C LYS A 47 -9.10 0.53 -3.54
N LEU A 48 -8.92 0.50 -2.21
CA LEU A 48 -8.60 -0.68 -1.42
C LEU A 48 -9.82 -1.19 -0.64
N ASP A 49 -10.75 -0.28 -0.30
CA ASP A 49 -11.94 -0.61 0.46
C ASP A 49 -12.94 0.52 0.34
N LYS A 50 -14.16 0.30 0.86
CA LYS A 50 -15.23 1.29 0.84
C LYS A 50 -14.72 2.65 1.32
N ASP A 51 -13.79 2.65 2.28
CA ASP A 51 -13.29 3.87 2.91
C ASP A 51 -11.76 3.86 2.96
N LEU A 52 -11.10 3.49 1.85
CA LEU A 52 -9.66 3.45 1.79
C LEU A 52 -9.18 3.42 0.34
N PHE A 53 -7.98 3.95 0.09
CA PHE A 53 -7.44 4.12 -1.23
C PHE A 53 -5.92 4.11 -1.17
N GLN A 54 -5.28 4.38 -2.31
CA GLN A 54 -3.83 4.50 -2.43
C GLN A 54 -3.52 5.46 -3.58
N HIS A 55 -2.54 6.33 -3.41
CA HIS A 55 -2.05 7.18 -4.49
C HIS A 55 -0.62 6.76 -4.82
N VAL A 56 -0.29 6.73 -6.12
CA VAL A 56 1.05 6.40 -6.59
C VAL A 56 1.54 7.48 -7.54
N ASP A 57 2.63 8.16 -7.14
CA ASP A 57 3.22 9.27 -7.88
C ASP A 57 3.93 8.82 -9.15
N ILE A 58 3.91 9.68 -10.17
CA ILE A 58 4.49 9.45 -11.48
C ILE A 58 5.19 10.71 -11.96
N GLN A 59 6.37 10.56 -12.56
CA GLN A 59 7.12 11.68 -13.13
C GLN A 59 7.01 11.64 -14.64
N GLU A 60 6.72 12.78 -15.27
CA GLU A 60 6.72 12.88 -16.72
C GLU A 60 8.09 13.40 -17.17
N LEU A 61 8.79 12.63 -18.00
CA LEU A 61 10.01 13.08 -18.64
C LEU A 61 9.78 13.20 -20.15
N GLU A 62 10.75 13.78 -20.87
CA GLU A 62 10.67 14.00 -22.31
C GLU A 62 9.38 14.73 -22.69
N LYS A 63 9.39 16.07 -22.63
CA LYS A 63 8.25 16.87 -23.05
C LYS A 63 8.72 18.21 -23.64
N GLU A 64 7.91 18.73 -24.56
CA GLU A 64 8.19 19.96 -25.28
C GLU A 64 7.91 21.17 -24.38
N ASN A 65 6.87 21.06 -23.55
CA ASN A 65 6.46 22.09 -22.60
C ASN A 65 5.78 21.39 -21.43
N PRO A 66 5.79 21.99 -20.23
CA PRO A 66 5.21 21.38 -19.05
C PRO A 66 3.73 21.00 -19.22
N LEU A 67 3.01 21.75 -20.06
CA LEU A 67 1.60 21.48 -20.31
C LEU A 67 1.43 20.27 -21.22
N ALA A 68 2.48 19.89 -21.93
CA ALA A 68 2.43 18.73 -22.81
C ALA A 68 2.72 17.46 -22.02
N LEU A 69 2.19 16.33 -22.51
CA LEU A 69 2.38 15.04 -21.85
C LEU A 69 3.79 14.53 -22.12
N GLY A 70 4.45 14.02 -21.07
CA GLY A 70 5.76 13.42 -21.22
C GLY A 70 5.67 12.15 -22.05
N LYS A 71 6.64 11.96 -22.96
CA LYS A 71 6.74 10.77 -23.79
C LYS A 71 7.28 9.61 -22.94
N VAL A 72 7.56 9.94 -21.69
CA VAL A 72 8.06 9.03 -20.66
C VAL A 72 7.25 9.21 -19.39
N LEU A 73 7.08 8.09 -18.69
CA LEU A 73 6.49 8.05 -17.36
C LEU A 73 7.41 7.24 -16.46
N VAL A 74 8.01 7.90 -15.46
CA VAL A 74 8.84 7.24 -14.47
C VAL A 74 8.07 7.03 -13.17
N VAL A 75 8.18 5.82 -12.60
CA VAL A 75 7.59 5.48 -11.32
C VAL A 75 8.63 4.71 -10.51
N GLU A 76 8.99 5.24 -9.33
CA GLU A 76 10.03 4.66 -8.49
C GLU A 76 11.32 4.40 -9.29
N GLY A 77 11.56 5.22 -10.32
CA GLY A 77 12.76 5.15 -11.15
C GLY A 77 12.59 4.26 -12.37
N GLN A 78 11.37 3.79 -12.67
CA GLN A 78 11.15 2.89 -13.79
C GLN A 78 10.45 3.62 -14.93
N ARG A 79 11.16 3.78 -16.04
CA ARG A 79 10.70 4.47 -17.24
C ARG A 79 9.76 3.60 -18.07
N TYR A 80 8.71 4.23 -18.60
CA TYR A 80 7.76 3.61 -19.50
C TYR A 80 7.31 4.63 -20.55
N HIS A 81 6.72 4.14 -21.64
CA HIS A 81 6.35 4.96 -22.79
C HIS A 81 5.05 5.73 -22.61
N ASP A 82 4.20 5.30 -21.68
CA ASP A 82 2.86 5.87 -21.53
C ASP A 82 2.23 5.40 -20.22
N LEU A 83 1.18 6.11 -19.79
CA LEU A 83 0.42 5.79 -18.60
C LEU A 83 -0.22 4.40 -18.70
N ASP A 84 -0.62 3.97 -19.89
CA ASP A 84 -1.18 2.64 -20.06
C ASP A 84 -0.12 1.56 -19.82
N GLN A 85 1.16 1.87 -20.02
CA GLN A 85 2.20 0.90 -19.72
C GLN A 85 2.42 0.84 -18.21
N ILE A 86 2.42 2.01 -17.53
CA ILE A 86 2.67 1.98 -16.11
C ILE A 86 1.45 1.39 -15.40
N ILE A 87 0.25 1.61 -15.94
CA ILE A 87 -0.92 1.07 -15.28
C ILE A 87 -0.94 -0.45 -15.45
N VAL A 88 -0.68 -1.01 -16.63
CA VAL A 88 -0.69 -2.46 -16.73
C VAL A 88 0.48 -3.05 -15.97
N GLU A 89 1.66 -2.44 -16.07
CA GLU A 89 2.85 -2.91 -15.37
C GLU A 89 2.63 -2.82 -13.87
N TYR A 90 2.39 -1.62 -13.32
CA TYR A 90 2.26 -1.49 -11.89
C TYR A 90 0.98 -2.11 -11.35
N LEU A 91 -0.15 -2.03 -12.06
CA LEU A 91 -1.36 -2.63 -11.52
C LEU A 91 -1.23 -4.13 -11.48
N GLN A 92 -0.87 -4.77 -12.60
CA GLN A 92 -0.87 -6.22 -12.61
C GLN A 92 0.17 -6.76 -11.64
N ASN A 93 1.32 -6.09 -11.52
CA ASN A 93 2.33 -6.49 -10.54
C ASN A 93 1.88 -6.19 -9.10
N LYS A 94 1.17 -5.07 -8.88
CA LYS A 94 0.65 -4.72 -7.56
C LYS A 94 -0.47 -5.66 -7.15
N ILE A 95 -1.37 -6.00 -8.09
CA ILE A 95 -2.49 -6.88 -7.82
C ILE A 95 -1.98 -8.30 -7.60
N ARG A 96 -0.90 -8.68 -8.30
CA ARG A 96 -0.25 -9.98 -8.08
C ARG A 96 0.28 -10.02 -6.65
N LEU A 97 0.93 -8.93 -6.22
CA LEU A 97 1.47 -8.85 -4.88
C LEU A 97 0.35 -8.87 -3.85
N LEU A 98 -0.81 -8.29 -4.23
CA LEU A 98 -1.97 -8.25 -3.35
C LEU A 98 -2.57 -9.63 -3.20
N ASN A 99 -2.49 -10.48 -4.23
CA ASN A 99 -3.00 -11.85 -4.13
C ASN A 99 -2.08 -12.70 -3.27
N GLU A 100 -0.76 -12.52 -3.39
CA GLU A 100 0.15 -13.33 -2.62
C GLU A 100 0.16 -12.86 -1.16
N LEU A 101 0.05 -11.56 -0.92
CA LEU A 101 0.02 -11.05 0.43
C LEU A 101 -1.30 -11.37 1.12
N THR A 102 -2.42 -11.29 0.40
CA THR A 102 -3.71 -11.63 0.99
C THR A 102 -3.79 -13.13 1.24
N SER A 103 -3.06 -13.90 0.44
CA SER A 103 -2.95 -15.34 0.59
C SER A 103 -2.03 -15.70 1.76
N ASN A 104 -1.26 -14.75 2.28
CA ASN A 104 -0.30 -15.00 3.34
C ASN A 104 -0.98 -15.26 4.69
N GLU A 105 -0.37 -16.10 5.52
CA GLU A 105 -0.93 -16.47 6.81
C GLU A 105 -0.90 -15.28 7.77
N LYS A 106 0.09 -14.40 7.63
CA LYS A 106 0.20 -13.20 8.43
C LYS A 106 -0.75 -12.08 7.97
N PHE A 107 -1.56 -12.27 6.93
CA PHE A 107 -2.41 -11.18 6.48
C PHE A 107 -3.74 -11.15 7.23
N LYS A 108 -4.10 -9.97 7.75
CA LYS A 108 -5.37 -9.73 8.41
C LYS A 108 -6.44 -9.35 7.39
N ALA A 109 -7.69 -9.24 7.88
CA ALA A 109 -8.89 -9.13 7.07
C ALA A 109 -8.73 -8.31 5.79
N GLY A 110 -8.49 -7.00 5.93
CA GLY A 110 -8.30 -6.15 4.76
C GLY A 110 -8.69 -4.69 4.99
N THR A 111 -9.48 -4.40 6.04
CA THR A 111 -9.83 -3.02 6.35
C THR A 111 -9.84 -2.76 7.85
N LYS A 112 -9.67 -1.48 8.22
CA LYS A 112 -9.43 -1.01 9.57
C LYS A 112 -10.26 -1.71 10.64
N LYS A 113 -11.58 -1.66 10.50
CA LYS A 113 -12.49 -2.29 11.44
C LYS A 113 -12.33 -3.81 11.44
N GLU A 114 -12.16 -4.40 10.28
CA GLU A 114 -12.11 -5.84 10.21
C GLU A 114 -10.82 -6.37 10.81
N VAL A 115 -9.69 -5.75 10.46
CA VAL A 115 -8.39 -6.17 10.96
C VAL A 115 -8.28 -5.88 12.46
N VAL A 116 -8.88 -4.78 12.93
CA VAL A 116 -8.81 -4.47 14.36
C VAL A 116 -9.66 -5.47 15.14
N LYS A 117 -10.82 -5.87 14.59
CA LYS A 117 -11.67 -6.87 15.19
C LYS A 117 -11.04 -8.26 15.11
N PHE A 118 -10.33 -8.57 14.03
CA PHE A 118 -9.72 -9.88 13.88
C PHE A 118 -8.49 -10.00 14.77
N ILE A 119 -7.65 -8.95 14.85
CA ILE A 119 -6.45 -9.03 15.67
C ILE A 119 -6.83 -8.99 17.15
N GLU A 120 -7.85 -8.22 17.53
CA GLU A 120 -8.23 -8.17 18.93
C GLU A 120 -8.87 -9.51 19.28
N ASP A 121 -9.75 -10.04 18.42
CA ASP A 121 -10.39 -11.33 18.69
C ASP A 121 -9.35 -12.44 18.77
N TYR A 122 -8.35 -12.39 17.88
CA TYR A 122 -7.32 -13.40 17.86
C TYR A 122 -6.43 -13.26 19.09
N SER A 123 -6.27 -12.04 19.60
CA SER A 123 -5.41 -11.80 20.75
C SER A 123 -6.13 -12.11 22.06
N LYS A 124 -7.40 -11.70 22.16
CA LYS A 124 -8.19 -11.90 23.39
C LYS A 124 -8.59 -13.35 23.58
N VAL A 125 -8.74 -14.10 22.49
CA VAL A 125 -9.01 -15.53 22.58
C VAL A 125 -7.73 -16.31 22.81
N ASN A 126 -6.59 -15.68 22.56
CA ASN A 126 -5.30 -16.32 22.76
C ASN A 126 -4.40 -15.44 23.64
N PRO A 127 -4.84 -15.10 24.87
CA PRO A 127 -4.17 -14.15 25.74
C PRO A 127 -2.82 -14.67 26.25
N LYS A 128 -2.39 -15.85 25.81
CA LYS A 128 -1.09 -16.39 26.18
C LYS A 128 -0.16 -16.49 24.98
N LYS A 129 -0.68 -16.24 23.77
CA LYS A 129 0.11 -16.30 22.55
C LYS A 129 0.35 -14.90 21.99
N SER A 130 1.44 -14.77 21.23
CA SER A 130 1.78 -13.52 20.57
C SER A 130 1.00 -13.40 19.26
N VAL A 131 0.90 -12.18 18.74
CA VAL A 131 0.13 -11.89 17.55
C VAL A 131 0.91 -10.99 16.60
N TYR A 132 0.91 -11.30 15.30
CA TYR A 132 1.57 -10.47 14.30
C TYR A 132 0.85 -10.62 12.96
N TYR A 133 0.38 -9.50 12.40
CA TYR A 133 -0.26 -9.53 11.09
C TYR A 133 -0.01 -8.29 10.23
N PHE A 134 -0.14 -8.48 8.91
CA PHE A 134 -0.01 -7.47 7.88
C PHE A 134 -1.38 -7.19 7.29
N SER A 135 -1.71 -5.92 7.03
CA SER A 135 -2.92 -5.60 6.27
C SER A 135 -2.80 -4.21 5.67
N LEU A 136 -3.85 -3.72 5.00
CA LEU A 136 -3.82 -2.38 4.43
C LEU A 136 -3.86 -1.35 5.55
N ASN A 137 -3.01 -0.32 5.46
CA ASN A 137 -3.00 0.75 6.45
C ASN A 137 -4.19 1.68 6.19
N TYR A 138 -4.71 2.30 7.26
CA TYR A 138 -5.94 3.07 7.19
C TYR A 138 -5.76 4.54 7.55
N GLU A 139 -4.57 4.97 7.98
CA GLU A 139 -4.27 6.37 8.22
C GLU A 139 -3.13 6.84 7.31
N ASN A 140 -2.66 5.93 6.45
CA ASN A 140 -1.61 6.15 5.47
C ASN A 140 -1.91 5.29 4.23
N PRO A 141 -2.81 5.75 3.34
CA PRO A 141 -3.20 5.03 2.15
C PRO A 141 -1.99 4.82 1.24
N GLY A 142 -1.76 3.56 0.84
CA GLY A 142 -0.59 3.18 0.04
C GLY A 142 0.44 2.43 0.87
N TRP A 143 0.15 2.17 2.15
CA TRP A 143 1.01 1.42 3.05
C TRP A 143 0.28 0.22 3.63
N PHE A 144 1.04 -0.77 4.11
CA PHE A 144 0.50 -1.90 4.85
C PHE A 144 0.81 -1.72 6.33
N TYR A 145 -0.16 -2.08 7.18
CA TYR A 145 0.00 -2.03 8.61
C TYR A 145 0.57 -3.37 9.10
N LEU A 146 1.45 -3.32 10.09
CA LEU A 146 2.13 -4.51 10.58
C LEU A 146 1.99 -4.59 12.09
N ILE A 147 0.82 -5.04 12.55
CA ILE A 147 0.48 -5.11 13.98
C ILE A 147 1.23 -6.24 14.68
N PHE A 148 1.65 -6.00 15.93
CA PHE A 148 2.29 -6.98 16.78
C PHE A 148 1.88 -6.78 18.26
N LYS A 149 1.56 -7.89 18.94
CA LYS A 149 1.20 -7.91 20.35
C LYS A 149 1.78 -9.16 20.99
N LEU A 150 2.19 -9.09 22.25
CA LEU A 150 2.76 -10.27 22.91
C LEU A 150 1.65 -11.18 23.45
N ASN A 151 0.46 -10.62 23.68
CA ASN A 151 -0.71 -11.29 24.26
C ASN A 151 -1.96 -10.48 23.93
N ALA A 152 -3.06 -10.75 24.65
CA ALA A 152 -4.34 -10.06 24.45
C ALA A 152 -4.24 -8.56 24.71
N GLU A 153 -3.37 -8.12 25.63
CA GLU A 153 -3.30 -6.72 26.00
C GLU A 153 -1.86 -6.20 25.94
N SER A 154 -0.91 -7.04 25.54
CA SER A 154 0.50 -6.70 25.52
C SER A 154 0.86 -5.82 24.34
N LYS A 155 0.68 -4.51 24.51
CA LYS A 155 0.96 -3.48 23.51
C LYS A 155 0.31 -3.76 22.17
N LEU A 156 0.61 -2.86 21.22
CA LEU A 156 0.13 -2.96 19.85
C LEU A 156 1.08 -2.20 18.93
N TYR A 157 2.20 -2.85 18.58
CA TYR A 157 3.20 -2.21 17.73
C TYR A 157 2.78 -2.38 16.27
N ILE A 158 2.50 -1.27 15.59
CA ILE A 158 2.12 -1.32 14.19
C ILE A 158 3.16 -0.62 13.33
N TRP A 159 4.00 -1.40 12.64
CA TRP A 159 4.94 -0.81 11.71
C TRP A 159 4.24 -0.67 10.36
N ASN A 160 4.91 -0.05 9.40
CA ASN A 160 4.30 0.27 8.11
C ASN A 160 5.26 0.10 6.95
N VAL A 161 4.76 -0.41 5.82
CA VAL A 161 5.54 -0.59 4.61
C VAL A 161 4.77 -0.11 3.40
N LYS A 162 5.41 0.65 2.52
CA LYS A 162 4.76 1.20 1.34
C LYS A 162 4.54 0.11 0.31
N LEU A 163 3.40 0.13 -0.37
CA LEU A 163 3.13 -0.82 -1.42
C LEU A 163 3.69 -0.30 -2.74
N THR A 164 4.19 -1.23 -3.57
CA THR A 164 4.68 -0.91 -4.90
C THR A 164 4.63 -2.15 -5.78
N HIS A 165 4.72 -1.95 -7.10
CA HIS A 165 4.74 -3.03 -8.06
C HIS A 165 6.04 -3.82 -7.91
N THR A 166 7.06 -3.18 -7.30
CA THR A 166 8.34 -3.80 -7.04
C THR A 166 8.27 -4.62 -5.75
N GLY A 167 7.15 -4.56 -5.04
CA GLY A 167 6.97 -5.29 -3.79
C GLY A 167 6.55 -4.38 -2.64
N PHE A 168 7.19 -4.58 -1.48
CA PHE A 168 6.96 -3.76 -0.31
C PHE A 168 8.21 -2.94 0.00
N PHE A 169 8.06 -1.63 0.25
CA PHE A 169 9.20 -0.79 0.53
C PHE A 169 9.28 -0.44 2.02
N LEU A 170 10.49 -0.58 2.58
CA LEU A 170 10.75 -0.30 3.98
C LEU A 170 12.19 0.19 4.13
N VAL A 171 12.39 1.26 4.92
CA VAL A 171 13.67 1.91 5.14
C VAL A 171 14.27 2.42 3.82
N ASN A 172 14.92 1.55 3.05
CA ASN A 172 15.56 1.91 1.80
C ASN A 172 15.57 0.75 0.79
N TYR A 173 14.77 -0.29 1.04
CA TYR A 173 14.78 -1.47 0.19
C TYR A 173 13.38 -2.01 -0.10
N ASN A 174 13.21 -2.64 -1.26
CA ASN A 174 11.95 -3.24 -1.68
C ASN A 174 12.02 -4.76 -1.58
N TYR A 175 10.96 -5.37 -1.02
CA TYR A 175 10.85 -6.82 -0.93
C TYR A 175 9.83 -7.27 -1.98
N PRO A 176 10.28 -7.98 -3.04
CA PRO A 176 9.50 -8.29 -4.22
C PRO A 176 8.33 -9.25 -3.97
N THR A 177 8.27 -9.83 -2.77
CA THR A 177 7.21 -10.76 -2.41
C THR A 177 6.95 -10.70 -0.91
N VAL A 178 5.74 -11.08 -0.51
CA VAL A 178 5.35 -11.03 0.90
C VAL A 178 6.24 -11.94 1.74
N ILE A 179 6.80 -12.98 1.12
CA ILE A 179 7.67 -13.89 1.85
C ILE A 179 8.97 -13.17 2.18
N GLN A 180 9.49 -12.39 1.24
CA GLN A 180 10.70 -11.62 1.44
C GLN A 180 10.43 -10.46 2.40
N LEU A 181 9.19 -9.94 2.41
CA LEU A 181 8.82 -8.92 3.37
C LEU A 181 8.89 -9.51 4.77
N CYS A 182 8.46 -10.77 4.93
CA CYS A 182 8.52 -11.44 6.22
C CYS A 182 9.97 -11.63 6.64
N ASN A 183 10.84 -12.02 5.70
CA ASN A 183 12.26 -12.17 5.98
C ASN A 183 12.86 -10.80 6.34
N GLY A 184 12.36 -9.74 5.70
CA GLY A 184 12.83 -8.38 5.93
C GLY A 184 12.41 -7.88 7.31
N PHE A 185 11.16 -8.14 7.68
CA PHE A 185 10.60 -7.73 8.95
C PHE A 185 11.40 -8.35 10.08
N LYS A 186 11.75 -9.63 9.92
CA LYS A 186 12.56 -10.41 10.85
C LYS A 186 14.01 -9.97 10.87
N THR A 187 14.65 -9.89 9.70
CA THR A 187 16.05 -9.46 9.67
C THR A 187 16.19 -8.04 10.22
N LEU A 188 15.10 -7.27 10.20
CA LEU A 188 15.10 -5.91 10.71
C LEU A 188 15.03 -5.92 12.23
N LEU A 189 14.15 -6.74 12.83
CA LEU A 189 14.12 -6.85 14.28
C LEU A 189 15.39 -7.52 14.82
N LYS A 190 16.15 -8.16 13.94
CA LYS A 190 17.39 -8.84 14.34
C LYS A 190 18.59 -7.91 14.14
N SER A 191 18.55 -7.08 13.09
CA SER A 191 19.57 -6.10 12.83
C SER A 191 19.46 -4.94 13.81
N SER A 192 18.22 -4.55 14.15
CA SER A 192 17.99 -3.49 15.12
C SER A 192 18.33 -3.99 16.52
N ASN A 193 18.19 -5.29 16.79
CA ASN A 193 18.59 -5.87 18.06
C ASN A 193 20.11 -6.04 18.08
N THR A 194 20.73 -6.16 16.90
CA THR A 194 22.19 -6.26 16.81
C THR A 194 22.81 -4.89 17.10
N ARG A 195 22.08 -3.82 16.80
CA ARG A 195 22.51 -2.47 17.13
C ARG A 195 22.14 -2.12 18.57
N ASN A 196 20.94 -2.53 19.00
CA ASN A 196 20.40 -2.26 20.32
C ASN A 196 20.69 -0.81 20.74
N PRO B 1 2.30 9.87 7.39
CA PRO B 1 1.73 11.18 7.05
C PRO B 1 1.23 11.26 5.60
N SER B 2 0.48 10.24 5.16
CA SER B 2 -0.13 10.12 3.84
C SER B 2 0.84 10.11 2.67
N PTR B 3 2.08 10.60 2.84
CA PTR B 3 3.10 10.51 1.80
C PTR B 3 4.41 9.99 2.41
O PTR B 3 5.46 10.07 1.76
CB PTR B 3 3.29 11.88 1.12
CG PTR B 3 2.29 12.21 0.04
CD1 PTR B 3 1.03 12.72 0.36
CD2 PTR B 3 2.62 12.00 -1.31
CE1 PTR B 3 0.11 13.05 -0.65
CE2 PTR B 3 1.72 12.33 -2.33
CZ PTR B 3 0.45 12.86 -2.01
OH PTR B 3 -0.45 13.21 -2.93
P PTR B 3 -0.22 13.13 -4.52
O1P PTR B 3 0.98 13.91 -4.87
O2P PTR B 3 -1.51 13.48 -5.16
O3P PTR B 3 0.07 11.59 -4.90
H PTR B 3 2.32 11.04 3.70
HA PTR B 3 2.78 9.80 1.04
HB2 PTR B 3 3.27 12.66 1.88
HB3 PTR B 3 4.28 11.90 0.66
HD1 PTR B 3 0.75 12.88 1.40
HD2 PTR B 3 3.59 11.59 -1.56
HE1 PTR B 3 -0.86 13.45 -0.40
HE2 PTR B 3 2.01 12.17 -3.36
HO3P PTR B 3 0.96 11.47 -5.25
N SER B 4 4.36 9.43 3.62
CA SER B 4 5.52 8.86 4.27
C SER B 4 5.08 8.01 5.46
N PRO B 5 5.83 6.94 5.80
CA PRO B 5 5.57 6.11 6.95
C PRO B 5 6.00 6.83 8.23
N THR B 6 5.54 6.34 9.39
CA THR B 6 5.96 6.85 10.69
C THR B 6 5.57 5.84 11.76
N SER B 7 6.52 4.99 12.17
CA SER B 7 6.32 4.02 13.24
C SER B 7 7.65 3.35 13.58
N PRO B 8 7.86 2.95 14.85
CA PRO B 8 9.05 2.23 15.28
C PRO B 8 9.10 0.82 14.69
N SER B 9 10.28 0.19 14.78
CA SER B 9 10.55 -1.12 14.21
C SER B 9 9.84 -2.24 14.98
N PTR B 10 9.67 -3.37 14.27
CA PTR B 10 9.14 -4.62 14.83
C PTR B 10 10.04 -5.04 15.99
O PTR B 10 11.27 -5.09 15.85
CB PTR B 10 9.15 -5.63 13.69
CG PTR B 10 8.59 -7.03 13.92
CD1 PTR B 10 7.83 -7.36 15.06
CD2 PTR B 10 8.85 -8.01 12.96
CE1 PTR B 10 7.33 -8.67 15.21
CE2 PTR B 10 8.35 -9.31 13.10
CZ PTR B 10 7.59 -9.66 14.23
OH PTR B 10 7.10 -10.87 14.42
P PTR B 10 7.22 -12.06 13.34
O1P PTR B 10 6.36 -11.72 12.18
O2P PTR B 10 6.57 -13.37 13.99
O3P PTR B 10 8.65 -12.38 13.11
H PTR B 10 9.91 -3.37 13.30
HA PTR B 10 8.12 -4.46 15.18
HB2 PTR B 10 8.59 -5.20 12.87
HB3 PTR B 10 10.19 -5.75 13.34
HD1 PTR B 10 7.61 -6.61 15.81
HD2 PTR B 10 9.44 -7.75 12.09
HE1 PTR B 10 6.77 -8.91 16.09
HE2 PTR B 10 8.57 -10.04 12.34
HO2P PTR B 10 5.69 -13.22 14.31
N SER B 11 9.44 -5.35 17.14
CA SER B 11 10.19 -5.80 18.32
C SER B 11 10.78 -7.17 18.06
N PRO B 12 11.93 -7.49 18.67
CA PRO B 12 12.62 -8.75 18.46
C PRO B 12 11.82 -9.93 18.99
N THR B 13 11.66 -10.95 18.14
CA THR B 13 10.98 -12.18 18.48
C THR B 13 11.38 -13.25 17.47
N SER B 14 11.31 -14.52 17.86
CA SER B 14 11.75 -15.67 17.07
C SER B 14 13.25 -15.63 16.78
N PRO B 15 13.89 -16.79 16.54
CA PRO B 15 15.32 -16.88 16.29
C PRO B 15 15.69 -16.26 14.94
N SER B 16 14.72 -16.17 14.01
CA SER B 16 14.93 -15.58 12.69
C SER B 16 15.00 -14.07 12.81
N HIS A 2 -21.54 17.05 -11.15
CA HIS A 2 -20.59 15.93 -11.22
C HIS A 2 -19.21 16.40 -11.66
N ARG A 3 -18.16 15.75 -11.17
CA ARG A 3 -16.79 16.06 -11.54
C ARG A 3 -16.52 15.55 -12.96
N VAL A 4 -15.88 16.40 -13.79
CA VAL A 4 -15.50 16.06 -15.14
C VAL A 4 -14.17 16.75 -15.45
N ILE A 5 -13.43 16.21 -16.43
CA ILE A 5 -12.14 16.74 -16.85
C ILE A 5 -11.85 16.26 -18.28
N ASN A 6 -11.08 17.06 -19.04
CA ASN A 6 -10.76 16.74 -20.43
C ASN A 6 -9.45 15.98 -20.57
N HIS A 7 -8.76 15.76 -19.45
CA HIS A 7 -7.45 15.11 -19.42
C HIS A 7 -7.49 13.73 -20.09
N PRO A 8 -6.50 13.41 -20.94
CA PRO A 8 -6.46 12.16 -21.69
C PRO A 8 -6.49 10.90 -20.82
N TYR A 9 -6.19 11.01 -19.53
CA TYR A 9 -6.20 9.87 -18.63
C TYR A 9 -7.44 9.86 -17.75
N TYR A 10 -8.38 10.80 -17.95
CA TYR A 10 -9.63 10.79 -17.21
C TYR A 10 -10.51 9.63 -17.65
N PHE A 11 -11.21 9.03 -16.68
CA PHE A 11 -12.23 8.04 -16.94
C PHE A 11 -13.34 8.25 -15.91
N PRO A 12 -14.57 8.54 -16.37
CA PRO A 12 -15.72 8.80 -15.50
C PRO A 12 -16.23 7.50 -14.88
N PHE A 13 -15.54 6.39 -15.15
CA PHE A 13 -15.90 5.08 -14.66
C PHE A 13 -15.98 5.04 -13.15
N ASN A 14 -16.70 4.05 -12.64
CA ASN A 14 -16.79 3.78 -11.22
C ASN A 14 -15.41 3.37 -10.71
N GLY A 15 -15.17 3.44 -9.40
CA GLY A 15 -13.86 3.11 -8.87
C GLY A 15 -13.46 1.68 -9.24
N LYS A 16 -14.41 0.75 -9.12
CA LYS A 16 -14.17 -0.64 -9.44
C LYS A 16 -14.00 -0.82 -10.96
N GLN A 17 -14.71 0.00 -11.73
CA GLN A 17 -14.67 -0.08 -13.19
C GLN A 17 -13.36 0.51 -13.73
N ALA A 18 -12.87 1.58 -13.10
CA ALA A 18 -11.58 2.15 -13.44
C ALA A 18 -10.50 1.14 -13.10
N GLU A 19 -10.72 0.38 -12.01
CA GLU A 19 -9.81 -0.66 -11.57
C GLU A 19 -9.80 -1.85 -12.53
N ASP A 20 -10.97 -2.41 -12.87
CA ASP A 20 -11.04 -3.50 -13.83
C ASP A 20 -10.51 -3.07 -15.20
N TYR A 21 -10.59 -1.77 -15.51
CA TYR A 21 -10.08 -1.27 -16.77
C TYR A 21 -8.56 -1.32 -16.80
N LEU A 22 -7.91 -0.71 -15.80
CA LEU A 22 -6.46 -0.64 -15.74
C LEU A 22 -5.83 -2.01 -15.53
N ARG A 23 -6.59 -2.97 -15.02
CA ARG A 23 -6.08 -4.33 -14.90
C ARG A 23 -5.67 -4.86 -16.27
N SER A 24 -6.26 -4.33 -17.34
CA SER A 24 -5.98 -4.73 -18.71
C SER A 24 -4.89 -3.89 -19.35
N LYS A 25 -4.27 -2.95 -18.61
CA LYS A 25 -3.20 -2.13 -19.15
C LYS A 25 -1.84 -2.79 -18.92
N GLU A 26 -1.13 -2.38 -17.86
CA GLU A 26 0.23 -2.84 -17.59
C GLU A 26 0.52 -2.73 -16.10
N ARG A 27 1.68 -3.20 -15.66
CA ARG A 27 2.03 -3.28 -14.24
C ARG A 27 2.30 -1.89 -13.63
N GLY A 28 2.28 -0.84 -14.43
CA GLY A 28 2.35 0.52 -13.93
C GLY A 28 1.40 1.38 -14.73
N ASP A 29 0.16 1.57 -14.24
CA ASP A 29 -0.84 2.32 -14.99
C ASP A 29 -1.59 3.29 -14.08
N PHE A 30 -2.21 4.32 -14.66
CA PHE A 30 -2.95 5.30 -13.87
C PHE A 30 -4.09 5.89 -14.68
N VAL A 31 -5.25 6.08 -14.02
CA VAL A 31 -6.40 6.74 -14.62
C VAL A 31 -6.99 7.73 -13.62
N ILE A 32 -7.42 8.90 -14.11
CA ILE A 32 -7.99 9.94 -13.26
C ILE A 32 -9.50 9.71 -13.22
N ARG A 33 -10.11 9.81 -12.04
CA ARG A 33 -11.50 9.40 -11.87
C ARG A 33 -12.24 10.21 -10.82
N GLN A 34 -13.46 10.66 -11.18
CA GLN A 34 -14.32 11.44 -10.32
C GLN A 34 -14.57 10.77 -8.96
N SER A 35 -14.41 11.55 -7.88
CA SER A 35 -14.59 11.03 -6.54
C SER A 35 -16.07 11.10 -6.14
N SER A 36 -16.51 10.15 -5.30
CA SER A 36 -17.87 10.15 -4.78
C SER A 36 -18.02 11.14 -3.63
N ARG A 37 -16.92 11.79 -3.23
CA ARG A 37 -16.93 12.77 -2.15
C ARG A 37 -17.48 14.12 -2.62
N GLY A 38 -17.55 14.35 -3.94
CA GLY A 38 -18.14 15.56 -4.46
C GLY A 38 -17.44 16.05 -5.74
N ASP A 39 -18.00 17.09 -6.36
CA ASP A 39 -17.43 17.66 -7.58
C ASP A 39 -16.12 18.39 -7.30
N ASP A 40 -15.84 18.66 -6.02
CA ASP A 40 -14.58 19.27 -5.60
C ASP A 40 -13.56 18.20 -5.23
N HIS A 41 -13.84 16.94 -5.60
CA HIS A 41 -12.94 15.84 -5.32
C HIS A 41 -12.78 14.94 -6.54
N LEU A 42 -11.56 14.48 -6.74
CA LEU A 42 -11.18 13.63 -7.86
C LEU A 42 -10.26 12.56 -7.31
N ALA A 43 -10.00 11.51 -8.09
CA ALA A 43 -9.10 10.44 -7.67
C ALA A 43 -8.23 9.99 -8.83
N ILE A 44 -7.19 9.22 -8.50
CA ILE A 44 -6.37 8.54 -9.49
C ILE A 44 -6.29 7.08 -9.09
N THR A 45 -6.61 6.17 -10.01
CA THR A 45 -6.45 4.75 -9.74
C THR A 45 -5.22 4.27 -10.48
N TRP A 46 -4.22 3.81 -9.73
CA TRP A 46 -2.95 3.39 -10.26
C TRP A 46 -2.75 1.89 -10.07
N LYS A 47 -2.27 1.23 -11.13
CA LYS A 47 -2.15 -0.21 -11.22
C LYS A 47 -0.72 -0.61 -10.88
N LEU A 48 -0.60 -1.54 -9.92
CA LEU A 48 0.66 -2.02 -9.38
C LEU A 48 1.09 -3.32 -10.05
N ASP A 49 0.13 -4.21 -10.29
CA ASP A 49 0.38 -5.52 -10.88
C ASP A 49 -0.96 -6.17 -11.24
N LYS A 50 -0.93 -7.39 -11.78
CA LYS A 50 -2.15 -8.11 -12.08
C LYS A 50 -2.98 -8.19 -10.79
N ASP A 51 -4.28 -7.85 -10.90
CA ASP A 51 -5.19 -7.86 -9.77
C ASP A 51 -4.68 -7.03 -8.59
N LEU A 52 -4.00 -5.91 -8.88
CA LEU A 52 -3.42 -5.06 -7.84
C LEU A 52 -3.44 -3.59 -8.26
N PHE A 53 -3.89 -2.70 -7.38
CA PHE A 53 -4.18 -1.30 -7.70
C PHE A 53 -4.32 -0.45 -6.43
N GLN A 54 -4.20 0.88 -6.56
CA GLN A 54 -4.41 1.80 -5.46
C GLN A 54 -5.13 3.06 -5.94
N HIS A 55 -6.06 3.58 -5.14
CA HIS A 55 -6.72 4.85 -5.40
C HIS A 55 -6.05 5.95 -4.59
N VAL A 56 -5.92 7.13 -5.18
CA VAL A 56 -5.39 8.31 -4.50
C VAL A 56 -6.43 9.43 -4.57
N ASP A 57 -6.75 10.03 -3.43
CA ASP A 57 -7.77 11.07 -3.35
C ASP A 57 -7.20 12.45 -3.67
N ILE A 58 -8.03 13.32 -4.23
CA ILE A 58 -7.63 14.67 -4.63
C ILE A 58 -8.71 15.67 -4.21
N GLN A 59 -8.27 16.81 -3.65
CA GLN A 59 -9.14 17.92 -3.32
C GLN A 59 -8.93 19.02 -4.36
N GLU A 60 -10.01 19.51 -4.94
CA GLU A 60 -9.95 20.63 -5.87
C GLU A 60 -10.27 21.91 -5.14
N LEU A 61 -9.32 22.85 -5.13
CA LEU A 61 -9.51 24.17 -4.55
C LEU A 61 -9.40 25.24 -5.64
N GLU A 62 -9.74 26.48 -5.32
CA GLU A 62 -9.74 27.60 -6.26
C GLU A 62 -10.64 27.32 -7.46
N LYS A 63 -11.92 27.69 -7.34
CA LYS A 63 -12.93 27.46 -8.35
C LYS A 63 -13.87 28.65 -8.46
N GLU A 64 -14.46 28.81 -9.65
CA GLU A 64 -15.53 29.77 -9.90
C GLU A 64 -16.87 29.16 -9.47
N ASN A 65 -16.95 27.82 -9.51
CA ASN A 65 -18.09 27.03 -9.07
C ASN A 65 -17.64 25.57 -8.98
N PRO A 66 -18.32 24.73 -8.18
CA PRO A 66 -17.91 23.35 -7.96
C PRO A 66 -17.83 22.53 -9.24
N LEU A 67 -18.64 22.85 -10.26
CA LEU A 67 -18.64 22.11 -11.50
C LEU A 67 -17.36 22.38 -12.28
N ALA A 68 -16.75 23.54 -12.07
CA ALA A 68 -15.50 23.88 -12.72
C ALA A 68 -14.35 23.10 -12.10
N LEU A 69 -13.25 22.98 -12.84
CA LEU A 69 -12.05 22.33 -12.35
C LEU A 69 -11.27 23.30 -11.48
N GLY A 70 -10.68 22.81 -10.39
CA GLY A 70 -9.91 23.65 -9.50
C GLY A 70 -8.57 24.02 -10.12
N LYS A 71 -8.17 25.28 -9.93
CA LYS A 71 -6.84 25.77 -10.30
C LYS A 71 -5.81 25.19 -9.33
N VAL A 72 -6.30 24.39 -8.40
CA VAL A 72 -5.53 23.70 -7.38
C VAL A 72 -5.98 22.26 -7.29
N LEU A 73 -5.00 21.39 -7.04
CA LEU A 73 -5.19 19.98 -6.77
C LEU A 73 -4.35 19.67 -5.53
N VAL A 74 -5.01 19.45 -4.39
CA VAL A 74 -4.34 19.07 -3.16
C VAL A 74 -4.41 17.55 -3.01
N VAL A 75 -3.26 16.93 -2.76
CA VAL A 75 -3.16 15.50 -2.53
C VAL A 75 -2.35 15.28 -1.27
N GLU A 76 -2.88 14.43 -0.37
CA GLU A 76 -2.27 14.14 0.93
C GLU A 76 -1.77 15.40 1.64
N GLY A 77 -2.40 16.55 1.37
CA GLY A 77 -2.07 17.82 2.00
C GLY A 77 -1.08 18.66 1.21
N GLN A 78 -0.86 18.36 -0.08
CA GLN A 78 0.10 19.09 -0.90
C GLN A 78 -0.57 19.68 -2.12
N ARG A 79 -0.49 21.02 -2.24
CA ARG A 79 -1.07 21.78 -3.34
C ARG A 79 -0.24 21.64 -4.61
N TYR A 80 -0.94 21.52 -5.74
CA TYR A 80 -0.36 21.55 -7.07
C TYR A 80 -1.28 22.33 -8.01
N HIS A 81 -0.73 22.80 -9.12
CA HIS A 81 -1.43 23.67 -10.06
C HIS A 81 -2.37 22.92 -11.00
N ASP A 82 -2.17 21.61 -11.17
CA ASP A 82 -2.89 20.85 -12.18
C ASP A 82 -2.67 19.35 -11.98
N LEU A 83 -3.51 18.54 -12.62
CA LEU A 83 -3.41 17.09 -12.61
C LEU A 83 -2.06 16.62 -13.11
N ASP A 84 -1.49 17.30 -14.10
CA ASP A 84 -0.18 16.89 -14.60
C ASP A 84 0.90 17.09 -13.55
N GLN A 85 0.72 18.00 -12.60
CA GLN A 85 1.72 18.15 -11.55
C GLN A 85 1.51 17.08 -10.49
N ILE A 86 0.27 16.70 -10.20
CA ILE A 86 0.06 15.67 -9.19
C ILE A 86 0.45 14.31 -9.77
N ILE A 87 0.22 14.10 -11.07
CA ILE A 87 0.58 12.82 -11.66
C ILE A 87 2.09 12.70 -11.80
N VAL A 88 2.80 13.70 -12.33
CA VAL A 88 4.23 13.54 -12.48
C VAL A 88 4.87 13.44 -11.09
N GLU A 89 4.57 14.37 -10.20
CA GLU A 89 5.16 14.36 -8.87
C GLU A 89 4.71 13.12 -8.09
N TYR A 90 3.40 12.91 -7.90
CA TYR A 90 2.97 11.86 -7.00
C TYR A 90 3.35 10.49 -7.53
N LEU A 91 3.10 10.22 -8.82
CA LEU A 91 3.37 8.90 -9.34
C LEU A 91 4.85 8.66 -9.53
N GLN A 92 5.58 9.55 -10.21
CA GLN A 92 6.96 9.24 -10.53
C GLN A 92 7.80 9.22 -9.27
N ASN A 93 7.51 10.11 -8.31
CA ASN A 93 8.23 10.07 -7.05
C ASN A 93 7.83 8.82 -6.26
N LYS A 94 6.55 8.43 -6.26
CA LYS A 94 6.14 7.25 -5.52
C LYS A 94 6.70 5.99 -6.18
N ILE A 95 6.73 5.95 -7.52
CA ILE A 95 7.24 4.81 -8.26
C ILE A 95 8.75 4.69 -8.13
N ARG A 96 9.48 5.82 -8.04
CA ARG A 96 10.91 5.77 -7.85
C ARG A 96 11.25 5.27 -6.45
N LEU A 97 10.48 5.69 -5.44
CA LEU A 97 10.66 5.18 -4.09
C LEU A 97 10.25 3.70 -4.05
N LEU A 98 9.35 3.29 -4.95
CA LEU A 98 8.99 1.89 -5.10
C LEU A 98 10.13 1.13 -5.77
N ASN A 99 10.93 1.78 -6.62
CA ASN A 99 12.08 1.14 -7.23
C ASN A 99 13.18 0.89 -6.20
N GLU A 100 13.37 1.83 -5.27
CA GLU A 100 14.40 1.64 -4.27
C GLU A 100 13.98 0.60 -3.22
N LEU A 101 12.70 0.56 -2.83
CA LEU A 101 12.25 -0.46 -1.90
C LEU A 101 12.22 -1.84 -2.56
N THR A 102 11.80 -1.93 -3.83
CA THR A 102 11.75 -3.23 -4.49
C THR A 102 13.17 -3.72 -4.76
N SER A 103 14.11 -2.76 -4.88
CA SER A 103 15.53 -3.05 -5.00
C SER A 103 16.15 -3.44 -3.66
N ASN A 104 15.39 -3.32 -2.55
CA ASN A 104 15.88 -3.65 -1.22
C ASN A 104 15.93 -5.16 -1.02
N GLU A 105 16.92 -5.63 -0.27
CA GLU A 105 17.10 -7.06 -0.03
C GLU A 105 15.96 -7.61 0.82
N LYS A 106 15.33 -6.76 1.65
CA LYS A 106 14.20 -7.15 2.46
C LYS A 106 12.89 -7.15 1.69
N PHE A 107 12.86 -6.76 0.42
CA PHE A 107 11.62 -6.79 -0.32
C PHE A 107 11.32 -8.20 -0.83
N LYS A 108 10.11 -8.69 -0.53
CA LYS A 108 9.63 -10.02 -0.88
C LYS A 108 9.01 -10.03 -2.27
N ALA A 109 8.52 -11.22 -2.67
CA ALA A 109 8.02 -11.52 -4.01
C ALA A 109 7.18 -10.40 -4.64
N GLY A 110 5.95 -10.22 -4.16
CA GLY A 110 5.10 -9.17 -4.70
C GLY A 110 3.60 -9.33 -4.39
N THR A 111 3.14 -10.52 -4.01
CA THR A 111 1.75 -10.69 -3.60
C THR A 111 1.64 -11.72 -2.48
N LYS A 112 0.55 -11.66 -1.71
CA LYS A 112 0.37 -12.41 -0.47
C LYS A 112 0.82 -13.87 -0.59
N LYS A 113 0.27 -14.59 -1.56
CA LYS A 113 0.55 -16.01 -1.76
C LYS A 113 2.03 -16.25 -2.07
N GLU A 114 2.61 -15.34 -2.84
CA GLU A 114 4.01 -15.43 -3.22
C GLU A 114 4.94 -15.11 -2.06
N VAL A 115 4.69 -13.99 -1.38
CA VAL A 115 5.51 -13.57 -0.25
C VAL A 115 5.32 -14.50 0.93
N VAL A 116 4.12 -15.11 1.09
CA VAL A 116 3.89 -16.04 2.18
C VAL A 116 4.64 -17.35 1.90
N LYS A 117 4.70 -17.76 0.63
CA LYS A 117 5.45 -18.93 0.22
C LYS A 117 6.96 -18.68 0.36
N PHE A 118 7.41 -17.45 0.08
CA PHE A 118 8.83 -17.13 0.20
C PHE A 118 9.22 -16.95 1.66
N ILE A 119 8.38 -16.29 2.47
CA ILE A 119 8.73 -16.09 3.87
C ILE A 119 8.65 -17.41 4.64
N GLU A 120 7.70 -18.29 4.30
CA GLU A 120 7.61 -19.58 4.97
C GLU A 120 8.80 -20.44 4.55
N ASP A 121 9.14 -20.45 3.27
CA ASP A 121 10.29 -21.22 2.80
C ASP A 121 11.56 -20.69 3.44
N TYR A 122 11.71 -19.36 3.52
CA TYR A 122 12.91 -18.79 4.10
C TYR A 122 12.94 -19.02 5.61
N SER A 123 11.76 -19.17 6.22
CA SER A 123 11.69 -19.36 7.66
C SER A 123 11.87 -20.83 8.03
N LYS A 124 11.37 -21.75 7.21
CA LYS A 124 11.51 -23.16 7.50
C LYS A 124 12.90 -23.71 7.18
N VAL A 125 13.58 -23.12 6.19
CA VAL A 125 14.95 -23.47 5.87
C VAL A 125 15.92 -22.86 6.87
N ASN A 126 15.43 -21.92 7.67
CA ASN A 126 16.18 -21.25 8.73
C ASN A 126 15.34 -21.19 10.01
N PRO A 127 14.95 -22.35 10.53
CA PRO A 127 13.97 -22.48 11.61
C PRO A 127 14.44 -21.98 12.96
N LYS A 128 15.58 -21.29 13.03
CA LYS A 128 16.07 -20.70 14.28
C LYS A 128 16.65 -19.32 14.05
N LYS A 129 16.52 -18.78 12.83
CA LYS A 129 16.89 -17.41 12.51
C LYS A 129 15.65 -16.55 12.36
N SER A 130 15.80 -15.25 12.58
CA SER A 130 14.69 -14.32 12.47
C SER A 130 14.41 -14.05 10.99
N VAL A 131 13.19 -13.62 10.69
CA VAL A 131 12.76 -13.32 9.34
C VAL A 131 11.99 -12.01 9.33
N TYR A 132 12.33 -11.10 8.40
CA TYR A 132 11.62 -9.83 8.26
C TYR A 132 11.72 -9.34 6.82
N TYR A 133 10.56 -9.14 6.19
CA TYR A 133 10.50 -8.67 4.80
C TYR A 133 9.34 -7.72 4.53
N PHE A 134 9.49 -6.94 3.46
CA PHE A 134 8.55 -5.93 3.01
C PHE A 134 7.96 -6.34 1.67
N SER A 135 6.64 -6.15 1.47
CA SER A 135 6.06 -6.36 0.15
C SER A 135 4.77 -5.58 -0.05
N LEU A 136 4.19 -5.60 -1.24
CA LEU A 136 2.96 -4.88 -1.52
C LEU A 136 1.79 -5.50 -0.77
N ASN A 137 0.93 -4.65 -0.18
CA ASN A 137 -0.36 -5.11 0.33
C ASN A 137 -1.23 -5.43 -0.89
N TYR A 138 -2.31 -6.20 -0.71
CA TYR A 138 -3.20 -6.55 -1.80
C TYR A 138 -4.58 -5.96 -1.56
N GLU A 139 -4.91 -5.74 -0.28
CA GLU A 139 -6.17 -5.14 0.12
C GLU A 139 -6.02 -3.64 0.36
N ASN A 140 -4.78 -3.15 0.33
CA ASN A 140 -4.44 -1.73 0.41
C ASN A 140 -3.11 -1.49 -0.32
N PRO A 141 -3.01 -1.80 -1.62
CA PRO A 141 -1.77 -1.79 -2.38
C PRO A 141 -1.00 -0.46 -2.39
N GLY A 142 -1.55 0.61 -1.79
CA GLY A 142 -0.82 1.86 -1.64
C GLY A 142 0.19 1.75 -0.50
N TRP A 143 0.08 0.67 0.28
CA TRP A 143 0.91 0.36 1.43
C TRP A 143 1.66 -0.94 1.22
N PHE A 144 2.71 -1.15 2.02
CA PHE A 144 3.52 -2.34 1.98
C PHE A 144 3.45 -3.09 3.30
N TYR A 145 3.34 -4.41 3.20
CA TYR A 145 3.27 -5.29 4.35
C TYR A 145 4.68 -5.54 4.88
N LEU A 146 4.78 -5.74 6.20
CA LEU A 146 6.05 -5.91 6.87
C LEU A 146 5.96 -7.12 7.78
N ILE A 147 6.22 -8.30 7.21
CA ILE A 147 6.16 -9.57 7.94
C ILE A 147 7.40 -9.76 8.82
N PHE A 148 7.20 -10.31 10.02
CA PHE A 148 8.26 -10.62 10.95
C PHE A 148 8.00 -11.96 11.68
N LYS A 149 9.04 -12.78 11.76
CA LYS A 149 9.06 -14.05 12.49
C LYS A 149 10.40 -14.17 13.21
N LEU A 150 10.45 -14.84 14.37
CA LEU A 150 11.72 -15.04 15.06
C LEU A 150 12.34 -16.40 14.70
N ASN A 151 11.53 -17.34 14.22
CA ASN A 151 11.98 -18.67 13.85
C ASN A 151 10.84 -19.39 13.11
N ALA A 152 11.07 -20.63 12.65
CA ALA A 152 10.04 -21.37 11.92
C ALA A 152 8.77 -21.47 12.75
N GLU A 153 8.93 -21.86 14.00
CA GLU A 153 7.83 -22.15 14.92
C GLU A 153 7.25 -20.88 15.53
N SER A 154 7.77 -19.72 15.13
CA SER A 154 7.37 -18.43 15.65
C SER A 154 6.02 -17.98 15.10
N LYS A 155 5.52 -16.87 15.63
CA LYS A 155 4.36 -16.17 15.14
C LYS A 155 4.70 -15.55 13.77
N LEU A 156 3.89 -14.59 13.37
CA LEU A 156 3.99 -13.94 12.08
C LEU A 156 3.37 -12.56 12.19
N TYR A 157 4.16 -11.60 12.65
CA TYR A 157 3.65 -10.26 12.89
C TYR A 157 3.83 -9.42 11.64
N ILE A 158 2.74 -8.83 11.16
CA ILE A 158 2.78 -7.99 9.97
C ILE A 158 2.32 -6.58 10.29
N TRP A 159 3.03 -5.57 9.78
CA TRP A 159 2.56 -4.19 9.88
C TRP A 159 2.73 -3.46 8.55
N ASN A 160 2.25 -2.22 8.47
CA ASN A 160 2.19 -1.51 7.20
C ASN A 160 3.10 -0.28 7.14
N VAL A 161 3.58 0.03 5.92
CA VAL A 161 4.40 1.19 5.64
C VAL A 161 4.15 1.67 4.22
N LYS A 162 4.87 2.73 3.86
CA LYS A 162 4.91 3.30 2.51
C LYS A 162 3.79 4.31 2.37
N LEU A 163 3.26 4.46 1.16
CA LEU A 163 2.42 5.58 0.83
C LEU A 163 3.22 6.88 0.79
N THR A 164 2.59 7.95 0.30
CA THR A 164 3.17 9.24 -0.03
C THR A 164 4.25 9.13 -1.10
N HIS A 165 4.27 10.13 -1.98
CA HIS A 165 5.27 10.25 -3.01
C HIS A 165 6.49 10.94 -2.41
N THR A 166 6.29 11.59 -1.26
CA THR A 166 7.33 12.30 -0.53
C THR A 166 8.18 11.31 0.26
N GLY A 167 7.75 10.05 0.38
CA GLY A 167 8.47 9.07 1.17
C GLY A 167 7.70 7.79 1.41
N PHE A 168 7.76 7.30 2.65
CA PHE A 168 7.02 6.15 3.15
C PHE A 168 6.46 6.54 4.50
N PHE A 169 5.17 6.33 4.73
CA PHE A 169 4.56 6.62 6.00
C PHE A 169 4.63 5.38 6.89
N LEU A 170 4.88 5.60 8.19
CA LEU A 170 4.93 4.56 9.19
C LEU A 170 4.54 5.14 10.55
N VAL A 171 3.58 4.49 11.22
CA VAL A 171 3.03 4.87 12.52
C VAL A 171 2.45 6.28 12.55
N ASN A 172 3.29 7.32 12.40
CA ASN A 172 2.85 8.69 12.47
C ASN A 172 3.78 9.65 11.71
N TYR A 173 4.78 9.14 10.99
CA TYR A 173 5.76 9.98 10.32
C TYR A 173 6.15 9.42 8.94
N ASN A 174 6.64 10.31 8.07
CA ASN A 174 7.05 9.94 6.73
C ASN A 174 8.57 9.96 6.56
N TYR A 175 9.09 8.93 5.90
CA TYR A 175 10.50 8.77 5.64
C TYR A 175 10.75 8.93 4.14
N PRO A 176 11.52 9.95 3.74
CA PRO A 176 11.70 10.34 2.36
C PRO A 176 12.44 9.31 1.52
N THR A 177 12.91 8.21 2.11
CA THR A 177 13.55 7.14 1.37
C THR A 177 13.55 5.86 2.20
N VAL A 178 13.69 4.71 1.53
CA VAL A 178 13.72 3.42 2.19
C VAL A 178 14.88 3.35 3.17
N ILE A 179 15.94 4.13 2.93
CA ILE A 179 17.09 4.14 3.82
C ILE A 179 16.70 4.82 5.13
N GLN A 180 15.96 5.91 5.04
CA GLN A 180 15.49 6.63 6.20
C GLN A 180 14.39 5.84 6.89
N LEU A 181 13.66 5.02 6.13
CA LEU A 181 12.66 4.14 6.71
C LEU A 181 13.36 3.04 7.51
N CYS A 182 14.56 2.63 7.08
CA CYS A 182 15.34 1.66 7.82
C CYS A 182 15.79 2.29 9.15
N ASN A 183 16.25 3.55 9.08
CA ASN A 183 16.60 4.30 10.28
C ASN A 183 15.35 4.52 11.13
N GLY A 184 14.20 4.68 10.46
CA GLY A 184 12.90 4.87 11.10
C GLY A 184 12.49 3.62 11.85
N PHE A 185 12.65 2.47 11.21
CA PHE A 185 12.32 1.19 11.80
C PHE A 185 13.13 0.99 13.08
N LYS A 186 14.43 1.27 13.04
CA LYS A 186 15.31 1.09 14.20
C LYS A 186 15.01 2.08 15.30
N THR A 187 14.88 3.36 14.97
CA THR A 187 14.58 4.35 15.99
C THR A 187 13.20 4.11 16.61
N LEU A 188 12.29 3.49 15.85
CA LEU A 188 10.95 3.20 16.34
C LEU A 188 10.98 2.05 17.34
N LEU A 189 11.66 0.94 17.00
CA LEU A 189 11.73 -0.19 17.92
C LEU A 189 12.57 0.16 19.14
N LYS A 190 13.48 1.12 19.02
CA LYS A 190 14.24 1.60 20.17
C LYS A 190 13.38 2.53 21.01
N SER A 191 12.42 3.23 20.40
CA SER A 191 11.52 4.10 21.15
C SER A 191 10.58 3.26 22.01
N SER A 192 10.32 2.02 21.58
CA SER A 192 9.49 1.11 22.35
C SER A 192 10.32 0.24 23.28
N ASN A 193 11.57 -0.06 22.89
CA ASN A 193 12.50 -0.77 23.76
C ASN A 193 12.95 0.17 24.89
N THR A 194 12.66 1.46 24.77
CA THR A 194 12.89 2.42 25.84
C THR A 194 11.82 2.22 26.92
N ARG A 195 10.84 1.35 26.65
CA ARG A 195 9.74 1.05 27.56
C ARG A 195 9.69 -0.45 27.87
N ASN A 196 9.92 -1.27 26.85
CA ASN A 196 9.84 -2.72 26.93
C ASN A 196 11.22 -3.37 26.91
N PRO B 1 -8.99 9.86 2.15
CA PRO B 1 -7.82 9.05 2.54
C PRO B 1 -8.24 7.72 3.17
N SER B 2 -9.39 7.19 2.72
CA SER B 2 -10.00 5.99 3.27
C SER B 2 -9.35 4.71 2.73
N PTR B 3 -8.02 4.70 2.62
CA PTR B 3 -7.31 3.57 2.06
C PTR B 3 -6.06 3.27 2.90
O PTR B 3 -4.95 3.58 2.47
CB PTR B 3 -6.95 3.86 0.60
CG PTR B 3 -8.12 4.20 -0.30
CD1 PTR B 3 -8.48 5.54 -0.50
CD2 PTR B 3 -8.83 3.18 -0.94
CE1 PTR B 3 -9.55 5.87 -1.36
CE2 PTR B 3 -9.90 3.50 -1.79
CZ PTR B 3 -10.26 4.85 -2.03
OH PTR B 3 -11.25 5.09 -2.89
P PTR B 3 -11.71 6.58 -3.32
O1P PTR B 3 -12.08 7.35 -2.11
O2P PTR B 3 -12.73 6.43 -4.39
O3P PTR B 3 -10.47 7.32 -4.00
H PTR B 3 -7.48 5.50 2.92
HA PTR B 3 -7.95 2.68 2.09
HB2 PTR B 3 -6.25 4.70 0.58
HB3 PTR B 3 -6.44 2.98 0.19
HD1 PTR B 3 -7.94 6.33 0.00
HD2 PTR B 3 -8.57 2.15 -0.77
HE1 PTR B 3 -9.81 6.90 -1.49
HE2 PTR B 3 -10.45 2.71 -2.29
HO3P PTR B 3 -9.91 7.79 -3.37
N SER B 4 -6.23 2.69 4.09
CA SER B 4 -5.09 2.33 4.92
C SER B 4 -5.45 1.26 5.96
N PRO B 5 -4.59 0.25 6.13
CA PRO B 5 -4.65 -0.71 7.22
C PRO B 5 -3.98 -0.12 8.45
N THR B 6 -3.86 -0.91 9.53
CA THR B 6 -3.16 -0.51 10.74
C THR B 6 -2.65 -1.74 11.48
N SER B 7 -1.54 -1.59 12.22
CA SER B 7 -0.91 -2.68 12.96
C SER B 7 0.16 -2.11 13.91
N PRO B 8 0.51 -2.81 15.00
CA PRO B 8 1.55 -2.40 15.93
C PRO B 8 2.91 -2.25 15.24
N SER B 9 3.84 -1.59 15.94
CA SER B 9 5.16 -1.25 15.42
C SER B 9 6.12 -2.43 15.42
N PTR B 10 7.26 -2.23 14.74
CA PTR B 10 8.38 -3.17 14.67
C PTR B 10 8.85 -3.53 16.08
O PTR B 10 9.37 -2.68 16.80
CB PTR B 10 9.47 -2.44 13.87
CG PTR B 10 10.67 -3.24 13.37
CD1 PTR B 10 11.41 -2.70 12.31
CD2 PTR B 10 11.05 -4.47 13.93
CE1 PTR B 10 12.56 -3.36 11.84
CE2 PTR B 10 12.20 -5.12 13.47
CZ PTR B 10 12.98 -4.56 12.42
OH PTR B 10 14.09 -5.18 12.05
P PTR B 10 15.11 -4.59 10.96
O1P PTR B 10 14.45 -4.58 9.64
O2P PTR B 10 16.34 -5.61 10.85
O3P PTR B 10 15.68 -3.33 11.50
H PTR B 10 7.37 -1.37 14.25
HA PTR B 10 8.05 -4.06 14.13
HB2 PTR B 10 8.99 -2.00 12.99
HB3 PTR B 10 9.84 -1.63 14.48
HD1 PTR B 10 11.09 -1.77 11.86
HD2 PTR B 10 10.46 -4.91 14.72
HE1 PTR B 10 13.12 -2.92 11.02
HE2 PTR B 10 12.50 -6.07 13.91
HO2P PTR B 10 16.76 -5.77 11.69
N SER B 11 8.67 -4.80 16.48
CA SER B 11 9.13 -5.26 17.78
C SER B 11 10.64 -5.51 17.74
N PRO B 12 11.37 -5.19 18.82
CA PRO B 12 12.79 -5.46 18.91
C PRO B 12 13.03 -6.97 18.90
N THR B 13 14.12 -7.42 18.27
CA THR B 13 14.42 -8.83 18.13
C THR B 13 15.88 -9.09 17.76
N SER B 14 16.64 -8.03 17.45
CA SER B 14 17.99 -8.11 16.91
C SER B 14 18.04 -8.80 15.55
N PRO B 15 19.01 -8.46 14.69
CA PRO B 15 19.17 -9.03 13.37
C PRO B 15 19.49 -10.53 13.42
N SER B 16 19.06 -11.25 12.37
CA SER B 16 19.37 -12.66 12.16
C SER B 16 19.10 -13.53 13.40
N HIS A 2 14.89 2.75 -23.08
CA HIS A 2 14.16 3.36 -21.94
C HIS A 2 12.69 3.57 -22.29
N ARG A 3 11.83 3.53 -21.28
CA ARG A 3 10.39 3.75 -21.45
C ARG A 3 10.10 5.23 -21.24
N VAL A 4 9.17 5.77 -22.02
CA VAL A 4 8.72 7.15 -21.93
C VAL A 4 7.23 7.19 -22.22
N ILE A 5 6.56 8.28 -21.83
CA ILE A 5 5.12 8.42 -22.03
C ILE A 5 4.76 9.91 -22.08
N ASN A 6 3.63 10.23 -22.72
CA ASN A 6 3.23 11.60 -22.98
C ASN A 6 2.32 12.21 -21.91
N HIS A 7 1.82 11.39 -20.98
CA HIS A 7 0.90 11.85 -19.95
C HIS A 7 1.52 12.93 -19.07
N PRO A 8 0.77 13.98 -18.71
CA PRO A 8 1.25 15.08 -17.88
C PRO A 8 1.75 14.63 -16.51
N TYR A 9 1.29 13.47 -16.03
CA TYR A 9 1.71 12.94 -14.75
C TYR A 9 2.99 12.12 -14.88
N TYR A 10 3.51 11.97 -16.10
CA TYR A 10 4.77 11.29 -16.32
C TYR A 10 5.93 12.09 -15.72
N PHE A 11 6.90 11.38 -15.14
CA PHE A 11 8.16 11.94 -14.68
C PHE A 11 9.25 10.89 -14.85
N PRO A 12 10.39 11.26 -15.44
CA PRO A 12 11.50 10.36 -15.73
C PRO A 12 12.28 10.02 -14.46
N PHE A 13 11.77 10.42 -13.29
CA PHE A 13 12.46 10.26 -12.02
C PHE A 13 12.62 8.79 -11.63
N ASN A 14 13.67 8.54 -10.84
CA ASN A 14 13.91 7.24 -10.27
C ASN A 14 12.84 6.94 -9.22
N GLY A 15 12.72 5.69 -8.76
CA GLY A 15 11.68 5.33 -7.82
C GLY A 15 11.77 6.14 -6.53
N LYS A 16 13.00 6.29 -6.00
CA LYS A 16 13.20 7.06 -4.78
C LYS A 16 13.05 8.55 -5.05
N GLN A 17 13.41 9.01 -6.25
CA GLN A 17 13.30 10.41 -6.60
C GLN A 17 11.83 10.79 -6.77
N ALA A 18 11.05 9.89 -7.38
CA ALA A 18 9.62 10.09 -7.53
C ALA A 18 8.96 10.06 -6.16
N GLU A 19 9.46 9.23 -5.23
CA GLU A 19 8.94 9.19 -3.87
C GLU A 19 9.24 10.50 -3.15
N ASP A 20 10.50 10.93 -3.08
CA ASP A 20 10.84 12.16 -2.37
C ASP A 20 10.18 13.37 -3.01
N TYR A 21 9.80 13.24 -4.29
CA TYR A 21 9.04 14.28 -4.97
C TYR A 21 7.60 14.33 -4.45
N LEU A 22 6.86 13.21 -4.59
CA LEU A 22 5.48 13.15 -4.13
C LEU A 22 5.38 13.32 -2.62
N ARG A 23 6.43 13.01 -1.86
CA ARG A 23 6.42 13.19 -0.42
C ARG A 23 6.16 14.65 -0.08
N SER A 24 6.60 15.55 -0.97
CA SER A 24 6.42 16.99 -0.80
C SER A 24 5.07 17.45 -1.35
N LYS A 25 4.21 16.51 -1.76
CA LYS A 25 2.93 16.83 -2.38
C LYS A 25 1.79 16.56 -1.40
N GLU A 26 0.68 16.05 -1.94
CA GLU A 26 -0.58 15.90 -1.20
C GLU A 26 -0.76 14.50 -0.64
N ARG A 27 -1.70 14.37 0.30
CA ARG A 27 -1.96 13.11 1.00
C ARG A 27 -2.41 12.01 0.04
N GLY A 28 -2.85 12.40 -1.15
CA GLY A 28 -3.13 11.47 -2.24
C GLY A 28 -2.55 12.08 -3.51
N ASP A 29 -1.33 11.68 -3.88
CA ASP A 29 -0.68 12.28 -5.05
C ASP A 29 0.08 11.22 -5.85
N PHE A 30 0.07 11.28 -7.19
CA PHE A 30 0.69 10.25 -8.00
C PHE A 30 1.53 10.83 -9.15
N VAL A 31 2.61 10.12 -9.50
CA VAL A 31 3.44 10.41 -10.66
C VAL A 31 3.75 9.11 -11.39
N ILE A 32 3.90 9.17 -12.71
CA ILE A 32 4.17 7.98 -13.51
C ILE A 32 5.63 7.96 -13.93
N ARG A 33 6.25 6.77 -13.93
CA ARG A 33 7.64 6.63 -14.31
C ARG A 33 7.92 5.29 -14.95
N GLN A 34 9.01 5.18 -15.72
CA GLN A 34 9.49 3.89 -16.17
C GLN A 34 9.69 2.99 -14.97
N SER A 35 9.25 1.73 -15.06
CA SER A 35 9.45 0.78 -13.98
C SER A 35 10.91 0.34 -13.98
N SER A 36 11.47 0.12 -12.79
CA SER A 36 12.85 -0.32 -12.66
C SER A 36 13.02 -1.76 -13.17
N ARG A 37 11.98 -2.31 -13.80
CA ARG A 37 11.97 -3.69 -14.27
C ARG A 37 12.18 -3.81 -15.79
N GLY A 38 12.05 -2.72 -16.57
CA GLY A 38 12.30 -2.83 -18.00
C GLY A 38 11.73 -1.70 -18.84
N ASP A 39 12.03 -1.73 -20.15
CA ASP A 39 11.53 -0.76 -21.13
C ASP A 39 10.10 -1.05 -21.55
N ASP A 40 9.55 -2.20 -21.18
CA ASP A 40 8.16 -2.53 -21.46
C ASP A 40 7.38 -2.49 -20.16
N HIS A 41 7.90 -1.74 -19.19
CA HIS A 41 7.31 -1.63 -17.87
C HIS A 41 7.29 -0.17 -17.42
N LEU A 42 6.21 0.20 -16.73
CA LEU A 42 5.97 1.55 -16.25
C LEU A 42 5.49 1.41 -14.81
N ALA A 43 5.53 2.48 -14.02
CA ALA A 43 5.11 2.42 -12.63
C ALA A 43 4.42 3.71 -12.22
N ILE A 44 3.38 3.58 -11.39
CA ILE A 44 2.72 4.72 -10.79
C ILE A 44 3.16 4.78 -9.34
N THR A 45 3.79 5.90 -8.93
CA THR A 45 4.22 6.09 -7.57
C THR A 45 3.34 7.16 -6.96
N TRP A 46 2.65 6.83 -5.86
CA TRP A 46 1.72 7.75 -5.26
C TRP A 46 1.82 7.87 -3.74
N LYS A 47 1.75 9.11 -3.24
CA LYS A 47 1.86 9.46 -1.83
C LYS A 47 0.58 9.16 -1.10
N LEU A 48 0.75 8.54 0.09
CA LEU A 48 -0.29 8.20 1.04
C LEU A 48 -0.22 9.10 2.27
N ASP A 49 0.99 9.55 2.63
CA ASP A 49 1.22 10.41 3.78
C ASP A 49 2.57 11.10 3.65
N LYS A 50 2.87 12.06 4.54
CA LYS A 50 4.12 12.82 4.50
C LYS A 50 5.36 11.93 4.64
N ASP A 51 5.18 10.64 4.92
CA ASP A 51 6.28 9.71 5.10
C ASP A 51 5.98 8.37 4.43
N LEU A 52 5.13 8.35 3.39
CA LEU A 52 4.74 7.09 2.78
C LEU A 52 4.21 7.26 1.36
N PHE A 53 4.36 6.21 0.56
CA PHE A 53 3.87 6.15 -0.81
C PHE A 53 3.58 4.69 -1.17
N GLN A 54 3.22 4.45 -2.43
CA GLN A 54 3.13 3.11 -3.00
C GLN A 54 3.47 3.18 -4.48
N HIS A 55 4.21 2.18 -4.98
CA HIS A 55 4.47 2.06 -6.40
C HIS A 55 3.60 0.94 -6.96
N VAL A 56 3.13 1.13 -8.19
CA VAL A 56 2.36 0.11 -8.89
C VAL A 56 2.98 -0.12 -10.26
N ASP A 57 3.63 -1.27 -10.44
CA ASP A 57 4.24 -1.65 -11.71
C ASP A 57 3.17 -1.97 -12.75
N ILE A 58 3.52 -1.73 -14.02
CA ILE A 58 2.64 -1.87 -15.16
C ILE A 58 3.40 -2.57 -16.27
N GLN A 59 2.72 -3.45 -17.02
CA GLN A 59 3.29 -4.09 -18.18
C GLN A 59 2.71 -3.45 -19.43
N GLU A 60 3.59 -3.02 -20.35
CA GLU A 60 3.17 -2.51 -21.63
C GLU A 60 2.97 -3.72 -22.56
N LEU A 61 1.71 -4.07 -22.79
CA LEU A 61 1.37 -5.22 -23.61
C LEU A 61 0.85 -4.80 -24.98
N GLU A 62 0.89 -5.75 -25.93
CA GLU A 62 0.42 -5.56 -27.28
C GLU A 62 1.09 -4.37 -28.00
N LYS A 63 2.42 -4.43 -28.18
CA LYS A 63 3.08 -3.41 -28.99
C LYS A 63 3.90 -4.00 -30.12
N GLU A 64 4.18 -5.31 -30.05
CA GLU A 64 5.06 -5.99 -31.00
C GLU A 64 6.43 -5.30 -31.10
N ASN A 65 6.68 -4.31 -30.23
CA ASN A 65 7.89 -3.51 -30.18
C ASN A 65 8.10 -3.04 -28.74
N PRO A 66 9.31 -3.18 -28.20
CA PRO A 66 9.64 -2.71 -26.87
C PRO A 66 9.84 -1.20 -26.90
N LEU A 67 9.89 -0.57 -25.72
CA LEU A 67 9.94 0.88 -25.54
C LEU A 67 8.69 1.58 -26.08
N ALA A 68 8.01 0.93 -27.02
CA ALA A 68 6.85 1.47 -27.69
C ALA A 68 5.61 1.37 -26.78
N LEU A 69 4.70 2.34 -26.87
CA LEU A 69 3.51 2.40 -26.05
C LEU A 69 2.50 1.33 -26.48
N GLY A 70 2.17 0.40 -25.58
CA GLY A 70 1.34 -0.75 -25.89
C GLY A 70 -0.08 -0.36 -26.29
N LYS A 71 -0.72 -1.23 -27.08
CA LYS A 71 -2.13 -1.10 -27.42
C LYS A 71 -2.96 -1.34 -26.16
N VAL A 72 -2.30 -1.85 -25.12
CA VAL A 72 -2.86 -2.08 -23.80
C VAL A 72 -1.78 -1.89 -22.72
N LEU A 73 -2.24 -1.73 -21.48
CA LEU A 73 -1.42 -1.67 -20.29
C LEU A 73 -1.97 -2.73 -19.34
N VAL A 74 -1.11 -3.56 -18.74
CA VAL A 74 -1.52 -4.60 -17.81
C VAL A 74 -1.01 -4.28 -16.41
N VAL A 75 -1.88 -4.40 -15.41
CA VAL A 75 -1.50 -4.20 -14.02
C VAL A 75 -2.00 -5.38 -13.20
N GLU A 76 -1.12 -5.96 -12.40
CA GLU A 76 -1.39 -7.13 -11.58
C GLU A 76 -2.15 -8.23 -12.35
N GLY A 77 -1.99 -8.25 -13.68
CA GLY A 77 -2.60 -9.26 -14.54
C GLY A 77 -3.92 -8.79 -15.16
N GLN A 78 -4.18 -7.49 -15.20
CA GLN A 78 -5.43 -6.96 -15.76
C GLN A 78 -5.12 -5.90 -16.81
N ARG A 79 -5.63 -6.10 -18.03
CA ARG A 79 -5.38 -5.21 -19.15
C ARG A 79 -6.30 -3.99 -19.12
N TYR A 80 -5.83 -2.92 -19.75
CA TYR A 80 -6.53 -1.65 -19.90
C TYR A 80 -6.07 -0.95 -21.16
N HIS A 81 -6.88 -0.01 -21.67
CA HIS A 81 -6.63 0.63 -22.95
C HIS A 81 -5.55 1.71 -22.87
N ASP A 82 -5.31 2.28 -21.69
CA ASP A 82 -4.37 3.38 -21.55
C ASP A 82 -4.00 3.58 -20.08
N LEU A 83 -2.92 4.31 -19.84
CA LEU A 83 -2.45 4.67 -18.53
C LEU A 83 -3.51 5.45 -17.76
N ASP A 84 -4.33 6.25 -18.44
CA ASP A 84 -5.39 6.96 -17.76
C ASP A 84 -6.48 6.03 -17.27
N GLN A 85 -6.62 4.84 -17.86
CA GLN A 85 -7.60 3.89 -17.37
C GLN A 85 -7.02 3.17 -16.16
N ILE A 86 -5.73 2.82 -16.19
CA ILE A 86 -5.16 2.11 -15.04
C ILE A 86 -5.03 3.06 -13.87
N ILE A 87 -4.81 4.36 -14.11
CA ILE A 87 -4.76 5.29 -13.01
C ILE A 87 -6.16 5.47 -12.44
N VAL A 88 -7.18 5.83 -13.24
CA VAL A 88 -8.48 6.08 -12.64
C VAL A 88 -9.01 4.82 -11.98
N GLU A 89 -8.93 3.67 -12.65
CA GLU A 89 -9.42 2.43 -12.07
C GLU A 89 -8.60 2.03 -10.84
N TYR A 90 -7.27 1.92 -10.98
CA TYR A 90 -6.46 1.39 -9.90
C TYR A 90 -6.40 2.35 -8.72
N LEU A 91 -6.27 3.66 -8.96
CA LEU A 91 -6.19 4.63 -7.88
C LEU A 91 -7.54 4.84 -7.21
N GLN A 92 -8.60 5.10 -7.98
CA GLN A 92 -9.86 5.45 -7.35
C GLN A 92 -10.39 4.25 -6.56
N ASN A 93 -10.20 3.03 -7.07
CA ASN A 93 -10.58 1.85 -6.30
C ASN A 93 -9.64 1.65 -5.11
N LYS A 94 -8.33 1.93 -5.27
CA LYS A 94 -7.39 1.79 -4.17
C LYS A 94 -7.68 2.82 -3.08
N ILE A 95 -8.04 4.05 -3.48
CA ILE A 95 -8.36 5.12 -2.54
C ILE A 95 -9.68 4.83 -1.85
N ARG A 96 -10.63 4.19 -2.55
CA ARG A 96 -11.90 3.79 -1.95
C ARG A 96 -11.65 2.72 -0.88
N LEU A 97 -10.78 1.76 -1.17
CA LEU A 97 -10.39 0.73 -0.22
C LEU A 97 -9.64 1.38 0.94
N LEU A 98 -8.89 2.46 0.68
CA LEU A 98 -8.21 3.19 1.72
C LEU A 98 -9.19 3.94 2.62
N ASN A 99 -10.34 4.36 2.08
CA ASN A 99 -11.36 5.01 2.89
C ASN A 99 -12.07 4.01 3.78
N GLU A 100 -12.32 2.80 3.26
CA GLU A 100 -13.01 1.81 4.08
C GLU A 100 -12.09 1.23 5.15
N LEU A 101 -10.80 1.08 4.85
CA LEU A 101 -9.85 0.61 5.86
C LEU A 101 -9.59 1.68 6.91
N THR A 102 -9.44 2.95 6.51
CA THR A 102 -9.18 3.98 7.49
C THR A 102 -10.42 4.22 8.35
N SER A 103 -11.60 3.92 7.77
CA SER A 103 -12.86 3.97 8.48
C SER A 103 -13.08 2.75 9.35
N ASN A 104 -12.20 1.74 9.28
CA ASN A 104 -12.35 0.50 10.03
C ASN A 104 -12.01 0.70 11.51
N GLU A 105 -12.73 0.00 12.40
CA GLU A 105 -12.52 0.11 13.83
C GLU A 105 -11.13 -0.39 14.22
N LYS A 106 -10.57 -1.29 13.40
CA LYS A 106 -9.26 -1.88 13.62
C LYS A 106 -8.13 -1.00 13.08
N PHE A 107 -8.41 0.13 12.44
CA PHE A 107 -7.33 0.92 11.87
C PHE A 107 -6.75 1.88 12.90
N LYS A 108 -5.41 1.90 12.99
CA LYS A 108 -4.65 2.74 13.90
C LYS A 108 -4.34 4.10 13.28
N ALA A 109 -3.55 4.90 14.01
CA ALA A 109 -3.27 6.28 13.67
C ALA A 109 -2.78 6.48 12.24
N GLY A 110 -1.52 6.12 11.97
CA GLY A 110 -0.93 6.25 10.66
C GLY A 110 0.52 5.76 10.65
N THR A 111 1.45 6.62 11.04
CA THR A 111 2.86 6.31 11.00
C THR A 111 3.28 5.50 12.23
N LYS A 112 4.42 4.81 12.12
CA LYS A 112 4.91 3.86 13.12
C LYS A 112 4.83 4.41 14.54
N LYS A 113 5.35 5.62 14.72
CA LYS A 113 5.38 6.32 16.01
C LYS A 113 3.98 6.59 16.54
N GLU A 114 3.05 6.96 15.66
CA GLU A 114 1.70 7.27 16.05
C GLU A 114 0.91 6.02 16.40
N VAL A 115 1.00 5.00 15.54
CA VAL A 115 0.31 3.74 15.80
C VAL A 115 0.92 3.02 17.00
N VAL A 116 2.23 3.16 17.24
CA VAL A 116 2.85 2.52 18.39
C VAL A 116 2.43 3.23 19.68
N LYS A 117 2.28 4.55 19.63
CA LYS A 117 1.79 5.31 20.76
C LYS A 117 0.31 5.02 21.02
N PHE A 118 -0.47 4.78 19.97
CA PHE A 118 -1.88 4.48 20.13
C PHE A 118 -2.08 3.03 20.58
N ILE A 119 -1.32 2.08 20.04
CA ILE A 119 -1.48 0.69 20.46
C ILE A 119 -0.95 0.50 21.88
N GLU A 120 0.13 1.20 22.26
CA GLU A 120 0.66 1.06 23.60
C GLU A 120 -0.32 1.70 24.57
N ASP A 121 -0.86 2.88 24.23
CA ASP A 121 -1.84 3.52 25.09
C ASP A 121 -3.09 2.66 25.20
N TYR A 122 -3.57 2.09 24.08
CA TYR A 122 -4.77 1.28 24.13
C TYR A 122 -4.51 -0.03 24.87
N SER A 123 -3.26 -0.51 24.86
CA SER A 123 -2.91 -1.75 25.51
C SER A 123 -2.68 -1.54 27.00
N LYS A 124 -2.02 -0.44 27.39
CA LYS A 124 -1.72 -0.18 28.78
C LYS A 124 -2.94 0.27 29.58
N VAL A 125 -3.90 0.93 28.93
CA VAL A 125 -5.15 1.31 29.55
C VAL A 125 -6.08 0.11 29.69
N ASN A 126 -5.77 -0.98 29.01
CA ASN A 126 -6.52 -2.23 29.04
C ASN A 126 -5.56 -3.41 29.10
N PRO A 127 -4.70 -3.48 30.14
CA PRO A 127 -3.58 -4.39 30.20
C PRO A 127 -3.99 -5.86 30.30
N LYS A 128 -5.26 -6.14 30.57
CA LYS A 128 -5.74 -7.52 30.65
C LYS A 128 -6.59 -7.88 29.44
N LYS A 129 -6.78 -6.94 28.50
CA LYS A 129 -7.49 -7.19 27.27
C LYS A 129 -6.56 -7.33 26.08
N SER A 130 -7.08 -7.96 25.02
CA SER A 130 -6.37 -8.16 23.78
C SER A 130 -6.41 -6.90 22.92
N VAL A 131 -5.46 -6.79 21.98
CA VAL A 131 -5.34 -5.65 21.09
C VAL A 131 -5.01 -6.14 19.68
N TYR A 132 -5.68 -5.59 18.66
CA TYR A 132 -5.39 -5.93 17.28
C TYR A 132 -5.73 -4.73 16.39
N TYR A 133 -4.75 -4.18 15.67
CA TYR A 133 -4.99 -3.07 14.76
C TYR A 133 -4.19 -3.15 13.47
N PHE A 134 -4.69 -2.43 12.45
CA PHE A 134 -4.13 -2.36 11.12
C PHE A 134 -3.68 -0.92 10.84
N SER A 135 -2.54 -0.72 10.20
CA SER A 135 -2.16 0.64 9.80
C SER A 135 -1.16 0.68 8.67
N LEU A 136 -1.06 1.84 8.01
CA LEU A 136 -0.04 2.07 7.01
C LEU A 136 1.33 1.83 7.64
N ASN A 137 2.18 1.06 6.98
CA ASN A 137 3.52 0.83 7.47
C ASN A 137 4.43 1.93 6.92
N TYR A 138 5.47 2.34 7.67
CA TYR A 138 6.34 3.40 7.24
C TYR A 138 7.54 2.85 6.47
N GLU A 139 8.09 1.73 6.94
CA GLU A 139 9.25 1.10 6.35
C GLU A 139 8.89 0.22 5.15
N ASN A 140 7.63 0.20 4.73
CA ASN A 140 7.20 -0.55 3.56
C ASN A 140 6.02 0.16 2.89
N PRO A 141 6.21 0.68 1.66
CA PRO A 141 5.18 1.39 0.92
C PRO A 141 4.14 0.42 0.38
N GLY A 142 2.89 0.88 0.29
CA GLY A 142 1.79 0.12 -0.30
C GLY A 142 1.33 -1.05 0.55
N TRP A 143 1.79 -1.18 1.80
CA TRP A 143 1.37 -2.30 2.64
C TRP A 143 1.01 -1.82 4.05
N PHE A 144 0.27 -2.64 4.79
CA PHE A 144 -0.20 -2.29 6.12
C PHE A 144 0.32 -3.25 7.16
N TYR A 145 0.58 -2.71 8.35
CA TYR A 145 1.01 -3.48 9.50
C TYR A 145 -0.21 -3.94 10.28
N LEU A 146 -0.12 -5.12 10.90
CA LEU A 146 -1.24 -5.71 11.61
C LEU A 146 -0.80 -6.10 13.02
N ILE A 147 -0.75 -5.12 13.93
CA ILE A 147 -0.26 -5.33 15.28
C ILE A 147 -1.26 -6.09 16.13
N PHE A 148 -0.78 -7.08 16.88
CA PHE A 148 -1.59 -7.87 17.79
C PHE A 148 -0.88 -8.04 19.14
N LYS A 149 -1.61 -7.86 20.24
CA LYS A 149 -1.15 -8.12 21.60
C LYS A 149 -2.28 -8.80 22.36
N LEU A 150 -1.96 -9.67 23.33
CA LEU A 150 -3.00 -10.33 24.09
C LEU A 150 -3.28 -9.59 25.39
N ASN A 151 -2.32 -8.80 25.87
CA ASN A 151 -2.37 -8.06 27.14
C ASN A 151 -1.32 -6.95 27.05
N ALA A 152 -1.26 -6.06 28.04
CA ALA A 152 -0.16 -5.10 28.10
C ALA A 152 1.14 -5.85 28.38
N GLU A 153 1.01 -6.94 29.13
CA GLU A 153 2.11 -7.76 29.59
C GLU A 153 2.52 -8.80 28.54
N SER A 154 1.76 -8.91 27.44
CA SER A 154 2.02 -9.92 26.42
C SER A 154 3.10 -9.48 25.45
N LYS A 155 3.60 -10.45 24.68
CA LYS A 155 4.44 -10.16 23.54
C LYS A 155 3.59 -9.43 22.50
N LEU A 156 4.19 -9.11 21.36
CA LEU A 156 3.51 -8.39 20.30
C LEU A 156 3.89 -8.95 18.95
N TYR A 157 2.88 -9.10 18.07
CA TYR A 157 3.09 -9.67 16.74
C TYR A 157 2.48 -8.74 15.68
N ILE A 158 3.18 -8.56 14.56
CA ILE A 158 2.71 -7.71 13.48
C ILE A 158 2.66 -8.50 12.17
N TRP A 159 1.47 -8.61 11.57
CA TRP A 159 1.33 -9.27 10.27
C TRP A 159 1.24 -8.20 9.17
N ASN A 160 0.92 -8.58 7.94
CA ASN A 160 1.01 -7.65 6.82
C ASN A 160 0.00 -7.89 5.70
N VAL A 161 -0.47 -6.79 5.07
CA VAL A 161 -1.31 -6.87 3.88
C VAL A 161 -0.87 -5.83 2.85
N LYS A 162 -0.84 -6.23 1.56
CA LYS A 162 -0.45 -5.35 0.47
C LYS A 162 -1.71 -4.76 -0.17
N LEU A 163 -1.68 -3.47 -0.52
CA LEU A 163 -2.84 -2.81 -1.12
C LEU A 163 -2.86 -3.02 -2.63
N THR A 164 -4.04 -3.36 -3.16
CA THR A 164 -4.30 -3.56 -4.58
C THR A 164 -5.68 -2.99 -4.89
N HIS A 165 -5.97 -2.67 -6.15
CA HIS A 165 -7.28 -2.15 -6.49
C HIS A 165 -8.31 -3.29 -6.44
N THR A 166 -7.81 -4.54 -6.47
CA THR A 166 -8.64 -5.72 -6.37
C THR A 166 -9.01 -5.98 -4.89
N GLY A 167 -8.41 -5.24 -3.95
CA GLY A 167 -8.67 -5.44 -2.54
C GLY A 167 -7.41 -5.35 -1.69
N PHE A 168 -7.22 -6.34 -0.82
CA PHE A 168 -6.06 -6.43 0.04
C PHE A 168 -5.46 -7.82 -0.07
N PHE A 169 -4.15 -7.89 -0.36
CA PHE A 169 -3.49 -9.17 -0.54
C PHE A 169 -2.92 -9.64 0.79
N LEU A 170 -3.17 -10.92 1.10
CA LEU A 170 -2.73 -11.53 2.34
C LEU A 170 -2.40 -13.00 2.07
N VAL A 171 -1.22 -13.43 2.55
CA VAL A 171 -0.63 -14.76 2.40
C VAL A 171 -0.57 -15.28 0.96
N ASN A 172 -1.70 -15.43 0.28
CA ASN A 172 -1.73 -15.90 -1.09
C ASN A 172 -3.06 -15.55 -1.79
N TYR A 173 -3.87 -14.66 -1.21
CA TYR A 173 -5.18 -14.35 -1.77
C TYR A 173 -5.54 -12.87 -1.54
N ASN A 174 -6.43 -12.34 -2.40
CA ASN A 174 -6.88 -10.95 -2.30
C ASN A 174 -8.29 -10.88 -1.74
N TYR A 175 -8.52 -9.95 -0.81
CA TYR A 175 -9.81 -9.70 -0.22
C TYR A 175 -10.33 -8.35 -0.71
N PRO A 176 -11.43 -8.34 -1.48
CA PRO A 176 -11.93 -7.18 -2.20
C PRO A 176 -12.47 -6.08 -1.29
N THR A 177 -12.52 -6.31 0.03
CA THR A 177 -12.95 -5.29 0.97
C THR A 177 -12.43 -5.61 2.37
N VAL A 178 -12.38 -4.59 3.23
CA VAL A 178 -11.86 -4.76 4.58
C VAL A 178 -12.75 -5.67 5.41
N ILE A 179 -14.03 -5.81 5.02
CA ILE A 179 -14.93 -6.73 5.68
C ILE A 179 -14.52 -8.16 5.36
N GLN A 180 -14.15 -8.40 4.10
CA GLN A 180 -13.69 -9.70 3.65
C GLN A 180 -12.29 -9.99 4.18
N LEU A 181 -11.47 -8.95 4.35
CA LEU A 181 -10.15 -9.10 4.92
C LEU A 181 -10.25 -9.43 6.41
N CYS A 182 -11.25 -8.86 7.08
CA CYS A 182 -11.50 -9.14 8.49
C CYS A 182 -11.98 -10.58 8.65
N ASN A 183 -12.90 -11.00 7.77
CA ASN A 183 -13.36 -12.37 7.73
C ASN A 183 -12.21 -13.28 7.31
N GLY A 184 -11.28 -12.73 6.50
CA GLY A 184 -10.10 -13.44 6.03
C GLY A 184 -9.15 -13.70 7.19
N PHE A 185 -8.88 -12.66 7.98
CA PHE A 185 -8.04 -12.77 9.14
C PHE A 185 -8.59 -13.83 10.09
N LYS A 186 -9.91 -13.84 10.31
CA LYS A 186 -10.56 -14.78 11.21
C LYS A 186 -10.57 -16.20 10.67
N THR A 187 -10.97 -16.37 9.41
CA THR A 187 -10.96 -17.70 8.82
C THR A 187 -9.53 -18.26 8.74
N LEU A 188 -8.52 -17.37 8.67
CA LEU A 188 -7.13 -17.79 8.59
C LEU A 188 -6.62 -18.24 9.95
N LEU A 189 -6.94 -17.50 11.02
CA LEU A 189 -6.54 -17.90 12.35
C LEU A 189 -7.33 -19.13 12.81
N LYS A 190 -8.53 -19.36 12.24
CA LYS A 190 -9.28 -20.58 12.53
C LYS A 190 -8.76 -21.73 11.69
N SER A 191 -8.25 -21.45 10.49
CA SER A 191 -7.62 -22.49 9.68
C SER A 191 -6.28 -22.85 10.30
N SER A 192 -5.67 -21.92 11.05
CA SER A 192 -4.44 -22.16 11.77
C SER A 192 -4.75 -22.86 13.10
N ASN A 193 -5.89 -22.53 13.70
CA ASN A 193 -6.36 -23.19 14.91
C ASN A 193 -6.85 -24.61 14.58
N THR A 194 -7.10 -24.87 13.30
CA THR A 194 -7.45 -26.21 12.84
C THR A 194 -6.19 -27.08 12.82
N ARG A 195 -5.02 -26.44 12.94
CA ARG A 195 -3.73 -27.12 12.99
C ARG A 195 -3.16 -27.04 14.42
N ASN A 196 -3.27 -25.87 15.04
CA ASN A 196 -2.76 -25.57 16.36
C ASN A 196 -3.89 -25.60 17.39
N PRO B 1 9.50 -7.04 -8.80
CA PRO B 1 8.79 -5.77 -9.06
C PRO B 1 8.24 -5.16 -7.79
N SER B 2 7.31 -5.86 -7.13
CA SER B 2 6.71 -5.40 -5.88
C SER B 2 7.74 -5.43 -4.75
N PTR B 3 7.45 -4.70 -3.67
CA PTR B 3 8.30 -4.63 -2.49
C PTR B 3 7.46 -5.09 -1.29
O PTR B 3 6.56 -4.37 -0.85
CB PTR B 3 8.81 -3.21 -2.29
CG PTR B 3 9.49 -2.58 -3.49
CD1 PTR B 3 9.10 -1.30 -3.92
CD2 PTR B 3 10.53 -3.25 -4.15
CE1 PTR B 3 9.74 -0.70 -5.02
CE2 PTR B 3 11.18 -2.64 -5.25
CZ PTR B 3 10.78 -1.36 -5.69
OH PTR B 3 11.44 -0.83 -6.72
P PTR B 3 11.11 0.63 -7.33
O1P PTR B 3 9.71 0.60 -7.80
O2P PTR B 3 12.17 0.94 -8.31
O3P PTR B 3 11.23 1.71 -6.17
H PTR B 3 6.60 -4.16 -3.66
HA PTR B 3 9.14 -5.31 -2.61
HB2 PTR B 3 7.97 -2.57 -2.01
HB3 PTR B 3 9.51 -3.21 -1.45
HD1 PTR B 3 8.30 -0.79 -3.41
HD2 PTR B 3 10.84 -4.23 -3.82
HE1 PTR B 3 9.40 0.28 -5.34
HE2 PTR B 3 11.98 -3.16 -5.74
HO3P PTR B 3 12.12 1.75 -5.79
N SER B 4 7.74 -6.29 -0.75
CA SER B 4 6.97 -6.81 0.37
C SER B 4 7.72 -7.90 1.14
N PRO B 5 8.08 -7.64 2.40
CA PRO B 5 8.55 -8.65 3.34
C PRO B 5 7.45 -9.67 3.65
N THR B 6 7.60 -10.42 4.75
CA THR B 6 6.61 -11.39 5.18
C THR B 6 6.61 -11.53 6.71
N SER B 7 5.54 -12.12 7.27
CA SER B 7 5.36 -12.29 8.70
C SER B 7 4.35 -13.41 8.96
N PRO B 8 4.44 -14.11 10.10
CA PRO B 8 3.53 -15.17 10.50
C PRO B 8 2.09 -14.67 10.67
N SER B 9 1.15 -15.64 10.69
CA SER B 9 -0.29 -15.39 10.72
C SER B 9 -0.79 -14.89 12.07
N PTR B 10 -1.97 -14.27 12.03
CA PTR B 10 -2.74 -13.84 13.19
C PTR B 10 -3.02 -15.06 14.06
O PTR B 10 -3.73 -15.97 13.64
CB PTR B 10 -4.01 -13.19 12.62
CG PTR B 10 -5.03 -12.55 13.56
CD1 PTR B 10 -5.98 -11.69 13.00
CD2 PTR B 10 -5.07 -12.81 14.94
CE1 PTR B 10 -6.99 -11.12 13.77
CE2 PTR B 10 -6.09 -12.25 15.72
CZ PTR B 10 -7.07 -11.41 15.15
OH PTR B 10 -8.03 -10.92 15.93
P PTR B 10 -9.26 -10.02 15.39
O1P PTR B 10 -8.71 -8.74 14.88
O2P PTR B 10 -10.16 -9.64 16.66
O3P PTR B 10 -10.11 -10.86 14.50
H PTR B 10 -2.38 -14.09 11.12
HA PTR B 10 -2.17 -13.09 13.75
HB2 PTR B 10 -3.68 -12.40 11.95
HB3 PTR B 10 -4.53 -13.93 12.03
HD1 PTR B 10 -5.92 -11.46 11.94
HD2 PTR B 10 -4.34 -13.44 15.40
HE1 PTR B 10 -7.71 -10.46 13.30
HE2 PTR B 10 -6.13 -12.45 16.78
HO2P PTR B 10 -9.66 -9.21 17.34
N SER B 11 -2.47 -15.09 15.28
CA SER B 11 -2.68 -16.21 16.19
C SER B 11 -4.07 -16.14 16.82
N PRO B 12 -4.75 -17.30 16.96
CA PRO B 12 -6.10 -17.37 17.50
C PRO B 12 -6.11 -17.05 18.99
N THR B 13 -6.97 -16.11 19.39
CA THR B 13 -7.21 -15.71 20.78
C THR B 13 -8.45 -14.84 20.80
N SER B 14 -8.98 -14.54 21.99
CA SER B 14 -10.16 -13.68 22.13
C SER B 14 -9.94 -12.35 21.43
N PRO B 15 -10.99 -11.79 20.80
CA PRO B 15 -10.93 -10.46 20.18
C PRO B 15 -10.82 -9.38 21.25
N SER B 16 -10.95 -9.77 22.52
CA SER B 16 -10.84 -8.88 23.66
C SER B 16 -10.43 -9.68 24.89
N HIS A 2 6.91 6.52 -19.44
CA HIS A 2 7.18 7.68 -20.32
C HIS A 2 6.63 8.95 -19.68
N ARG A 3 7.17 10.10 -20.10
CA ARG A 3 6.84 11.37 -19.46
C ARG A 3 5.42 11.83 -19.75
N VAL A 4 4.74 11.16 -20.69
CA VAL A 4 3.34 11.44 -21.01
C VAL A 4 2.60 10.14 -21.26
N ILE A 5 1.26 10.20 -21.15
CA ILE A 5 0.40 9.05 -21.37
C ILE A 5 -0.96 9.56 -21.85
N ASN A 6 -1.70 8.73 -22.60
CA ASN A 6 -2.97 9.13 -23.18
C ASN A 6 -4.11 9.09 -22.15
N HIS A 7 -3.86 8.56 -20.96
CA HIS A 7 -4.91 8.38 -19.96
C HIS A 7 -5.41 9.70 -19.39
N PRO A 8 -6.72 9.83 -19.14
CA PRO A 8 -7.30 11.05 -18.58
C PRO A 8 -6.91 11.24 -17.11
N TYR A 9 -6.42 10.17 -16.46
CA TYR A 9 -5.92 10.26 -15.09
C TYR A 9 -4.45 10.68 -15.06
N TYR A 10 -3.88 11.01 -16.22
CA TYR A 10 -2.51 11.49 -16.31
C TYR A 10 -2.37 12.86 -15.66
N PHE A 11 -1.23 13.07 -14.99
CA PHE A 11 -0.85 14.37 -14.45
C PHE A 11 0.67 14.48 -14.49
N PRO A 12 1.19 15.59 -15.02
CA PRO A 12 2.62 15.80 -15.19
C PRO A 12 3.32 16.19 -13.88
N PHE A 13 2.57 16.32 -12.77
CA PHE A 13 3.15 16.77 -11.53
C PHE A 13 4.09 15.75 -10.90
N ASN A 14 4.97 16.24 -10.03
CA ASN A 14 5.95 15.44 -9.34
C ASN A 14 5.21 14.52 -8.35
N GLY A 15 5.87 13.45 -7.89
CA GLY A 15 5.23 12.54 -6.96
C GLY A 15 4.74 13.27 -5.71
N LYS A 16 5.49 14.28 -5.26
CA LYS A 16 5.12 15.05 -4.08
C LYS A 16 3.88 15.90 -4.37
N GLN A 17 3.81 16.51 -5.55
CA GLN A 17 2.68 17.33 -5.93
C GLN A 17 1.47 16.45 -6.26
N ALA A 18 1.72 15.24 -6.76
CA ALA A 18 0.66 14.28 -7.02
C ALA A 18 0.00 13.91 -5.70
N GLU A 19 0.79 13.74 -4.63
CA GLU A 19 0.27 13.46 -3.31
C GLU A 19 -0.58 14.61 -2.80
N ASP A 20 -0.01 15.83 -2.78
CA ASP A 20 -0.72 16.99 -2.26
C ASP A 20 -1.97 17.29 -3.07
N TYR A 21 -2.01 16.86 -4.34
CA TYR A 21 -3.20 17.00 -5.16
C TYR A 21 -4.30 16.05 -4.68
N LEU A 22 -3.98 14.76 -4.59
CA LEU A 22 -4.96 13.73 -4.23
C LEU A 22 -5.40 13.82 -2.78
N ARG A 23 -4.64 14.53 -1.93
CA ARG A 23 -5.02 14.74 -0.55
C ARG A 23 -6.32 15.55 -0.46
N SER A 24 -6.73 16.17 -1.57
CA SER A 24 -7.95 16.95 -1.64
C SER A 24 -9.08 16.20 -2.35
N LYS A 25 -8.84 14.96 -2.79
CA LYS A 25 -9.83 14.18 -3.53
C LYS A 25 -10.75 13.39 -2.60
N GLU A 26 -10.46 12.09 -2.39
CA GLU A 26 -11.34 11.21 -1.63
C GLU A 26 -10.53 10.08 -0.99
N ARG A 27 -11.17 8.95 -0.66
CA ARG A 27 -10.50 7.87 0.05
C ARG A 27 -9.90 6.82 -0.90
N GLY A 28 -10.30 6.80 -2.17
CA GLY A 28 -9.70 5.94 -3.18
C GLY A 28 -9.48 6.76 -4.44
N ASP A 29 -8.30 7.40 -4.58
CA ASP A 29 -8.08 8.28 -5.73
C ASP A 29 -6.71 8.11 -6.37
N PHE A 30 -6.64 8.06 -7.72
CA PHE A 30 -5.41 7.73 -8.40
C PHE A 30 -5.08 8.70 -9.52
N VAL A 31 -3.78 8.97 -9.69
CA VAL A 31 -3.26 9.83 -10.76
C VAL A 31 -2.03 9.15 -11.38
N ILE A 32 -1.87 9.26 -12.71
CA ILE A 32 -0.75 8.65 -13.41
C ILE A 32 0.31 9.71 -13.70
N ARG A 33 1.57 9.36 -13.51
CA ARG A 33 2.67 10.29 -13.71
C ARG A 33 3.96 9.60 -14.11
N GLN A 34 4.85 10.37 -14.73
CA GLN A 34 6.23 9.98 -14.98
C GLN A 34 6.86 9.47 -13.68
N SER A 35 7.71 8.44 -13.78
CA SER A 35 8.39 7.87 -12.64
C SER A 35 9.73 8.56 -12.39
N SER A 36 10.23 8.48 -11.16
CA SER A 36 11.52 9.07 -10.79
C SER A 36 12.67 8.12 -11.10
N ARG A 37 12.39 6.96 -11.70
CA ARG A 37 13.39 5.91 -11.89
C ARG A 37 13.69 5.57 -13.35
N GLY A 38 13.09 6.28 -14.31
CA GLY A 38 13.44 6.08 -15.72
C GLY A 38 12.37 6.63 -16.66
N ASP A 39 12.78 7.02 -17.88
CA ASP A 39 11.84 7.51 -18.88
C ASP A 39 10.99 6.38 -19.44
N ASP A 40 11.46 5.12 -19.36
CA ASP A 40 10.65 3.98 -19.74
C ASP A 40 9.70 3.64 -18.59
N HIS A 41 9.80 4.35 -17.47
CA HIS A 41 8.96 4.07 -16.32
C HIS A 41 7.85 5.12 -16.17
N LEU A 42 6.78 4.69 -15.51
CA LEU A 42 5.63 5.52 -15.17
C LEU A 42 5.18 5.12 -13.77
N ALA A 43 4.31 5.90 -13.13
CA ALA A 43 3.82 5.59 -11.81
C ALA A 43 2.36 5.98 -11.64
N ILE A 44 1.64 5.21 -10.81
CA ILE A 44 0.28 5.52 -10.41
C ILE A 44 0.34 5.90 -8.94
N THR A 45 -0.14 7.10 -8.58
CA THR A 45 -0.18 7.52 -7.20
C THR A 45 -1.62 7.43 -6.72
N TRP A 46 -1.88 6.53 -5.78
CA TRP A 46 -3.21 6.29 -5.24
C TRP A 46 -3.33 6.87 -3.83
N LYS A 47 -4.53 7.35 -3.50
CA LYS A 47 -4.90 8.01 -2.26
C LYS A 47 -5.71 7.02 -1.43
N LEU A 48 -5.36 6.90 -0.13
CA LEU A 48 -5.97 5.93 0.77
C LEU A 48 -6.69 6.60 1.93
N ASP A 49 -6.16 7.72 2.43
CA ASP A 49 -6.73 8.47 3.54
C ASP A 49 -6.09 9.85 3.57
N LYS A 50 -6.54 10.72 4.48
CA LYS A 50 -5.91 12.01 4.66
C LYS A 50 -4.44 11.77 4.98
N ASP A 51 -3.55 12.53 4.33
CA ASP A 51 -2.11 12.39 4.51
C ASP A 51 -1.61 10.97 4.24
N LEU A 52 -2.26 10.24 3.31
CA LEU A 52 -1.85 8.89 2.98
C LEU A 52 -2.10 8.54 1.53
N PHE A 53 -1.12 7.86 0.93
CA PHE A 53 -1.10 7.52 -0.48
C PHE A 53 -0.26 6.26 -0.70
N GLN A 54 -0.07 5.90 -1.98
CA GLN A 54 0.82 4.83 -2.40
C GLN A 54 1.26 5.11 -3.84
N HIS A 55 2.55 4.93 -4.14
CA HIS A 55 3.05 5.04 -5.50
C HIS A 55 3.30 3.64 -6.06
N VAL A 56 2.66 3.31 -7.18
CA VAL A 56 2.84 2.03 -7.84
C VAL A 56 3.72 2.23 -9.06
N ASP A 57 4.85 1.54 -9.13
CA ASP A 57 5.81 1.73 -10.22
C ASP A 57 5.39 0.92 -11.45
N ILE A 58 5.77 1.43 -12.63
CA ILE A 58 5.48 0.80 -13.89
C ILE A 58 6.72 0.85 -14.77
N GLN A 59 6.96 -0.21 -15.56
CA GLN A 59 8.00 -0.18 -16.57
C GLN A 59 7.41 -0.48 -17.94
N GLU A 60 7.71 0.39 -18.90
CA GLU A 60 7.18 0.30 -20.25
C GLU A 60 8.16 -0.44 -21.16
N LEU A 61 7.86 -1.72 -21.41
CA LEU A 61 8.63 -2.57 -22.30
C LEU A 61 8.09 -2.45 -23.74
N GLU A 62 8.63 -3.25 -24.66
CA GLU A 62 8.40 -3.20 -26.11
C GLU A 62 9.11 -2.05 -26.81
N LYS A 63 9.38 -0.91 -26.14
CA LYS A 63 10.10 0.16 -26.83
C LYS A 63 11.61 -0.03 -26.76
N GLU A 64 12.25 0.16 -27.91
CA GLU A 64 13.69 0.04 -28.09
C GLU A 64 14.42 1.30 -27.61
N ASN A 65 13.66 2.31 -27.18
CA ASN A 65 14.19 3.52 -26.58
C ASN A 65 13.28 3.92 -25.42
N PRO A 66 13.84 4.23 -24.24
CA PRO A 66 13.05 4.63 -23.09
C PRO A 66 12.45 6.02 -23.29
N LEU A 67 12.93 6.76 -24.30
CA LEU A 67 12.37 8.06 -24.67
C LEU A 67 11.08 7.86 -25.45
N ALA A 68 10.65 6.61 -25.60
CA ALA A 68 9.42 6.27 -26.30
C ALA A 68 8.51 5.42 -25.42
N LEU A 69 7.20 5.58 -25.61
CA LEU A 69 6.19 4.87 -24.83
C LEU A 69 6.04 3.45 -25.34
N GLY A 70 6.34 2.47 -24.48
CA GLY A 70 6.31 1.06 -24.82
C GLY A 70 4.89 0.50 -24.73
N LYS A 71 4.56 -0.47 -25.59
CA LYS A 71 3.26 -1.09 -25.59
C LYS A 71 2.99 -1.91 -24.34
N VAL A 72 4.04 -2.52 -23.79
CA VAL A 72 3.92 -3.32 -22.59
C VAL A 72 4.02 -2.43 -21.36
N LEU A 73 3.34 -2.81 -20.29
CA LEU A 73 3.44 -2.13 -19.02
C LEU A 73 3.58 -3.17 -17.91
N VAL A 74 4.75 -3.20 -17.28
CA VAL A 74 5.07 -4.12 -16.18
C VAL A 74 4.82 -3.42 -14.85
N VAL A 75 4.14 -4.11 -13.92
CA VAL A 75 3.88 -3.61 -12.59
C VAL A 75 4.15 -4.71 -11.58
N GLU A 76 4.97 -4.42 -10.57
CA GLU A 76 5.37 -5.39 -9.55
C GLU A 76 5.86 -6.69 -10.18
N GLY A 77 6.40 -6.62 -11.41
CA GLY A 77 6.95 -7.78 -12.10
C GLY A 77 5.92 -8.51 -12.97
N GLN A 78 4.80 -7.87 -13.30
CA GLN A 78 3.76 -8.49 -14.11
C GLN A 78 3.41 -7.58 -15.28
N ARG A 79 3.51 -8.09 -16.51
CA ARG A 79 3.31 -7.28 -17.71
C ARG A 79 1.86 -7.24 -18.16
N TYR A 80 1.51 -6.16 -18.87
CA TYR A 80 0.18 -5.97 -19.44
C TYR A 80 0.28 -5.28 -20.79
N HIS A 81 -0.81 -5.35 -21.56
CA HIS A 81 -0.85 -4.89 -22.94
C HIS A 81 -1.12 -3.39 -23.08
N ASP A 82 -1.55 -2.75 -21.99
CA ASP A 82 -1.95 -1.35 -21.99
C ASP A 82 -2.05 -0.82 -20.56
N LEU A 83 -1.93 0.51 -20.41
CA LEU A 83 -2.09 1.20 -19.16
C LEU A 83 -3.47 0.92 -18.55
N ASP A 84 -4.52 0.89 -19.37
CA ASP A 84 -5.84 0.59 -18.84
C ASP A 84 -5.91 -0.84 -18.30
N GLN A 85 -5.03 -1.73 -18.77
CA GLN A 85 -4.98 -3.07 -18.20
C GLN A 85 -4.30 -3.02 -16.84
N ILE A 86 -3.22 -2.23 -16.69
CA ILE A 86 -2.55 -2.20 -15.40
C ILE A 86 -3.41 -1.50 -14.38
N ILE A 87 -4.12 -0.44 -14.79
CA ILE A 87 -4.91 0.32 -13.84
C ILE A 87 -6.14 -0.47 -13.41
N VAL A 88 -6.92 -1.03 -14.33
CA VAL A 88 -8.12 -1.72 -13.90
C VAL A 88 -7.74 -3.01 -13.18
N GLU A 89 -6.74 -3.76 -13.68
CA GLU A 89 -6.33 -4.96 -12.97
C GLU A 89 -5.72 -4.61 -11.62
N TYR A 90 -4.73 -3.72 -11.57
CA TYR A 90 -4.09 -3.46 -10.30
C TYR A 90 -5.07 -2.78 -9.35
N LEU A 91 -5.81 -1.77 -9.82
CA LEU A 91 -6.73 -1.08 -8.93
C LEU A 91 -7.93 -1.92 -8.55
N GLN A 92 -8.66 -2.48 -9.52
CA GLN A 92 -9.88 -3.18 -9.14
C GLN A 92 -9.55 -4.39 -8.27
N ASN A 93 -8.48 -5.11 -8.60
CA ASN A 93 -8.11 -6.26 -7.79
C ASN A 93 -7.58 -5.81 -6.44
N LYS A 94 -6.84 -4.70 -6.36
CA LYS A 94 -6.34 -4.22 -5.10
C LYS A 94 -7.48 -3.69 -4.24
N ILE A 95 -8.42 -2.97 -4.87
CA ILE A 95 -9.56 -2.41 -4.16
C ILE A 95 -10.52 -3.53 -3.74
N ARG A 96 -10.56 -4.64 -4.48
CA ARG A 96 -11.35 -5.79 -4.06
C ARG A 96 -10.71 -6.45 -2.84
N LEU A 97 -9.38 -6.54 -2.84
CA LEU A 97 -8.63 -7.03 -1.69
C LEU A 97 -8.79 -6.06 -0.53
N LEU A 98 -8.99 -4.78 -0.84
CA LEU A 98 -9.27 -3.77 0.19
C LEU A 98 -10.67 -3.99 0.75
N ASN A 99 -11.61 -4.49 -0.05
CA ASN A 99 -12.96 -4.76 0.46
C ASN A 99 -12.93 -5.97 1.41
N GLU A 100 -12.14 -7.00 1.09
CA GLU A 100 -12.09 -8.17 1.96
C GLU A 100 -11.37 -7.83 3.26
N LEU A 101 -10.34 -6.98 3.21
CA LEU A 101 -9.65 -6.61 4.42
C LEU A 101 -10.47 -5.63 5.25
N THR A 102 -11.11 -4.64 4.62
CA THR A 102 -11.86 -3.64 5.38
C THR A 102 -13.11 -4.25 6.00
N SER A 103 -13.65 -5.31 5.38
CA SER A 103 -14.79 -6.04 5.91
C SER A 103 -14.37 -7.05 6.96
N ASN A 104 -13.06 -7.32 7.07
CA ASN A 104 -12.50 -8.30 7.99
C ASN A 104 -12.66 -7.90 9.46
N GLU A 105 -12.77 -8.89 10.35
CA GLU A 105 -12.89 -8.65 11.78
C GLU A 105 -11.59 -8.09 12.34
N LYS A 106 -10.46 -8.42 11.68
CA LYS A 106 -9.14 -7.97 12.09
C LYS A 106 -8.90 -6.52 11.71
N PHE A 107 -9.79 -5.90 10.93
CA PHE A 107 -9.54 -4.55 10.45
C PHE A 107 -10.08 -3.48 11.40
N LYS A 108 -9.25 -2.47 11.68
CA LYS A 108 -9.60 -1.33 12.53
C LYS A 108 -10.29 -0.24 11.73
N ALA A 109 -10.61 0.87 12.40
CA ALA A 109 -11.46 1.92 11.88
C ALA A 109 -11.16 2.38 10.46
N GLY A 110 -10.21 3.30 10.27
CA GLY A 110 -9.89 3.79 8.94
C GLY A 110 -8.91 4.96 8.93
N THR A 111 -8.78 5.70 10.05
CA THR A 111 -7.80 6.77 10.11
C THR A 111 -7.09 6.78 11.48
N LYS A 112 -5.94 7.45 11.56
CA LYS A 112 -5.02 7.36 12.70
C LYS A 112 -5.73 7.47 14.04
N LYS A 113 -6.49 8.56 14.19
CA LYS A 113 -7.16 8.91 15.44
C LYS A 113 -8.25 7.89 15.77
N GLU A 114 -8.89 7.38 14.72
CA GLU A 114 -9.95 6.41 14.85
C GLU A 114 -9.40 5.03 15.22
N VAL A 115 -8.39 4.56 14.50
CA VAL A 115 -7.81 3.25 14.79
C VAL A 115 -7.09 3.26 16.14
N VAL A 116 -6.52 4.41 16.54
CA VAL A 116 -5.85 4.49 17.83
C VAL A 116 -6.89 4.51 18.95
N LYS A 117 -8.01 5.20 18.74
CA LYS A 117 -9.10 5.23 19.71
C LYS A 117 -9.81 3.88 19.77
N PHE A 118 -9.91 3.17 18.65
CA PHE A 118 -10.58 1.90 18.65
C PHE A 118 -9.71 0.81 19.29
N ILE A 119 -8.39 0.82 19.04
CA ILE A 119 -7.54 -0.19 19.65
C ILE A 119 -7.36 0.09 21.13
N GLU A 120 -7.25 1.36 21.53
CA GLU A 120 -7.09 1.66 22.94
C GLU A 120 -8.40 1.34 23.65
N ASP A 121 -9.55 1.71 23.06
CA ASP A 121 -10.84 1.41 23.67
C ASP A 121 -11.01 -0.09 23.76
N TYR A 122 -10.70 -0.83 22.69
CA TYR A 122 -10.88 -2.27 22.71
C TYR A 122 -9.92 -2.91 23.69
N SER A 123 -8.78 -2.26 23.97
CA SER A 123 -7.81 -2.82 24.90
C SER A 123 -8.22 -2.51 26.34
N LYS A 124 -8.64 -1.27 26.62
CA LYS A 124 -8.97 -0.86 27.98
C LYS A 124 -10.28 -1.45 28.47
N VAL A 125 -11.21 -1.76 27.57
CA VAL A 125 -12.43 -2.43 27.91
C VAL A 125 -12.20 -3.93 28.12
N ASN A 126 -11.01 -4.40 27.72
CA ASN A 126 -10.59 -5.79 27.84
C ASN A 126 -9.15 -5.87 28.34
N PRO A 127 -8.85 -5.27 29.50
CA PRO A 127 -7.50 -5.07 29.99
C PRO A 127 -6.78 -6.34 30.42
N LYS A 128 -7.32 -7.52 30.06
CA LYS A 128 -6.67 -8.79 30.33
C LYS A 128 -6.73 -9.71 29.12
N LYS A 129 -7.29 -9.23 28.01
CA LYS A 129 -7.29 -9.94 26.74
C LYS A 129 -6.33 -9.23 25.78
N SER A 130 -5.76 -9.96 24.82
CA SER A 130 -4.81 -9.39 23.88
C SER A 130 -5.55 -8.75 22.71
N VAL A 131 -4.83 -7.90 21.96
CA VAL A 131 -5.41 -7.11 20.89
C VAL A 131 -4.54 -7.16 19.65
N TYR A 132 -5.14 -7.35 18.48
CA TYR A 132 -4.41 -7.35 17.21
C TYR A 132 -5.33 -6.92 16.08
N TYR A 133 -4.97 -5.85 15.37
CA TYR A 133 -5.74 -5.36 14.24
C TYR A 133 -4.89 -4.81 13.09
N PHE A 134 -5.52 -4.77 11.91
CA PHE A 134 -4.95 -4.28 10.67
C PHE A 134 -5.66 -2.99 10.27
N SER A 135 -4.93 -2.00 9.75
CA SER A 135 -5.55 -0.82 9.16
C SER A 135 -4.57 -0.16 8.20
N LEU A 136 -4.88 1.05 7.71
CA LEU A 136 -3.95 1.76 6.84
C LEU A 136 -2.68 2.07 7.64
N ASN A 137 -1.60 2.45 6.94
CA ASN A 137 -0.30 2.63 7.58
C ASN A 137 -0.13 4.01 8.22
N TYR A 138 -0.55 5.06 7.49
CA TYR A 138 -0.38 6.47 7.82
C TYR A 138 1.06 6.87 8.09
N GLU A 139 1.96 5.90 8.05
CA GLU A 139 3.39 6.07 8.33
C GLU A 139 4.27 5.40 7.28
N ASN A 140 3.69 4.60 6.39
CA ASN A 140 4.44 3.81 5.41
C ASN A 140 3.56 3.57 4.17
N PRO A 141 3.50 4.52 3.23
CA PRO A 141 2.62 4.41 2.07
C PRO A 141 2.96 3.15 1.28
N GLY A 142 1.93 2.37 0.96
CA GLY A 142 2.10 1.06 0.32
C GLY A 142 2.00 -0.09 1.32
N TRP A 143 1.60 0.19 2.57
CA TRP A 143 1.51 -0.84 3.61
C TRP A 143 0.21 -0.70 4.42
N PHE A 144 -0.09 -1.71 5.23
CA PHE A 144 -1.14 -1.68 6.25
C PHE A 144 -0.51 -1.81 7.62
N TYR A 145 -1.03 -1.10 8.63
CA TYR A 145 -0.49 -1.21 9.97
C TYR A 145 -1.07 -2.43 10.67
N LEU A 146 -0.30 -3.05 11.55
CA LEU A 146 -0.67 -4.29 12.22
C LEU A 146 -0.41 -4.16 13.71
N ILE A 147 -1.29 -3.46 14.40
CA ILE A 147 -1.15 -3.15 15.82
C ILE A 147 -1.40 -4.38 16.68
N PHE A 148 -0.54 -4.58 17.70
CA PHE A 148 -0.66 -5.67 18.65
C PHE A 148 -0.36 -5.21 20.07
N LYS A 149 -1.19 -5.65 21.03
CA LYS A 149 -1.00 -5.41 22.46
C LYS A 149 -1.36 -6.68 23.21
N LEU A 150 -0.64 -7.00 24.29
CA LEU A 150 -0.94 -8.19 25.08
C LEU A 150 -2.16 -7.94 25.95
N ASN A 151 -2.41 -6.68 26.33
CA ASN A 151 -3.59 -6.24 27.06
C ASN A 151 -3.56 -4.70 27.16
N ALA A 152 -4.45 -4.11 27.96
CA ALA A 152 -4.53 -2.66 28.10
C ALA A 152 -3.22 -2.08 28.63
N GLU A 153 -2.62 -2.76 29.61
CA GLU A 153 -1.50 -2.25 30.37
C GLU A 153 -0.17 -2.55 29.70
N SER A 154 -0.20 -3.34 28.63
CA SER A 154 0.99 -3.81 27.94
C SER A 154 1.52 -2.81 26.93
N LYS A 155 2.75 -3.10 26.46
CA LYS A 155 3.39 -2.38 25.38
C LYS A 155 2.56 -2.57 24.10
N LEU A 156 3.03 -1.97 23.01
CA LEU A 156 2.33 -2.05 21.75
C LEU A 156 3.34 -2.16 20.61
N TYR A 157 3.03 -3.02 19.64
CA TYR A 157 3.85 -3.25 18.48
C TYR A 157 3.01 -3.12 17.22
N ILE A 158 3.55 -2.42 16.21
CA ILE A 158 2.86 -2.27 14.94
C ILE A 158 3.73 -2.82 13.82
N TRP A 159 3.34 -3.98 13.30
CA TRP A 159 3.98 -4.53 12.11
C TRP A 159 3.33 -3.90 10.89
N ASN A 160 3.87 -4.15 9.70
CA ASN A 160 3.27 -3.62 8.48
C ASN A 160 3.31 -4.65 7.36
N VAL A 161 2.28 -4.66 6.52
CA VAL A 161 2.18 -5.56 5.37
C VAL A 161 1.93 -4.74 4.11
N LYS A 162 2.75 -4.96 3.08
CA LYS A 162 2.66 -4.21 1.84
C LYS A 162 1.40 -4.65 1.07
N LEU A 163 0.75 -3.71 0.37
CA LEU A 163 -0.38 -4.06 -0.44
C LEU A 163 0.04 -4.23 -1.91
N THR A 164 -0.59 -5.20 -2.57
CA THR A 164 -0.35 -5.52 -3.97
C THR A 164 -1.63 -6.08 -4.58
N HIS A 165 -1.78 -5.94 -5.90
CA HIS A 165 -2.97 -6.43 -6.58
C HIS A 165 -3.03 -7.96 -6.54
N THR A 166 -1.89 -8.58 -6.21
CA THR A 166 -1.77 -10.03 -6.13
C THR A 166 -2.11 -10.53 -4.71
N GLY A 167 -2.26 -9.61 -3.75
CA GLY A 167 -2.50 -10.00 -2.37
C GLY A 167 -1.91 -9.00 -1.37
N PHE A 168 -1.24 -9.54 -0.35
CA PHE A 168 -0.58 -8.76 0.69
C PHE A 168 0.80 -9.32 0.93
N PHE A 169 1.82 -8.47 1.04
CA PHE A 169 3.21 -8.93 1.11
C PHE A 169 3.87 -8.64 2.45
N LEU A 170 4.48 -9.68 3.01
CA LEU A 170 5.19 -9.60 4.27
C LEU A 170 6.44 -10.47 4.20
N VAL A 171 7.57 -9.92 4.68
CA VAL A 171 8.89 -10.55 4.66
C VAL A 171 9.33 -10.88 3.23
N ASN A 172 8.81 -11.95 2.63
CA ASN A 172 9.21 -12.39 1.29
C ASN A 172 8.08 -13.13 0.58
N TYR A 173 6.84 -13.07 1.06
CA TYR A 173 5.76 -13.84 0.48
C TYR A 173 4.48 -13.02 0.32
N ASN A 174 3.70 -13.32 -0.73
CA ASN A 174 2.44 -12.65 -1.02
C ASN A 174 1.27 -13.56 -0.64
N TYR A 175 0.27 -12.99 0.04
CA TYR A 175 -0.92 -13.71 0.44
C TYR A 175 -2.13 -13.12 -0.29
N PRO A 176 -2.75 -13.90 -1.19
CA PRO A 176 -3.80 -13.42 -2.09
C PRO A 176 -5.10 -13.03 -1.38
N THR A 177 -5.18 -13.24 -0.07
CA THR A 177 -6.36 -12.87 0.71
C THR A 177 -5.98 -12.69 2.17
N VAL A 178 -6.78 -11.94 2.93
CA VAL A 178 -6.48 -11.65 4.32
C VAL A 178 -6.52 -12.93 5.16
N ILE A 179 -7.28 -13.95 4.73
CA ILE A 179 -7.33 -15.21 5.44
C ILE A 179 -5.96 -15.88 5.31
N GLN A 180 -5.37 -15.82 4.12
CA GLN A 180 -4.05 -16.38 3.87
C GLN A 180 -2.99 -15.52 4.54
N LEU A 181 -3.24 -14.21 4.69
CA LEU A 181 -2.30 -13.32 5.35
C LEU A 181 -2.26 -13.63 6.84
N CYS A 182 -3.41 -13.91 7.46
CA CYS A 182 -3.44 -14.21 8.88
C CYS A 182 -2.80 -15.59 9.12
N ASN A 183 -3.09 -16.55 8.24
CA ASN A 183 -2.47 -17.86 8.31
C ASN A 183 -0.96 -17.71 8.06
N GLY A 184 -0.60 -16.80 7.16
CA GLY A 184 0.79 -16.51 6.86
C GLY A 184 1.46 -15.80 8.02
N PHE A 185 0.69 -15.05 8.81
CA PHE A 185 1.25 -14.36 9.97
C PHE A 185 1.66 -15.42 10.99
N LYS A 186 0.81 -16.42 11.20
CA LYS A 186 1.09 -17.52 12.11
C LYS A 186 2.19 -18.44 11.56
N THR A 187 2.19 -18.66 10.25
CA THR A 187 3.26 -19.47 9.66
C THR A 187 4.60 -18.73 9.70
N LEU A 188 4.57 -17.38 9.77
CA LEU A 188 5.79 -16.59 9.84
C LEU A 188 6.38 -16.58 11.24
N LEU A 189 5.54 -16.49 12.28
CA LEU A 189 6.05 -16.57 13.65
C LEU A 189 6.58 -17.97 13.90
N LYS A 190 6.05 -18.99 13.21
CA LYS A 190 6.57 -20.34 13.37
C LYS A 190 7.85 -20.50 12.55
N SER A 191 7.94 -19.81 11.41
CA SER A 191 9.16 -19.83 10.61
C SER A 191 10.26 -19.06 11.32
N SER A 192 9.88 -18.03 12.08
CA SER A 192 10.82 -17.27 12.89
C SER A 192 11.20 -18.11 14.11
N ASN A 193 10.23 -18.85 14.67
CA ASN A 193 10.49 -19.81 15.72
C ASN A 193 10.98 -21.14 15.16
N THR A 194 11.57 -21.09 13.96
CA THR A 194 12.34 -22.16 13.37
C THR A 194 13.77 -21.65 13.21
N ARG A 195 14.01 -20.46 13.77
CA ARG A 195 15.28 -19.75 13.73
C ARG A 195 15.61 -19.16 15.11
N ASN A 196 14.58 -19.00 15.95
CA ASN A 196 14.72 -18.49 17.31
C ASN A 196 13.89 -19.33 18.28
N PRO B 1 6.45 1.00 -5.70
CA PRO B 1 5.29 0.23 -5.22
C PRO B 1 4.95 0.56 -3.77
N SER B 2 5.99 0.76 -2.96
CA SER B 2 5.88 1.17 -1.58
C SER B 2 7.15 1.91 -1.20
N PTR B 3 7.05 2.97 -0.40
CA PTR B 3 8.20 3.82 -0.09
C PTR B 3 8.56 3.71 1.40
O PTR B 3 8.58 4.71 2.10
CB PTR B 3 7.90 5.26 -0.50
CG PTR B 3 7.97 5.59 -1.99
CD1 PTR B 3 7.40 4.76 -2.96
CD2 PTR B 3 8.63 6.77 -2.40
CE1 PTR B 3 7.46 5.10 -4.32
CE2 PTR B 3 8.68 7.12 -3.75
CZ PTR B 3 8.08 6.29 -4.73
OH PTR B 3 8.07 6.59 -6.03
P PTR B 3 8.61 7.98 -6.64
O1P PTR B 3 8.15 8.03 -8.05
O2P PTR B 3 10.06 8.06 -6.34
O3P PTR B 3 7.88 9.18 -5.88
H PTR B 3 6.16 3.21 0.00
HA PTR B 3 9.06 3.48 -0.66
HB2 PTR B 3 6.92 5.55 -0.13
HB3 PTR B 3 8.64 5.91 0.00
HD1 PTR B 3 6.90 3.85 -2.66
HD2 PTR B 3 9.07 7.42 -1.66
HE1 PTR B 3 7.03 4.44 -5.05
HE2 PTR B 3 9.19 8.04 -4.03
HO3P PTR B 3 8.08 9.20 -4.94
N SER B 4 8.84 2.49 1.87
CA SER B 4 9.29 2.26 3.23
C SER B 4 9.85 0.83 3.37
N PRO B 5 10.87 0.63 4.23
CA PRO B 5 11.45 -0.68 4.52
C PRO B 5 10.44 -1.65 5.13
N THR B 6 10.84 -2.93 5.23
CA THR B 6 10.00 -3.97 5.82
C THR B 6 10.00 -3.89 7.34
N SER B 7 8.93 -4.44 7.95
CA SER B 7 8.77 -4.52 9.40
C SER B 7 9.42 -5.79 9.94
N PRO B 8 9.62 -5.88 11.26
CA PRO B 8 10.11 -7.08 11.91
C PRO B 8 9.10 -8.22 11.76
N SER B 9 9.48 -9.43 12.18
CA SER B 9 8.58 -10.58 12.11
C SER B 9 7.61 -10.59 13.29
N PTR B 10 6.50 -11.31 13.12
CA PTR B 10 5.46 -11.45 14.12
C PTR B 10 5.95 -12.37 15.24
O PTR B 10 6.44 -13.46 14.97
CB PTR B 10 4.22 -11.99 13.42
CG PTR B 10 2.94 -12.15 14.22
CD1 PTR B 10 1.91 -12.91 13.65
CD2 PTR B 10 2.74 -11.56 15.47
CE1 PTR B 10 0.67 -13.09 14.30
CE2 PTR B 10 1.51 -11.74 16.15
CZ PTR B 10 0.46 -12.49 15.57
OH PTR B 10 -0.68 -12.61 16.23
P PTR B 10 -1.99 -13.34 15.61
O1P PTR B 10 -2.52 -12.48 14.52
O2P PTR B 10 -3.10 -13.36 16.76
O3P PTR B 10 -1.66 -14.75 15.32
H PTR B 10 6.37 -11.81 12.25
HA PTR B 10 5.24 -10.47 14.54
HB2 PTR B 10 4.00 -11.33 12.58
HB3 PTR B 10 4.47 -12.97 13.01
HD1 PTR B 10 2.05 -13.38 12.69
HD2 PTR B 10 3.51 -10.98 15.93
HE1 PTR B 10 -0.09 -13.68 13.84
HE2 PTR B 10 1.37 -11.29 17.12
HO2P PTR B 10 -2.80 -13.83 17.54
N SER B 11 5.82 -11.94 16.51
CA SER B 11 6.19 -12.76 17.65
C SER B 11 5.11 -13.82 17.88
N PRO B 12 5.44 -14.91 18.56
CA PRO B 12 4.50 -15.95 18.95
C PRO B 12 3.60 -15.43 20.06
N THR B 13 2.79 -14.41 19.73
CA THR B 13 1.91 -13.70 20.66
C THR B 13 2.64 -13.31 21.93
N SER B 14 3.95 -13.08 21.82
CA SER B 14 4.82 -12.73 22.94
C SER B 14 5.21 -11.26 22.87
N PRO B 15 5.34 -10.59 24.02
CA PRO B 15 5.77 -9.20 24.11
C PRO B 15 7.26 -9.05 23.82
N SER B 16 7.98 -10.18 23.72
CA SER B 16 9.42 -10.20 23.43
C SER B 16 9.83 -11.57 22.93
N HIS A 2 -9.10 20.81 -12.60
CA HIS A 2 -9.06 21.80 -13.69
C HIS A 2 -8.45 21.21 -14.96
N ARG A 3 -7.17 20.82 -14.93
CA ARG A 3 -6.52 20.28 -16.12
C ARG A 3 -7.06 18.90 -16.47
N VAL A 4 -7.00 18.57 -17.77
CA VAL A 4 -7.45 17.30 -18.31
C VAL A 4 -6.25 16.51 -18.84
N ILE A 5 -6.50 15.26 -19.25
CA ILE A 5 -5.43 14.37 -19.69
C ILE A 5 -5.88 13.48 -20.85
N ASN A 6 -7.09 13.72 -21.32
CA ASN A 6 -7.72 13.04 -22.43
C ASN A 6 -7.97 11.54 -22.27
N HIS A 7 -7.31 10.88 -21.30
CA HIS A 7 -7.53 9.46 -21.04
C HIS A 7 -8.96 9.20 -20.57
N PRO A 8 -9.51 8.01 -20.84
CA PRO A 8 -10.88 7.67 -20.50
C PRO A 8 -11.07 7.53 -19.00
N TYR A 9 -9.99 7.43 -18.23
CA TYR A 9 -10.06 7.33 -16.77
C TYR A 9 -9.91 8.70 -16.11
N TYR A 10 -9.77 9.76 -16.92
CA TYR A 10 -9.58 11.11 -16.42
C TYR A 10 -10.82 11.65 -15.71
N PHE A 11 -10.56 12.48 -14.70
CA PHE A 11 -11.56 13.28 -14.03
C PHE A 11 -10.87 14.55 -13.53
N PRO A 12 -11.23 15.72 -14.07
CA PRO A 12 -10.61 17.00 -13.74
C PRO A 12 -11.02 17.47 -12.34
N PHE A 13 -11.61 16.56 -11.56
CA PHE A 13 -12.11 16.82 -10.22
C PHE A 13 -11.00 17.21 -9.25
N ASN A 14 -11.43 17.72 -8.09
CA ASN A 14 -10.53 18.02 -6.99
C ASN A 14 -10.11 16.69 -6.36
N GLY A 15 -9.07 16.69 -5.51
CA GLY A 15 -8.60 15.46 -4.90
C GLY A 15 -9.73 14.77 -4.13
N LYS A 16 -10.38 15.50 -3.22
CA LYS A 16 -11.47 14.96 -2.41
C LYS A 16 -12.66 14.54 -3.29
N GLN A 17 -12.84 15.21 -4.43
CA GLN A 17 -13.93 14.89 -5.34
C GLN A 17 -13.62 13.63 -6.12
N ALA A 18 -12.36 13.41 -6.48
CA ALA A 18 -11.96 12.17 -7.14
C ALA A 18 -12.13 11.01 -6.18
N GLU A 19 -11.86 11.23 -4.89
CA GLU A 19 -12.06 10.21 -3.86
C GLU A 19 -13.53 9.88 -3.70
N ASP A 20 -14.39 10.89 -3.51
CA ASP A 20 -15.80 10.64 -3.30
C ASP A 20 -16.45 10.08 -4.55
N TYR A 21 -15.84 10.29 -5.72
CA TYR A 21 -16.33 9.69 -6.95
C TYR A 21 -16.01 8.20 -7.00
N LEU A 22 -14.74 7.82 -6.81
CA LEU A 22 -14.32 6.42 -6.86
C LEU A 22 -14.92 5.62 -5.73
N ARG A 23 -15.37 6.27 -4.65
CA ARG A 23 -16.02 5.59 -3.55
C ARG A 23 -17.28 4.90 -4.06
N SER A 24 -17.85 5.42 -5.14
CA SER A 24 -19.04 4.85 -5.77
C SER A 24 -18.68 3.70 -6.70
N LYS A 25 -17.37 3.42 -6.89
CA LYS A 25 -16.92 2.35 -7.74
C LYS A 25 -16.55 1.12 -6.92
N GLU A 26 -15.37 0.55 -7.19
CA GLU A 26 -15.04 -0.78 -6.72
C GLU A 26 -13.73 -0.88 -5.94
N ARG A 27 -13.60 -1.98 -5.22
CA ARG A 27 -12.50 -2.29 -4.32
C ARG A 27 -11.13 -2.42 -4.99
N GLY A 28 -11.03 -2.00 -6.24
CA GLY A 28 -9.78 -1.98 -6.99
C GLY A 28 -9.97 -1.13 -8.23
N ASP A 29 -10.44 0.12 -8.05
CA ASP A 29 -10.84 0.93 -9.21
C ASP A 29 -10.26 2.35 -9.10
N PHE A 30 -9.89 2.93 -10.23
CA PHE A 30 -9.06 4.13 -10.31
C PHE A 30 -9.66 5.26 -11.14
N VAL A 31 -9.17 6.48 -10.90
CA VAL A 31 -9.43 7.67 -11.70
C VAL A 31 -8.17 8.52 -11.78
N ILE A 32 -7.95 9.19 -12.92
CA ILE A 32 -6.82 10.10 -13.07
C ILE A 32 -7.30 11.51 -12.74
N ARG A 33 -6.55 12.24 -11.92
CA ARG A 33 -6.94 13.55 -11.45
C ARG A 33 -5.75 14.48 -11.29
N GLN A 34 -5.92 15.76 -11.64
CA GLN A 34 -4.90 16.77 -11.46
C GLN A 34 -4.42 16.78 -10.00
N SER A 35 -3.12 16.92 -9.80
CA SER A 35 -2.51 16.75 -8.48
C SER A 35 -2.85 17.89 -7.52
N SER A 36 -3.19 19.06 -8.06
CA SER A 36 -3.34 20.31 -7.31
C SER A 36 -2.05 20.75 -6.62
N ARG A 37 -0.97 19.96 -6.71
CA ARG A 37 0.35 20.35 -6.26
C ARG A 37 0.99 21.30 -7.27
N GLY A 38 0.51 21.23 -8.52
CA GLY A 38 0.98 22.05 -9.61
C GLY A 38 0.37 21.55 -10.91
N ASP A 39 0.40 22.39 -11.96
CA ASP A 39 -0.18 22.00 -13.23
C ASP A 39 0.66 20.91 -13.91
N ASP A 40 1.97 20.84 -13.62
CA ASP A 40 2.83 19.81 -14.17
C ASP A 40 2.70 18.52 -13.36
N HIS A 41 1.67 18.38 -12.53
CA HIS A 41 1.48 17.19 -11.73
C HIS A 41 0.07 16.66 -11.88
N LEU A 42 -0.03 15.32 -11.84
CA LEU A 42 -1.28 14.60 -11.94
C LEU A 42 -1.24 13.51 -10.86
N ALA A 43 -2.37 12.82 -10.68
CA ALA A 43 -2.44 11.74 -9.73
C ALA A 43 -3.46 10.70 -10.15
N ILE A 44 -3.21 9.43 -9.80
CA ILE A 44 -4.20 8.40 -9.96
C ILE A 44 -4.75 8.11 -8.57
N THR A 45 -6.07 8.13 -8.43
CA THR A 45 -6.71 7.87 -7.15
C THR A 45 -7.53 6.62 -7.32
N TRP A 46 -7.32 5.64 -6.44
CA TRP A 46 -7.98 4.35 -6.58
C TRP A 46 -8.58 3.83 -5.28
N LYS A 47 -9.80 3.29 -5.40
CA LYS A 47 -10.58 2.73 -4.31
C LYS A 47 -10.10 1.32 -4.01
N LEU A 48 -9.95 1.03 -2.72
CA LEU A 48 -9.49 -0.25 -2.20
C LEU A 48 -10.62 -0.95 -1.43
N ASP A 49 -11.56 -0.15 -0.92
CA ASP A 49 -12.75 -0.58 -0.19
C ASP A 49 -13.65 0.64 -0.08
N LYS A 50 -14.89 0.50 0.40
CA LYS A 50 -15.71 1.68 0.59
C LYS A 50 -15.05 2.53 1.68
N ASP A 51 -15.09 3.86 1.53
CA ASP A 51 -14.42 4.77 2.46
C ASP A 51 -12.92 4.52 2.53
N LEU A 52 -12.33 3.95 1.47
CA LEU A 52 -10.90 3.66 1.43
C LEU A 52 -10.36 3.86 0.02
N PHE A 53 -9.28 4.63 -0.10
CA PHE A 53 -8.71 4.99 -1.38
C PHE A 53 -7.26 5.44 -1.19
N GLN A 54 -6.46 5.35 -2.25
CA GLN A 54 -5.07 5.74 -2.21
C GLN A 54 -4.73 6.56 -3.45
N HIS A 55 -3.80 7.51 -3.29
CA HIS A 55 -3.36 8.39 -4.35
C HIS A 55 -1.97 7.99 -4.84
N VAL A 56 -1.72 8.14 -6.14
CA VAL A 56 -0.41 7.94 -6.72
C VAL A 56 0.03 9.21 -7.43
N ASP A 57 1.11 9.84 -6.95
CA ASP A 57 1.62 11.08 -7.51
C ASP A 57 2.28 10.87 -8.87
N ILE A 58 2.10 11.86 -9.75
CA ILE A 58 2.67 11.88 -11.09
C ILE A 58 3.22 13.26 -11.40
N GLN A 59 4.32 13.33 -12.14
CA GLN A 59 4.81 14.59 -12.66
C GLN A 59 4.94 14.50 -14.18
N GLU A 60 4.47 15.55 -14.86
CA GLU A 60 4.44 15.60 -16.31
C GLU A 60 5.67 16.31 -16.84
N LEU A 61 6.73 15.54 -17.08
CA LEU A 61 7.99 16.02 -17.60
C LEU A 61 7.92 16.22 -19.12
N GLU A 62 8.92 16.90 -19.67
CA GLU A 62 9.05 17.21 -21.09
C GLU A 62 8.06 18.26 -21.59
N LYS A 63 7.97 19.39 -20.88
CA LYS A 63 7.27 20.58 -21.38
C LYS A 63 7.77 21.81 -20.63
N GLU A 64 8.15 22.84 -21.39
CA GLU A 64 8.60 24.12 -20.86
C GLU A 64 7.43 24.94 -20.31
N ASN A 65 6.23 24.37 -20.35
CA ASN A 65 5.03 25.01 -19.82
C ASN A 65 4.23 23.95 -19.07
N PRO A 66 4.03 24.13 -17.75
CA PRO A 66 3.39 23.13 -16.91
C PRO A 66 1.89 23.00 -17.20
N LEU A 67 1.30 23.96 -17.92
CA LEU A 67 -0.11 23.87 -18.31
C LEU A 67 -0.23 22.83 -19.41
N ALA A 68 0.88 22.51 -20.08
CA ALA A 68 0.91 21.55 -21.15
C ALA A 68 1.08 20.13 -20.62
N LEU A 69 0.52 19.18 -21.35
CA LEU A 69 0.65 17.78 -21.04
C LEU A 69 2.09 17.35 -21.35
N GLY A 70 2.70 16.60 -20.41
CA GLY A 70 4.07 16.16 -20.56
C GLY A 70 4.17 15.02 -21.57
N LYS A 71 5.34 14.89 -22.21
CA LYS A 71 5.59 13.82 -23.16
C LYS A 71 6.11 12.59 -22.42
N VAL A 72 6.39 12.77 -21.13
CA VAL A 72 6.80 11.72 -20.23
C VAL A 72 6.09 11.91 -18.90
N LEU A 73 5.87 10.82 -18.16
CA LEU A 73 5.23 10.84 -16.85
C LEU A 73 6.14 10.17 -15.84
N VAL A 74 6.46 10.88 -14.75
CA VAL A 74 7.30 10.34 -13.69
C VAL A 74 6.44 9.97 -12.48
N VAL A 75 6.64 8.75 -11.95
CA VAL A 75 5.96 8.29 -10.76
C VAL A 75 7.00 7.67 -9.82
N GLU A 76 6.99 8.09 -8.56
CA GLU A 76 7.95 7.60 -7.56
C GLU A 76 9.39 7.65 -8.08
N GLY A 77 9.68 8.57 -9.01
CA GLY A 77 11.01 8.73 -9.56
C GLY A 77 11.28 7.85 -10.78
N GLN A 78 10.22 7.35 -11.45
CA GLN A 78 10.37 6.48 -12.60
C GLN A 78 9.55 7.03 -13.77
N ARG A 79 10.20 7.26 -14.90
CA ARG A 79 9.54 7.88 -16.06
C ARG A 79 8.90 6.84 -16.98
N TYR A 80 7.91 7.30 -17.74
CA TYR A 80 7.15 6.49 -18.68
C TYR A 80 6.62 7.38 -19.80
N HIS A 81 6.12 6.76 -20.88
CA HIS A 81 5.70 7.46 -22.07
C HIS A 81 4.29 8.04 -21.96
N ASP A 82 3.44 7.50 -21.07
CA ASP A 82 2.05 7.93 -21.00
C ASP A 82 1.40 7.51 -19.68
N LEU A 83 0.28 8.17 -19.36
CA LEU A 83 -0.51 7.91 -18.17
C LEU A 83 -1.04 6.47 -18.19
N ASP A 84 -1.34 5.93 -19.37
CA ASP A 84 -1.77 4.55 -19.45
C ASP A 84 -0.61 3.58 -19.18
N GLN A 85 0.63 4.01 -19.41
CA GLN A 85 1.75 3.16 -19.06
C GLN A 85 1.92 3.16 -17.55
N ILE A 86 1.83 4.33 -16.90
CA ILE A 86 2.07 4.40 -15.48
C ILE A 86 0.90 3.79 -14.71
N ILE A 87 -0.32 3.85 -15.25
CA ILE A 87 -1.43 3.22 -14.57
C ILE A 87 -1.35 1.71 -14.71
N VAL A 88 -1.17 1.16 -15.92
CA VAL A 88 -1.13 -0.28 -16.03
C VAL A 88 0.12 -0.79 -15.32
N GLU A 89 1.24 -0.07 -15.39
CA GLU A 89 2.42 -0.47 -14.64
C GLU A 89 2.14 -0.39 -13.14
N TYR A 90 1.77 0.79 -12.63
CA TYR A 90 1.63 0.94 -11.20
C TYR A 90 0.50 0.07 -10.66
N LEU A 91 -0.67 0.12 -11.29
CA LEU A 91 -1.82 -0.60 -10.78
C LEU A 91 -1.63 -2.10 -10.93
N GLN A 92 -1.30 -2.60 -12.12
CA GLN A 92 -1.26 -4.04 -12.30
C GLN A 92 -0.14 -4.65 -11.48
N ASN A 93 1.01 -3.98 -11.41
CA ASN A 93 2.11 -4.49 -10.59
C ASN A 93 1.75 -4.35 -9.11
N LYS A 94 1.07 -3.28 -8.71
CA LYS A 94 0.70 -3.10 -7.32
C LYS A 94 -0.37 -4.12 -6.92
N ILE A 95 -1.33 -4.36 -7.81
CA ILE A 95 -2.41 -5.31 -7.55
C ILE A 95 -1.84 -6.73 -7.55
N ARG A 96 -0.79 -6.99 -8.35
CA ARG A 96 -0.14 -8.30 -8.34
C ARG A 96 0.57 -8.50 -7.00
N LEU A 97 1.27 -7.48 -6.53
CA LEU A 97 1.93 -7.51 -5.22
C LEU A 97 0.88 -7.68 -4.14
N LEU A 98 -0.30 -7.10 -4.34
CA LEU A 98 -1.37 -7.22 -3.37
C LEU A 98 -1.91 -8.65 -3.37
N ASN A 99 -1.90 -9.34 -4.52
CA ASN A 99 -2.35 -10.72 -4.57
C ASN A 99 -1.34 -11.63 -3.87
N GLU A 100 -0.05 -11.36 -4.02
CA GLU A 100 0.94 -12.22 -3.39
C GLU A 100 1.05 -11.94 -1.88
N LEU A 101 0.93 -10.67 -1.47
CA LEU A 101 0.94 -10.36 -0.04
C LEU A 101 -0.36 -10.82 0.63
N THR A 102 -1.51 -10.68 -0.03
CA THR A 102 -2.75 -11.15 0.55
C THR A 102 -2.78 -12.68 0.59
N SER A 103 -2.06 -13.30 -0.34
CA SER A 103 -1.89 -14.75 -0.38
C SER A 103 -0.93 -15.22 0.71
N ASN A 104 -0.24 -14.30 1.39
CA ASN A 104 0.68 -14.63 2.46
C ASN A 104 -0.10 -15.09 3.68
N GLU A 105 0.40 -16.12 4.37
CA GLU A 105 -0.25 -16.64 5.56
C GLU A 105 -0.27 -15.58 6.67
N LYS A 106 0.65 -14.61 6.60
CA LYS A 106 0.72 -13.51 7.54
C LYS A 106 -0.28 -12.40 7.24
N PHE A 107 -1.01 -12.44 6.13
CA PHE A 107 -1.93 -11.36 5.82
C PHE A 107 -3.29 -11.60 6.49
N LYS A 108 -3.82 -10.55 7.14
CA LYS A 108 -5.06 -10.57 7.90
C LYS A 108 -6.28 -10.28 7.04
N ALA A 109 -7.42 -10.05 7.69
CA ALA A 109 -8.72 -9.86 7.06
C ALA A 109 -8.72 -8.84 5.93
N GLY A 110 -8.71 -7.54 6.27
CA GLY A 110 -8.70 -6.50 5.26
C GLY A 110 -9.10 -5.11 5.77
N THR A 111 -9.80 -5.03 6.91
CA THR A 111 -10.15 -3.74 7.50
C THR A 111 -9.94 -3.79 9.00
N LYS A 112 -9.72 -2.62 9.62
CA LYS A 112 -9.29 -2.50 11.00
C LYS A 112 -10.07 -3.42 11.95
N LYS A 113 -11.39 -3.25 12.00
CA LYS A 113 -12.25 -4.00 12.90
C LYS A 113 -12.13 -5.51 12.68
N GLU A 114 -11.99 -5.88 11.41
CA GLU A 114 -11.88 -7.27 11.03
C GLU A 114 -10.54 -7.87 11.44
N VAL A 115 -9.44 -7.16 11.15
CA VAL A 115 -8.12 -7.65 11.50
C VAL A 115 -7.91 -7.63 13.01
N VAL A 116 -8.56 -6.71 13.74
CA VAL A 116 -8.44 -6.71 15.19
C VAL A 116 -9.24 -7.86 15.79
N LYS A 117 -10.39 -8.19 15.19
CA LYS A 117 -11.21 -9.32 15.64
C LYS A 117 -10.51 -10.63 15.30
N PHE A 118 -9.81 -10.68 14.16
CA PHE A 118 -9.12 -11.89 13.76
C PHE A 118 -7.83 -12.07 14.56
N ILE A 119 -7.09 -10.99 14.84
CA ILE A 119 -5.86 -11.14 15.62
C ILE A 119 -6.20 -11.45 17.08
N GLU A 120 -7.23 -10.79 17.63
CA GLU A 120 -7.58 -11.03 19.02
C GLU A 120 -8.07 -12.47 19.15
N ASP A 121 -8.88 -12.95 18.20
CA ASP A 121 -9.33 -14.32 18.21
C ASP A 121 -8.13 -15.25 18.02
N TYR A 122 -7.28 -14.99 17.03
CA TYR A 122 -6.17 -15.89 16.79
C TYR A 122 -5.24 -15.90 18.01
N SER A 123 -5.33 -14.87 18.85
CA SER A 123 -4.40 -14.70 19.96
C SER A 123 -5.00 -15.26 21.25
N LYS A 124 -6.29 -15.01 21.51
CA LYS A 124 -6.96 -15.54 22.68
C LYS A 124 -7.20 -17.04 22.54
N VAL A 125 -7.28 -17.53 21.31
CA VAL A 125 -7.39 -18.95 21.02
C VAL A 125 -6.04 -19.64 21.22
N ASN A 126 -4.96 -18.86 21.25
CA ASN A 126 -3.60 -19.35 21.36
C ASN A 126 -2.81 -18.45 22.32
N PRO A 127 -3.29 -18.32 23.56
CA PRO A 127 -2.81 -17.33 24.52
C PRO A 127 -1.38 -17.58 25.00
N LYS A 128 -0.70 -18.62 24.48
CA LYS A 128 0.68 -18.89 24.83
C LYS A 128 1.55 -19.02 23.59
N LYS A 129 0.99 -18.70 22.42
CA LYS A 129 1.74 -18.61 21.17
C LYS A 129 1.85 -17.16 20.73
N SER A 130 2.88 -16.87 19.93
CA SER A 130 3.09 -15.52 19.40
C SER A 130 2.21 -15.30 18.17
N VAL A 131 1.95 -14.04 17.86
CA VAL A 131 1.08 -13.65 16.75
C VAL A 131 1.69 -12.51 15.95
N TYR A 132 1.66 -12.60 14.62
CA TYR A 132 2.10 -11.52 13.76
C TYR A 132 1.36 -11.56 12.42
N TYR A 133 0.73 -10.45 12.04
CA TYR A 133 0.04 -10.34 10.78
C TYR A 133 0.14 -8.96 10.13
N PHE A 134 -0.09 -8.93 8.82
CA PHE A 134 -0.03 -7.75 7.97
C PHE A 134 -1.41 -7.50 7.37
N SER A 135 -1.83 -6.24 7.29
CA SER A 135 -3.06 -5.90 6.58
C SER A 135 -3.03 -4.48 6.04
N LEU A 136 -3.86 -4.18 5.04
CA LEU A 136 -3.96 -2.83 4.52
C LEU A 136 -4.45 -1.92 5.65
N ASN A 137 -3.73 -0.84 5.94
CA ASN A 137 -4.10 0.09 6.99
C ASN A 137 -5.23 0.98 6.47
N TYR A 138 -6.33 1.06 7.22
CA TYR A 138 -7.51 1.78 6.78
C TYR A 138 -7.31 3.29 6.82
N GLU A 139 -6.90 3.82 7.98
CA GLU A 139 -6.60 5.23 8.14
C GLU A 139 -5.36 5.65 7.35
N ASN A 140 -4.52 4.69 6.94
CA ASN A 140 -3.32 4.97 6.16
C ASN A 140 -3.32 4.09 4.91
N PRO A 141 -4.16 4.41 3.92
CA PRO A 141 -4.40 3.59 2.73
C PRO A 141 -3.14 3.37 1.88
N GLY A 142 -2.05 4.09 2.17
CA GLY A 142 -0.79 3.93 1.47
C GLY A 142 0.14 2.97 2.20
N TRP A 143 -0.31 2.38 3.31
CA TRP A 143 0.53 1.59 4.19
C TRP A 143 -0.16 0.30 4.66
N PHE A 144 0.63 -0.71 4.99
CA PHE A 144 0.13 -1.95 5.57
C PHE A 144 0.45 -1.97 7.07
N TYR A 145 -0.52 -2.36 7.90
CA TYR A 145 -0.32 -2.46 9.33
C TYR A 145 0.27 -3.84 9.63
N LEU A 146 1.23 -3.90 10.56
CA LEU A 146 1.93 -5.14 10.85
C LEU A 146 1.87 -5.41 12.35
N ILE A 147 0.74 -5.99 12.79
CA ILE A 147 0.48 -6.30 14.20
C ILE A 147 1.33 -7.47 14.70
N PHE A 148 1.82 -7.37 15.94
CA PHE A 148 2.60 -8.41 16.60
C PHE A 148 2.29 -8.49 18.09
N LYS A 149 2.14 -9.72 18.60
CA LYS A 149 1.91 -10.04 20.01
C LYS A 149 2.70 -11.28 20.38
N LEU A 150 3.13 -11.40 21.64
CA LEU A 150 3.89 -12.57 22.08
C LEU A 150 2.95 -13.64 22.63
N ASN A 151 1.78 -13.23 23.14
CA ASN A 151 0.80 -14.08 23.81
C ASN A 151 -0.52 -13.32 23.86
N ALA A 152 -1.60 -13.95 24.36
CA ALA A 152 -2.88 -13.24 24.48
C ALA A 152 -2.72 -12.06 25.42
N GLU A 153 -2.10 -12.30 26.57
CA GLU A 153 -1.99 -11.35 27.65
C GLU A 153 -0.83 -10.36 27.44
N SER A 154 -0.08 -10.56 26.34
CA SER A 154 1.08 -9.74 26.05
C SER A 154 0.69 -8.38 25.49
N LYS A 155 1.66 -7.45 25.48
CA LYS A 155 1.51 -6.17 24.81
C LYS A 155 1.33 -6.42 23.33
N LEU A 156 1.14 -5.34 22.57
CA LEU A 156 0.93 -5.45 21.14
C LEU A 156 1.63 -4.31 20.43
N TYR A 157 2.32 -4.65 19.34
CA TYR A 157 3.07 -3.71 18.54
C TYR A 157 2.61 -3.76 17.09
N ILE A 158 2.42 -2.60 16.47
CA ILE A 158 2.03 -2.50 15.07
C ILE A 158 3.06 -1.69 14.31
N TRP A 159 3.65 -2.28 13.26
CA TRP A 159 4.51 -1.55 12.35
C TRP A 159 3.70 -1.14 11.13
N ASN A 160 4.28 -0.27 10.29
CA ASN A 160 3.62 0.17 9.08
C ASN A 160 4.62 0.23 7.93
N VAL A 161 4.19 -0.23 6.74
CA VAL A 161 5.05 -0.28 5.56
C VAL A 161 4.29 0.23 4.34
N LYS A 162 4.95 1.08 3.55
CA LYS A 162 4.34 1.77 2.43
C LYS A 162 4.18 0.82 1.23
N LEU A 163 3.12 1.07 0.45
CA LEU A 163 2.88 0.33 -0.78
C LEU A 163 3.48 1.11 -1.96
N THR A 164 3.98 0.37 -2.95
CA THR A 164 4.50 0.92 -4.19
C THR A 164 4.41 -0.15 -5.27
N HIS A 165 4.39 0.25 -6.54
CA HIS A 165 4.38 -0.71 -7.63
C HIS A 165 5.71 -1.45 -7.67
N THR A 166 6.72 -0.87 -7.02
CA THR A 166 8.04 -1.46 -6.91
C THR A 166 8.08 -2.48 -5.77
N GLY A 167 6.98 -2.63 -5.03
CA GLY A 167 6.93 -3.59 -3.93
C GLY A 167 6.36 -3.01 -2.64
N PHE A 168 7.06 -3.29 -1.54
CA PHE A 168 6.74 -2.77 -0.21
C PHE A 168 7.90 -1.93 0.27
N PHE A 169 7.66 -0.89 1.08
CA PHE A 169 8.72 0.05 1.42
C PHE A 169 8.75 0.40 2.90
N LEU A 170 9.96 0.45 3.45
CA LEU A 170 10.21 0.88 4.81
C LEU A 170 11.60 1.48 4.91
N VAL A 171 11.77 2.45 5.82
CA VAL A 171 13.01 3.18 6.01
C VAL A 171 13.45 3.84 4.70
N ASN A 172 14.33 3.18 3.94
CA ASN A 172 14.89 3.75 2.72
C ASN A 172 14.89 2.74 1.57
N TYR A 173 14.24 1.57 1.71
CA TYR A 173 14.32 0.54 0.69
C TYR A 173 13.01 -0.17 0.44
N ASN A 174 12.91 -0.85 -0.72
CA ASN A 174 11.69 -1.50 -1.14
C ASN A 174 11.90 -2.96 -1.55
N TYR A 175 10.86 -3.78 -1.36
CA TYR A 175 10.91 -5.21 -1.64
C TYR A 175 9.83 -5.59 -2.67
N PRO A 176 10.26 -6.02 -3.87
CA PRO A 176 9.44 -6.22 -5.06
C PRO A 176 8.57 -7.48 -5.08
N THR A 177 8.65 -8.38 -4.09
CA THR A 177 7.80 -9.56 -4.07
C THR A 177 7.61 -10.06 -2.65
N VAL A 178 6.48 -10.72 -2.37
CA VAL A 178 6.10 -11.12 -1.03
C VAL A 178 7.19 -11.91 -0.32
N ILE A 179 7.96 -12.70 -1.08
CA ILE A 179 9.03 -13.48 -0.51
C ILE A 179 10.15 -12.53 -0.06
N GLN A 180 10.45 -11.53 -0.90
CA GLN A 180 11.45 -10.52 -0.59
C GLN A 180 10.96 -9.57 0.50
N LEU A 181 9.64 -9.34 0.59
CA LEU A 181 9.09 -8.54 1.66
C LEU A 181 9.42 -9.21 2.99
N CYS A 182 9.13 -10.51 3.08
CA CYS A 182 9.34 -11.24 4.32
C CYS A 182 10.82 -11.43 4.62
N ASN A 183 11.61 -11.80 3.60
CA ASN A 183 13.04 -11.98 3.79
C ASN A 183 13.72 -10.66 4.08
N GLY A 184 13.18 -9.56 3.56
CA GLY A 184 13.71 -8.23 3.82
C GLY A 184 13.39 -7.79 5.25
N PHE A 185 12.19 -8.10 5.71
CA PHE A 185 11.78 -7.73 7.06
C PHE A 185 12.70 -8.46 8.05
N LYS A 186 13.04 -9.71 7.73
CA LYS A 186 13.95 -10.53 8.53
C LYS A 186 15.40 -10.10 8.41
N THR A 187 15.87 -9.85 7.18
CA THR A 187 17.25 -9.39 7.04
C THR A 187 17.43 -8.04 7.73
N LEU A 188 16.33 -7.30 7.93
CA LEU A 188 16.39 -6.00 8.59
C LEU A 188 16.46 -6.16 10.10
N LEU A 189 15.61 -7.00 10.69
CA LEU A 189 15.68 -7.23 12.13
C LEU A 189 16.98 -7.95 12.46
N LYS A 190 17.48 -8.77 11.54
CA LYS A 190 18.72 -9.52 11.75
C LYS A 190 19.92 -8.58 11.65
N SER A 191 19.79 -7.48 10.92
CA SER A 191 20.84 -6.48 10.84
C SER A 191 20.88 -5.70 12.16
N SER A 192 19.72 -5.52 12.81
CA SER A 192 19.67 -4.88 14.11
C SER A 192 20.06 -5.87 15.20
N ASN A 193 19.77 -7.16 14.98
CA ASN A 193 20.16 -8.24 15.89
C ASN A 193 21.67 -8.41 15.84
N THR A 194 22.30 -8.05 14.71
CA THR A 194 23.74 -8.13 14.56
C THR A 194 24.42 -7.04 15.40
N ARG A 195 23.67 -5.99 15.76
CA ARG A 195 24.15 -4.91 16.60
C ARG A 195 23.74 -5.15 18.05
N ASN A 196 22.51 -5.62 18.25
CA ASN A 196 21.92 -5.97 19.55
C ASN A 196 22.21 -4.89 20.60
N PRO B 1 -3.48 12.32 -0.10
CA PRO B 1 -2.52 12.61 0.99
C PRO B 1 -2.47 11.46 1.99
N SER B 2 -1.40 10.66 1.90
CA SER B 2 -1.15 9.55 2.81
C SER B 2 0.35 9.28 2.89
N PTR B 3 1.15 10.32 2.65
CA PTR B 3 2.59 10.21 2.54
C PTR B 3 3.27 10.79 3.78
O PTR B 3 3.43 12.00 3.89
CB PTR B 3 3.05 10.91 1.25
CG PTR B 3 1.97 11.16 0.21
CD1 PTR B 3 1.41 10.10 -0.49
CD2 PTR B 3 1.55 12.47 -0.04
CE1 PTR B 3 0.41 10.34 -1.45
CE2 PTR B 3 0.55 12.72 -1.00
CZ PTR B 3 -0.03 11.65 -1.72
OH PTR B 3 -0.98 11.83 -2.63
P PTR B 3 -1.57 13.27 -3.05
O1P PTR B 3 -2.08 13.92 -1.84
O2P PTR B 3 -2.51 13.04 -4.18
O3P PTR B 3 -0.37 14.15 -3.62
H PTR B 3 0.74 11.23 2.53
HA PTR B 3 2.84 9.15 2.45
HB2 PTR B 3 3.46 11.89 1.52
HB3 PTR B 3 3.85 10.33 0.80
HD1 PTR B 3 1.73 9.09 -0.29
HD2 PTR B 3 1.98 13.30 0.51
HE1 PTR B 3 -0.03 9.52 -1.99
HE2 PTR B 3 0.24 13.74 -1.18
HO3P PTR B 3 0.11 13.71 -4.34
N SER B 4 3.68 9.92 4.71
CA SER B 4 4.40 10.33 5.91
C SER B 4 5.16 9.16 6.50
N PRO B 5 6.37 9.38 7.05
CA PRO B 5 7.14 8.33 7.70
C PRO B 5 6.43 7.86 8.96
N THR B 6 6.64 6.61 9.36
CA THR B 6 5.99 6.03 10.52
C THR B 6 6.65 4.73 10.94
N SER B 7 6.45 4.37 12.22
CA SER B 7 6.82 3.11 12.83
C SER B 7 8.32 2.80 12.89
N PRO B 8 8.76 2.07 13.93
CA PRO B 8 10.12 1.59 14.11
C PRO B 8 10.39 0.37 13.22
N SER B 9 11.60 -0.21 13.33
CA SER B 9 11.96 -1.41 12.61
C SER B 9 11.38 -2.66 13.29
N PTR B 10 11.35 -3.78 12.55
CA PTR B 10 10.84 -5.05 13.02
C PTR B 10 11.71 -5.57 14.17
O PTR B 10 12.95 -5.55 14.08
CB PTR B 10 10.83 -6.01 11.82
CG PTR B 10 10.17 -7.36 11.97
CD1 PTR B 10 10.36 -8.30 10.95
CD2 PTR B 10 9.38 -7.71 13.09
CE1 PTR B 10 9.79 -9.56 11.01
CE2 PTR B 10 8.82 -9.00 13.17
CZ PTR B 10 9.02 -9.94 12.13
OH PTR B 10 8.45 -11.14 12.23
P PTR B 10 8.58 -12.28 11.10
O1P PTR B 10 7.80 -11.84 9.91
O2P PTR B 10 7.87 -13.59 11.65
O3P PTR B 10 10.02 -12.62 10.93
H PTR B 10 11.70 -3.74 11.61
HA PTR B 10 9.82 -4.91 13.38
HB2 PTR B 10 10.31 -5.49 11.01
HB3 PTR B 10 11.86 -6.16 11.51
HD1 PTR B 10 10.96 -8.02 10.10
HD2 PTR B 10 9.21 -7.00 13.88
HE1 PTR B 10 9.95 -10.26 10.20
HE2 PTR B 10 8.22 -9.27 14.03
HO2P PTR B 10 8.26 -13.89 12.47
N SER B 11 11.08 -6.04 15.25
CA SER B 11 11.79 -6.49 16.44
C SER B 11 12.61 -7.76 16.13
N PRO B 12 13.83 -7.86 16.66
CA PRO B 12 14.73 -8.99 16.44
C PRO B 12 14.29 -10.27 17.15
N THR B 13 13.04 -10.36 17.61
CA THR B 13 12.51 -11.52 18.31
C THR B 13 12.26 -12.68 17.34
N SER B 14 13.21 -12.97 16.44
CA SER B 14 13.13 -14.09 15.52
C SER B 14 14.54 -14.54 15.14
N PRO B 15 14.84 -15.86 15.25
CA PRO B 15 16.12 -16.40 14.84
C PRO B 15 16.39 -16.13 13.36
N SER B 16 15.33 -16.07 12.57
CA SER B 16 15.39 -15.78 11.14
C SER B 16 13.99 -15.38 10.68
N HIS A 2 -21.45 11.18 -13.90
CA HIS A 2 -20.20 10.93 -14.62
C HIS A 2 -19.35 12.20 -14.65
N ARG A 3 -18.02 12.05 -14.71
CA ARG A 3 -17.12 13.20 -14.66
C ARG A 3 -15.91 12.98 -15.57
N VAL A 4 -16.02 13.42 -16.82
CA VAL A 4 -14.91 13.39 -17.77
C VAL A 4 -13.85 14.38 -17.33
N ILE A 5 -12.59 14.17 -17.73
CA ILE A 5 -11.51 15.06 -17.35
C ILE A 5 -10.58 15.28 -18.55
N ASN A 6 -9.86 16.40 -18.55
CA ASN A 6 -9.09 16.82 -19.71
C ASN A 6 -7.63 17.15 -19.38
N HIS A 7 -7.26 17.01 -18.11
CA HIS A 7 -5.90 17.25 -17.64
C HIS A 7 -4.87 16.45 -18.45
N PRO A 8 -3.61 16.91 -18.48
CA PRO A 8 -2.53 16.30 -19.25
C PRO A 8 -2.27 14.83 -18.91
N TYR A 9 -3.02 14.28 -17.96
CA TYR A 9 -2.85 12.90 -17.52
C TYR A 9 -4.20 12.18 -17.40
N TYR A 10 -5.24 12.72 -18.03
CA TYR A 10 -6.58 12.14 -18.00
C TYR A 10 -6.58 10.64 -18.32
N PHE A 11 -7.69 9.98 -17.94
CA PHE A 11 -7.79 8.54 -17.96
C PHE A 11 -7.97 7.88 -19.31
N PRO A 12 -7.28 6.76 -19.50
CA PRO A 12 -7.59 5.81 -20.52
C PRO A 12 -8.54 4.75 -19.96
N PHE A 13 -9.75 4.68 -20.52
CA PHE A 13 -10.72 3.64 -20.16
C PHE A 13 -11.09 3.63 -18.68
N ASN A 14 -11.81 2.57 -18.28
CA ASN A 14 -12.25 2.36 -16.91
C ASN A 14 -11.04 2.12 -16.00
N GLY A 15 -11.23 2.23 -14.68
CA GLY A 15 -10.13 2.16 -13.73
C GLY A 15 -9.32 0.87 -13.85
N LYS A 16 -9.98 -0.26 -14.14
CA LYS A 16 -9.26 -1.52 -14.30
C LYS A 16 -8.45 -1.49 -15.59
N GLN A 17 -9.02 -0.93 -16.65
CA GLN A 17 -8.34 -0.87 -17.94
C GLN A 17 -7.23 0.18 -17.90
N ALA A 18 -7.39 1.22 -17.08
CA ALA A 18 -6.36 2.22 -16.84
C ALA A 18 -5.18 1.54 -16.14
N GLU A 19 -5.45 0.58 -15.24
CA GLU A 19 -4.40 -0.20 -14.61
C GLU A 19 -3.74 -1.13 -15.64
N ASP A 20 -4.53 -1.90 -16.39
CA ASP A 20 -3.98 -2.84 -17.36
C ASP A 20 -3.22 -2.11 -18.47
N TYR A 21 -3.50 -0.81 -18.65
CA TYR A 21 -2.78 0.00 -19.62
C TYR A 21 -1.42 0.39 -19.05
N LEU A 22 -1.41 1.01 -17.87
CA LEU A 22 -0.19 1.44 -17.23
C LEU A 22 0.72 0.26 -16.92
N ARG A 23 0.16 -0.94 -16.75
CA ARG A 23 0.96 -2.14 -16.53
C ARG A 23 1.85 -2.40 -17.74
N SER A 24 1.49 -1.83 -18.89
CA SER A 24 2.28 -1.93 -20.13
C SER A 24 3.16 -0.69 -20.31
N LYS A 25 3.23 0.18 -19.30
CA LYS A 25 4.01 1.40 -19.34
C LYS A 25 5.25 1.21 -18.46
N GLU A 26 5.65 2.28 -17.78
CA GLU A 26 6.93 2.34 -17.07
C GLU A 26 6.71 2.05 -15.58
N ARG A 27 7.80 2.02 -14.81
CA ARG A 27 7.72 1.70 -13.39
C ARG A 27 7.22 2.88 -12.57
N GLY A 28 6.91 4.00 -13.24
CA GLY A 28 6.24 5.14 -12.62
C GLY A 28 5.33 5.78 -13.66
N ASP A 29 4.06 5.36 -13.72
CA ASP A 29 3.12 5.89 -14.71
C ASP A 29 1.76 6.22 -14.11
N PHE A 30 1.17 7.37 -14.45
CA PHE A 30 -0.04 7.83 -13.77
C PHE A 30 -1.11 8.35 -14.73
N VAL A 31 -2.37 7.96 -14.49
CA VAL A 31 -3.51 8.41 -15.28
C VAL A 31 -4.70 8.78 -14.39
N ILE A 32 -5.41 9.87 -14.73
CA ILE A 32 -6.47 10.45 -13.92
C ILE A 32 -7.86 10.01 -14.36
N ARG A 33 -8.50 9.09 -13.60
CA ARG A 33 -9.82 8.57 -13.92
C ARG A 33 -10.80 8.74 -12.76
N GLN A 34 -12.06 9.05 -13.08
CA GLN A 34 -13.12 9.21 -12.07
C GLN A 34 -13.10 8.05 -11.08
N SER A 35 -13.44 8.34 -9.81
CA SER A 35 -13.44 7.36 -8.74
C SER A 35 -14.69 6.48 -8.76
N SER A 36 -14.61 5.33 -8.09
CA SER A 36 -15.74 4.42 -7.96
C SER A 36 -16.82 5.02 -7.05
N ARG A 37 -16.50 6.10 -6.32
CA ARG A 37 -17.41 6.69 -5.35
C ARG A 37 -18.47 7.58 -5.99
N GLY A 38 -18.13 8.32 -7.04
CA GLY A 38 -19.10 9.21 -7.67
C GLY A 38 -18.48 10.39 -8.41
N ASP A 39 -19.32 11.37 -8.75
CA ASP A 39 -18.89 12.58 -9.48
C ASP A 39 -18.12 13.55 -8.60
N ASP A 40 -18.12 13.33 -7.28
CA ASP A 40 -17.36 14.13 -6.34
C ASP A 40 -16.03 13.47 -6.00
N HIS A 41 -15.64 12.42 -6.73
CA HIS A 41 -14.35 11.78 -6.49
C HIS A 41 -13.68 11.36 -7.79
N LEU A 42 -12.37 11.55 -7.84
CA LEU A 42 -11.51 11.15 -8.95
C LEU A 42 -10.42 10.23 -8.41
N ALA A 43 -9.67 9.61 -9.32
CA ALA A 43 -8.61 8.68 -8.97
C ALA A 43 -7.44 8.78 -9.92
N ILE A 44 -6.21 8.78 -9.37
CA ILE A 44 -5.02 8.66 -10.19
C ILE A 44 -4.50 7.23 -10.04
N THR A 45 -4.44 6.47 -11.14
CA THR A 45 -3.86 5.14 -11.09
C THR A 45 -2.40 5.28 -11.48
N TRP A 46 -1.52 5.11 -10.49
CA TRP A 46 -0.09 5.24 -10.66
C TRP A 46 0.59 3.87 -10.54
N LYS A 47 1.30 3.48 -11.61
CA LYS A 47 2.00 2.22 -11.74
C LYS A 47 3.33 2.29 -11.03
N LEU A 48 3.59 1.28 -10.20
CA LEU A 48 4.77 1.20 -9.34
C LEU A 48 5.77 0.17 -9.85
N ASP A 49 5.27 -0.93 -10.43
CA ASP A 49 6.14 -1.94 -11.01
C ASP A 49 5.36 -2.83 -11.99
N LYS A 50 6.07 -3.72 -12.67
CA LYS A 50 5.56 -4.61 -13.72
C LYS A 50 4.39 -5.48 -13.26
N ASP A 51 4.01 -5.40 -11.99
CA ASP A 51 2.92 -6.18 -11.44
C ASP A 51 2.21 -5.39 -10.34
N LEU A 52 2.16 -4.05 -10.46
CA LEU A 52 1.68 -3.25 -9.35
C LEU A 52 1.35 -1.81 -9.76
N PHE A 53 0.32 -1.25 -9.13
CA PHE A 53 -0.13 0.12 -9.33
C PHE A 53 -0.85 0.55 -8.06
N GLN A 54 -1.10 1.84 -7.89
CA GLN A 54 -1.91 2.33 -6.79
C GLN A 54 -2.90 3.35 -7.30
N HIS A 55 -4.16 3.23 -6.88
CA HIS A 55 -5.16 4.23 -7.13
C HIS A 55 -5.08 5.25 -5.99
N VAL A 56 -5.03 6.53 -6.36
CA VAL A 56 -5.02 7.62 -5.40
C VAL A 56 -6.39 8.25 -5.39
N ASP A 57 -7.16 8.03 -4.31
CA ASP A 57 -8.48 8.59 -4.18
C ASP A 57 -8.40 10.11 -4.02
N ILE A 58 -9.30 10.82 -4.70
CA ILE A 58 -9.38 12.28 -4.69
C ILE A 58 -10.83 12.68 -4.50
N GLN A 59 -11.07 13.76 -3.77
CA GLN A 59 -12.42 14.28 -3.59
C GLN A 59 -12.54 15.68 -4.17
N GLU A 60 -13.63 15.93 -4.89
CA GLU A 60 -13.86 17.23 -5.50
C GLU A 60 -14.76 18.07 -4.61
N LEU A 61 -14.11 18.96 -3.86
CA LEU A 61 -14.78 19.90 -2.97
C LEU A 61 -15.10 21.19 -3.72
N GLU A 62 -15.98 22.01 -3.14
CA GLU A 62 -16.33 23.32 -3.66
C GLU A 62 -16.90 23.32 -5.08
N LYS A 63 -17.64 22.26 -5.45
CA LYS A 63 -18.38 22.24 -6.71
C LYS A 63 -19.51 23.27 -6.66
N GLU A 64 -19.94 23.75 -7.83
CA GLU A 64 -21.10 24.62 -7.92
C GLU A 64 -22.37 23.76 -7.93
N ASN A 65 -22.26 22.55 -8.50
CA ASN A 65 -23.35 21.62 -8.69
C ASN A 65 -22.77 20.21 -8.83
N PRO A 66 -23.58 19.14 -8.76
CA PRO A 66 -23.12 17.82 -9.12
C PRO A 66 -22.77 17.82 -10.61
N LEU A 67 -22.08 16.78 -11.07
CA LEU A 67 -21.54 16.64 -12.42
C LEU A 67 -20.47 17.69 -12.72
N ALA A 68 -20.49 18.82 -12.00
CA ALA A 68 -19.53 19.89 -12.21
C ALA A 68 -18.19 19.55 -11.57
N LEU A 69 -17.14 20.26 -11.97
CA LEU A 69 -15.81 20.07 -11.41
C LEU A 69 -15.69 20.85 -10.10
N GLY A 70 -15.02 20.28 -9.09
CA GLY A 70 -14.78 20.98 -7.84
C GLY A 70 -13.69 22.01 -8.03
N LYS A 71 -13.85 23.19 -7.41
CA LYS A 71 -12.85 24.24 -7.49
C LYS A 71 -11.64 23.92 -6.62
N VAL A 72 -11.75 22.87 -5.81
CA VAL A 72 -10.65 22.33 -5.02
C VAL A 72 -10.65 20.81 -5.13
N LEU A 73 -9.47 20.21 -4.93
CA LEU A 73 -9.29 18.76 -4.94
C LEU A 73 -8.67 18.36 -3.62
N VAL A 74 -9.32 17.44 -2.90
CA VAL A 74 -8.85 16.97 -1.59
C VAL A 74 -8.24 15.59 -1.73
N VAL A 75 -7.05 15.42 -1.14
CA VAL A 75 -6.37 14.13 -1.08
C VAL A 75 -5.84 13.93 0.33
N GLU A 76 -6.18 12.78 0.94
CA GLU A 76 -5.79 12.46 2.30
C GLU A 76 -6.08 13.60 3.27
N GLY A 77 -7.11 14.40 2.97
CA GLY A 77 -7.56 15.48 3.83
C GLY A 77 -6.92 16.83 3.48
N GLN A 78 -6.23 16.95 2.34
CA GLN A 78 -5.56 18.17 1.98
C GLN A 78 -6.10 18.69 0.65
N ARG A 79 -6.67 19.89 0.65
CA ARG A 79 -7.21 20.51 -0.55
C ARG A 79 -6.12 21.16 -1.39
N TYR A 80 -6.40 21.29 -2.69
CA TYR A 80 -5.52 21.92 -3.66
C TYR A 80 -6.32 22.58 -4.76
N HIS A 81 -5.68 23.47 -5.53
CA HIS A 81 -6.35 24.26 -6.55
C HIS A 81 -6.68 23.47 -7.81
N ASP A 82 -5.98 22.33 -8.04
CA ASP A 82 -6.15 21.60 -9.28
C ASP A 82 -5.58 20.19 -9.19
N LEU A 83 -6.03 19.32 -10.10
CA LEU A 83 -5.59 17.94 -10.20
C LEU A 83 -4.09 17.89 -10.51
N ASP A 84 -3.55 18.89 -11.22
CA ASP A 84 -2.13 18.95 -11.48
C ASP A 84 -1.35 19.33 -10.21
N GLN A 85 -1.99 20.03 -9.27
CA GLN A 85 -1.30 20.33 -8.02
C GLN A 85 -1.28 19.08 -7.15
N ILE A 86 -2.38 18.32 -7.11
CA ILE A 86 -2.40 17.15 -6.26
C ILE A 86 -1.48 16.10 -6.84
N ILE A 87 -1.37 15.99 -8.16
CA ILE A 87 -0.48 15.01 -8.74
C ILE A 87 0.98 15.38 -8.50
N VAL A 88 1.38 16.65 -8.71
CA VAL A 88 2.78 16.98 -8.47
C VAL A 88 3.10 16.88 -6.99
N GLU A 89 2.23 17.43 -6.13
CA GLU A 89 2.44 17.36 -4.69
C GLU A 89 2.45 15.93 -4.22
N TYR A 90 1.35 15.20 -4.46
CA TYR A 90 1.19 13.86 -3.95
C TYR A 90 2.23 12.94 -4.57
N LEU A 91 2.31 12.87 -5.90
CA LEU A 91 3.20 11.91 -6.53
C LEU A 91 4.66 12.23 -6.22
N GLN A 92 5.12 13.45 -6.45
CA GLN A 92 6.54 13.70 -6.28
C GLN A 92 6.94 13.39 -4.83
N ASN A 93 6.09 13.75 -3.86
CA ASN A 93 6.39 13.42 -2.48
C ASN A 93 6.38 11.91 -2.25
N LYS A 94 5.35 11.20 -2.73
CA LYS A 94 5.24 9.76 -2.53
C LYS A 94 6.43 9.07 -3.19
N ILE A 95 6.81 9.54 -4.38
CA ILE A 95 7.86 8.92 -5.17
C ILE A 95 9.23 9.12 -4.54
N ARG A 96 9.50 10.29 -3.92
CA ARG A 96 10.78 10.48 -3.26
C ARG A 96 10.86 9.59 -2.02
N LEU A 97 9.74 9.46 -1.29
CA LEU A 97 9.69 8.57 -0.14
C LEU A 97 9.83 7.12 -0.62
N LEU A 98 9.31 6.83 -1.82
CA LEU A 98 9.45 5.51 -2.39
C LEU A 98 10.89 5.25 -2.82
N ASN A 99 11.65 6.30 -3.16
CA ASN A 99 13.05 6.12 -3.52
C ASN A 99 13.87 5.82 -2.28
N GLU A 100 13.58 6.49 -1.16
CA GLU A 100 14.36 6.25 0.05
C GLU A 100 14.05 4.88 0.64
N LEU A 101 12.79 4.43 0.56
CA LEU A 101 12.43 3.13 1.07
C LEU A 101 12.90 2.01 0.14
N THR A 102 12.80 2.20 -1.18
CA THR A 102 13.24 1.16 -2.09
C THR A 102 14.75 1.03 -2.05
N SER A 103 15.43 2.12 -1.68
CA SER A 103 16.86 2.13 -1.49
C SER A 103 17.25 1.48 -0.15
N ASN A 104 16.26 1.19 0.70
CA ASN A 104 16.53 0.62 2.02
C ASN A 104 16.92 -0.86 1.92
N GLU A 105 17.83 -1.29 2.78
CA GLU A 105 18.32 -2.67 2.79
C GLU A 105 17.20 -3.64 3.18
N LYS A 106 16.17 -3.14 3.86
CA LYS A 106 15.04 -3.96 4.29
C LYS A 106 13.95 -4.03 3.23
N PHE A 107 14.08 -3.33 2.10
CA PHE A 107 13.04 -3.37 1.09
C PHE A 107 13.21 -4.60 0.19
N LYS A 108 12.11 -5.34 0.02
CA LYS A 108 12.04 -6.56 -0.80
C LYS A 108 11.77 -6.23 -2.27
N ALA A 109 11.54 -7.26 -3.08
CA ALA A 109 11.42 -7.15 -4.53
C ALA A 109 10.42 -6.09 -5.00
N GLY A 110 9.12 -6.35 -4.90
CA GLY A 110 8.12 -5.39 -5.33
C GLY A 110 6.72 -5.96 -5.55
N THR A 111 6.56 -7.28 -5.64
CA THR A 111 5.24 -7.89 -5.76
C THR A 111 5.19 -9.20 -5.00
N LYS A 112 3.98 -9.66 -4.64
CA LYS A 112 3.78 -10.76 -3.71
C LYS A 112 4.67 -11.97 -3.99
N LYS A 113 4.60 -12.49 -5.21
CA LYS A 113 5.40 -13.63 -5.64
C LYS A 113 6.89 -13.34 -5.50
N GLU A 114 7.33 -12.15 -5.92
CA GLU A 114 8.74 -11.86 -5.92
C GLU A 114 9.27 -11.71 -4.50
N VAL A 115 8.54 -10.99 -3.65
CA VAL A 115 8.94 -10.78 -2.27
C VAL A 115 8.81 -12.05 -1.46
N VAL A 116 7.83 -12.93 -1.79
CA VAL A 116 7.70 -14.18 -1.06
C VAL A 116 8.82 -15.13 -1.45
N LYS A 117 9.23 -15.09 -2.72
CA LYS A 117 10.35 -15.88 -3.22
C LYS A 117 11.66 -15.36 -2.65
N PHE A 118 11.78 -14.04 -2.48
CA PHE A 118 13.00 -13.47 -1.94
C PHE A 118 13.07 -13.67 -0.42
N ILE A 119 11.96 -13.53 0.32
CA ILE A 119 12.01 -13.74 1.75
C ILE A 119 12.18 -15.22 2.07
N GLU A 120 11.57 -16.13 1.29
CA GLU A 120 11.71 -17.54 1.56
C GLU A 120 13.15 -17.93 1.24
N ASP A 121 13.70 -17.44 0.12
CA ASP A 121 15.08 -17.74 -0.22
C ASP A 121 16.01 -17.18 0.83
N TYR A 122 15.79 -15.94 1.26
CA TYR A 122 16.68 -15.32 2.23
C TYR A 122 16.50 -15.97 3.61
N SER A 123 15.35 -16.58 3.85
CA SER A 123 15.09 -17.23 5.13
C SER A 123 15.62 -18.66 5.13
N LYS A 124 15.44 -19.39 4.02
CA LYS A 124 15.87 -20.78 3.93
C LYS A 124 17.39 -20.92 3.81
N VAL A 125 18.05 -19.92 3.22
CA VAL A 125 19.50 -19.88 3.13
C VAL A 125 20.10 -19.47 4.47
N ASN A 126 19.26 -18.94 5.36
CA ASN A 126 19.66 -18.51 6.71
C ASN A 126 18.64 -19.00 7.73
N PRO A 127 18.44 -20.32 7.82
CA PRO A 127 17.36 -20.93 8.59
C PRO A 127 17.51 -20.78 10.10
N LYS A 128 18.59 -20.15 10.56
CA LYS A 128 18.81 -19.91 11.97
C LYS A 128 18.91 -18.41 12.26
N LYS A 129 18.74 -17.57 11.23
CA LYS A 129 18.71 -16.12 11.38
C LYS A 129 17.27 -15.63 11.19
N SER A 130 16.98 -14.44 11.72
CA SER A 130 15.67 -13.84 11.58
C SER A 130 15.64 -12.94 10.36
N VAL A 131 14.42 -12.65 9.86
CA VAL A 131 14.22 -11.86 8.66
C VAL A 131 13.13 -10.82 8.89
N TYR A 132 13.35 -9.60 8.37
CA TYR A 132 12.38 -8.53 8.42
C TYR A 132 12.50 -7.73 7.12
N TYR A 133 11.45 -7.68 6.30
CA TYR A 133 11.51 -6.87 5.09
C TYR A 133 10.21 -6.13 4.80
N PHE A 134 10.36 -5.06 4.02
CA PHE A 134 9.28 -4.16 3.64
C PHE A 134 9.07 -4.22 2.13
N SER A 135 7.81 -4.24 1.68
CA SER A 135 7.52 -4.14 0.25
C SER A 135 6.13 -3.57 0.05
N LEU A 136 5.82 -3.05 -1.15
CA LEU A 136 4.47 -2.63 -1.43
C LEU A 136 3.56 -3.85 -1.41
N ASN A 137 2.38 -3.72 -0.80
CA ASN A 137 1.41 -4.80 -0.77
C ASN A 137 0.69 -4.82 -2.11
N TYR A 138 0.44 -6.00 -2.69
CA TYR A 138 -0.12 -6.09 -4.03
C TYR A 138 -1.63 -5.89 -4.02
N GLU A 139 -2.31 -6.24 -2.92
CA GLU A 139 -3.76 -6.03 -2.81
C GLU A 139 -4.06 -4.67 -2.21
N ASN A 140 -3.06 -4.04 -1.60
CA ASN A 140 -3.21 -2.75 -0.95
C ASN A 140 -1.98 -1.91 -1.24
N PRO A 141 -1.79 -1.53 -2.52
CA PRO A 141 -0.60 -0.87 -3.02
C PRO A 141 -0.40 0.51 -2.39
N GLY A 142 -1.39 1.01 -1.65
CA GLY A 142 -1.25 2.24 -0.89
C GLY A 142 -0.59 1.96 0.46
N TRP A 143 -0.21 0.70 0.70
CA TRP A 143 0.39 0.24 1.94
C TRP A 143 1.54 -0.71 1.65
N PHE A 144 2.48 -0.80 2.59
CA PHE A 144 3.60 -1.71 2.51
C PHE A 144 3.41 -2.90 3.44
N TYR A 145 3.86 -4.08 3.02
CA TYR A 145 3.88 -5.27 3.83
C TYR A 145 5.17 -5.33 4.63
N LEU A 146 5.09 -5.73 5.91
CA LEU A 146 6.27 -5.83 6.76
C LEU A 146 6.41 -7.28 7.23
N ILE A 147 7.03 -8.12 6.39
CA ILE A 147 7.23 -9.54 6.68
C ILE A 147 8.30 -9.77 7.75
N PHE A 148 8.02 -10.67 8.69
CA PHE A 148 8.93 -11.06 9.74
C PHE A 148 8.88 -12.57 10.00
N LYS A 149 10.06 -13.19 10.14
CA LYS A 149 10.20 -14.60 10.53
C LYS A 149 11.40 -14.72 11.47
N LEU A 150 11.31 -15.60 12.47
CA LEU A 150 12.41 -15.78 13.41
C LEU A 150 13.52 -16.64 12.78
N ASN A 151 13.13 -17.60 11.93
CA ASN A 151 13.99 -18.61 11.32
C ASN A 151 13.28 -19.12 10.06
N ALA A 152 13.91 -20.02 9.30
CA ALA A 152 13.25 -20.64 8.16
C ALA A 152 12.07 -21.47 8.65
N GLU A 153 12.30 -22.18 9.76
CA GLU A 153 11.38 -23.16 10.32
C GLU A 153 10.31 -22.48 11.18
N SER A 154 10.38 -21.15 11.32
CA SER A 154 9.48 -20.40 12.18
C SER A 154 8.22 -19.97 11.44
N LYS A 155 7.24 -19.51 12.23
CA LYS A 155 6.02 -18.87 11.74
C LYS A 155 6.41 -17.59 11.00
N LEU A 156 5.40 -16.86 10.53
CA LEU A 156 5.65 -15.62 9.80
C LEU A 156 4.55 -14.61 10.08
N TYR A 157 4.96 -13.36 10.26
CA TYR A 157 4.05 -12.26 10.52
C TYR A 157 4.26 -11.14 9.51
N ILE A 158 3.16 -10.60 8.98
CA ILE A 158 3.22 -9.48 8.06
C ILE A 158 2.34 -8.34 8.58
N TRP A 159 2.96 -7.19 8.87
CA TRP A 159 2.22 -6.00 9.24
C TRP A 159 2.01 -5.14 8.00
N ASN A 160 1.29 -4.03 8.15
CA ASN A 160 1.09 -3.09 7.06
C ASN A 160 1.27 -1.64 7.51
N VAL A 161 1.88 -0.82 6.64
CA VAL A 161 2.06 0.62 6.88
C VAL A 161 1.64 1.39 5.64
N LYS A 162 0.85 2.47 5.83
CA LYS A 162 0.31 3.22 4.71
C LYS A 162 1.35 4.16 4.12
N LEU A 163 1.33 4.28 2.79
CA LEU A 163 2.15 5.23 2.05
C LEU A 163 1.38 6.54 1.92
N THR A 164 2.05 7.67 2.18
CA THR A 164 1.41 8.98 2.08
C THR A 164 2.43 10.00 1.61
N HIS A 165 1.94 11.09 1.01
CA HIS A 165 2.78 12.14 0.46
C HIS A 165 3.40 13.00 1.57
N THR A 166 3.30 12.54 2.82
CA THR A 166 3.86 13.20 3.98
C THR A 166 4.76 12.24 4.76
N GLY A 167 4.82 10.96 4.36
CA GLY A 167 5.60 9.96 5.08
C GLY A 167 4.99 8.56 5.00
N PHE A 168 5.05 7.84 6.13
CA PHE A 168 4.51 6.50 6.27
C PHE A 168 3.67 6.42 7.53
N PHE A 169 2.49 5.81 7.46
CA PHE A 169 1.56 5.85 8.60
C PHE A 169 1.26 4.46 9.15
N LEU A 170 1.44 4.32 10.47
CA LEU A 170 1.22 3.10 11.21
C LEU A 170 0.46 3.41 12.50
N VAL A 171 -0.56 2.60 12.80
CA VAL A 171 -1.48 2.68 13.94
C VAL A 171 -2.15 4.04 14.14
N ASN A 172 -1.39 5.12 14.32
CA ASN A 172 -1.97 6.43 14.59
C ASN A 172 -1.00 7.59 14.30
N TYR A 173 0.17 7.32 13.72
CA TYR A 173 1.16 8.37 13.50
C TYR A 173 1.90 8.20 12.18
N ASN A 174 2.31 9.34 11.60
CA ASN A 174 3.04 9.36 10.34
C ASN A 174 4.52 9.68 10.54
N TYR A 175 5.37 8.92 9.85
CA TYR A 175 6.81 9.09 9.89
C TYR A 175 7.28 9.66 8.55
N PRO A 176 7.83 10.89 8.56
CA PRO A 176 8.16 11.64 7.36
C PRO A 176 9.29 11.05 6.54
N THR A 177 9.92 9.96 7.00
CA THR A 177 10.97 9.29 6.25
C THR A 177 11.10 7.84 6.70
N VAL A 178 11.64 6.98 5.84
CA VAL A 178 11.82 5.57 6.13
C VAL A 178 12.70 5.37 7.36
N ILE A 179 13.60 6.31 7.63
CA ILE A 179 14.47 6.18 8.78
C ILE A 179 13.66 6.37 10.06
N GLN A 180 12.75 7.36 10.04
CA GLN A 180 11.87 7.63 11.17
C GLN A 180 10.85 6.52 11.30
N LEU A 181 10.46 5.90 10.19
CA LEU A 181 9.52 4.80 10.17
C LEU A 181 10.16 3.55 10.79
N CYS A 182 11.45 3.34 10.52
CA CYS A 182 12.20 2.23 11.11
C CYS A 182 12.29 2.42 12.62
N ASN A 183 12.62 3.64 13.05
CA ASN A 183 12.66 3.98 14.47
C ASN A 183 11.25 3.91 15.06
N GLY A 184 10.25 4.26 14.25
CA GLY A 184 8.85 4.22 14.65
C GLY A 184 8.40 2.79 14.89
N PHE A 185 8.82 1.89 14.01
CA PHE A 185 8.52 0.48 14.13
C PHE A 185 9.09 -0.07 15.44
N LYS A 186 10.35 0.25 15.75
CA LYS A 186 10.99 -0.27 16.95
C LYS A 186 10.42 0.35 18.21
N THR A 187 10.18 1.66 18.21
CA THR A 187 9.57 2.28 19.38
C THR A 187 8.14 1.82 19.59
N LEU A 188 7.47 1.37 18.53
CA LEU A 188 6.10 0.88 18.62
C LEU A 188 6.07 -0.52 19.21
N LEU A 189 6.95 -1.42 18.74
CA LEU A 189 6.99 -2.77 19.29
C LEU A 189 7.53 -2.75 20.71
N LYS A 190 8.31 -1.72 21.09
CA LYS A 190 8.73 -1.57 22.47
C LYS A 190 7.60 -0.98 23.31
N SER A 191 6.72 -0.19 22.69
CA SER A 191 5.55 0.35 23.38
C SER A 191 4.53 -0.77 23.56
N SER A 192 4.40 -1.65 22.56
CA SER A 192 3.50 -2.79 22.64
C SER A 192 4.07 -3.87 23.55
N ASN A 193 5.38 -3.81 23.82
CA ASN A 193 6.03 -4.69 24.78
C ASN A 193 5.91 -4.09 26.18
N THR A 194 5.89 -2.76 26.28
CA THR A 194 5.74 -2.08 27.56
C THR A 194 4.30 -2.20 28.04
N ARG A 195 3.35 -2.22 27.09
CA ARG A 195 1.95 -2.43 27.40
C ARG A 195 1.66 -3.93 27.52
N ASN A 196 2.29 -4.72 26.65
CA ASN A 196 2.11 -6.17 26.53
C ASN A 196 0.62 -6.53 26.62
N PRO B 1 -6.12 -4.16 -4.92
CA PRO B 1 -7.50 -4.11 -5.41
C PRO B 1 -8.51 -3.85 -4.28
N SER B 2 -8.32 -4.50 -3.12
CA SER B 2 -9.20 -4.37 -1.97
C SER B 2 -9.04 -3.04 -1.22
N PTR B 3 -8.65 -1.96 -1.92
CA PTR B 3 -8.41 -0.64 -1.36
C PTR B 3 -7.65 -0.68 -0.02
O PTR B 3 -6.42 -0.78 -0.02
CB PTR B 3 -9.72 0.18 -1.28
CG PTR B 3 -10.17 0.76 -2.60
CD1 PTR B 3 -10.54 -0.09 -3.65
CD2 PTR B 3 -10.25 2.15 -2.78
CE1 PTR B 3 -10.94 0.44 -4.89
CE2 PTR B 3 -10.66 2.69 -4.01
CZ PTR B 3 -11.00 1.84 -5.08
OH PTR B 3 -11.36 2.27 -6.29
P PTR B 3 -11.47 3.82 -6.72
O1P PTR B 3 -12.45 4.49 -5.83
O2P PTR B 3 -11.73 3.83 -8.18
O3P PTR B 3 -10.05 4.54 -6.51
H PTR B 3 -8.52 -2.06 -2.91
HA PTR B 3 -7.76 -0.11 -2.05
HB2 PTR B 3 -10.50 -0.44 -0.86
HB3 PTR B 3 -9.56 1.01 -0.59
HD1 PTR B 3 -10.51 -1.17 -3.52
HD2 PTR B 3 -9.99 2.81 -1.97
HE1 PTR B 3 -11.20 -0.22 -5.70
HE2 PTR B 3 -10.72 3.76 -4.12
HO3P PTR B 3 -9.97 4.95 -5.64
N SER B 4 -8.36 -0.62 1.11
CA SER B 4 -7.75 -0.54 2.43
C SER B 4 -7.52 -1.92 3.07
N PRO B 5 -6.33 -2.17 3.61
CA PRO B 5 -5.97 -3.38 4.34
C PRO B 5 -6.35 -3.27 5.81
N THR B 6 -5.97 -4.29 6.59
CA THR B 6 -6.10 -4.32 8.04
C THR B 6 -4.84 -4.96 8.61
N SER B 7 -4.39 -4.51 9.79
CA SER B 7 -3.16 -5.03 10.38
C SER B 7 -3.11 -4.76 11.88
N PRO B 8 -2.48 -5.67 12.65
CA PRO B 8 -2.16 -5.44 14.04
C PRO B 8 -0.97 -4.47 14.13
N SER B 9 -0.61 -4.05 15.35
CA SER B 9 0.57 -3.24 15.57
C SER B 9 1.83 -4.10 15.53
N PTR B 10 2.97 -3.51 15.18
CA PTR B 10 4.24 -4.21 15.18
C PTR B 10 4.53 -4.66 16.61
O PTR B 10 4.64 -3.85 17.52
CB PTR B 10 5.31 -3.25 14.64
CG PTR B 10 6.66 -3.85 14.23
CD1 PTR B 10 7.15 -5.02 14.80
CD2 PTR B 10 7.41 -3.18 13.25
CE1 PTR B 10 8.42 -5.50 14.44
CE2 PTR B 10 8.67 -3.66 12.88
CZ PTR B 10 9.21 -4.81 13.49
OH PTR B 10 10.43 -5.26 13.23
P PTR B 10 11.47 -4.46 12.30
O1P PTR B 10 10.95 -4.48 10.92
O2P PTR B 10 12.84 -5.30 12.28
O3P PTR B 10 11.77 -3.16 12.93
H PTR B 10 2.96 -2.53 14.92
HA PTR B 10 4.18 -5.06 14.52
HB2 PTR B 10 4.90 -2.75 13.77
HB3 PTR B 10 5.50 -2.48 15.40
HD1 PTR B 10 6.58 -5.57 15.53
HD2 PTR B 10 7.02 -2.29 12.79
HE1 PTR B 10 8.80 -6.42 14.89
HE2 PTR B 10 9.24 -3.13 12.13
HO2P PTR B 10 12.72 -6.20 11.98
N SER B 11 4.64 -5.99 16.80
CA SER B 11 4.99 -6.58 18.08
C SER B 11 6.25 -7.42 17.91
N PRO B 12 7.06 -7.59 18.96
CA PRO B 12 8.31 -8.30 18.89
C PRO B 12 8.09 -9.80 18.68
N THR B 13 6.84 -10.26 18.88
CA THR B 13 6.46 -11.65 18.69
C THR B 13 4.93 -11.74 18.63
N SER B 14 4.42 -12.91 18.25
CA SER B 14 3.00 -13.22 18.24
C SER B 14 2.81 -14.74 18.17
N PRO B 15 1.77 -15.29 18.79
CA PRO B 15 1.46 -16.71 18.73
C PRO B 15 1.24 -17.21 17.30
N SER B 16 0.91 -16.28 16.39
CA SER B 16 0.70 -16.57 14.98
C SER B 16 0.64 -15.26 14.19
N HIS A 2 8.86 6.73 -22.99
CA HIS A 2 8.86 8.21 -22.88
C HIS A 2 8.11 8.63 -21.62
N ARG A 3 8.41 9.84 -21.12
CA ARG A 3 7.83 10.31 -19.86
C ARG A 3 6.45 10.93 -20.03
N VAL A 4 5.98 11.12 -21.27
CA VAL A 4 4.68 11.74 -21.49
C VAL A 4 3.54 10.71 -21.39
N ILE A 5 3.84 9.44 -21.70
CA ILE A 5 2.87 8.35 -21.72
C ILE A 5 1.69 8.59 -22.67
N ASN A 6 1.07 7.47 -23.07
CA ASN A 6 -0.11 7.45 -23.93
C ASN A 6 -1.23 6.64 -23.28
N HIS A 7 -0.95 6.07 -22.11
CA HIS A 7 -1.90 5.23 -21.38
C HIS A 7 -3.11 6.03 -20.89
N PRO A 8 -4.22 5.34 -20.59
CA PRO A 8 -5.35 5.95 -19.91
C PRO A 8 -4.91 6.26 -18.47
N TYR A 9 -5.61 7.17 -17.80
CA TYR A 9 -5.25 7.61 -16.45
C TYR A 9 -3.81 8.12 -16.33
N TYR A 10 -3.11 8.34 -17.46
CA TYR A 10 -1.76 8.88 -17.42
C TYR A 10 -1.75 10.32 -16.89
N PHE A 11 -0.70 10.65 -16.13
CA PHE A 11 -0.44 12.00 -15.65
C PHE A 11 1.07 12.15 -15.41
N PRO A 12 1.68 13.23 -15.89
CA PRO A 12 3.10 13.51 -15.75
C PRO A 12 3.45 14.01 -14.34
N PHE A 13 2.53 13.84 -13.38
CA PHE A 13 2.67 14.37 -12.04
C PHE A 13 3.79 13.70 -11.26
N ASN A 14 4.36 14.48 -10.33
CA ASN A 14 5.34 14.01 -9.36
C ASN A 14 4.65 13.05 -8.39
N GLY A 15 5.42 12.30 -7.60
CA GLY A 15 4.84 11.34 -6.68
C GLY A 15 3.89 12.02 -5.69
N LYS A 16 4.28 13.18 -5.14
CA LYS A 16 3.39 13.88 -4.21
C LYS A 16 2.22 14.52 -4.95
N GLN A 17 2.44 15.00 -6.17
CA GLN A 17 1.37 15.63 -6.94
C GLN A 17 0.34 14.57 -7.34
N ALA A 18 0.80 13.36 -7.66
CA ALA A 18 -0.10 12.26 -7.96
C ALA A 18 -0.89 11.90 -6.72
N GLU A 19 -0.22 11.93 -5.55
CA GLU A 19 -0.85 11.69 -4.25
C GLU A 19 -1.92 12.75 -3.99
N ASP A 20 -1.56 14.04 -3.99
CA ASP A 20 -2.52 15.09 -3.70
C ASP A 20 -3.66 15.08 -4.73
N TYR A 21 -3.40 14.54 -5.93
CA TYR A 21 -4.41 14.48 -6.97
C TYR A 21 -5.40 13.37 -6.68
N LEU A 22 -4.93 12.13 -6.56
CA LEU A 22 -5.82 10.99 -6.34
C LEU A 22 -6.58 11.15 -5.04
N ARG A 23 -6.04 11.92 -4.08
CA ARG A 23 -6.72 12.17 -2.82
C ARG A 23 -8.12 12.75 -3.06
N SER A 24 -8.30 13.46 -4.19
CA SER A 24 -9.58 14.05 -4.54
C SER A 24 -10.44 13.10 -5.36
N LYS A 25 -9.95 11.88 -5.66
CA LYS A 25 -10.70 10.86 -6.37
C LYS A 25 -11.35 9.94 -5.32
N GLU A 26 -11.17 8.62 -5.42
CA GLU A 26 -11.94 7.67 -4.62
C GLU A 26 -11.07 6.60 -3.97
N ARG A 27 -11.65 5.89 -2.98
CA ARG A 27 -11.01 4.86 -2.17
C ARG A 27 -10.50 3.65 -2.95
N GLY A 28 -10.42 3.75 -4.28
CA GLY A 28 -9.93 2.67 -5.11
C GLY A 28 -9.63 3.22 -6.50
N ASP A 29 -8.84 4.30 -6.59
CA ASP A 29 -8.66 4.99 -7.86
C ASP A 29 -7.21 5.37 -8.12
N PHE A 30 -6.78 5.37 -9.39
CA PHE A 30 -5.37 5.45 -9.70
C PHE A 30 -5.01 6.43 -10.82
N VAL A 31 -3.73 6.78 -10.86
CA VAL A 31 -3.11 7.56 -11.94
C VAL A 31 -1.79 6.91 -12.33
N ILE A 32 -1.45 6.97 -13.62
CA ILE A 32 -0.23 6.37 -14.16
C ILE A 32 0.79 7.48 -14.44
N ARG A 33 2.05 7.26 -14.06
CA ARG A 33 3.10 8.25 -14.25
C ARG A 33 4.44 7.60 -14.54
N GLN A 34 5.26 8.20 -15.40
CA GLN A 34 6.59 7.66 -15.64
C GLN A 34 7.34 7.70 -14.31
N SER A 35 7.95 6.57 -13.94
CA SER A 35 8.52 6.42 -12.61
C SER A 35 9.76 7.27 -12.43
N SER A 36 10.06 7.58 -11.17
CA SER A 36 11.27 8.30 -10.81
C SER A 36 12.48 7.33 -10.87
N ARG A 37 12.22 6.04 -11.08
CA ARG A 37 13.29 5.05 -11.20
C ARG A 37 14.01 5.18 -12.54
N GLY A 38 13.40 5.81 -13.54
CA GLY A 38 14.02 5.98 -14.85
C GLY A 38 13.01 6.32 -15.95
N ASP A 39 13.48 6.46 -17.18
CA ASP A 39 12.63 6.76 -18.32
C ASP A 39 11.99 5.50 -18.89
N ASP A 40 12.58 4.33 -18.68
CA ASP A 40 12.01 3.06 -19.10
C ASP A 40 11.30 2.40 -17.92
N HIS A 41 10.78 3.22 -17.01
CA HIS A 41 10.03 2.75 -15.85
C HIS A 41 8.79 3.61 -15.67
N LEU A 42 7.68 2.97 -15.28
CA LEU A 42 6.39 3.60 -15.09
C LEU A 42 5.91 3.31 -13.68
N ALA A 43 4.98 4.11 -13.17
CA ALA A 43 4.43 3.87 -11.84
C ALA A 43 2.92 4.13 -11.83
N ILE A 44 2.19 3.22 -11.20
CA ILE A 44 0.76 3.42 -10.97
C ILE A 44 0.63 3.92 -9.54
N THR A 45 -0.18 4.96 -9.33
CA THR A 45 -0.39 5.52 -8.01
C THR A 45 -1.88 5.43 -7.68
N TRP A 46 -2.22 4.55 -6.75
CA TRP A 46 -3.59 4.18 -6.45
C TRP A 46 -4.01 4.61 -5.04
N LYS A 47 -5.22 5.19 -4.93
CA LYS A 47 -5.81 5.69 -3.70
C LYS A 47 -6.63 4.59 -3.04
N LEU A 48 -6.43 4.45 -1.72
CA LEU A 48 -7.17 3.52 -0.88
C LEU A 48 -8.14 4.29 0.03
N ASP A 49 -7.82 5.56 0.33
CA ASP A 49 -8.62 6.40 1.21
C ASP A 49 -8.19 7.85 1.00
N LYS A 50 -8.95 8.83 1.53
CA LYS A 50 -8.62 10.23 1.38
C LYS A 50 -7.38 10.64 2.18
N ASP A 51 -6.71 9.63 2.79
CA ASP A 51 -5.48 9.77 3.52
C ASP A 51 -4.48 8.69 3.11
N LEU A 52 -4.66 8.07 1.93
CA LEU A 52 -3.88 6.89 1.62
C LEU A 52 -3.73 6.63 0.12
N PHE A 53 -2.53 6.24 -0.28
CA PHE A 53 -2.17 5.88 -1.63
C PHE A 53 -1.11 4.80 -1.61
N GLN A 54 -0.77 4.25 -2.79
CA GLN A 54 0.31 3.31 -2.95
C GLN A 54 0.84 3.39 -4.38
N HIS A 55 2.15 3.29 -4.55
CA HIS A 55 2.78 3.34 -5.86
C HIS A 55 3.20 1.93 -6.27
N VAL A 56 3.20 1.68 -7.58
CA VAL A 56 3.71 0.44 -8.13
C VAL A 56 4.68 0.76 -9.26
N ASP A 57 5.98 0.62 -9.00
CA ASP A 57 6.99 0.80 -10.04
C ASP A 57 6.92 -0.36 -11.02
N ILE A 58 7.11 -0.03 -12.30
CA ILE A 58 6.98 -0.93 -13.43
C ILE A 58 8.15 -0.71 -14.36
N GLN A 59 8.69 -1.78 -14.94
CA GLN A 59 9.78 -1.66 -15.90
C GLN A 59 9.28 -1.90 -17.32
N GLU A 60 9.70 -1.03 -18.24
CA GLU A 60 9.34 -1.16 -19.64
C GLU A 60 10.44 -1.92 -20.37
N LEU A 61 10.16 -3.19 -20.68
CA LEU A 61 11.08 -4.03 -21.42
C LEU A 61 10.72 -4.00 -22.91
N GLU A 62 11.63 -4.48 -23.76
CA GLU A 62 11.41 -4.49 -25.21
C GLU A 62 11.04 -3.10 -25.74
N LYS A 63 11.75 -2.06 -25.29
CA LYS A 63 11.63 -0.71 -25.85
C LYS A 63 12.78 -0.38 -26.78
N GLU A 64 13.83 -1.20 -26.78
CA GLU A 64 15.05 -1.03 -27.57
C GLU A 64 15.75 0.34 -27.38
N ASN A 65 15.12 1.28 -26.67
CA ASN A 65 15.69 2.58 -26.35
C ASN A 65 14.98 3.11 -25.11
N PRO A 66 15.71 3.63 -24.11
CA PRO A 66 15.12 4.08 -22.85
C PRO A 66 14.05 5.17 -23.02
N LEU A 67 14.06 5.91 -24.12
CA LEU A 67 13.07 6.96 -24.35
C LEU A 67 11.81 6.39 -24.99
N ALA A 68 11.90 5.19 -25.57
CA ALA A 68 10.77 4.59 -26.26
C ALA A 68 9.84 3.89 -25.27
N LEU A 69 8.63 3.54 -25.73
CA LEU A 69 7.67 2.81 -24.92
C LEU A 69 7.94 1.31 -25.04
N GLY A 70 7.87 0.57 -23.93
CA GLY A 70 8.11 -0.87 -23.94
C GLY A 70 6.95 -1.64 -24.56
N LYS A 71 7.29 -2.69 -25.33
CA LYS A 71 6.35 -3.66 -25.85
C LYS A 71 5.95 -4.63 -24.73
N VAL A 72 6.57 -4.42 -23.58
CA VAL A 72 6.44 -5.21 -22.37
C VAL A 72 6.40 -4.29 -21.16
N LEU A 73 5.70 -4.75 -20.12
CA LEU A 73 5.64 -4.07 -18.84
C LEU A 73 5.85 -5.13 -17.76
N VAL A 74 7.02 -5.09 -17.11
CA VAL A 74 7.33 -5.99 -16.00
C VAL A 74 7.00 -5.27 -14.71
N VAL A 75 6.20 -5.89 -13.86
CA VAL A 75 5.81 -5.28 -12.60
C VAL A 75 5.91 -6.31 -11.48
N GLU A 76 6.55 -5.91 -10.37
CA GLU A 76 6.85 -6.83 -9.28
C GLU A 76 7.47 -8.13 -9.79
N GLY A 77 8.18 -8.05 -10.92
CA GLY A 77 8.89 -9.18 -11.52
C GLY A 77 8.01 -10.02 -12.44
N GLN A 78 6.89 -9.46 -12.93
CA GLN A 78 5.96 -10.21 -13.77
C GLN A 78 5.72 -9.45 -15.07
N ARG A 79 6.01 -10.09 -16.20
CA ARG A 79 5.88 -9.49 -17.52
C ARG A 79 4.43 -9.49 -18.00
N TYR A 80 4.06 -8.41 -18.70
CA TYR A 80 2.77 -8.27 -19.34
C TYR A 80 2.95 -7.57 -20.69
N HIS A 81 1.94 -7.70 -21.55
CA HIS A 81 1.99 -7.20 -22.92
C HIS A 81 1.70 -5.71 -23.01
N ASP A 82 1.04 -5.14 -22.00
CA ASP A 82 0.59 -3.77 -22.05
C ASP A 82 0.19 -3.28 -20.66
N LEU A 83 0.10 -1.95 -20.51
CA LEU A 83 -0.32 -1.31 -19.27
C LEU A 83 -1.73 -1.75 -18.89
N ASP A 84 -2.64 -1.88 -19.85
CA ASP A 84 -3.99 -2.30 -19.51
C ASP A 84 -3.97 -3.71 -18.92
N GLN A 85 -2.99 -4.54 -19.28
CA GLN A 85 -2.88 -5.86 -18.68
C GLN A 85 -2.44 -5.71 -17.24
N ILE A 86 -1.43 -4.86 -16.96
CA ILE A 86 -0.91 -4.77 -15.60
C ILE A 86 -1.93 -4.07 -14.72
N ILE A 87 -2.71 -3.12 -15.25
CA ILE A 87 -3.69 -2.45 -14.42
C ILE A 87 -4.81 -3.40 -14.07
N VAL A 88 -5.45 -4.07 -15.03
CA VAL A 88 -6.57 -4.93 -14.65
C VAL A 88 -6.04 -6.12 -13.83
N GLU A 89 -4.86 -6.64 -14.17
CA GLU A 89 -4.30 -7.73 -13.39
C GLU A 89 -3.99 -7.25 -11.97
N TYR A 90 -3.17 -6.20 -11.84
CA TYR A 90 -2.72 -5.78 -10.53
C TYR A 90 -3.86 -5.20 -9.70
N LEU A 91 -4.68 -4.34 -10.30
CA LEU A 91 -5.75 -3.71 -9.55
C LEU A 91 -6.83 -4.70 -9.18
N GLN A 92 -7.37 -5.46 -10.15
CA GLN A 92 -8.49 -6.32 -9.82
C GLN A 92 -8.08 -7.37 -8.80
N ASN A 93 -6.86 -7.93 -8.93
CA ASN A 93 -6.40 -8.89 -7.95
C ASN A 93 -6.09 -8.20 -6.62
N LYS A 94 -5.53 -6.99 -6.64
CA LYS A 94 -5.22 -6.29 -5.40
C LYS A 94 -6.50 -5.85 -4.70
N ILE A 95 -7.51 -5.43 -5.46
CA ILE A 95 -8.79 -5.01 -4.91
C ILE A 95 -9.49 -6.21 -4.28
N ARG A 96 -9.39 -7.39 -4.90
CA ARG A 96 -10.01 -8.58 -4.34
C ARG A 96 -9.33 -8.94 -3.01
N LEU A 97 -7.99 -8.86 -2.98
CA LEU A 97 -7.22 -9.11 -1.77
C LEU A 97 -7.54 -8.03 -0.72
N LEU A 98 -7.85 -6.82 -1.17
CA LEU A 98 -8.24 -5.76 -0.27
C LEU A 98 -9.62 -6.03 0.30
N ASN A 99 -10.49 -6.73 -0.44
CA ASN A 99 -11.81 -7.06 0.07
C ASN A 99 -11.72 -8.15 1.12
N GLU A 100 -10.82 -9.11 0.94
CA GLU A 100 -10.70 -10.18 1.91
C GLU A 100 -9.99 -9.70 3.18
N LEU A 101 -8.98 -8.83 3.05
CA LEU A 101 -8.31 -8.29 4.22
C LEU A 101 -9.20 -7.32 4.96
N THR A 102 -9.96 -6.47 4.25
CA THR A 102 -10.85 -5.53 4.93
C THR A 102 -12.01 -6.28 5.58
N SER A 103 -12.38 -7.42 5.00
CA SER A 103 -13.39 -8.30 5.56
C SER A 103 -12.85 -9.12 6.73
N ASN A 104 -11.53 -9.07 6.98
CA ASN A 104 -10.93 -9.83 8.06
C ASN A 104 -11.30 -9.24 9.42
N GLU A 105 -11.52 -10.10 10.42
CA GLU A 105 -11.91 -9.67 11.76
C GLU A 105 -10.76 -8.91 12.42
N LYS A 106 -9.53 -9.09 11.94
CA LYS A 106 -8.36 -8.42 12.48
C LYS A 106 -8.10 -7.09 11.79
N PHE A 107 -8.95 -6.68 10.85
CA PHE A 107 -8.75 -5.42 10.16
C PHE A 107 -9.56 -4.30 10.82
N LYS A 108 -8.95 -3.11 10.89
CA LYS A 108 -9.51 -1.92 11.51
C LYS A 108 -10.29 -1.06 10.51
N ALA A 109 -10.52 0.21 10.87
CA ALA A 109 -11.29 1.15 10.07
C ALA A 109 -10.54 1.65 8.83
N GLY A 110 -10.39 2.97 8.69
CA GLY A 110 -9.91 3.59 7.46
C GLY A 110 -8.90 4.69 7.74
N THR A 111 -9.38 5.89 8.09
CA THR A 111 -8.50 7.03 8.34
C THR A 111 -7.90 6.93 9.74
N LYS A 112 -6.80 7.65 9.98
CA LYS A 112 -6.06 7.60 11.22
C LYS A 112 -7.00 7.74 12.42
N LYS A 113 -7.87 8.74 12.35
CA LYS A 113 -8.77 9.09 13.45
C LYS A 113 -9.72 7.93 13.74
N GLU A 114 -10.15 7.25 12.68
CA GLU A 114 -11.08 6.13 12.80
C GLU A 114 -10.40 4.90 13.36
N VAL A 115 -9.26 4.50 12.79
CA VAL A 115 -8.55 3.32 13.28
C VAL A 115 -7.96 3.57 14.66
N VAL A 116 -7.55 4.81 14.97
CA VAL A 116 -7.03 5.13 16.30
C VAL A 116 -8.16 5.13 17.32
N LYS A 117 -9.33 5.64 16.93
CA LYS A 117 -10.52 5.68 17.75
C LYS A 117 -10.99 4.25 18.03
N PHE A 118 -10.89 3.37 17.03
CA PHE A 118 -11.35 2.01 17.17
C PHE A 118 -10.38 1.18 18.01
N ILE A 119 -9.05 1.32 17.83
CA ILE A 119 -8.13 0.53 18.63
C ILE A 119 -8.15 1.05 20.06
N GLU A 120 -8.17 2.37 20.25
CA GLU A 120 -8.14 2.91 21.60
C GLU A 120 -9.42 2.55 22.31
N ASP A 121 -10.58 2.64 21.63
CA ASP A 121 -11.83 2.24 22.23
C ASP A 121 -11.79 0.75 22.52
N TYR A 122 -11.41 -0.07 21.55
CA TYR A 122 -11.44 -1.50 21.75
C TYR A 122 -10.50 -1.87 22.90
N SER A 123 -9.56 -0.97 23.21
CA SER A 123 -8.57 -1.24 24.24
C SER A 123 -9.07 -0.75 25.60
N LYS A 124 -9.57 0.50 25.67
CA LYS A 124 -10.04 1.07 26.92
C LYS A 124 -11.35 0.47 27.37
N VAL A 125 -12.09 -0.12 26.44
CA VAL A 125 -13.31 -0.87 26.73
C VAL A 125 -12.94 -2.24 27.33
N ASN A 126 -11.67 -2.65 27.17
CA ASN A 126 -11.16 -3.94 27.61
C ASN A 126 -9.72 -3.77 28.10
N PRO A 127 -9.50 -2.91 29.10
CA PRO A 127 -8.19 -2.45 29.52
C PRO A 127 -7.34 -3.54 30.16
N LYS A 128 -7.88 -4.76 30.31
CA LYS A 128 -7.13 -5.88 30.86
C LYS A 128 -6.98 -6.98 29.82
N LYS A 129 -7.48 -6.75 28.60
CA LYS A 129 -7.29 -7.64 27.46
C LYS A 129 -6.35 -6.99 26.46
N SER A 130 -5.69 -7.81 25.63
CA SER A 130 -4.75 -7.32 24.64
C SER A 130 -5.47 -7.04 23.32
N VAL A 131 -4.84 -6.22 22.48
CA VAL A 131 -5.43 -5.75 21.24
C VAL A 131 -4.44 -5.78 20.09
N TYR A 132 -4.87 -6.26 18.92
CA TYR A 132 -4.06 -6.09 17.73
C TYR A 132 -4.90 -6.14 16.46
N TYR A 133 -4.62 -5.21 15.55
CA TYR A 133 -5.33 -5.09 14.28
C TYR A 133 -4.43 -4.64 13.13
N PHE A 134 -4.89 -4.93 11.91
CA PHE A 134 -4.26 -4.53 10.67
C PHE A 134 -5.07 -3.38 10.08
N SER A 135 -4.42 -2.38 9.51
CA SER A 135 -5.14 -1.30 8.84
C SER A 135 -4.27 -0.67 7.77
N LEU A 136 -4.70 0.49 7.27
CA LEU A 136 -3.96 1.21 6.27
C LEU A 136 -2.64 1.72 6.84
N ASN A 137 -1.96 2.60 6.09
CA ASN A 137 -0.59 2.96 6.38
C ASN A 137 -0.25 4.37 5.87
N TYR A 138 -0.73 5.39 6.57
CA TYR A 138 -0.61 6.78 6.16
C TYR A 138 0.85 7.23 6.13
N GLU A 139 1.70 6.61 6.94
CA GLU A 139 3.12 6.91 7.00
C GLU A 139 3.90 6.09 5.99
N ASN A 140 3.34 4.96 5.53
CA ASN A 140 4.00 4.02 4.63
C ASN A 140 3.04 3.60 3.53
N PRO A 141 2.78 4.46 2.53
CA PRO A 141 1.79 4.24 1.48
C PRO A 141 2.11 3.00 0.66
N GLY A 142 1.71 1.83 1.17
CA GLY A 142 1.88 0.56 0.48
C GLY A 142 2.12 -0.60 1.44
N TRP A 143 2.17 -0.36 2.76
CA TRP A 143 2.44 -1.42 3.72
C TRP A 143 1.48 -1.32 4.92
N PHE A 144 0.43 -2.14 4.98
CA PHE A 144 -0.61 -2.07 6.00
C PHE A 144 -0.01 -2.08 7.39
N TYR A 145 -0.56 -1.26 8.30
CA TYR A 145 -0.02 -1.19 9.64
C TYR A 145 -0.65 -2.25 10.54
N LEU A 146 0.15 -2.86 11.42
CA LEU A 146 -0.35 -3.87 12.32
C LEU A 146 -0.10 -3.43 13.77
N ILE A 147 -1.06 -2.72 14.35
CA ILE A 147 -0.99 -2.20 15.72
C ILE A 147 -1.24 -3.30 16.75
N PHE A 148 -0.47 -3.28 17.86
CA PHE A 148 -0.63 -4.17 18.99
C PHE A 148 -0.53 -3.39 20.31
N LYS A 149 -1.36 -3.76 21.28
CA LYS A 149 -1.31 -3.27 22.66
C LYS A 149 -1.58 -4.43 23.60
N LEU A 150 -0.86 -4.51 24.72
CA LEU A 150 -1.05 -5.59 25.66
C LEU A 150 -2.29 -5.34 26.52
N ASN A 151 -2.64 -4.06 26.69
CA ASN A 151 -3.75 -3.58 27.51
C ASN A 151 -4.08 -2.16 27.09
N ALA A 152 -5.07 -1.53 27.74
CA ALA A 152 -5.32 -0.10 27.51
C ALA A 152 -4.15 0.69 28.08
N GLU A 153 -3.61 0.21 29.20
CA GLU A 153 -2.58 0.85 29.98
C GLU A 153 -1.19 0.59 29.40
N SER A 154 -1.08 -0.29 28.40
CA SER A 154 0.21 -0.68 27.87
C SER A 154 0.74 0.29 26.83
N LYS A 155 2.01 0.11 26.48
CA LYS A 155 2.63 0.76 25.34
C LYS A 155 1.95 0.21 24.09
N LEU A 156 2.41 0.65 22.92
CA LEU A 156 1.83 0.23 21.66
C LEU A 156 2.92 -0.02 20.63
N TYR A 157 2.76 -1.10 19.85
CA TYR A 157 3.73 -1.51 18.84
C TYR A 157 3.04 -1.76 17.51
N ILE A 158 3.69 -1.37 16.42
CA ILE A 158 3.13 -1.50 15.09
C ILE A 158 4.09 -2.24 14.15
N TRP A 159 3.56 -3.10 13.28
CA TRP A 159 4.31 -3.75 12.22
C TRP A 159 3.78 -3.27 10.86
N ASN A 160 4.43 -3.69 9.78
CA ASN A 160 4.03 -3.26 8.44
C ASN A 160 4.13 -4.42 7.45
N VAL A 161 3.16 -4.54 6.52
CA VAL A 161 3.18 -5.58 5.50
C VAL A 161 2.82 -5.01 4.13
N LYS A 162 3.72 -5.20 3.15
CA LYS A 162 3.55 -4.62 1.83
C LYS A 162 2.36 -5.23 1.12
N LEU A 163 1.63 -4.38 0.39
CA LEU A 163 0.54 -4.83 -0.44
C LEU A 163 1.04 -5.10 -1.85
N THR A 164 0.56 -6.18 -2.46
CA THR A 164 0.93 -6.60 -3.80
C THR A 164 -0.24 -7.37 -4.42
N HIS A 165 -0.38 -7.32 -5.75
CA HIS A 165 -1.45 -8.04 -6.41
C HIS A 165 -1.26 -9.54 -6.29
N THR A 166 -0.06 -9.96 -5.89
CA THR A 166 0.26 -11.37 -5.72
C THR A 166 -0.01 -11.81 -4.28
N GLY A 167 -0.42 -10.88 -3.41
CA GLY A 167 -0.72 -11.21 -2.02
C GLY A 167 -0.33 -10.10 -1.05
N PHE A 168 0.35 -10.50 0.04
CA PHE A 168 0.84 -9.61 1.07
C PHE A 168 2.27 -10.01 1.42
N PHE A 169 3.17 -9.04 1.56
CA PHE A 169 4.58 -9.34 1.73
C PHE A 169 5.14 -8.86 3.08
N LEU A 170 5.92 -9.74 3.71
CA LEU A 170 6.58 -9.48 4.98
C LEU A 170 7.93 -10.19 5.00
N VAL A 171 8.96 -9.47 5.47
CA VAL A 171 10.35 -9.92 5.57
C VAL A 171 10.95 -10.33 4.22
N ASN A 172 10.47 -11.43 3.61
CA ASN A 172 11.04 -11.94 2.38
C ASN A 172 10.06 -12.83 1.61
N TYR A 173 8.79 -12.90 2.05
CA TYR A 173 7.83 -13.81 1.44
C TYR A 173 6.48 -13.15 1.22
N ASN A 174 5.82 -13.52 0.11
CA ASN A 174 4.50 -13.03 -0.25
C ASN A 174 3.46 -14.11 0.03
N TYR A 175 2.33 -13.70 0.58
CA TYR A 175 1.23 -14.58 0.91
C TYR A 175 0.00 -14.22 0.08
N PRO A 176 -0.43 -15.12 -0.82
CA PRO A 176 -1.45 -14.88 -1.83
C PRO A 176 -2.84 -14.63 -1.25
N THR A 177 -2.98 -14.65 0.08
CA THR A 177 -4.24 -14.31 0.73
C THR A 177 -3.97 -13.94 2.18
N VAL A 178 -4.89 -13.18 2.79
CA VAL A 178 -4.72 -12.73 4.17
C VAL A 178 -4.68 -13.91 5.12
N ILE A 179 -5.30 -15.02 4.73
CA ILE A 179 -5.30 -16.21 5.57
C ILE A 179 -3.89 -16.80 5.58
N GLN A 180 -3.23 -16.82 4.41
CA GLN A 180 -1.87 -17.32 4.30
C GLN A 180 -0.90 -16.33 4.95
N LEU A 181 -1.28 -15.06 5.01
CA LEU A 181 -0.47 -14.06 5.69
C LEU A 181 -0.50 -14.33 7.20
N CYS A 182 -1.63 -14.80 7.71
CA CYS A 182 -1.70 -15.22 9.10
C CYS A 182 -0.84 -16.47 9.31
N ASN A 183 -0.87 -17.42 8.38
CA ASN A 183 -0.02 -18.60 8.47
C ASN A 183 1.45 -18.16 8.34
N GLY A 184 1.69 -17.11 7.56
CA GLY A 184 3.01 -16.55 7.35
C GLY A 184 3.53 -15.93 8.64
N PHE A 185 2.70 -15.13 9.29
CA PHE A 185 3.05 -14.51 10.55
C PHE A 185 3.45 -15.56 11.57
N LYS A 186 2.65 -16.63 11.67
CA LYS A 186 2.87 -17.68 12.66
C LYS A 186 4.10 -18.52 12.35
N THR A 187 4.31 -18.87 11.07
CA THR A 187 5.51 -19.61 10.71
C THR A 187 6.76 -18.75 10.81
N LEU A 188 6.59 -17.42 10.75
CA LEU A 188 7.73 -16.50 10.76
C LEU A 188 8.24 -16.32 12.18
N LEU A 189 7.35 -16.19 13.15
CA LEU A 189 7.77 -16.05 14.53
C LEU A 189 8.35 -17.35 15.04
N LYS A 190 7.92 -18.50 14.49
CA LYS A 190 8.55 -19.77 14.84
C LYS A 190 9.87 -19.90 14.12
N SER A 191 9.99 -19.37 12.91
CA SER A 191 11.27 -19.33 12.21
C SER A 191 12.21 -18.37 12.95
N SER A 192 11.64 -17.37 13.62
CA SER A 192 12.38 -16.42 14.43
C SER A 192 12.74 -17.05 15.77
N ASN A 193 11.92 -18.00 16.24
CA ASN A 193 12.20 -18.72 17.46
C ASN A 193 13.20 -19.85 17.23
N THR A 194 13.22 -20.45 16.04
CA THR A 194 14.23 -21.45 15.72
C THR A 194 15.56 -20.77 15.40
N ARG A 195 15.52 -19.45 15.15
CA ARG A 195 16.72 -18.64 14.97
C ARG A 195 17.18 -18.10 16.32
N ASN A 196 16.21 -17.60 17.11
CA ASN A 196 16.42 -16.99 18.42
C ASN A 196 17.65 -16.09 18.40
N PRO B 1 10.66 -1.39 3.01
CA PRO B 1 11.78 -0.57 2.53
C PRO B 1 11.32 0.60 1.68
N SER B 2 10.72 0.34 0.52
CA SER B 2 10.22 1.40 -0.34
C SER B 2 9.09 2.14 0.38
N PTR B 3 9.29 3.43 0.61
CA PTR B 3 8.42 4.28 1.43
C PTR B 3 7.95 3.55 2.69
O PTR B 3 6.79 3.67 3.07
CB PTR B 3 7.25 4.81 0.60
CG PTR B 3 7.63 5.54 -0.68
CD1 PTR B 3 8.76 6.36 -0.73
CD2 PTR B 3 6.83 5.39 -1.82
CE1 PTR B 3 9.10 7.02 -1.91
CE2 PTR B 3 7.17 6.05 -3.02
CZ PTR B 3 8.32 6.86 -3.08
OH PTR B 3 8.72 7.48 -4.19
P PTR B 3 8.08 7.20 -5.65
O1P PTR B 3 8.98 7.83 -6.63
O2P PTR B 3 6.65 7.58 -5.62
O3P PTR B 3 8.14 5.63 -5.92
H PTR B 3 10.08 3.89 0.19
HA PTR B 3 9.01 5.13 1.76
HB2 PTR B 3 6.60 3.97 0.34
HB3 PTR B 3 6.68 5.49 1.22
HD1 PTR B 3 9.38 6.49 0.15
HD2 PTR B 3 5.95 4.78 -1.78
HE1 PTR B 3 9.98 7.66 -1.95
HE2 PTR B 3 6.53 5.91 -3.88
HO3P PTR B 3 7.58 5.13 -5.33
N SER B 4 8.84 2.80 3.35
CA SER B 4 8.51 2.12 4.60
C SER B 4 9.75 1.60 5.31
N PRO B 5 10.00 2.02 6.54
CA PRO B 5 11.10 1.52 7.37
C PRO B 5 11.00 0.02 7.62
N THR B 6 12.08 -0.56 8.16
CA THR B 6 12.12 -1.98 8.51
C THR B 6 11.18 -2.25 9.69
N SER B 7 10.91 -3.54 9.96
CA SER B 7 10.02 -3.94 11.04
C SER B 7 10.49 -5.29 11.62
N PRO B 8 10.31 -5.51 12.93
CA PRO B 8 10.69 -6.73 13.61
C PRO B 8 9.75 -7.88 13.22
N SER B 9 10.06 -9.10 13.66
CA SER B 9 9.22 -10.27 13.40
C SER B 9 7.93 -10.21 14.21
N PTR B 10 6.96 -11.06 13.87
CA PTR B 10 5.60 -11.04 14.40
C PTR B 10 5.54 -11.53 15.84
O PTR B 10 5.12 -12.66 16.12
CB PTR B 10 4.74 -11.89 13.46
CG PTR B 10 3.24 -11.86 13.67
CD1 PTR B 10 2.47 -10.84 13.08
CD2 PTR B 10 2.61 -12.85 14.43
CE1 PTR B 10 1.07 -10.88 13.18
CE2 PTR B 10 1.22 -12.90 14.52
CZ PTR B 10 0.42 -11.93 13.86
OH PTR B 10 -0.90 -12.01 13.80
P PTR B 10 -1.73 -13.32 14.25
O1P PTR B 10 -1.15 -14.50 13.58
O2P PTR B 10 -3.22 -13.17 13.68
O3P PTR B 10 -1.85 -13.31 15.73
H PTR B 10 7.17 -11.77 13.18
HA PTR B 10 5.24 -10.01 14.37
HB2 PTR B 10 4.93 -11.55 12.44
HB3 PTR B 10 5.08 -12.92 13.52
HD1 PTR B 10 2.96 -10.03 12.57
HD2 PTR B 10 3.21 -13.59 14.95
HE1 PTR B 10 0.48 -10.10 12.71
HE2 PTR B 10 0.76 -13.70 15.09
HO2P PTR B 10 -3.24 -13.18 12.72
N SER B 11 5.95 -10.68 16.79
CA SER B 11 5.86 -10.92 18.22
C SER B 11 6.37 -12.31 18.65
N PRO B 12 7.55 -12.74 18.20
CA PRO B 12 8.13 -14.04 18.54
C PRO B 12 8.61 -14.10 20.00
N THR B 13 8.00 -13.32 20.89
CA THR B 13 8.45 -13.22 22.28
C THR B 13 9.93 -12.83 22.34
N SER B 14 10.39 -12.16 21.28
CA SER B 14 11.78 -11.77 21.09
C SER B 14 11.83 -10.43 20.38
N PRO B 15 12.93 -9.68 20.47
CA PRO B 15 13.04 -8.37 19.84
C PRO B 15 13.08 -8.47 18.32
N SER B 16 13.25 -9.69 17.79
CA SER B 16 13.24 -9.98 16.37
C SER B 16 13.16 -11.49 16.18
N HIS A 2 4.67 18.32 -18.91
CA HIS A 2 3.40 18.35 -19.65
C HIS A 2 2.40 17.37 -19.06
N ARG A 3 2.53 16.07 -19.36
CA ARG A 3 1.64 15.04 -18.84
C ARG A 3 0.18 15.40 -19.08
N VAL A 4 -0.11 16.08 -20.19
CA VAL A 4 -1.48 16.46 -20.55
C VAL A 4 -2.24 15.21 -20.99
N ILE A 5 -2.61 14.37 -20.03
CA ILE A 5 -3.37 13.15 -20.26
C ILE A 5 -4.80 13.50 -20.65
N ASN A 6 -5.35 12.70 -21.56
CA ASN A 6 -6.70 12.85 -22.07
C ASN A 6 -7.72 12.13 -21.20
N HIS A 7 -7.27 11.33 -20.25
CA HIS A 7 -8.15 10.54 -19.39
C HIS A 7 -8.97 11.42 -18.45
N PRO A 8 -10.22 11.04 -18.16
CA PRO A 8 -11.13 11.81 -17.33
C PRO A 8 -10.70 11.79 -15.86
N TYR A 9 -9.83 10.83 -15.49
CA TYR A 9 -9.29 10.76 -14.14
C TYR A 9 -8.06 11.64 -13.99
N TYR A 10 -7.60 12.27 -15.08
CA TYR A 10 -6.42 13.11 -15.02
C TYR A 10 -6.73 14.47 -14.41
N PHE A 11 -5.71 15.00 -13.73
CA PHE A 11 -5.75 16.31 -13.11
C PHE A 11 -4.34 16.90 -13.14
N PRO A 12 -4.20 18.17 -13.55
CA PRO A 12 -2.94 18.88 -13.65
C PRO A 12 -2.43 19.31 -12.28
N PHE A 13 -3.15 18.94 -11.22
CA PHE A 13 -2.82 19.31 -9.86
C PHE A 13 -1.45 18.77 -9.44
N ASN A 14 -0.85 19.46 -8.48
CA ASN A 14 0.40 19.02 -7.88
C ASN A 14 0.11 17.71 -7.13
N GLY A 15 1.14 16.92 -6.81
CA GLY A 15 0.93 15.66 -6.12
C GLY A 15 0.20 15.89 -4.80
N LYS A 16 0.62 16.90 -4.03
CA LYS A 16 0.01 17.19 -2.74
C LYS A 16 -1.39 17.76 -2.95
N GLN A 17 -1.58 18.52 -4.03
CA GLN A 17 -2.89 19.10 -4.34
C GLN A 17 -3.84 17.98 -4.77
N ALA A 18 -3.32 16.96 -5.45
CA ALA A 18 -4.10 15.80 -5.83
C ALA A 18 -4.54 15.06 -4.57
N GLU A 19 -3.70 15.02 -3.53
CA GLU A 19 -4.10 14.44 -2.24
C GLU A 19 -5.27 15.24 -1.67
N ASP A 20 -5.07 16.53 -1.43
CA ASP A 20 -6.09 17.35 -0.78
C ASP A 20 -7.36 17.42 -1.61
N TYR A 21 -7.28 17.07 -2.90
CA TYR A 21 -8.44 17.00 -3.76
C TYR A 21 -9.23 15.73 -3.51
N LEU A 22 -8.58 14.56 -3.57
CA LEU A 22 -9.23 13.27 -3.40
C LEU A 22 -9.67 13.04 -1.96
N ARG A 23 -9.07 13.79 -1.02
CA ARG A 23 -9.39 13.72 0.39
C ARG A 23 -10.85 14.04 0.66
N SER A 24 -11.56 14.61 -0.33
CA SER A 24 -12.97 14.94 -0.21
C SER A 24 -13.83 14.22 -1.25
N LYS A 25 -13.30 13.16 -1.89
CA LYS A 25 -14.05 12.44 -2.90
C LYS A 25 -14.89 11.31 -2.28
N GLU A 26 -14.23 10.24 -1.83
CA GLU A 26 -14.90 9.09 -1.24
C GLU A 26 -13.87 8.25 -0.47
N ARG A 27 -13.79 6.94 -0.69
CA ARG A 27 -12.85 6.10 0.06
C ARG A 27 -12.09 5.08 -0.80
N GLY A 28 -12.41 5.00 -2.09
CA GLY A 28 -11.66 4.22 -3.06
C GLY A 28 -11.46 5.04 -4.33
N ASP A 29 -11.00 6.29 -4.19
CA ASP A 29 -10.98 7.23 -5.32
C ASP A 29 -9.56 7.40 -5.85
N PHE A 30 -9.41 7.85 -7.09
CA PHE A 30 -8.10 7.96 -7.73
C PHE A 30 -8.06 9.08 -8.78
N VAL A 31 -6.92 9.78 -8.86
CA VAL A 31 -6.67 10.79 -9.89
C VAL A 31 -5.27 10.61 -10.46
N ILE A 32 -5.13 10.87 -11.76
CA ILE A 32 -3.85 10.76 -12.45
C ILE A 32 -3.17 12.14 -12.46
N ARG A 33 -1.89 12.21 -12.12
CA ARG A 33 -1.20 13.48 -11.98
C ARG A 33 0.29 13.42 -12.27
N GLN A 34 0.82 14.50 -12.89
CA GLN A 34 2.22 14.72 -13.17
C GLN A 34 3.12 14.41 -11.96
N SER A 35 4.21 13.65 -12.21
CA SER A 35 5.14 13.25 -11.17
C SER A 35 6.15 14.35 -10.85
N SER A 36 6.83 14.23 -9.70
CA SER A 36 7.88 15.14 -9.30
C SER A 36 9.25 14.68 -9.80
N ARG A 37 9.33 13.52 -10.46
CA ARG A 37 10.60 13.00 -10.96
C ARG A 37 11.03 13.72 -12.23
N GLY A 38 10.08 14.03 -13.11
CA GLY A 38 10.39 14.65 -14.39
C GLY A 38 9.21 14.56 -15.36
N ASP A 39 9.43 15.02 -16.59
CA ASP A 39 8.37 15.05 -17.60
C ASP A 39 8.11 13.65 -18.18
N ASP A 40 9.03 12.70 -18.00
CA ASP A 40 8.80 11.33 -18.44
C ASP A 40 8.12 10.54 -17.33
N HIS A 41 7.52 11.20 -16.34
CA HIS A 41 6.91 10.50 -15.22
C HIS A 41 5.53 11.08 -14.88
N LEU A 42 4.66 10.19 -14.39
CA LEU A 42 3.29 10.50 -14.03
C LEU A 42 2.97 9.70 -12.77
N ALA A 43 1.82 9.95 -12.16
CA ALA A 43 1.41 9.23 -10.96
C ALA A 43 -0.09 9.05 -10.90
N ILE A 44 -0.52 8.07 -10.11
CA ILE A 44 -1.92 7.90 -9.76
C ILE A 44 -2.01 8.08 -8.25
N THR A 45 -2.90 8.94 -7.79
CA THR A 45 -3.05 9.20 -6.37
C THR A 45 -4.45 8.77 -5.96
N TRP A 46 -4.53 7.89 -4.97
CA TRP A 46 -5.76 7.20 -4.61
C TRP A 46 -6.13 7.40 -3.13
N LYS A 47 -7.38 7.81 -2.88
CA LYS A 47 -7.99 8.06 -1.59
C LYS A 47 -8.43 6.77 -0.93
N LEU A 48 -7.94 6.54 0.31
CA LEU A 48 -8.17 5.32 1.07
C LEU A 48 -8.90 5.56 2.39
N ASP A 49 -8.80 6.77 2.96
CA ASP A 49 -9.45 7.10 4.23
C ASP A 49 -9.59 8.61 4.35
N LYS A 50 -10.32 9.08 5.37
CA LYS A 50 -10.56 10.50 5.59
C LYS A 50 -9.26 11.30 5.50
N ASP A 51 -8.18 10.72 6.05
CA ASP A 51 -6.86 11.34 6.10
C ASP A 51 -5.80 10.39 5.52
N LEU A 52 -6.09 9.76 4.37
CA LEU A 52 -5.17 8.80 3.80
C LEU A 52 -5.35 8.67 2.30
N PHE A 53 -4.24 8.34 1.63
CA PHE A 53 -4.16 8.22 0.19
C PHE A 53 -3.00 7.28 -0.14
N GLN A 54 -2.69 7.14 -1.44
CA GLN A 54 -1.52 6.43 -1.90
C GLN A 54 -1.12 6.95 -3.27
N HIS A 55 0.19 7.10 -3.51
CA HIS A 55 0.72 7.48 -4.81
C HIS A 55 1.30 6.25 -5.49
N VAL A 56 1.00 6.10 -6.78
CA VAL A 56 1.52 5.01 -7.60
C VAL A 56 2.43 5.61 -8.65
N ASP A 57 3.61 5.00 -8.85
CA ASP A 57 4.61 5.55 -9.74
C ASP A 57 4.34 5.19 -11.20
N ILE A 58 4.58 6.15 -12.10
CA ILE A 58 4.48 5.89 -13.53
C ILE A 58 5.65 6.54 -14.27
N GLN A 59 6.24 5.82 -15.22
CA GLN A 59 7.20 6.40 -16.13
C GLN A 59 6.70 6.21 -17.56
N GLU A 60 6.77 7.27 -18.36
CA GLU A 60 6.33 7.25 -19.74
C GLU A 60 7.51 6.87 -20.63
N LEU A 61 7.76 5.56 -20.70
CA LEU A 61 8.88 4.98 -21.40
C LEU A 61 8.59 4.87 -22.90
N GLU A 62 9.62 4.61 -23.70
CA GLU A 62 9.52 4.44 -25.14
C GLU A 62 8.99 5.69 -25.86
N LYS A 63 9.83 6.73 -25.96
CA LYS A 63 9.52 7.90 -26.75
C LYS A 63 10.79 8.60 -27.21
N GLU A 64 10.74 9.26 -28.36
CA GLU A 64 11.87 9.97 -28.93
C GLU A 64 12.17 11.27 -28.17
N ASN A 65 11.31 11.63 -27.22
CA ASN A 65 11.47 12.86 -26.44
C ASN A 65 10.74 12.69 -25.10
N PRO A 66 11.41 12.96 -23.97
CA PRO A 66 10.80 12.83 -22.65
C PRO A 66 9.56 13.69 -22.46
N LEU A 67 9.38 14.74 -23.27
CA LEU A 67 8.19 15.58 -23.19
C LEU A 67 7.00 14.85 -23.79
N ALA A 68 7.27 14.00 -24.78
CA ALA A 68 6.24 13.30 -25.53
C ALA A 68 5.59 12.21 -24.67
N LEU A 69 4.37 11.80 -25.04
CA LEU A 69 3.67 10.74 -24.33
C LEU A 69 4.27 9.40 -24.74
N GLY A 70 4.80 8.64 -23.78
CA GLY A 70 5.48 7.38 -24.06
C GLY A 70 4.56 6.33 -24.67
N LYS A 71 5.13 5.47 -25.51
CA LYS A 71 4.42 4.34 -26.10
C LYS A 71 4.06 3.32 -25.01
N VAL A 72 4.62 3.50 -23.82
CA VAL A 72 4.39 2.61 -22.69
C VAL A 72 4.37 3.38 -21.38
N LEU A 73 3.73 2.77 -20.38
CA LEU A 73 3.63 3.29 -19.03
C LEU A 73 4.22 2.24 -18.09
N VAL A 74 5.25 2.60 -17.31
CA VAL A 74 5.90 1.69 -16.38
C VAL A 74 5.43 1.97 -14.97
N VAL A 75 4.92 0.94 -14.29
CA VAL A 75 4.37 1.05 -12.94
C VAL A 75 4.99 -0.02 -12.05
N GLU A 76 5.47 0.38 -10.87
CA GLU A 76 6.24 -0.49 -9.98
C GLU A 76 7.45 -1.12 -10.68
N GLY A 77 7.75 -0.69 -11.92
CA GLY A 77 8.83 -1.26 -12.72
C GLY A 77 8.30 -2.24 -13.78
N GLN A 78 6.99 -2.17 -14.08
CA GLN A 78 6.33 -3.08 -15.01
C GLN A 78 5.67 -2.25 -16.11
N ARG A 79 5.99 -2.51 -17.38
CA ARG A 79 5.49 -1.66 -18.47
C ARG A 79 4.15 -2.16 -19.03
N TYR A 80 3.36 -1.21 -19.55
CA TYR A 80 2.05 -1.43 -20.13
C TYR A 80 1.84 -0.51 -21.32
N HIS A 81 0.80 -0.76 -22.12
CA HIS A 81 0.57 -0.04 -23.36
C HIS A 81 -0.09 1.32 -23.17
N ASP A 82 -0.85 1.51 -22.09
CA ASP A 82 -1.60 2.73 -21.91
C ASP A 82 -2.01 2.92 -20.44
N LEU A 83 -2.37 4.16 -20.09
CA LEU A 83 -2.82 4.52 -18.75
C LEU A 83 -4.05 3.70 -18.38
N ASP A 84 -4.90 3.38 -19.36
CA ASP A 84 -6.08 2.57 -19.08
C ASP A 84 -5.70 1.14 -18.74
N GLN A 85 -4.55 0.64 -19.21
CA GLN A 85 -4.11 -0.69 -18.83
C GLN A 85 -3.56 -0.64 -17.42
N ILE A 86 -2.80 0.40 -17.07
CA ILE A 86 -2.21 0.45 -15.75
C ILE A 86 -3.29 0.72 -14.71
N ILE A 87 -4.34 1.47 -15.07
CA ILE A 87 -5.39 1.74 -14.12
C ILE A 87 -6.28 0.53 -13.93
N VAL A 88 -6.66 -0.20 -14.99
CA VAL A 88 -7.49 -1.38 -14.79
C VAL A 88 -6.69 -2.46 -14.08
N GLU A 89 -5.44 -2.65 -14.50
CA GLU A 89 -4.56 -3.61 -13.85
C GLU A 89 -4.31 -3.18 -12.42
N TYR A 90 -3.71 -2.01 -12.21
CA TYR A 90 -3.28 -1.64 -10.89
C TYR A 90 -4.48 -1.48 -9.96
N LEU A 91 -5.56 -0.84 -10.42
CA LEU A 91 -6.71 -0.67 -9.55
C LEU A 91 -7.43 -1.98 -9.30
N GLN A 92 -7.92 -2.68 -10.32
CA GLN A 92 -8.78 -3.83 -10.05
C GLN A 92 -8.03 -4.88 -9.26
N ASN A 93 -6.74 -5.10 -9.56
CA ASN A 93 -5.95 -6.05 -8.80
C ASN A 93 -5.73 -5.54 -7.38
N LYS A 94 -5.51 -4.24 -7.20
CA LYS A 94 -5.29 -3.68 -5.87
C LYS A 94 -6.58 -3.60 -5.06
N ILE A 95 -7.71 -3.33 -5.70
CA ILE A 95 -8.99 -3.28 -5.03
C ILE A 95 -9.42 -4.69 -4.62
N ARG A 96 -9.13 -5.72 -5.41
CA ARG A 96 -9.46 -7.08 -4.97
C ARG A 96 -8.56 -7.51 -3.82
N LEU A 97 -7.29 -7.06 -3.82
CA LEU A 97 -6.40 -7.32 -2.69
C LEU A 97 -6.92 -6.62 -1.44
N LEU A 98 -7.52 -5.43 -1.63
CA LEU A 98 -8.10 -4.68 -0.52
C LEU A 98 -9.35 -5.38 -0.02
N ASN A 99 -10.10 -6.06 -0.90
CA ASN A 99 -11.31 -6.75 -0.48
C ASN A 99 -10.96 -8.04 0.26
N GLU A 100 -9.91 -8.74 -0.19
CA GLU A 100 -9.54 -9.98 0.45
C GLU A 100 -8.86 -9.71 1.79
N LEU A 101 -8.08 -8.64 1.89
CA LEU A 101 -7.45 -8.27 3.14
C LEU A 101 -8.47 -7.71 4.13
N THR A 102 -9.42 -6.88 3.67
CA THR A 102 -10.40 -6.31 4.58
C THR A 102 -11.37 -7.40 5.05
N SER A 103 -11.57 -8.42 4.20
CA SER A 103 -12.36 -9.59 4.53
C SER A 103 -11.60 -10.54 5.45
N ASN A 104 -10.32 -10.30 5.69
CA ASN A 104 -9.52 -11.19 6.53
C ASN A 104 -9.84 -10.98 8.01
N GLU A 105 -9.75 -12.07 8.79
CA GLU A 105 -10.04 -12.01 10.22
C GLU A 105 -8.96 -11.24 10.98
N LYS A 106 -7.75 -11.18 10.42
CA LYS A 106 -6.64 -10.44 11.00
C LYS A 106 -6.72 -8.95 10.69
N PHE A 107 -7.72 -8.50 9.93
CA PHE A 107 -7.82 -7.11 9.57
C PHE A 107 -8.65 -6.33 10.59
N LYS A 108 -8.16 -5.16 11.01
CA LYS A 108 -8.86 -4.26 11.92
C LYS A 108 -9.70 -3.25 11.15
N ALA A 109 -10.55 -2.54 11.90
CA ALA A 109 -11.63 -1.68 11.43
C ALA A 109 -11.39 -1.04 10.06
N GLY A 110 -10.59 0.03 9.99
CA GLY A 110 -10.33 0.69 8.72
C GLY A 110 -9.74 2.09 8.85
N THR A 111 -9.82 2.71 10.04
CA THR A 111 -9.17 3.99 10.28
C THR A 111 -8.51 3.99 11.66
N LYS A 112 -7.48 4.83 11.86
CA LYS A 112 -6.66 4.78 13.05
C LYS A 112 -7.50 4.74 14.33
N LYS A 113 -8.30 5.78 14.56
CA LYS A 113 -9.16 5.91 15.73
C LYS A 113 -9.95 4.63 15.99
N GLU A 114 -10.32 3.95 14.92
CA GLU A 114 -11.16 2.77 15.00
C GLU A 114 -10.37 1.52 15.28
N VAL A 115 -9.28 1.29 14.56
CA VAL A 115 -8.44 0.12 14.79
C VAL A 115 -7.83 0.23 16.18
N VAL A 116 -7.68 1.48 16.66
CA VAL A 116 -7.24 1.76 18.01
C VAL A 116 -8.30 1.32 19.01
N LYS A 117 -9.56 1.72 18.79
CA LYS A 117 -10.65 1.38 19.69
C LYS A 117 -10.93 -0.13 19.63
N PHE A 118 -10.74 -0.75 18.46
CA PHE A 118 -11.00 -2.17 18.31
C PHE A 118 -9.86 -2.99 18.89
N ILE A 119 -8.60 -2.60 18.70
CA ILE A 119 -7.50 -3.36 19.26
C ILE A 119 -7.47 -3.18 20.78
N GLU A 120 -7.71 -1.96 21.28
CA GLU A 120 -7.68 -1.73 22.71
C GLU A 120 -8.82 -2.53 23.34
N ASP A 121 -10.02 -2.51 22.73
CA ASP A 121 -11.11 -3.31 23.26
C ASP A 121 -10.76 -4.79 23.18
N TYR A 122 -10.31 -5.26 22.01
CA TYR A 122 -10.04 -6.67 21.85
C TYR A 122 -8.94 -7.10 22.84
N SER A 123 -8.17 -6.13 23.34
CA SER A 123 -7.06 -6.43 24.21
C SER A 123 -7.50 -6.37 25.67
N LYS A 124 -8.22 -5.31 26.06
CA LYS A 124 -8.67 -5.16 27.44
C LYS A 124 -9.78 -6.14 27.79
N VAL A 125 -10.49 -6.61 26.77
CA VAL A 125 -11.48 -7.67 26.93
C VAL A 125 -10.78 -9.02 27.14
N ASN A 126 -9.48 -9.09 26.82
CA ASN A 126 -8.69 -10.31 26.88
C ASN A 126 -7.27 -10.01 27.37
N PRO A 127 -7.15 -9.41 28.56
CA PRO A 127 -5.91 -8.88 29.11
C PRO A 127 -4.89 -9.94 29.49
N LYS A 128 -5.03 -11.17 28.97
CA LYS A 128 -4.04 -12.22 29.13
C LYS A 128 -3.84 -12.99 27.83
N LYS A 129 -4.54 -12.61 26.76
CA LYS A 129 -4.34 -13.20 25.44
C LYS A 129 -3.63 -12.21 24.52
N SER A 130 -2.90 -12.71 23.53
CA SER A 130 -2.14 -11.88 22.59
C SER A 130 -3.06 -11.30 21.53
N VAL A 131 -2.60 -10.21 20.90
CA VAL A 131 -3.37 -9.49 19.90
C VAL A 131 -2.48 -9.13 18.71
N TYR A 132 -2.99 -9.33 17.49
CA TYR A 132 -2.26 -8.97 16.28
C TYR A 132 -3.25 -8.71 15.13
N TYR A 133 -3.19 -7.50 14.56
CA TYR A 133 -4.05 -7.13 13.43
C TYR A 133 -3.38 -6.22 12.41
N PHE A 134 -3.94 -6.24 11.19
CA PHE A 134 -3.49 -5.46 10.05
C PHE A 134 -4.56 -4.45 9.66
N SER A 135 -4.18 -3.21 9.35
CA SER A 135 -5.15 -2.24 8.85
C SER A 135 -4.47 -1.11 8.08
N LEU A 136 -5.23 -0.10 7.64
CA LEU A 136 -4.65 1.03 6.93
C LEU A 136 -3.75 1.80 7.89
N ASN A 137 -2.54 2.17 7.45
CA ASN A 137 -1.67 3.01 8.26
C ASN A 137 -2.08 4.47 8.06
N TYR A 138 -1.94 5.29 9.11
CA TYR A 138 -2.34 6.68 9.04
C TYR A 138 -1.11 7.57 8.98
N GLU A 139 0.03 7.09 9.49
CA GLU A 139 1.28 7.82 9.42
C GLU A 139 1.93 7.68 8.05
N ASN A 140 1.43 6.76 7.21
CA ASN A 140 2.01 6.53 5.89
C ASN A 140 0.95 6.10 4.88
N PRO A 141 0.95 6.71 3.69
CA PRO A 141 0.03 6.41 2.61
C PRO A 141 0.40 5.09 1.91
N GLY A 142 -0.62 4.35 1.47
CA GLY A 142 -0.45 3.11 0.72
C GLY A 142 0.12 1.96 1.56
N TRP A 143 0.38 2.19 2.84
CA TRP A 143 0.92 1.17 3.72
C TRP A 143 -0.13 0.72 4.72
N PHE A 144 0.00 -0.53 5.19
CA PHE A 144 -0.86 -1.08 6.21
C PHE A 144 -0.11 -1.17 7.52
N TYR A 145 -0.81 -0.93 8.64
CA TYR A 145 -0.26 -1.04 9.97
C TYR A 145 -0.45 -2.45 10.49
N LEU A 146 0.50 -2.92 11.31
CA LEU A 146 0.49 -4.27 11.84
C LEU A 146 0.74 -4.24 13.33
N ILE A 147 -0.33 -4.03 14.09
CA ILE A 147 -0.27 -3.93 15.54
C ILE A 147 -0.13 -5.31 16.19
N PHE A 148 0.68 -5.40 17.24
CA PHE A 148 0.89 -6.59 18.03
C PHE A 148 1.03 -6.26 19.52
N LYS A 149 0.34 -7.04 20.36
CA LYS A 149 0.41 -6.91 21.82
C LYS A 149 0.39 -8.32 22.41
N LEU A 150 1.12 -8.54 23.51
CA LEU A 150 1.07 -9.83 24.18
C LEU A 150 -0.19 -9.92 25.04
N ASN A 151 -0.70 -8.77 25.49
CA ASN A 151 -1.96 -8.67 26.21
C ASN A 151 -2.31 -7.21 26.42
N ALA A 152 -3.36 -6.91 27.20
CA ALA A 152 -3.78 -5.55 27.47
C ALA A 152 -2.67 -4.75 28.16
N GLU A 153 -1.91 -5.40 29.03
CA GLU A 153 -0.93 -4.74 29.90
C GLU A 153 0.41 -4.55 29.19
N SER A 154 0.60 -5.24 28.05
CA SER A 154 1.85 -5.20 27.31
C SER A 154 1.91 -4.04 26.34
N LYS A 155 3.12 -3.80 25.83
CA LYS A 155 3.42 -2.80 24.83
C LYS A 155 2.61 -3.09 23.56
N LEU A 156 2.66 -2.10 22.65
CA LEU A 156 1.98 -2.15 21.38
C LEU A 156 3.01 -1.96 20.27
N TYR A 157 3.39 -3.06 19.63
CA TYR A 157 4.38 -3.00 18.57
C TYR A 157 3.67 -2.99 17.23
N ILE A 158 3.99 -2.02 16.38
CA ILE A 158 3.38 -1.89 15.07
C ILE A 158 4.46 -1.93 13.99
N TRP A 159 4.16 -2.54 12.84
CA TRP A 159 5.03 -2.47 11.69
C TRP A 159 4.19 -2.20 10.45
N ASN A 160 4.82 -2.03 9.28
CA ASN A 160 4.08 -1.62 8.09
C ASN A 160 4.44 -2.43 6.85
N VAL A 161 3.44 -2.59 5.97
CA VAL A 161 3.60 -3.28 4.68
C VAL A 161 2.90 -2.48 3.59
N LYS A 162 3.57 -2.32 2.45
CA LYS A 162 3.02 -1.56 1.33
C LYS A 162 1.97 -2.39 0.62
N LEU A 163 0.96 -1.71 0.07
CA LEU A 163 -0.04 -2.35 -0.76
C LEU A 163 0.22 -1.97 -2.21
N THR A 164 0.23 -2.96 -3.11
CA THR A 164 0.53 -2.78 -4.51
C THR A 164 -0.37 -3.70 -5.34
N HIS A 165 -0.45 -3.50 -6.65
CA HIS A 165 -1.32 -4.35 -7.47
C HIS A 165 -0.70 -5.73 -7.64
N THR A 166 0.61 -5.86 -7.41
CA THR A 166 1.29 -7.14 -7.45
C THR A 166 1.09 -7.87 -6.13
N GLY A 167 0.45 -7.22 -5.15
CA GLY A 167 0.20 -7.83 -3.86
C GLY A 167 0.52 -6.92 -2.67
N PHE A 168 1.02 -7.53 -1.61
CA PHE A 168 1.50 -6.84 -0.42
C PHE A 168 3.01 -6.81 -0.50
N PHE A 169 3.66 -5.82 0.12
CA PHE A 169 5.11 -5.74 0.05
C PHE A 169 5.71 -5.44 1.43
N LEU A 170 6.76 -6.20 1.74
CA LEU A 170 7.45 -6.15 3.02
C LEU A 170 8.93 -6.36 2.78
N VAL A 171 9.77 -5.52 3.38
CA VAL A 171 11.23 -5.53 3.23
C VAL A 171 11.65 -5.48 1.76
N ASN A 172 11.79 -6.64 1.11
CA ASN A 172 12.28 -6.72 -0.27
C ASN A 172 11.39 -7.67 -1.11
N TYR A 173 10.23 -8.06 -0.61
CA TYR A 173 9.42 -9.08 -1.28
C TYR A 173 7.95 -8.71 -1.36
N ASN A 174 7.26 -9.24 -2.38
CA ASN A 174 5.83 -9.01 -2.59
C ASN A 174 5.06 -10.32 -2.58
N TYR A 175 3.81 -10.26 -2.11
CA TYR A 175 2.95 -11.42 -1.98
C TYR A 175 1.58 -11.12 -2.60
N PRO A 176 1.25 -11.81 -3.70
CA PRO A 176 0.11 -11.55 -4.57
C PRO A 176 -1.26 -11.81 -3.94
N THR A 177 -1.29 -12.23 -2.67
CA THR A 177 -2.54 -12.40 -1.95
C THR A 177 -2.26 -12.45 -0.44
N VAL A 178 -3.29 -12.15 0.36
CA VAL A 178 -3.15 -12.11 1.80
C VAL A 178 -2.84 -13.50 2.36
N ILE A 179 -3.22 -14.55 1.64
CA ILE A 179 -2.88 -15.90 2.07
C ILE A 179 -1.36 -16.05 1.97
N GLN A 180 -0.79 -15.52 0.89
CA GLN A 180 0.65 -15.58 0.66
C GLN A 180 1.38 -14.59 1.56
N LEU A 181 0.75 -13.47 1.95
CA LEU A 181 1.41 -12.54 2.85
C LEU A 181 1.58 -13.20 4.21
N CYS A 182 0.59 -14.00 4.63
CA CYS A 182 0.72 -14.75 5.86
C CYS A 182 1.78 -15.83 5.71
N ASN A 183 1.82 -16.53 4.57
CA ASN A 183 2.83 -17.55 4.36
C ASN A 183 4.22 -16.94 4.37
N GLY A 184 4.34 -15.71 3.84
CA GLY A 184 5.61 -14.99 3.79
C GLY A 184 6.03 -14.54 5.18
N PHE A 185 5.09 -14.00 5.95
CA PHE A 185 5.40 -13.54 7.30
C PHE A 185 5.82 -14.72 8.17
N LYS A 186 5.12 -15.86 8.03
CA LYS A 186 5.41 -17.06 8.81
C LYS A 186 6.72 -17.71 8.40
N THR A 187 6.95 -17.85 7.10
CA THR A 187 8.21 -18.43 6.64
C THR A 187 9.39 -17.53 7.00
N LEU A 188 9.15 -16.23 7.13
CA LEU A 188 10.19 -15.30 7.50
C LEU A 188 10.57 -15.50 8.97
N LEU A 189 9.59 -15.58 9.87
CA LEU A 189 9.90 -15.86 11.27
C LEU A 189 10.33 -17.31 11.44
N LYS A 190 9.94 -18.20 10.52
CA LYS A 190 10.39 -19.59 10.58
C LYS A 190 11.86 -19.65 10.16
N SER A 191 12.32 -18.68 9.37
CA SER A 191 13.73 -18.60 9.02
C SER A 191 14.57 -18.36 10.28
N SER A 192 13.90 -18.05 11.40
CA SER A 192 14.55 -17.96 12.69
C SER A 192 14.01 -19.01 13.64
N ASN A 193 12.71 -19.32 13.60
CA ASN A 193 12.11 -20.26 14.54
C ASN A 193 12.55 -21.71 14.29
N THR A 194 13.33 -21.95 13.24
CA THR A 194 14.04 -23.22 13.11
C THR A 194 15.16 -23.23 14.17
N ARG A 195 15.32 -22.09 14.84
CA ARG A 195 16.17 -21.88 16.00
C ARG A 195 15.30 -21.36 17.14
N ASN A 196 14.70 -20.18 16.95
CA ASN A 196 13.72 -19.56 17.83
C ASN A 196 13.03 -18.42 17.10
N PRO B 1 9.43 -0.65 -8.10
CA PRO B 1 8.69 0.00 -7.01
C PRO B 1 9.52 1.14 -6.42
N SER B 2 9.43 2.33 -7.01
CA SER B 2 10.24 3.48 -6.60
C SER B 2 9.77 4.05 -5.27
N PTR B 3 8.60 3.62 -4.79
CA PTR B 3 8.10 3.96 -3.48
C PTR B 3 8.03 2.67 -2.67
O PTR B 3 7.33 1.74 -3.07
CB PTR B 3 6.72 4.64 -3.59
CG PTR B 3 6.67 5.95 -4.35
CD1 PTR B 3 5.51 6.30 -5.06
CD2 PTR B 3 7.77 6.83 -4.35
CE1 PTR B 3 5.43 7.51 -5.76
CE2 PTR B 3 7.70 8.04 -5.06
CZ PTR B 3 6.54 8.40 -5.78
OH PTR B 3 6.54 9.53 -6.48
P PTR B 3 5.34 10.02 -7.43
O1P PTR B 3 5.87 11.10 -8.30
O2P PTR B 3 4.16 10.30 -6.59
O3P PTR B 3 4.95 8.83 -8.41
H PTR B 3 8.03 3.02 -5.37
HA PTR B 3 8.79 4.65 -2.98
HB2 PTR B 3 6.04 3.94 -4.08
HB3 PTR B 3 6.34 4.82 -2.58
HD1 PTR B 3 4.66 5.63 -5.05
HD2 PTR B 3 8.67 6.58 -3.81
HE1 PTR B 3 4.52 7.74 -6.29
HE2 PTR B 3 8.54 8.71 -5.07
HO3P PTR B 3 4.13 8.98 -8.89
N SER B 4 8.76 2.59 -1.55
CA SER B 4 8.88 1.35 -0.78
C SER B 4 8.92 1.61 0.72
N PRO B 5 8.32 0.72 1.52
CA PRO B 5 8.31 0.77 2.97
C PRO B 5 9.58 0.13 3.55
N THR B 6 9.63 0.06 4.88
CA THR B 6 10.64 -0.64 5.65
C THR B 6 10.06 -0.93 7.02
N SER B 7 10.41 -2.09 7.62
CA SER B 7 9.84 -2.50 8.90
C SER B 7 10.61 -3.68 9.49
N PRO B 8 10.44 -3.90 10.81
CA PRO B 8 11.04 -5.01 11.54
C PRO B 8 10.34 -6.33 11.21
N SER B 9 10.85 -7.42 11.79
CA SER B 9 10.31 -8.76 11.60
C SER B 9 9.03 -8.97 12.39
N PTR B 10 8.53 -10.21 12.37
CA PTR B 10 7.27 -10.63 12.97
C PTR B 10 7.57 -11.66 14.05
O PTR B 10 8.33 -12.60 13.81
CB PTR B 10 6.41 -11.17 11.82
CG PTR B 10 5.04 -11.71 12.13
CD1 PTR B 10 4.52 -12.70 11.28
CD2 PTR B 10 4.27 -11.28 13.22
CE1 PTR B 10 3.24 -13.23 11.48
CE2 PTR B 10 2.98 -11.81 13.44
CZ PTR B 10 2.45 -12.78 12.57
OH PTR B 10 1.23 -13.24 12.80
P PTR B 10 0.51 -14.36 11.87
O1P PTR B 10 0.10 -13.72 10.60
O2P PTR B 10 -0.85 -14.79 12.60
O3P PTR B 10 1.37 -15.57 11.83
H PTR B 10 9.05 -10.93 11.90
HA PTR B 10 6.77 -9.76 13.42
HB2 PTR B 10 6.28 -10.36 11.10
HB3 PTR B 10 6.98 -11.96 11.32
HD1 PTR B 10 5.12 -13.06 10.45
HD2 PTR B 10 4.67 -10.54 13.90
HE1 PTR B 10 2.87 -13.98 10.80
HE2 PTR B 10 2.40 -11.47 14.28
HO2P PTR B 10 -0.69 -15.36 13.35
N SER B 11 6.97 -11.52 15.23
CA SER B 11 7.25 -12.40 16.35
C SER B 11 6.84 -13.84 16.04
N PRO B 12 7.69 -14.82 16.36
CA PRO B 12 7.40 -16.23 16.15
C PRO B 12 6.35 -16.74 17.13
N THR B 13 5.94 -15.90 18.09
CA THR B 13 4.94 -16.25 19.09
C THR B 13 3.53 -16.05 18.54
N SER B 14 3.38 -15.67 17.27
CA SER B 14 2.09 -15.36 16.69
C SER B 14 1.29 -16.62 16.35
N PRO B 15 0.09 -16.78 16.92
CA PRO B 15 -0.84 -17.84 16.57
C PRO B 15 -1.35 -17.70 15.13
N SER B 16 -2.23 -18.63 14.74
CA SER B 16 -2.92 -18.67 13.44
C SER B 16 -1.95 -18.45 12.28
N HIS A 2 4.35 16.79 -21.14
CA HIS A 2 3.76 17.60 -20.06
C HIS A 2 2.36 17.13 -19.72
N ARG A 3 2.27 16.22 -18.75
CA ARG A 3 1.02 15.71 -18.17
C ARG A 3 0.07 14.99 -19.14
N VAL A 4 0.40 14.90 -20.43
CA VAL A 4 -0.44 14.16 -21.37
C VAL A 4 -0.14 12.66 -21.27
N ILE A 5 -1.16 11.82 -21.44
CA ILE A 5 -0.99 10.38 -21.43
C ILE A 5 -2.10 9.67 -22.21
N ASN A 6 -3.03 10.46 -22.72
CA ASN A 6 -4.15 10.03 -23.53
C ASN A 6 -5.10 9.04 -22.84
N HIS A 7 -4.71 8.48 -21.70
CA HIS A 7 -5.50 7.51 -20.97
C HIS A 7 -6.80 8.13 -20.44
N PRO A 8 -7.94 7.43 -20.55
CA PRO A 8 -9.24 7.94 -20.10
C PRO A 8 -9.27 8.36 -18.63
N TYR A 9 -8.32 7.89 -17.81
CA TYR A 9 -8.27 8.24 -16.39
C TYR A 9 -7.21 9.32 -16.11
N TYR A 10 -6.64 9.92 -17.14
CA TYR A 10 -5.63 10.94 -16.93
C TYR A 10 -6.24 12.26 -16.46
N PHE A 11 -5.48 13.00 -15.65
CA PHE A 11 -5.83 14.34 -15.23
C PHE A 11 -4.53 15.14 -15.07
N PRO A 12 -4.41 16.27 -15.77
CA PRO A 12 -3.23 17.12 -15.72
C PRO A 12 -3.17 17.94 -14.43
N PHE A 13 -3.95 17.55 -13.43
CA PHE A 13 -4.02 18.23 -12.15
C PHE A 13 -2.72 18.11 -11.39
N ASN A 14 -2.54 19.02 -10.42
CA ASN A 14 -1.40 18.97 -9.50
C ASN A 14 -1.61 17.84 -8.51
N GLY A 15 -0.59 17.56 -7.69
CA GLY A 15 -0.66 16.46 -6.72
C GLY A 15 -1.87 16.60 -5.81
N LYS A 16 -1.92 17.67 -5.02
CA LYS A 16 -3.03 17.88 -4.10
C LYS A 16 -4.34 17.96 -4.85
N GLN A 17 -4.33 18.48 -6.08
CA GLN A 17 -5.54 18.63 -6.88
C GLN A 17 -6.08 17.28 -7.33
N ALA A 18 -5.18 16.36 -7.71
CA ALA A 18 -5.58 15.01 -8.10
C ALA A 18 -6.17 14.30 -6.90
N GLU A 19 -5.61 14.54 -5.71
CA GLU A 19 -6.14 13.95 -4.48
C GLU A 19 -7.50 14.53 -4.13
N ASP A 20 -7.60 15.86 -4.07
CA ASP A 20 -8.85 16.50 -3.68
C ASP A 20 -9.94 16.25 -4.72
N TYR A 21 -9.54 15.85 -5.94
CA TYR A 21 -10.49 15.47 -6.97
C TYR A 21 -11.04 14.07 -6.71
N LEU A 22 -10.16 13.07 -6.60
CA LEU A 22 -10.56 11.68 -6.38
C LEU A 22 -11.30 11.53 -5.06
N ARG A 23 -11.12 12.46 -4.12
CA ARG A 23 -11.83 12.43 -2.85
C ARG A 23 -13.33 12.48 -3.10
N SER A 24 -13.75 13.09 -4.23
CA SER A 24 -15.15 13.16 -4.61
C SER A 24 -15.59 11.94 -5.41
N LYS A 25 -14.70 10.96 -5.61
CA LYS A 25 -15.01 9.72 -6.29
C LYS A 25 -15.26 8.65 -5.20
N GLU A 26 -14.62 7.49 -5.28
CA GLU A 26 -14.99 6.35 -4.43
C GLU A 26 -13.80 5.71 -3.75
N ARG A 27 -14.09 4.90 -2.73
CA ARG A 27 -13.10 4.29 -1.83
C ARG A 27 -12.18 3.28 -2.53
N GLY A 28 -12.17 3.28 -3.86
CA GLY A 28 -11.30 2.44 -4.67
C GLY A 28 -11.21 3.00 -6.08
N ASP A 29 -10.88 4.30 -6.21
CA ASP A 29 -10.95 4.95 -7.52
C ASP A 29 -9.72 5.81 -7.80
N PHE A 30 -9.24 5.83 -9.05
CA PHE A 30 -7.93 6.40 -9.36
C PHE A 30 -7.92 7.38 -10.51
N VAL A 31 -6.86 8.20 -10.54
CA VAL A 31 -6.56 9.13 -11.62
C VAL A 31 -5.07 9.05 -11.97
N ILE A 32 -4.74 9.15 -13.25
CA ILE A 32 -3.34 9.14 -13.69
C ILE A 32 -2.89 10.60 -13.82
N ARG A 33 -1.70 10.90 -13.27
CA ARG A 33 -1.22 12.26 -13.17
C ARG A 33 0.30 12.30 -13.10
N GLN A 34 0.93 13.21 -13.85
CA GLN A 34 2.37 13.37 -13.94
C GLN A 34 3.07 13.34 -12.57
N SER A 35 4.12 12.54 -12.44
CA SER A 35 4.80 12.35 -11.17
C SER A 35 5.46 13.64 -10.72
N SER A 36 5.81 13.73 -9.43
CA SER A 36 6.46 14.92 -8.88
C SER A 36 7.82 15.15 -9.54
N ARG A 37 8.27 14.20 -10.37
CA ARG A 37 9.56 14.26 -11.04
C ARG A 37 9.44 14.87 -12.44
N GLY A 38 8.22 15.25 -12.85
CA GLY A 38 7.98 15.85 -14.16
C GLY A 38 7.76 14.79 -15.23
N ASP A 39 7.97 15.16 -16.50
CA ASP A 39 7.82 14.25 -17.63
C ASP A 39 8.78 13.06 -17.51
N ASP A 40 8.57 12.04 -18.35
CA ASP A 40 9.19 10.72 -18.22
C ASP A 40 8.78 10.06 -16.89
N HIS A 41 7.94 10.72 -16.10
CA HIS A 41 7.45 10.15 -14.86
C HIS A 41 5.98 10.46 -14.67
N LEU A 42 5.20 9.47 -14.24
CA LEU A 42 3.77 9.58 -14.06
C LEU A 42 3.40 8.97 -12.72
N ALA A 43 2.19 9.24 -12.25
CA ALA A 43 1.71 8.69 -11.01
C ALA A 43 0.24 8.34 -11.11
N ILE A 44 -0.16 7.25 -10.43
CA ILE A 44 -1.55 6.91 -10.29
C ILE A 44 -1.94 7.26 -8.86
N THR A 45 -2.93 8.15 -8.71
CA THR A 45 -3.41 8.54 -7.38
C THR A 45 -4.76 7.88 -7.21
N TRP A 46 -4.86 7.00 -6.21
CA TRP A 46 -6.00 6.13 -6.01
C TRP A 46 -6.63 6.35 -4.63
N LYS A 47 -7.92 6.67 -4.61
CA LYS A 47 -8.70 6.90 -3.40
C LYS A 47 -9.01 5.59 -2.72
N LEU A 48 -8.78 5.56 -1.41
CA LEU A 48 -9.02 4.43 -0.53
C LEU A 48 -10.16 4.73 0.43
N ASP A 49 -10.42 6.02 0.69
CA ASP A 49 -11.48 6.44 1.58
C ASP A 49 -11.84 7.90 1.32
N LYS A 50 -12.92 8.39 1.92
CA LYS A 50 -13.41 9.75 1.71
C LYS A 50 -12.35 10.80 2.09
N ASP A 51 -11.32 10.39 2.84
CA ASP A 51 -10.23 11.24 3.29
C ASP A 51 -8.91 10.50 3.20
N LEU A 52 -8.73 9.66 2.17
CA LEU A 52 -7.52 8.86 2.05
C LEU A 52 -7.28 8.43 0.60
N PHE A 53 -6.00 8.45 0.19
CA PHE A 53 -5.60 8.20 -1.18
C PHE A 53 -4.12 7.85 -1.21
N GLN A 54 -3.70 7.03 -2.18
CA GLN A 54 -2.31 6.57 -2.29
C GLN A 54 -1.77 6.89 -3.68
N HIS A 55 -0.50 7.27 -3.74
CA HIS A 55 0.18 7.63 -4.98
C HIS A 55 1.11 6.49 -5.37
N VAL A 56 1.19 6.19 -6.66
CA VAL A 56 2.09 5.17 -7.18
C VAL A 56 2.94 5.75 -8.31
N ASP A 57 4.26 5.78 -8.12
CA ASP A 57 5.18 6.40 -9.07
C ASP A 57 5.44 5.51 -10.29
N ILE A 58 5.73 6.14 -11.43
CA ILE A 58 5.95 5.47 -12.70
C ILE A 58 7.02 6.22 -13.50
N GLN A 59 7.87 5.50 -14.24
CA GLN A 59 8.77 6.12 -15.20
C GLN A 59 8.34 5.70 -16.60
N GLU A 60 8.29 6.65 -17.55
CA GLU A 60 7.78 6.44 -18.90
C GLU A 60 8.94 6.31 -19.89
N LEU A 61 9.78 5.29 -19.66
CA LEU A 61 11.02 5.10 -20.38
C LEU A 61 10.75 4.57 -21.79
N GLU A 62 11.77 4.54 -22.65
CA GLU A 62 11.67 4.11 -24.04
C GLU A 62 10.61 4.89 -24.81
N LYS A 63 10.89 6.18 -25.07
CA LYS A 63 10.06 6.99 -25.95
C LYS A 63 10.90 8.10 -26.56
N GLU A 64 10.59 8.49 -27.79
CA GLU A 64 11.34 9.52 -28.51
C GLU A 64 11.05 10.92 -27.96
N ASN A 65 10.15 11.00 -26.97
CA ASN A 65 9.83 12.23 -26.25
C ASN A 65 9.47 11.87 -24.81
N PRO A 66 10.07 12.53 -23.82
CA PRO A 66 9.72 12.35 -22.41
C PRO A 66 8.26 12.72 -22.16
N LEU A 67 7.67 13.50 -23.07
CA LEU A 67 6.29 13.93 -22.99
C LEU A 67 5.34 12.79 -23.38
N ALA A 68 5.89 11.77 -24.06
CA ALA A 68 5.11 10.70 -24.64
C ALA A 68 5.06 9.48 -23.73
N LEU A 69 4.04 8.64 -23.94
CA LEU A 69 3.86 7.40 -23.21
C LEU A 69 4.99 6.44 -23.55
N GLY A 70 5.63 5.88 -22.51
CA GLY A 70 6.81 5.04 -22.68
C GLY A 70 6.45 3.63 -23.13
N LYS A 71 7.39 2.95 -23.80
CA LYS A 71 7.24 1.55 -24.15
C LYS A 71 7.63 0.66 -22.98
N VAL A 72 8.25 1.24 -21.95
CA VAL A 72 8.54 0.51 -20.73
C VAL A 72 8.25 1.39 -19.52
N LEU A 73 7.08 1.16 -18.92
CA LEU A 73 6.67 1.87 -17.73
C LEU A 73 7.18 1.08 -16.54
N VAL A 74 8.12 1.66 -15.80
CA VAL A 74 8.64 1.07 -14.59
C VAL A 74 7.79 1.53 -13.41
N VAL A 75 7.29 0.57 -12.61
CA VAL A 75 6.45 0.83 -11.46
C VAL A 75 6.95 0.03 -10.27
N GLU A 76 7.26 0.71 -9.17
CA GLU A 76 7.88 0.09 -8.00
C GLU A 76 9.08 -0.78 -8.39
N GLY A 77 9.71 -0.48 -9.53
CA GLY A 77 10.87 -1.21 -10.03
C GLY A 77 10.49 -2.33 -10.99
N GLN A 78 9.27 -2.35 -11.51
CA GLN A 78 8.79 -3.39 -12.40
C GLN A 78 8.43 -2.82 -13.77
N ARG A 79 8.99 -3.42 -14.82
CA ARG A 79 8.86 -2.98 -16.21
C ARG A 79 7.57 -3.51 -16.84
N TYR A 80 6.84 -2.64 -17.56
CA TYR A 80 5.63 -3.04 -18.28
C TYR A 80 5.52 -2.31 -19.62
N HIS A 81 4.79 -2.89 -20.58
CA HIS A 81 4.79 -2.41 -21.97
C HIS A 81 3.98 -1.14 -22.20
N ASP A 82 3.06 -0.82 -21.29
CA ASP A 82 2.09 0.26 -21.47
C ASP A 82 1.40 0.61 -20.15
N LEU A 83 0.88 1.84 -20.08
CA LEU A 83 0.09 2.33 -18.95
C LEU A 83 -1.11 1.40 -18.72
N ASP A 84 -1.71 0.88 -19.79
CA ASP A 84 -2.86 0.00 -19.61
C ASP A 84 -2.44 -1.32 -18.97
N GLN A 85 -1.19 -1.73 -19.13
CA GLN A 85 -0.73 -2.95 -18.47
C GLN A 85 -0.47 -2.65 -17.00
N ILE A 86 0.09 -1.47 -16.68
CA ILE A 86 0.38 -1.19 -15.29
C ILE A 86 -0.93 -0.95 -14.56
N ILE A 87 -1.92 -0.34 -15.21
CA ILE A 87 -3.17 -0.12 -14.53
C ILE A 87 -3.91 -1.44 -14.31
N VAL A 88 -4.07 -2.29 -15.34
CA VAL A 88 -4.83 -3.51 -15.12
C VAL A 88 -4.10 -4.41 -14.14
N GLU A 89 -2.80 -4.64 -14.34
CA GLU A 89 -2.05 -5.49 -13.44
C GLU A 89 -1.97 -4.88 -12.06
N TYR A 90 -1.52 -3.63 -11.93
CA TYR A 90 -1.30 -3.06 -10.62
C TYR A 90 -2.62 -2.85 -9.87
N LEU A 91 -3.65 -2.28 -10.51
CA LEU A 91 -4.89 -2.03 -9.80
C LEU A 91 -5.61 -3.33 -9.47
N GLN A 92 -5.83 -4.20 -10.46
CA GLN A 92 -6.65 -5.36 -10.21
C GLN A 92 -5.99 -6.30 -9.21
N ASN A 93 -4.67 -6.46 -9.28
CA ASN A 93 -3.98 -7.29 -8.29
C ASN A 93 -3.98 -6.61 -6.93
N LYS A 94 -3.84 -5.28 -6.90
CA LYS A 94 -3.82 -4.54 -5.64
C LYS A 94 -5.19 -4.52 -4.98
N ILE A 95 -6.25 -4.42 -5.79
CA ILE A 95 -7.62 -4.46 -5.29
C ILE A 95 -7.96 -5.87 -4.81
N ARG A 96 -7.50 -6.89 -5.54
CA ARG A 96 -7.74 -8.27 -5.15
C ARG A 96 -7.06 -8.53 -3.81
N LEU A 97 -5.82 -8.07 -3.67
CA LEU A 97 -5.03 -8.23 -2.47
C LEU A 97 -5.69 -7.51 -1.30
N LEU A 98 -6.29 -6.34 -1.56
CA LEU A 98 -6.95 -5.61 -0.51
C LEU A 98 -8.20 -6.34 -0.05
N ASN A 99 -8.89 -7.05 -0.95
CA ASN A 99 -10.06 -7.81 -0.58
C ASN A 99 -9.66 -9.02 0.27
N GLU A 100 -8.56 -9.69 -0.06
CA GLU A 100 -8.15 -10.86 0.70
C GLU A 100 -7.63 -10.46 2.07
N LEU A 101 -6.93 -9.32 2.18
CA LEU A 101 -6.43 -8.88 3.48
C LEU A 101 -7.53 -8.27 4.33
N THR A 102 -8.46 -7.52 3.73
CA THR A 102 -9.57 -6.96 4.50
C THR A 102 -10.51 -8.06 4.96
N SER A 103 -10.51 -9.17 4.22
CA SER A 103 -11.26 -10.37 4.57
C SER A 103 -10.52 -11.23 5.60
N ASN A 104 -9.29 -10.85 5.96
CA ASN A 104 -8.47 -11.64 6.87
C ASN A 104 -8.87 -11.41 8.33
N GLU A 105 -8.62 -12.42 9.18
CA GLU A 105 -8.95 -12.34 10.60
C GLU A 105 -8.01 -11.38 11.33
N LYS A 106 -6.78 -11.22 10.83
CA LYS A 106 -5.80 -10.31 11.40
C LYS A 106 -6.09 -8.86 11.02
N PHE A 107 -6.99 -8.61 10.08
CA PHE A 107 -7.30 -7.25 9.70
C PHE A 107 -8.28 -6.63 10.70
N LYS A 108 -7.88 -5.49 11.28
CA LYS A 108 -8.73 -4.77 12.23
C LYS A 108 -9.79 -3.95 11.48
N ALA A 109 -10.68 -3.33 12.25
CA ALA A 109 -11.90 -2.70 11.80
C ALA A 109 -11.79 -1.96 10.47
N GLY A 110 -11.11 -0.81 10.47
CA GLY A 110 -10.95 -0.05 9.23
C GLY A 110 -10.58 1.41 9.45
N THR A 111 -10.86 1.98 10.64
CA THR A 111 -10.46 3.34 10.93
C THR A 111 -9.95 3.47 12.36
N LYS A 112 -9.18 4.53 12.63
CA LYS A 112 -8.41 4.73 13.85
C LYS A 112 -9.19 4.39 15.12
N LYS A 113 -10.38 4.98 15.26
CA LYS A 113 -11.18 4.85 16.47
C LYS A 113 -11.74 3.45 16.58
N GLU A 114 -12.06 2.86 15.44
CA GLU A 114 -12.61 1.52 15.37
C GLU A 114 -11.56 0.46 15.67
N VAL A 115 -10.39 0.57 15.03
CA VAL A 115 -9.32 -0.39 15.25
C VAL A 115 -8.75 -0.26 16.65
N VAL A 116 -8.75 0.95 17.23
CA VAL A 116 -8.26 1.11 18.59
C VAL A 116 -9.28 0.54 19.58
N LYS A 117 -10.58 0.70 19.29
CA LYS A 117 -11.63 0.17 20.14
C LYS A 117 -11.73 -1.35 20.00
N PHE A 118 -11.42 -1.89 18.81
CA PHE A 118 -11.45 -3.32 18.60
C PHE A 118 -10.21 -3.99 19.20
N ILE A 119 -9.03 -3.38 19.09
CA ILE A 119 -7.83 -4.01 19.67
C ILE A 119 -7.89 -3.91 21.19
N GLU A 120 -8.40 -2.81 21.75
CA GLU A 120 -8.49 -2.70 23.19
C GLU A 120 -9.53 -3.69 23.69
N ASP A 121 -10.67 -3.82 23.00
CA ASP A 121 -11.66 -4.80 23.38
C ASP A 121 -11.06 -6.19 23.29
N TYR A 122 -10.41 -6.51 22.17
CA TYR A 122 -9.88 -7.84 22.00
C TYR A 122 -8.74 -8.12 22.98
N SER A 123 -8.10 -7.07 23.49
CA SER A 123 -7.00 -7.22 24.43
C SER A 123 -7.52 -7.31 25.86
N LYS A 124 -8.58 -6.56 26.20
CA LYS A 124 -9.13 -6.57 27.55
C LYS A 124 -10.00 -7.78 27.82
N VAL A 125 -10.67 -8.33 26.80
CA VAL A 125 -11.45 -9.54 26.92
C VAL A 125 -10.55 -10.76 27.04
N ASN A 126 -9.28 -10.59 26.66
CA ASN A 126 -8.26 -11.64 26.68
C ASN A 126 -6.99 -11.07 27.32
N PRO A 127 -7.07 -10.63 28.58
CA PRO A 127 -6.03 -9.88 29.25
C PRO A 127 -4.79 -10.71 29.58
N LYS A 128 -4.68 -11.93 29.04
CA LYS A 128 -3.51 -12.76 29.24
C LYS A 128 -3.05 -13.39 27.92
N LYS A 129 -3.70 -13.04 26.81
CA LYS A 129 -3.27 -13.46 25.48
C LYS A 129 -2.66 -12.27 24.75
N SER A 130 -1.77 -12.56 23.80
CA SER A 130 -1.15 -11.53 22.99
C SER A 130 -2.07 -11.17 21.82
N VAL A 131 -1.89 -9.98 21.27
CA VAL A 131 -2.73 -9.48 20.18
C VAL A 131 -1.87 -8.87 19.09
N TYR A 132 -2.23 -9.13 17.84
CA TYR A 132 -1.58 -8.54 16.69
C TYR A 132 -2.59 -8.41 15.56
N TYR A 133 -2.77 -7.18 15.04
CA TYR A 133 -3.68 -6.95 13.94
C TYR A 133 -3.17 -5.88 12.99
N PHE A 134 -3.76 -5.86 11.78
CA PHE A 134 -3.39 -4.94 10.74
C PHE A 134 -4.57 -4.14 10.20
N SER A 135 -4.37 -2.85 9.97
CA SER A 135 -5.43 -2.02 9.38
C SER A 135 -4.87 -0.88 8.54
N LEU A 136 -5.67 -0.33 7.63
CA LEU A 136 -5.25 0.75 6.75
C LEU A 136 -5.01 2.01 7.58
N ASN A 137 -3.86 2.65 7.38
CA ASN A 137 -3.49 3.85 8.13
C ASN A 137 -3.95 5.10 7.40
N TYR A 138 -4.26 6.17 8.14
CA TYR A 138 -4.70 7.43 7.57
C TYR A 138 -3.64 8.51 7.78
N GLU A 139 -2.82 8.34 8.82
CA GLU A 139 -1.70 9.22 9.06
C GLU A 139 -0.65 9.03 7.96
N ASN A 140 -0.77 7.91 7.23
CA ASN A 140 0.13 7.56 6.15
C ASN A 140 -0.64 6.71 5.14
N PRO A 141 -0.85 7.20 3.91
CA PRO A 141 -1.55 6.47 2.89
C PRO A 141 -0.71 5.32 2.35
N GLY A 142 -1.37 4.31 1.78
CA GLY A 142 -0.70 3.19 1.14
C GLY A 142 0.00 2.27 2.13
N TRP A 143 -0.07 2.56 3.43
CA TRP A 143 0.55 1.72 4.43
C TRP A 143 -0.45 1.32 5.49
N PHE A 144 -0.24 0.13 6.06
CA PHE A 144 -1.11 -0.44 7.07
C PHE A 144 -0.44 -0.43 8.43
N TYR A 145 -1.23 -0.17 9.46
CA TYR A 145 -0.75 -0.18 10.82
C TYR A 145 -0.72 -1.62 11.34
N LEU A 146 0.31 -1.95 12.12
CA LEU A 146 0.49 -3.28 12.68
C LEU A 146 0.61 -3.17 14.19
N ILE A 147 -0.53 -3.21 14.88
CA ILE A 147 -0.58 -3.13 16.33
C ILE A 147 -0.22 -4.46 16.98
N PHE A 148 0.53 -4.42 18.08
CA PHE A 148 0.88 -5.59 18.87
C PHE A 148 0.86 -5.27 20.38
N LYS A 149 0.28 -6.19 21.17
CA LYS A 149 0.30 -6.11 22.63
C LYS A 149 0.48 -7.52 23.20
N LEU A 150 1.10 -7.64 24.38
CA LEU A 150 1.33 -8.94 25.00
C LEU A 150 0.15 -9.34 25.87
N ASN A 151 -0.58 -8.36 26.42
CA ASN A 151 -1.75 -8.61 27.25
C ASN A 151 -2.47 -7.28 27.50
N ALA A 152 -3.59 -7.30 28.23
CA ALA A 152 -4.36 -6.09 28.49
C ALA A 152 -3.51 -5.03 29.19
N GLU A 153 -2.58 -5.48 30.04
CA GLU A 153 -1.82 -4.60 30.90
C GLU A 153 -0.46 -4.23 30.29
N SER A 154 -0.14 -4.78 29.11
CA SER A 154 1.16 -4.57 28.49
C SER A 154 1.23 -3.23 27.78
N LYS A 155 2.46 -2.87 27.40
CA LYS A 155 2.69 -1.77 26.48
C LYS A 155 2.11 -2.17 25.13
N LEU A 156 2.28 -1.31 24.13
CA LEU A 156 1.73 -1.55 22.81
C LEU A 156 2.71 -1.03 21.77
N TYR A 157 2.87 -1.79 20.70
CA TYR A 157 3.76 -1.43 19.61
C TYR A 157 3.03 -1.46 18.28
N ILE A 158 3.23 -0.43 17.47
CA ILE A 158 2.68 -0.36 16.14
C ILE A 158 3.80 -0.12 15.14
N TRP A 159 3.75 -0.81 13.99
CA TRP A 159 4.66 -0.53 12.88
C TRP A 159 3.89 -0.60 11.57
N ASN A 160 4.55 -0.41 10.42
CA ASN A 160 3.84 -0.24 9.17
C ASN A 160 4.29 -1.20 8.07
N VAL A 161 3.37 -1.49 7.15
CA VAL A 161 3.64 -2.26 5.94
C VAL A 161 2.97 -1.60 4.74
N LYS A 162 3.70 -1.49 3.62
CA LYS A 162 3.16 -0.85 2.43
C LYS A 162 2.33 -1.83 1.64
N LEU A 163 1.18 -1.39 1.14
CA LEU A 163 0.34 -2.21 0.28
C LEU A 163 0.75 -1.94 -1.16
N THR A 164 1.15 -3.00 -1.87
CA THR A 164 1.57 -2.93 -3.27
C THR A 164 0.83 -4.01 -4.05
N HIS A 165 0.76 -3.90 -5.38
CA HIS A 165 0.06 -4.91 -6.15
C HIS A 165 0.79 -6.24 -6.09
N THR A 166 2.07 -6.20 -5.73
CA THR A 166 2.91 -7.38 -5.58
C THR A 166 2.71 -7.98 -4.20
N GLY A 167 1.93 -7.34 -3.32
CA GLY A 167 1.67 -7.86 -1.99
C GLY A 167 1.79 -6.81 -0.90
N PHE A 168 2.19 -7.28 0.29
CA PHE A 168 2.50 -6.41 1.41
C PHE A 168 4.02 -6.34 1.55
N PHE A 169 4.54 -5.13 1.72
CA PHE A 169 5.97 -4.92 1.88
C PHE A 169 6.29 -4.62 3.34
N LEU A 170 7.18 -5.42 3.91
CA LEU A 170 7.63 -5.32 5.29
C LEU A 170 9.13 -5.55 5.34
N VAL A 171 9.84 -4.69 6.09
CA VAL A 171 11.31 -4.71 6.19
C VAL A 171 11.96 -4.54 4.81
N ASN A 172 12.07 -5.63 4.04
CA ASN A 172 12.69 -5.62 2.72
C ASN A 172 12.07 -6.68 1.81
N TYR A 173 10.88 -7.19 2.15
CA TYR A 173 10.28 -8.28 1.41
C TYR A 173 8.79 -8.05 1.15
N ASN A 174 8.32 -8.51 -0.03
CA ASN A 174 6.94 -8.39 -0.46
C ASN A 174 6.23 -9.75 -0.33
N TYR A 175 4.92 -9.73 -0.04
CA TYR A 175 4.14 -10.94 0.11
C TYR A 175 2.82 -10.82 -0.65
N PRO A 176 2.69 -11.52 -1.79
CA PRO A 176 1.61 -11.35 -2.76
C PRO A 176 0.23 -11.81 -2.31
N THR A 177 0.12 -12.46 -1.15
CA THR A 177 -1.18 -12.91 -0.64
C THR A 177 -1.13 -13.02 0.87
N VAL A 178 -2.29 -12.93 1.54
CA VAL A 178 -2.35 -12.87 2.99
C VAL A 178 -1.73 -14.12 3.62
N ILE A 179 -1.74 -15.24 2.90
CA ILE A 179 -1.10 -16.46 3.38
C ILE A 179 0.41 -16.26 3.35
N GLN A 180 0.91 -15.57 2.32
CA GLN A 180 2.33 -15.27 2.21
C GLN A 180 2.73 -14.15 3.17
N LEU A 181 1.80 -13.26 3.52
CA LEU A 181 2.10 -12.26 4.54
C LEU A 181 2.35 -12.99 5.86
N CYS A 182 1.48 -13.94 6.21
CA CYS A 182 1.63 -14.68 7.45
C CYS A 182 2.88 -15.57 7.40
N ASN A 183 3.14 -16.21 6.26
CA ASN A 183 4.33 -17.01 6.06
C ASN A 183 5.56 -16.12 6.11
N GLY A 184 5.44 -14.90 5.56
CA GLY A 184 6.50 -13.92 5.54
C GLY A 184 6.85 -13.50 6.96
N PHE A 185 5.83 -13.22 7.75
CA PHE A 185 6.00 -12.78 9.12
C PHE A 185 6.73 -13.86 9.93
N LYS A 186 6.35 -15.13 9.76
CA LYS A 186 6.95 -16.25 10.48
C LYS A 186 8.38 -16.52 10.03
N THR A 187 8.61 -16.52 8.72
CA THR A 187 9.97 -16.74 8.23
C THR A 187 10.88 -15.57 8.59
N LEU A 188 10.30 -14.37 8.75
CA LEU A 188 11.08 -13.18 9.07
C LEU A 188 11.48 -13.17 10.54
N LEU A 189 10.54 -13.48 11.43
CA LEU A 189 10.85 -13.51 12.85
C LEU A 189 11.81 -14.66 13.16
N LYS A 190 11.81 -15.72 12.34
CA LYS A 190 12.78 -16.80 12.51
C LYS A 190 14.12 -16.41 11.88
N SER A 191 14.10 -15.56 10.83
CA SER A 191 15.34 -15.08 10.23
C SER A 191 16.00 -14.08 11.18
N SER A 192 15.20 -13.33 11.95
CA SER A 192 15.73 -12.43 12.95
C SER A 192 16.14 -13.21 14.20
N ASN A 193 15.46 -14.33 14.48
CA ASN A 193 15.82 -15.19 15.60
C ASN A 193 17.06 -16.02 15.25
N THR A 194 17.40 -16.10 13.96
CA THR A 194 18.63 -16.73 13.51
C THR A 194 19.80 -15.78 13.78
N ARG A 195 19.50 -14.59 14.31
CA ARG A 195 20.47 -13.55 14.61
C ARG A 195 20.31 -13.02 16.03
N ASN A 196 19.15 -13.25 16.64
CA ASN A 196 18.81 -12.77 17.98
C ASN A 196 18.22 -13.89 18.82
N PRO B 1 5.46 11.08 -1.47
CA PRO B 1 4.49 10.19 -0.82
C PRO B 1 5.13 8.95 -0.22
N SER B 2 4.31 8.07 0.34
CA SER B 2 4.73 6.83 0.99
C SER B 2 5.18 5.78 -0.02
N PTR B 3 5.92 6.21 -1.05
CA PTR B 3 6.40 5.32 -2.11
C PTR B 3 7.16 4.12 -1.53
O PTR B 3 6.98 3.00 -2.01
CB PTR B 3 7.26 6.13 -3.07
CG PTR B 3 6.51 7.14 -3.92
CD1 PTR B 3 5.31 6.78 -4.55
CD2 PTR B 3 7.01 8.45 -4.08
CE1 PTR B 3 4.63 7.70 -5.34
CE2 PTR B 3 6.33 9.38 -4.88
CZ PTR B 3 5.13 9.01 -5.53
OH PTR B 3 4.42 9.83 -6.31
P PTR B 3 4.85 11.35 -6.62
O1P PTR B 3 5.04 12.05 -5.33
O2P PTR B 3 3.86 11.89 -7.58
O3P PTR B 3 6.26 11.35 -7.38
H PTR B 3 6.15 7.19 -1.13
HA PTR B 3 5.54 4.93 -2.65
HB2 PTR B 3 8.05 6.64 -2.51
HB3 PTR B 3 7.76 5.43 -3.75
HD1 PTR B 3 4.92 5.79 -4.42
HD2 PTR B 3 7.93 8.73 -3.58
HE1 PTR B 3 3.71 7.41 -5.83
HE2 PTR B 3 6.74 10.36 -5.00
HO3P PTR B 3 6.20 10.95 -8.25
N SER B 4 8.01 4.32 -0.51
CA SER B 4 8.77 3.24 0.09
C SER B 4 9.10 3.53 1.56
N PRO B 5 8.19 3.17 2.48
CA PRO B 5 8.39 3.29 3.92
C PRO B 5 9.25 2.14 4.46
N THR B 6 9.44 2.11 5.79
CA THR B 6 10.20 1.08 6.46
C THR B 6 9.67 0.87 7.88
N SER B 7 10.05 -0.25 8.51
CA SER B 7 9.58 -0.61 9.84
C SER B 7 10.43 -1.72 10.45
N PRO B 8 10.32 -1.93 11.77
CA PRO B 8 10.96 -3.03 12.48
C PRO B 8 10.35 -4.36 12.04
N SER B 9 11.03 -5.46 12.37
CA SER B 9 10.57 -6.80 12.04
C SER B 9 9.39 -7.20 12.92
N PTR B 10 8.63 -8.21 12.47
CA PTR B 10 7.53 -8.80 13.21
C PTR B 10 8.03 -9.28 14.58
O PTR B 10 7.26 -9.29 15.54
CB PTR B 10 6.99 -9.93 12.35
CG PTR B 10 5.78 -10.68 12.87
CD1 PTR B 10 5.90 -11.56 13.94
CD2 PTR B 10 4.53 -10.50 12.25
CE1 PTR B 10 4.80 -12.33 14.36
CE2 PTR B 10 3.43 -11.27 12.65
CZ PTR B 10 3.57 -12.22 13.69
OH PTR B 10 2.61 -13.07 14.02
P PTR B 10 1.41 -13.47 13.01
O1P PTR B 10 0.43 -12.38 12.99
O2P PTR B 10 0.67 -14.74 13.65
O3P PTR B 10 2.02 -13.94 11.75
H PTR B 10 8.83 -8.59 11.56
HA PTR B 10 6.76 -8.05 13.35
HB2 PTR B 10 6.74 -9.52 11.37
HB3 PTR B 10 7.79 -10.67 12.20
HD1 PTR B 10 6.85 -11.66 14.45
HD2 PTR B 10 4.41 -9.76 11.48
HE1 PTR B 10 4.90 -13.01 15.19
HE2 PTR B 10 2.47 -11.14 12.15
HO2P PTR B 10 1.27 -15.48 13.80
N SER B 11 9.31 -9.65 14.65
CA SER B 11 10.01 -10.11 15.85
C SER B 11 9.53 -11.47 16.37
N PRO B 12 10.43 -12.25 16.97
CA PRO B 12 10.12 -13.56 17.55
C PRO B 12 9.34 -13.45 18.86
N THR B 13 8.68 -12.30 19.10
CA THR B 13 7.86 -12.10 20.29
C THR B 13 6.57 -12.93 20.22
N SER B 14 6.44 -13.77 19.19
CA SER B 14 5.33 -14.69 19.04
C SER B 14 5.84 -15.98 18.39
N PRO B 15 5.46 -17.17 18.90
CA PRO B 15 5.86 -18.45 18.35
C PRO B 15 5.38 -18.66 16.91
N SER B 16 4.38 -17.86 16.48
CA SER B 16 3.78 -17.96 15.16
C SER B 16 3.06 -16.65 14.83
N HIS A 2 9.76 14.70 -19.73
CA HIS A 2 8.29 14.80 -19.64
C HIS A 2 7.61 13.54 -20.16
N ARG A 3 6.29 13.50 -20.07
CA ARG A 3 5.47 12.37 -20.50
C ARG A 3 4.21 12.86 -21.18
N VAL A 4 3.58 11.96 -21.94
CA VAL A 4 2.31 12.19 -22.61
C VAL A 4 1.54 10.87 -22.59
N ILE A 5 0.21 10.95 -22.53
CA ILE A 5 -0.65 9.79 -22.44
C ILE A 5 -2.01 10.12 -23.03
N ASN A 6 -2.66 9.10 -23.62
CA ASN A 6 -3.98 9.22 -24.20
C ASN A 6 -5.07 8.70 -23.25
N HIS A 7 -4.66 8.08 -22.13
CA HIS A 7 -5.63 7.50 -21.20
C HIS A 7 -6.46 8.58 -20.51
N PRO A 8 -7.77 8.35 -20.33
CA PRO A 8 -8.66 9.31 -19.70
C PRO A 8 -8.39 9.41 -18.20
N TYR A 9 -7.65 8.45 -17.64
CA TYR A 9 -7.27 8.47 -16.24
C TYR A 9 -5.99 9.27 -16.03
N TYR A 10 -5.38 9.76 -17.11
CA TYR A 10 -4.14 10.51 -17.05
C TYR A 10 -4.33 11.92 -16.51
N PHE A 11 -3.31 12.36 -15.77
CA PHE A 11 -3.21 13.70 -15.23
C PHE A 11 -1.74 14.07 -15.07
N PRO A 12 -1.33 15.25 -15.56
CA PRO A 12 0.04 15.74 -15.44
C PRO A 12 0.31 16.26 -14.03
N PHE A 13 -0.64 16.07 -13.11
CA PHE A 13 -0.55 16.56 -11.75
C PHE A 13 0.58 15.88 -10.97
N ASN A 14 1.13 16.63 -10.01
CA ASN A 14 2.13 16.12 -9.09
C ASN A 14 1.44 15.14 -8.14
N GLY A 15 2.22 14.34 -7.40
CA GLY A 15 1.66 13.32 -6.53
C GLY A 15 0.69 13.92 -5.52
N LYS A 16 1.00 15.10 -4.98
CA LYS A 16 0.13 15.74 -4.00
C LYS A 16 -1.15 16.25 -4.65
N GLN A 17 -1.05 16.80 -5.86
CA GLN A 17 -2.21 17.33 -6.58
C GLN A 17 -3.08 16.18 -7.08
N ALA A 18 -2.47 15.07 -7.50
CA ALA A 18 -3.20 13.89 -7.92
C ALA A 18 -3.92 13.29 -6.72
N GLU A 19 -3.30 13.40 -5.53
CA GLU A 19 -3.88 12.94 -4.29
C GLU A 19 -5.05 13.82 -3.89
N ASP A 20 -4.85 15.14 -3.79
CA ASP A 20 -5.96 16.05 -3.45
C ASP A 20 -7.08 15.97 -4.49
N TYR A 21 -6.77 15.51 -5.71
CA TYR A 21 -7.77 15.36 -6.74
C TYR A 21 -8.64 14.15 -6.43
N LEU A 22 -8.03 12.97 -6.28
CA LEU A 22 -8.76 11.74 -6.05
C LEU A 22 -9.51 11.78 -4.72
N ARG A 23 -9.06 12.61 -3.77
CA ARG A 23 -9.72 12.74 -2.48
C ARG A 23 -11.18 13.17 -2.68
N SER A 24 -11.47 13.87 -3.78
CA SER A 24 -12.82 14.32 -4.10
C SER A 24 -13.63 13.24 -4.81
N LYS A 25 -13.00 12.10 -5.16
CA LYS A 25 -13.68 10.99 -5.81
C LYS A 25 -14.31 10.06 -4.78
N GLU A 26 -13.76 8.85 -4.59
CA GLU A 26 -14.38 7.83 -3.77
C GLU A 26 -13.34 6.84 -3.23
N ARG A 27 -13.76 5.92 -2.36
CA ARG A 27 -12.85 5.01 -1.66
C ARG A 27 -12.11 4.05 -2.59
N GLY A 28 -12.43 4.07 -3.89
CA GLY A 28 -11.65 3.36 -4.90
C GLY A 28 -11.55 4.25 -6.13
N ASP A 29 -10.44 4.97 -6.27
CA ASP A 29 -10.23 5.86 -7.42
C ASP A 29 -8.80 5.74 -7.92
N PHE A 30 -8.49 6.21 -9.13
CA PHE A 30 -7.14 6.10 -9.70
C PHE A 30 -6.89 7.14 -10.78
N VAL A 31 -5.68 7.72 -10.77
CA VAL A 31 -5.20 8.60 -11.84
C VAL A 31 -3.75 8.28 -12.19
N ILE A 32 -3.40 8.37 -13.48
CA ILE A 32 -2.06 8.11 -13.97
C ILE A 32 -1.29 9.42 -14.06
N ARG A 33 -0.03 9.41 -13.59
CA ARG A 33 0.85 10.58 -13.61
C ARG A 33 2.29 10.17 -13.89
N GLN A 34 3.10 11.08 -14.42
CA GLN A 34 4.53 10.84 -14.56
C GLN A 34 5.16 10.63 -13.19
N SER A 35 6.13 9.70 -13.11
CA SER A 35 6.85 9.42 -11.89
C SER A 35 7.99 10.42 -11.67
N SER A 36 8.36 10.64 -10.41
CA SER A 36 9.48 11.51 -10.08
C SER A 36 10.80 10.83 -10.41
N ARG A 37 10.77 9.53 -10.73
CA ARG A 37 11.97 8.76 -11.03
C ARG A 37 12.50 9.00 -12.45
N GLY A 38 11.73 9.64 -13.33
CA GLY A 38 12.22 9.97 -14.66
C GLY A 38 11.15 9.93 -15.75
N ASP A 39 11.58 10.08 -17.01
CA ASP A 39 10.69 9.99 -18.16
C ASP A 39 10.39 8.54 -18.52
N ASP A 40 11.27 7.60 -18.19
CA ASP A 40 10.97 6.20 -18.42
C ASP A 40 10.09 5.67 -17.29
N HIS A 41 9.46 6.56 -16.51
CA HIS A 41 8.65 6.13 -15.38
C HIS A 41 7.33 6.89 -15.28
N LEU A 42 6.27 6.15 -15.00
CA LEU A 42 4.92 6.66 -14.73
C LEU A 42 4.50 6.15 -13.36
N ALA A 43 3.36 6.64 -12.87
CA ALA A 43 2.82 6.20 -11.59
C ALA A 43 1.30 6.27 -11.59
N ILE A 44 0.65 5.29 -10.94
CA ILE A 44 -0.79 5.35 -10.73
C ILE A 44 -1.04 5.72 -9.28
N THR A 45 -1.78 6.81 -9.04
CA THR A 45 -2.16 7.21 -7.70
C THR A 45 -3.63 6.86 -7.53
N TRP A 46 -3.91 5.96 -6.59
CA TRP A 46 -5.25 5.44 -6.42
C TRP A 46 -5.75 5.58 -4.99
N LYS A 47 -7.01 6.03 -4.85
CA LYS A 47 -7.62 6.35 -3.57
C LYS A 47 -8.16 5.08 -2.91
N LEU A 48 -7.89 4.97 -1.61
CA LEU A 48 -8.30 3.84 -0.78
C LEU A 48 -9.40 4.24 0.18
N ASP A 49 -9.45 5.53 0.56
CA ASP A 49 -10.43 6.05 1.48
C ASP A 49 -10.48 7.58 1.38
N LYS A 50 -11.41 8.21 2.08
CA LYS A 50 -11.65 9.64 2.02
C LYS A 50 -10.37 10.46 2.10
N ASP A 51 -9.42 10.03 2.94
CA ASP A 51 -8.17 10.73 3.19
C ASP A 51 -6.99 9.76 3.14
N LEU A 52 -6.93 8.94 2.08
CA LEU A 52 -5.94 7.88 1.97
C LEU A 52 -5.77 7.44 0.51
N PHE A 53 -4.52 7.26 0.06
CA PHE A 53 -4.23 6.92 -1.33
C PHE A 53 -2.89 6.20 -1.45
N GLN A 54 -2.68 5.47 -2.54
CA GLN A 54 -1.42 4.79 -2.78
C GLN A 54 -0.94 5.04 -4.21
N HIS A 55 0.36 5.31 -4.35
CA HIS A 55 1.00 5.48 -5.64
C HIS A 55 1.66 4.17 -6.04
N VAL A 56 1.70 3.87 -7.34
CA VAL A 56 2.41 2.72 -7.85
C VAL A 56 3.23 3.13 -9.07
N ASP A 57 4.55 3.11 -8.95
CA ASP A 57 5.45 3.46 -10.04
C ASP A 57 5.51 2.36 -11.09
N ILE A 58 5.82 2.79 -12.32
CA ILE A 58 5.84 1.97 -13.50
C ILE A 58 7.07 2.35 -14.33
N GLN A 59 7.76 1.39 -14.93
CA GLN A 59 8.84 1.70 -15.85
C GLN A 59 8.39 1.44 -17.28
N GLU A 60 8.69 2.38 -18.19
CA GLU A 60 8.26 2.34 -19.57
C GLU A 60 9.41 1.92 -20.48
N LEU A 61 9.59 0.61 -20.62
CA LEU A 61 10.63 0.01 -21.45
C LEU A 61 10.14 -0.11 -22.89
N GLU A 62 11.03 -0.53 -23.81
CA GLU A 62 10.78 -0.70 -25.23
C GLU A 62 10.35 0.57 -25.93
N LYS A 63 11.34 1.42 -26.27
CA LYS A 63 11.13 2.52 -27.22
C LYS A 63 12.45 3.04 -27.77
N GLU A 64 13.56 2.39 -27.44
CA GLU A 64 14.92 2.81 -27.76
C GLU A 64 15.30 4.18 -27.18
N ASN A 65 14.32 5.09 -27.00
CA ASN A 65 14.54 6.37 -26.38
C ASN A 65 13.53 6.53 -25.25
N PRO A 66 14.00 6.75 -24.01
CA PRO A 66 13.12 6.89 -22.86
C PRO A 66 12.38 8.23 -22.93
N LEU A 67 12.76 9.11 -23.85
CA LEU A 67 12.04 10.36 -24.09
C LEU A 67 10.71 10.04 -24.75
N ALA A 68 10.58 8.82 -25.27
CA ALA A 68 9.38 8.36 -25.92
C ALA A 68 8.59 7.42 -25.00
N LEU A 69 7.36 7.10 -25.37
CA LEU A 69 6.50 6.24 -24.57
C LEU A 69 6.85 4.76 -24.79
N GLY A 70 7.05 4.01 -23.71
CA GLY A 70 7.44 2.61 -23.79
C GLY A 70 6.26 1.71 -24.10
N LYS A 71 6.46 0.74 -25.00
CA LYS A 71 5.46 -0.23 -25.38
C LYS A 71 5.23 -1.30 -24.32
N VAL A 72 6.06 -1.33 -23.28
CA VAL A 72 5.92 -2.23 -22.16
C VAL A 72 5.92 -1.43 -20.87
N LEU A 73 5.10 -1.88 -19.92
CA LEU A 73 4.97 -1.24 -18.63
C LEU A 73 5.36 -2.27 -17.57
N VAL A 74 6.42 -1.96 -16.81
CA VAL A 74 6.90 -2.84 -15.75
C VAL A 74 6.50 -2.27 -14.40
N VAL A 75 5.89 -3.12 -13.57
CA VAL A 75 5.48 -2.75 -12.22
C VAL A 75 5.89 -3.87 -11.28
N GLU A 76 6.62 -3.53 -10.21
CA GLU A 76 7.12 -4.51 -9.26
C GLU A 76 7.84 -5.66 -9.98
N GLY A 77 8.48 -5.34 -11.11
CA GLY A 77 9.26 -6.28 -11.89
C GLY A 77 8.41 -7.08 -12.88
N GLN A 78 7.15 -6.71 -13.10
CA GLN A 78 6.25 -7.48 -13.95
C GLN A 78 5.87 -6.65 -15.18
N ARG A 79 6.21 -7.15 -16.37
CA ARG A 79 5.93 -6.47 -17.62
C ARG A 79 4.49 -6.70 -18.07
N TYR A 80 3.92 -5.67 -18.71
CA TYR A 80 2.61 -5.70 -19.31
C TYR A 80 2.66 -4.89 -20.61
N HIS A 81 1.62 -5.03 -21.43
CA HIS A 81 1.60 -4.45 -22.77
C HIS A 81 1.16 -2.98 -22.79
N ASP A 82 0.41 -2.52 -21.80
CA ASP A 82 -0.19 -1.19 -21.79
C ASP A 82 -0.57 -0.79 -20.36
N LEU A 83 -0.78 0.52 -20.14
CA LEU A 83 -1.23 1.06 -18.87
C LEU A 83 -2.56 0.45 -18.44
N ASP A 84 -3.44 0.16 -19.39
CA ASP A 84 -4.73 -0.43 -19.07
C ASP A 84 -4.57 -1.85 -18.55
N GLN A 85 -3.48 -2.53 -18.94
CA GLN A 85 -3.27 -3.89 -18.47
C GLN A 85 -2.74 -3.82 -17.05
N ILE A 86 -1.85 -2.86 -16.76
CA ILE A 86 -1.29 -2.78 -15.43
C ILE A 86 -2.36 -2.30 -14.47
N ILE A 87 -3.29 -1.44 -14.93
CA ILE A 87 -4.30 -0.96 -14.01
C ILE A 87 -5.33 -2.05 -13.73
N VAL A 88 -5.77 -2.81 -14.73
CA VAL A 88 -6.73 -3.86 -14.44
C VAL A 88 -6.06 -4.95 -13.62
N GLU A 89 -4.84 -5.35 -14.01
CA GLU A 89 -4.10 -6.37 -13.29
C GLU A 89 -3.78 -5.92 -11.87
N TYR A 90 -3.04 -4.81 -11.74
CA TYR A 90 -2.54 -4.39 -10.45
C TYR A 90 -3.67 -3.97 -9.52
N LEU A 91 -4.61 -3.14 -10.01
CA LEU A 91 -5.68 -2.67 -9.14
C LEU A 91 -6.65 -3.78 -8.80
N GLN A 92 -7.16 -4.53 -9.78
CA GLN A 92 -8.20 -5.48 -9.43
C GLN A 92 -7.65 -6.55 -8.50
N ASN A 93 -6.41 -6.99 -8.71
CA ASN A 93 -5.82 -7.96 -7.80
C ASN A 93 -5.50 -7.32 -6.44
N LYS A 94 -5.03 -6.08 -6.42
CA LYS A 94 -4.71 -5.42 -5.16
C LYS A 94 -5.99 -5.08 -4.39
N ILE A 95 -7.05 -4.71 -5.09
CA ILE A 95 -8.34 -4.42 -4.49
C ILE A 95 -8.99 -5.70 -3.96
N ARG A 96 -8.74 -6.83 -4.63
CA ARG A 96 -9.24 -8.12 -4.15
C ARG A 96 -8.56 -8.46 -2.83
N LEU A 97 -7.24 -8.26 -2.78
CA LEU A 97 -6.44 -8.47 -1.59
C LEU A 97 -6.89 -7.50 -0.49
N LEU A 98 -7.32 -6.30 -0.88
CA LEU A 98 -7.80 -5.32 0.07
C LEU A 98 -9.15 -5.74 0.66
N ASN A 99 -10.01 -6.42 -0.11
CA ASN A 99 -11.27 -6.89 0.44
C ASN A 99 -11.04 -8.05 1.39
N GLU A 100 -10.09 -8.93 1.09
CA GLU A 100 -9.86 -10.08 1.96
C GLU A 100 -9.16 -9.63 3.24
N LEU A 101 -8.22 -8.69 3.17
CA LEU A 101 -7.56 -8.20 4.37
C LEU A 101 -8.51 -7.38 5.21
N THR A 102 -9.35 -6.55 4.60
CA THR A 102 -10.27 -5.72 5.38
C THR A 102 -11.35 -6.59 6.01
N SER A 103 -11.64 -7.72 5.36
CA SER A 103 -12.57 -8.71 5.89
C SER A 103 -11.94 -9.52 7.02
N ASN A 104 -10.62 -9.42 7.23
CA ASN A 104 -9.92 -10.17 8.26
C ASN A 104 -10.28 -9.65 9.66
N GLU A 105 -10.38 -10.55 10.64
CA GLU A 105 -10.69 -10.19 12.00
C GLU A 105 -9.55 -9.37 12.61
N LYS A 106 -8.36 -9.46 12.00
CA LYS A 106 -7.18 -8.77 12.47
C LYS A 106 -7.15 -7.33 11.96
N PHE A 107 -8.03 -6.95 11.03
CA PHE A 107 -7.92 -5.64 10.41
C PHE A 107 -8.66 -4.56 11.22
N LYS A 108 -7.98 -3.44 11.44
CA LYS A 108 -8.50 -2.28 12.16
C LYS A 108 -9.20 -1.27 11.23
N ALA A 109 -9.65 -0.16 11.81
CA ALA A 109 -10.48 0.85 11.17
C ALA A 109 -10.12 1.15 9.71
N GLY A 110 -9.03 1.89 9.48
CA GLY A 110 -8.63 2.22 8.12
C GLY A 110 -7.61 3.36 8.01
N THR A 111 -7.45 4.17 9.06
CA THR A 111 -6.43 5.21 9.04
C THR A 111 -5.84 5.44 10.44
N LYS A 112 -4.63 5.99 10.51
CA LYS A 112 -3.80 6.09 11.72
C LYS A 112 -4.61 6.47 12.95
N LYS A 113 -5.27 7.63 12.90
CA LYS A 113 -6.07 8.13 14.01
C LYS A 113 -7.21 7.18 14.36
N GLU A 114 -7.88 6.61 13.36
CA GLU A 114 -9.03 5.77 13.63
C GLU A 114 -8.58 4.46 14.25
N VAL A 115 -7.53 3.86 13.70
CA VAL A 115 -7.01 2.59 14.20
C VAL A 115 -6.34 2.77 15.55
N VAL A 116 -5.69 3.92 15.79
CA VAL A 116 -5.06 4.14 17.09
C VAL A 116 -6.13 4.36 18.15
N LYS A 117 -7.24 5.03 17.78
CA LYS A 117 -8.38 5.23 18.66
C LYS A 117 -9.12 3.92 18.90
N PHE A 118 -9.17 3.04 17.90
CA PHE A 118 -9.85 1.77 18.07
C PHE A 118 -8.99 0.77 18.86
N ILE A 119 -7.68 0.74 18.63
CA ILE A 119 -6.83 -0.19 19.36
C ILE A 119 -6.70 0.26 20.83
N GLU A 120 -6.63 1.58 21.06
CA GLU A 120 -6.50 2.08 22.43
C GLU A 120 -7.82 1.86 23.17
N ASP A 121 -8.95 2.09 22.49
CA ASP A 121 -10.26 1.92 23.10
C ASP A 121 -10.54 0.45 23.36
N TYR A 122 -10.12 -0.42 22.44
CA TYR A 122 -10.26 -1.85 22.60
C TYR A 122 -9.31 -2.33 23.69
N SER A 123 -8.20 -1.62 23.92
CA SER A 123 -7.25 -2.02 24.94
C SER A 123 -7.71 -1.56 26.31
N LYS A 124 -8.19 -0.31 26.42
CA LYS A 124 -8.59 0.26 27.69
C LYS A 124 -9.85 -0.38 28.23
N VAL A 125 -10.71 -0.88 27.35
CA VAL A 125 -11.88 -1.63 27.79
C VAL A 125 -11.50 -3.02 28.25
N ASN A 126 -10.39 -3.55 27.72
CA ASN A 126 -9.94 -4.89 28.06
C ASN A 126 -8.48 -4.86 28.53
N PRO A 127 -8.17 -4.09 29.58
CA PRO A 127 -6.82 -3.83 30.04
C PRO A 127 -6.11 -5.04 30.65
N LYS A 128 -6.67 -6.24 30.49
CA LYS A 128 -6.00 -7.47 30.90
C LYS A 128 -5.98 -8.49 29.77
N LYS A 129 -6.54 -8.13 28.60
CA LYS A 129 -6.45 -8.95 27.40
C LYS A 129 -5.50 -8.29 26.42
N SER A 130 -4.88 -9.09 25.54
CA SER A 130 -3.92 -8.57 24.59
C SER A 130 -4.63 -8.07 23.33
N VAL A 131 -3.94 -7.21 22.57
CA VAL A 131 -4.51 -6.58 21.39
C VAL A 131 -3.51 -6.60 20.24
N TYR A 132 -3.96 -6.96 19.04
CA TYR A 132 -3.10 -6.81 17.87
C TYR A 132 -3.92 -6.78 16.59
N TYR A 133 -3.66 -5.79 15.74
CA TYR A 133 -4.40 -5.58 14.51
C TYR A 133 -3.54 -5.01 13.39
N PHE A 134 -4.05 -5.16 12.16
CA PHE A 134 -3.43 -4.74 10.92
C PHE A 134 -4.24 -3.62 10.28
N SER A 135 -3.58 -2.59 9.74
CA SER A 135 -4.32 -1.59 8.99
C SER A 135 -3.41 -0.80 8.05
N LEU A 136 -4.00 -0.03 7.13
CA LEU A 136 -3.20 0.77 6.20
C LEU A 136 -2.51 1.88 6.97
N ASN A 137 -1.24 2.14 6.68
CA ASN A 137 -0.58 3.30 7.24
C ASN A 137 -1.10 4.53 6.49
N TYR A 138 -1.11 5.71 7.13
CA TYR A 138 -1.72 6.89 6.53
C TYR A 138 -0.73 7.63 5.64
N GLU A 139 0.54 7.74 6.06
CA GLU A 139 1.55 8.43 5.27
C GLU A 139 2.10 7.53 4.17
N ASN A 140 2.00 6.21 4.32
CA ASN A 140 2.48 5.24 3.34
C ASN A 140 1.43 4.15 3.13
N PRO A 141 0.25 4.49 2.58
CA PRO A 141 -0.89 3.58 2.45
C PRO A 141 -0.64 2.34 1.61
N GLY A 142 0.53 2.22 0.97
CA GLY A 142 0.90 1.01 0.26
C GLY A 142 1.35 -0.07 1.24
N TRP A 143 1.67 0.33 2.47
CA TRP A 143 2.15 -0.58 3.49
C TRP A 143 1.25 -0.50 4.73
N PHE A 144 1.09 -1.63 5.43
CA PHE A 144 0.18 -1.73 6.54
C PHE A 144 0.91 -1.74 7.87
N TYR A 145 0.25 -1.15 8.88
CA TYR A 145 0.70 -1.15 10.24
C TYR A 145 0.15 -2.38 10.95
N LEU A 146 0.94 -2.96 11.85
CA LEU A 146 0.59 -4.19 12.53
C LEU A 146 0.84 -4.02 14.02
N ILE A 147 -0.08 -3.33 14.69
CA ILE A 147 0.04 -3.00 16.11
C ILE A 147 -0.17 -4.22 16.99
N PHE A 148 0.55 -4.29 18.12
CA PHE A 148 0.41 -5.31 19.14
C PHE A 148 0.65 -4.72 20.53
N LYS A 149 -0.19 -5.10 21.49
CA LYS A 149 -0.09 -4.73 22.90
C LYS A 149 -0.43 -5.93 23.76
N LEU A 150 0.32 -6.16 24.84
CA LEU A 150 0.02 -7.29 25.71
C LEU A 150 -1.25 -6.99 26.51
N ASN A 151 -1.52 -5.70 26.75
CA ASN A 151 -2.74 -5.21 27.38
C ASN A 151 -2.74 -3.67 27.32
N ALA A 152 -3.68 -3.02 27.99
CA ALA A 152 -3.74 -1.56 28.01
C ALA A 152 -2.48 -0.96 28.60
N GLU A 153 -2.00 -1.56 29.69
CA GLU A 153 -0.88 -1.04 30.48
C GLU A 153 0.46 -1.31 29.79
N SER A 154 0.47 -2.22 28.81
CA SER A 154 1.67 -2.60 28.11
C SER A 154 2.04 -1.62 27.00
N LYS A 155 3.30 -1.70 26.56
CA LYS A 155 3.82 -0.93 25.44
C LYS A 155 3.06 -1.28 24.17
N LEU A 156 3.43 -0.60 23.09
CA LEU A 156 2.80 -0.79 21.80
C LEU A 156 3.86 -1.06 20.75
N TYR A 157 3.81 -2.26 20.14
CA TYR A 157 4.76 -2.65 19.12
C TYR A 157 4.05 -2.74 17.79
N ILE A 158 4.62 -2.11 16.75
CA ILE A 158 4.03 -2.10 15.43
C ILE A 158 4.96 -2.76 14.43
N TRP A 159 4.42 -3.62 13.58
CA TRP A 159 5.16 -4.23 12.48
C TRP A 159 4.63 -3.72 11.15
N ASN A 160 5.28 -4.12 10.06
CA ASN A 160 4.92 -3.62 8.74
C ASN A 160 4.82 -4.72 7.69
N VAL A 161 3.80 -4.61 6.82
CA VAL A 161 3.65 -5.51 5.67
C VAL A 161 3.28 -4.68 4.45
N LYS A 162 3.92 -4.95 3.31
CA LYS A 162 3.75 -4.15 2.10
C LYS A 162 2.75 -4.81 1.15
N LEU A 163 1.88 -4.01 0.52
CA LEU A 163 0.88 -4.55 -0.40
C LEU A 163 1.42 -4.60 -1.82
N THR A 164 1.13 -5.70 -2.52
CA THR A 164 1.49 -5.90 -3.92
C THR A 164 0.34 -6.61 -4.61
N HIS A 165 0.21 -6.48 -5.92
CA HIS A 165 -0.86 -7.16 -6.63
C HIS A 165 -0.64 -8.67 -6.59
N THR A 166 0.55 -9.09 -6.17
CA THR A 166 0.90 -10.50 -6.03
C THR A 166 0.53 -11.03 -4.65
N GLY A 167 0.20 -10.13 -3.70
CA GLY A 167 -0.09 -10.53 -2.34
C GLY A 167 0.40 -9.52 -1.30
N PHE A 168 0.89 -10.02 -0.17
CA PHE A 168 1.42 -9.19 0.91
C PHE A 168 2.88 -9.54 1.16
N PHE A 169 3.75 -8.54 1.29
CA PHE A 169 5.18 -8.76 1.41
C PHE A 169 5.71 -8.43 2.79
N LEU A 170 6.48 -9.36 3.34
CA LEU A 170 7.12 -9.22 4.63
C LEU A 170 8.47 -9.94 4.58
N VAL A 171 9.49 -9.35 5.22
CA VAL A 171 10.86 -9.85 5.20
C VAL A 171 11.36 -10.03 3.78
N ASN A 172 11.29 -11.27 3.24
CA ASN A 172 11.77 -11.59 1.92
C ASN A 172 10.74 -12.40 1.13
N TYR A 173 9.47 -12.42 1.57
CA TYR A 173 8.46 -13.29 0.98
C TYR A 173 7.14 -12.58 0.74
N ASN A 174 6.42 -13.02 -0.30
CA ASN A 174 5.11 -12.51 -0.64
C ASN A 174 4.05 -13.59 -0.44
N TYR A 175 2.93 -13.21 0.17
CA TYR A 175 1.84 -14.13 0.46
C TYR A 175 0.60 -13.72 -0.35
N PRO A 176 0.16 -14.58 -1.26
CA PRO A 176 -0.88 -14.30 -2.25
C PRO A 176 -2.27 -14.12 -1.63
N THR A 177 -2.40 -14.23 -0.30
CA THR A 177 -3.65 -14.01 0.37
C THR A 177 -3.40 -13.69 1.84
N VAL A 178 -4.34 -13.02 2.49
CA VAL A 178 -4.18 -12.61 3.89
C VAL A 178 -4.08 -13.85 4.78
N ILE A 179 -4.66 -14.97 4.35
CA ILE A 179 -4.59 -16.18 5.13
C ILE A 179 -3.16 -16.70 5.12
N GLN A 180 -2.51 -16.65 3.95
CA GLN A 180 -1.13 -17.08 3.82
C GLN A 180 -0.20 -16.09 4.51
N LEU A 181 -0.63 -14.82 4.62
CA LEU A 181 0.15 -13.83 5.34
C LEU A 181 0.15 -14.19 6.83
N CYS A 182 -0.98 -14.69 7.35
CA CYS A 182 -1.05 -15.13 8.73
C CYS A 182 -0.19 -16.37 8.93
N ASN A 183 -0.17 -17.28 7.95
CA ASN A 183 0.68 -18.46 8.02
C ASN A 183 2.14 -18.04 7.93
N GLY A 184 2.42 -17.00 7.14
CA GLY A 184 3.76 -16.48 6.96
C GLY A 184 4.23 -15.80 8.24
N PHE A 185 3.33 -15.10 8.93
CA PHE A 185 3.68 -14.40 10.14
C PHE A 185 4.05 -15.43 11.22
N LYS A 186 3.28 -16.53 11.30
CA LYS A 186 3.53 -17.60 12.25
C LYS A 186 4.82 -18.34 11.94
N THR A 187 5.02 -18.72 10.68
CA THR A 187 6.24 -19.43 10.31
C THR A 187 7.47 -18.54 10.48
N LEU A 188 7.29 -17.22 10.39
CA LEU A 188 8.41 -16.30 10.54
C LEU A 188 8.82 -16.23 12.01
N LEU A 189 7.87 -16.11 12.93
CA LEU A 189 8.22 -16.10 14.34
C LEU A 189 8.68 -17.50 14.77
N LYS A 190 8.22 -18.55 14.09
CA LYS A 190 8.63 -19.90 14.42
C LYS A 190 10.07 -20.12 13.95
N SER A 191 10.49 -19.36 12.94
CA SER A 191 11.86 -19.37 12.45
C SER A 191 12.80 -18.65 13.41
N SER A 192 12.25 -18.11 14.51
CA SER A 192 13.05 -17.45 15.54
C SER A 192 12.79 -18.08 16.90
N ASN A 193 11.59 -18.60 17.13
CA ASN A 193 11.24 -19.27 18.36
C ASN A 193 11.91 -20.64 18.44
N THR A 194 12.42 -21.12 17.31
CA THR A 194 13.20 -22.34 17.25
C THR A 194 14.70 -22.02 17.26
N ARG A 195 15.05 -20.79 17.65
CA ARG A 195 16.43 -20.32 17.70
C ARG A 195 16.71 -19.51 18.96
N ASN A 196 15.67 -18.85 19.50
CA ASN A 196 15.77 -18.10 20.74
C ASN A 196 16.15 -18.98 21.92
N PRO B 1 9.16 11.46 -3.23
CA PRO B 1 9.54 11.16 -1.84
C PRO B 1 9.99 9.71 -1.66
N SER B 2 10.52 9.39 -0.48
CA SER B 2 10.91 8.03 -0.13
C SER B 2 9.70 7.27 0.41
N PTR B 3 9.65 5.96 0.18
CA PTR B 3 8.56 5.12 0.64
C PTR B 3 9.08 3.74 1.03
O PTR B 3 8.78 2.74 0.38
CB PTR B 3 7.53 4.99 -0.49
CG PTR B 3 7.11 6.26 -1.20
CD1 PTR B 3 6.24 7.18 -0.59
CD2 PTR B 3 7.60 6.52 -2.48
CE1 PTR B 3 5.81 8.31 -1.29
CE2 PTR B 3 7.16 7.64 -3.19
CZ PTR B 3 6.25 8.56 -2.61
OH PTR B 3 5.76 9.61 -3.26
P PTR B 3 6.06 9.89 -4.83
O1P PTR B 3 7.52 10.09 -4.99
O2P PTR B 3 5.15 10.96 -5.29
O3P PTR B 3 5.67 8.59 -5.66
H PTR B 3 10.40 5.51 -0.32
HA PTR B 3 8.09 5.59 1.50
HB2 PTR B 3 7.94 4.32 -1.24
HB3 PTR B 3 6.63 4.52 -0.07
HD1 PTR B 3 5.89 7.00 0.43
HD2 PTR B 3 8.31 5.85 -2.93
HE1 PTR B 3 5.13 9.02 -0.82
HE2 PTR B 3 7.54 7.80 -4.20
HO3P PTR B 3 4.75 8.34 -5.53
N SER B 4 9.88 3.65 2.11
CA SER B 4 10.52 2.38 2.46
C SER B 4 10.74 2.20 3.97
N PRO B 5 9.65 2.18 4.77
CA PRO B 5 9.72 1.88 6.19
C PRO B 5 9.98 0.38 6.40
N THR B 6 10.35 0.01 7.63
CA THR B 6 10.66 -1.37 7.97
C THR B 6 10.38 -1.62 9.45
N SER B 7 10.29 -2.90 9.85
CA SER B 7 9.96 -3.29 11.21
C SER B 7 10.52 -4.68 11.53
N PRO B 8 10.68 -5.01 12.82
CA PRO B 8 11.11 -6.32 13.27
C PRO B 8 10.04 -7.37 13.01
N SER B 9 10.28 -8.61 13.43
CA SER B 9 9.36 -9.73 13.22
C SER B 9 8.28 -9.81 14.29
N PTR B 10 7.19 -10.50 13.94
CA PTR B 10 6.08 -10.82 14.82
C PTR B 10 6.62 -11.49 16.09
O PTR B 10 7.44 -12.40 16.01
CB PTR B 10 5.18 -11.76 14.03
CG PTR B 10 3.79 -12.13 14.55
CD1 PTR B 10 3.09 -13.09 13.81
CD2 PTR B 10 3.21 -11.55 15.68
CE1 PTR B 10 1.79 -13.47 14.18
CE2 PTR B 10 1.91 -11.94 16.06
CZ PTR B 10 1.18 -12.90 15.32
OH PTR B 10 -0.07 -13.21 15.69
P PTR B 10 -1.06 -14.12 14.78
O1P PTR B 10 -0.42 -15.42 14.51
O2P PTR B 10 -1.22 -13.37 13.37
O3P PTR B 10 -2.39 -14.10 15.41
H PTR B 10 7.11 -10.83 12.99
HA PTR B 10 5.53 -9.91 15.07
HB2 PTR B 10 5.03 -11.31 13.05
HB3 PTR B 10 5.73 -12.69 13.86
HD1 PTR B 10 3.55 -13.54 12.96
HD2 PTR B 10 3.74 -10.82 16.27
HE1 PTR B 10 1.28 -14.20 13.58
HE2 PTR B 10 1.45 -11.51 16.95
HO2P PTR B 10 -1.85 -13.83 12.79
N SER B 11 6.16 -11.04 17.26
CA SER B 11 6.60 -11.62 18.52
C SER B 11 6.08 -13.05 18.64
N PRO B 12 6.94 -14.00 19.05
CA PRO B 12 6.59 -15.40 19.21
C PRO B 12 5.69 -15.64 20.43
N THR B 13 5.11 -14.58 21.00
CA THR B 13 4.20 -14.69 22.13
C THR B 13 2.86 -15.29 21.69
N SER B 14 2.70 -15.59 20.39
CA SER B 14 1.49 -16.17 19.85
C SER B 14 1.29 -17.58 20.41
N PRO B 15 0.03 -18.05 20.47
CA PRO B 15 -0.33 -19.36 21.00
C PRO B 15 0.11 -20.49 20.06
N SER B 16 0.71 -20.14 18.90
CA SER B 16 1.23 -21.08 17.93
C SER B 16 2.15 -20.34 16.97
N HIS A 2 13.78 6.31 -20.20
CA HIS A 2 13.51 7.75 -20.07
C HIS A 2 12.67 8.05 -18.83
N ARG A 3 12.28 9.32 -18.65
CA ARG A 3 11.50 9.74 -17.49
C ARG A 3 10.56 10.89 -17.84
N VAL A 4 9.82 10.75 -18.94
CA VAL A 4 8.89 11.78 -19.39
C VAL A 4 7.65 11.14 -20.02
N ILE A 5 6.48 11.76 -19.85
CA ILE A 5 5.25 11.29 -20.47
C ILE A 5 4.27 12.46 -20.65
N ASN A 6 3.33 12.30 -21.59
CA ASN A 6 2.35 13.34 -21.93
C ASN A 6 1.08 13.25 -21.08
N HIS A 7 0.95 12.21 -20.25
CA HIS A 7 -0.21 12.02 -19.40
C HIS A 7 -0.43 13.20 -18.46
N PRO A 8 -1.66 13.40 -17.97
CA PRO A 8 -1.92 14.35 -16.92
C PRO A 8 -1.25 13.83 -15.64
N TYR A 9 -0.95 14.73 -14.70
CA TYR A 9 -0.23 14.40 -13.48
C TYR A 9 1.14 13.77 -13.72
N TYR A 10 1.63 13.72 -14.97
CA TYR A 10 2.98 13.28 -15.25
C TYR A 10 3.97 14.16 -14.49
N PHE A 11 5.11 13.59 -14.10
CA PHE A 11 6.23 14.32 -13.53
C PHE A 11 7.53 13.57 -13.85
N PRO A 12 8.56 14.30 -14.29
CA PRO A 12 9.86 13.73 -14.65
C PRO A 12 10.69 13.40 -13.41
N PHE A 13 10.10 13.54 -12.23
CA PHE A 13 10.79 13.33 -10.97
C PHE A 13 11.19 11.86 -10.79
N ASN A 14 12.30 11.66 -10.07
CA ASN A 14 12.76 10.34 -9.70
C ASN A 14 11.81 9.79 -8.63
N GLY A 15 11.91 8.50 -8.30
CA GLY A 15 11.00 7.91 -7.33
C GLY A 15 11.08 8.61 -5.97
N LYS A 16 12.30 8.92 -5.52
CA LYS A 16 12.50 9.60 -4.24
C LYS A 16 12.03 11.04 -4.33
N GLN A 17 12.23 11.68 -5.48
CA GLN A 17 11.84 13.06 -5.70
C GLN A 17 10.33 13.17 -5.81
N ALA A 18 9.69 12.16 -6.42
CA ALA A 18 8.25 12.12 -6.53
C ALA A 18 7.64 11.98 -5.14
N GLU A 19 8.29 11.19 -4.28
CA GLU A 19 7.85 11.03 -2.89
C GLU A 19 7.94 12.36 -2.15
N ASP A 20 9.12 12.99 -2.14
CA ASP A 20 9.30 14.23 -1.40
C ASP A 20 8.47 15.37 -1.99
N TYR A 21 8.04 15.22 -3.25
CA TYR A 21 7.15 16.18 -3.87
C TYR A 21 5.73 16.01 -3.38
N LEU A 22 5.19 14.79 -3.44
CA LEU A 22 3.83 14.51 -3.01
C LEU A 22 3.68 14.66 -1.50
N ARG A 23 4.77 14.50 -0.73
CA ARG A 23 4.69 14.66 0.71
C ARG A 23 4.19 16.06 1.06
N SER A 24 4.51 17.03 0.21
CA SER A 24 4.06 18.41 0.36
C SER A 24 2.75 18.67 -0.37
N LYS A 25 2.02 17.61 -0.74
CA LYS A 25 0.76 17.70 -1.45
C LYS A 25 -0.37 17.36 -0.49
N GLU A 26 -1.43 16.78 -1.05
CA GLU A 26 -2.67 16.52 -0.33
C GLU A 26 -2.73 15.12 0.26
N ARG A 27 -3.67 14.94 1.19
CA ARG A 27 -3.89 13.72 1.96
C ARG A 27 -4.30 12.53 1.08
N GLY A 28 -4.53 12.78 -0.21
CA GLY A 28 -4.82 11.74 -1.18
C GLY A 28 -4.44 12.27 -2.55
N ASP A 29 -3.14 12.28 -2.87
CA ASP A 29 -2.70 12.96 -4.08
C ASP A 29 -1.58 12.20 -4.79
N PHE A 30 -1.55 12.26 -6.13
CA PHE A 30 -0.69 11.38 -6.91
C PHE A 30 0.06 12.09 -8.04
N VAL A 31 1.18 11.49 -8.44
CA VAL A 31 1.99 11.91 -9.57
C VAL A 31 2.39 10.69 -10.40
N ILE A 32 2.47 10.85 -11.73
CA ILE A 32 2.84 9.77 -12.62
C ILE A 32 4.27 9.97 -13.11
N ARG A 33 5.06 8.90 -13.10
CA ARG A 33 6.45 8.92 -13.53
C ARG A 33 6.76 7.67 -14.34
N GLN A 34 7.67 7.76 -15.30
CA GLN A 34 8.06 6.60 -16.08
C GLN A 34 8.80 5.62 -15.17
N SER A 35 8.67 4.32 -15.43
CA SER A 35 9.25 3.31 -14.55
C SER A 35 10.68 2.98 -14.94
N SER A 36 11.47 2.51 -13.95
CA SER A 36 12.87 2.19 -14.13
C SER A 36 13.07 0.82 -14.79
N ARG A 37 12.01 0.23 -15.35
CA ARG A 37 12.07 -1.09 -15.97
C ARG A 37 11.54 -1.09 -17.40
N GLY A 38 11.35 0.10 -17.99
CA GLY A 38 11.01 0.20 -19.40
C GLY A 38 10.37 1.55 -19.74
N ASP A 39 10.59 2.01 -20.97
CA ASP A 39 9.92 3.21 -21.46
C ASP A 39 8.43 2.94 -21.63
N ASP A 40 8.09 1.67 -21.82
CA ASP A 40 6.71 1.21 -21.93
C ASP A 40 6.18 0.83 -20.55
N HIS A 41 6.78 1.37 -19.49
CA HIS A 41 6.33 1.15 -18.13
C HIS A 41 6.32 2.47 -17.38
N LEU A 42 5.33 2.63 -16.49
CA LEU A 42 5.11 3.83 -15.71
C LEU A 42 4.94 3.46 -14.25
N ALA A 43 4.85 4.47 -13.39
CA ALA A 43 4.56 4.32 -11.99
C ALA A 43 3.71 5.49 -11.50
N ILE A 44 2.67 5.19 -10.71
CA ILE A 44 1.90 6.21 -10.04
C ILE A 44 2.41 6.28 -8.60
N THR A 45 2.66 7.48 -8.09
CA THR A 45 3.13 7.66 -6.73
C THR A 45 2.10 8.51 -6.00
N TRP A 46 1.44 7.95 -5.00
CA TRP A 46 0.29 8.55 -4.33
C TRP A 46 0.52 8.73 -2.84
N LYS A 47 0.27 9.95 -2.34
CA LYS A 47 0.38 10.33 -0.93
C LYS A 47 -0.90 9.96 -0.19
N LEU A 48 -0.72 9.34 0.99
CA LEU A 48 -1.81 8.98 1.89
C LEU A 48 -1.84 9.94 3.07
N ASP A 49 -0.67 10.47 3.44
CA ASP A 49 -0.50 11.36 4.57
C ASP A 49 0.86 12.06 4.44
N LYS A 50 1.12 13.06 5.29
CA LYS A 50 2.27 13.94 5.20
C LYS A 50 3.61 13.20 5.13
N ASP A 51 3.67 11.94 5.57
CA ASP A 51 4.89 11.14 5.55
C ASP A 51 4.67 9.75 4.96
N LEU A 52 3.68 9.60 4.06
CA LEU A 52 3.26 8.31 3.55
C LEU A 52 2.95 8.41 2.06
N PHE A 53 3.40 7.41 1.30
CA PHE A 53 3.19 7.35 -0.14
C PHE A 53 3.23 5.90 -0.64
N GLN A 54 2.57 5.61 -1.75
CA GLN A 54 2.66 4.31 -2.40
C GLN A 54 2.99 4.47 -3.87
N HIS A 55 3.88 3.61 -4.37
CA HIS A 55 4.27 3.53 -5.77
C HIS A 55 3.56 2.33 -6.40
N VAL A 56 3.00 2.52 -7.59
CA VAL A 56 2.32 1.46 -8.33
C VAL A 56 2.75 1.49 -9.79
N ASP A 57 3.41 0.44 -10.26
CA ASP A 57 3.86 0.39 -11.65
C ASP A 57 2.71 0.09 -12.61
N ILE A 58 2.92 0.50 -13.87
CA ILE A 58 2.00 0.35 -14.98
C ILE A 58 2.78 -0.13 -16.19
N GLN A 59 2.13 -0.88 -17.09
CA GLN A 59 2.75 -1.24 -18.36
C GLN A 59 1.91 -0.70 -19.50
N GLU A 60 2.58 -0.04 -20.45
CA GLU A 60 1.94 0.55 -21.61
C GLU A 60 1.97 -0.45 -22.76
N LEU A 61 0.89 -1.24 -22.87
CA LEU A 61 0.70 -2.23 -23.91
C LEU A 61 0.17 -1.53 -25.17
N GLU A 62 -0.03 -2.28 -26.27
CA GLU A 62 -0.28 -1.71 -27.60
C GLU A 62 0.97 -0.97 -28.09
N LYS A 63 0.86 -0.33 -29.25
CA LYS A 63 1.97 0.29 -30.00
C LYS A 63 2.97 -0.73 -30.52
N GLU A 64 3.33 -0.55 -31.78
CA GLU A 64 4.31 -1.38 -32.49
C GLU A 64 5.72 -0.88 -32.23
N ASN A 65 5.85 0.20 -31.46
CA ASN A 65 7.13 0.78 -31.06
C ASN A 65 7.05 1.23 -29.60
N PRO A 66 8.13 1.06 -28.85
CA PRO A 66 8.22 1.55 -27.48
C PRO A 66 8.39 3.07 -27.53
N LEU A 67 8.27 3.74 -26.38
CA LEU A 67 8.26 5.20 -26.26
C LEU A 67 7.08 5.83 -27.01
N ALA A 68 6.44 5.07 -27.91
CA ALA A 68 5.34 5.56 -28.72
C ALA A 68 4.06 5.77 -27.90
N LEU A 69 4.15 5.51 -26.59
CA LEU A 69 3.06 5.58 -25.63
C LEU A 69 1.96 4.58 -25.96
N GLY A 70 1.79 3.56 -25.12
CA GLY A 70 0.88 2.47 -25.39
C GLY A 70 -0.58 2.92 -25.30
N LYS A 71 -1.40 2.49 -26.27
CA LYS A 71 -2.80 2.78 -26.33
C LYS A 71 -3.60 2.10 -25.20
N VAL A 72 -2.94 1.21 -24.45
CA VAL A 72 -3.57 0.61 -23.29
C VAL A 72 -2.61 0.66 -22.11
N LEU A 73 -3.18 0.56 -20.90
CA LEU A 73 -2.42 0.61 -19.67
C LEU A 73 -2.78 -0.62 -18.83
N VAL A 74 -1.78 -1.43 -18.48
CA VAL A 74 -1.95 -2.60 -17.64
C VAL A 74 -1.50 -2.27 -16.23
N VAL A 75 -2.35 -2.57 -15.24
CA VAL A 75 -2.05 -2.34 -13.83
C VAL A 75 -2.39 -3.58 -13.03
N GLU A 76 -1.40 -4.10 -12.29
CA GLU A 76 -1.53 -5.32 -11.51
C GLU A 76 -2.12 -6.47 -12.34
N GLY A 77 -1.90 -6.43 -13.67
CA GLY A 77 -2.35 -7.47 -14.58
C GLY A 77 -3.71 -7.18 -15.21
N GLN A 78 -4.19 -5.93 -15.16
CA GLN A 78 -5.49 -5.58 -15.73
C GLN A 78 -5.31 -4.44 -16.73
N ARG A 79 -5.71 -4.66 -17.98
CA ARG A 79 -5.55 -3.66 -19.03
C ARG A 79 -6.71 -2.68 -19.04
N TYR A 80 -6.44 -1.47 -19.52
CA TYR A 80 -7.41 -0.38 -19.61
C TYR A 80 -7.11 0.48 -20.83
N HIS A 81 -8.09 1.29 -21.23
CA HIS A 81 -8.03 2.04 -22.47
C HIS A 81 -7.10 3.26 -22.40
N ASP A 82 -6.90 3.85 -21.22
CA ASP A 82 -6.10 5.06 -21.06
C ASP A 82 -5.64 5.19 -19.62
N LEU A 83 -4.62 6.04 -19.40
CA LEU A 83 -4.11 6.34 -18.07
C LEU A 83 -5.19 6.94 -17.20
N ASP A 84 -6.05 7.81 -17.77
CA ASP A 84 -7.10 8.39 -16.98
C ASP A 84 -8.08 7.33 -16.49
N GLN A 85 -8.16 6.18 -17.18
CA GLN A 85 -9.04 5.12 -16.74
C GLN A 85 -8.40 4.40 -15.55
N ILE A 86 -7.08 4.16 -15.62
CA ILE A 86 -6.42 3.44 -14.54
C ILE A 86 -6.31 4.32 -13.31
N ILE A 87 -6.18 5.64 -13.48
CA ILE A 87 -6.14 6.50 -12.32
C ILE A 87 -7.52 6.57 -11.68
N VAL A 88 -8.59 6.81 -12.45
CA VAL A 88 -9.90 6.89 -11.81
C VAL A 88 -10.26 5.53 -11.21
N GLU A 89 -10.04 4.45 -11.96
CA GLU A 89 -10.32 3.12 -11.45
C GLU A 89 -9.45 2.81 -10.24
N TYR A 90 -8.13 2.82 -10.40
CA TYR A 90 -7.25 2.36 -9.34
C TYR A 90 -7.37 3.25 -8.11
N LEU A 91 -7.35 4.57 -8.29
CA LEU A 91 -7.39 5.46 -7.13
C LEU A 91 -8.76 5.45 -6.47
N GLN A 92 -9.85 5.69 -7.20
CA GLN A 92 -11.14 5.85 -6.56
C GLN A 92 -11.56 4.55 -5.87
N ASN A 93 -11.27 3.40 -6.49
CA ASN A 93 -11.61 2.12 -5.89
C ASN A 93 -10.70 1.87 -4.68
N LYS A 94 -9.41 2.21 -4.79
CA LYS A 94 -8.48 1.99 -3.70
C LYS A 94 -8.74 2.95 -2.54
N ILE A 95 -9.17 4.17 -2.83
CA ILE A 95 -9.51 5.15 -1.80
C ILE A 95 -10.77 4.71 -1.07
N ARG A 96 -11.73 4.08 -1.77
CA ARG A 96 -12.93 3.56 -1.13
C ARG A 96 -12.60 2.35 -0.26
N LEU A 97 -11.67 1.50 -0.70
CA LEU A 97 -11.20 0.37 0.11
C LEU A 97 -10.43 0.92 1.31
N LEU A 98 -9.72 2.04 1.13
CA LEU A 98 -9.03 2.68 2.23
C LEU A 98 -10.03 3.32 3.19
N ASN A 99 -11.21 3.73 2.70
CA ASN A 99 -12.21 4.32 3.57
C ASN A 99 -12.85 3.24 4.42
N GLU A 100 -13.08 2.04 3.85
CA GLU A 100 -13.71 0.98 4.61
C GLU A 100 -12.76 0.38 5.64
N LEU A 101 -11.46 0.29 5.30
CA LEU A 101 -10.49 -0.20 6.26
C LEU A 101 -10.23 0.83 7.35
N THR A 102 -10.13 2.11 7.00
CA THR A 102 -9.86 3.12 8.02
C THR A 102 -11.07 3.29 8.92
N SER A 103 -12.26 3.00 8.38
CA SER A 103 -13.49 2.99 9.14
C SER A 103 -13.62 1.74 10.00
N ASN A 104 -12.76 0.74 9.79
CA ASN A 104 -12.84 -0.52 10.51
C ASN A 104 -12.41 -0.34 11.97
N GLU A 105 -13.10 -1.03 12.89
CA GLU A 105 -12.80 -0.96 14.31
C GLU A 105 -11.41 -1.51 14.61
N LYS A 106 -10.87 -2.32 13.69
CA LYS A 106 -9.56 -2.92 13.84
C LYS A 106 -8.46 -2.01 13.29
N PHE A 107 -8.79 -0.88 12.65
CA PHE A 107 -7.75 -0.01 12.14
C PHE A 107 -7.24 0.89 13.26
N LYS A 108 -5.91 0.91 13.44
CA LYS A 108 -5.21 1.69 14.43
C LYS A 108 -4.95 3.11 13.92
N ALA A 109 -4.03 3.83 14.56
CA ALA A 109 -3.76 5.23 14.27
C ALA A 109 -3.08 5.43 12.91
N GLY A 110 -2.51 6.62 12.74
CA GLY A 110 -2.08 7.13 11.45
C GLY A 110 -0.58 7.02 11.15
N THR A 111 0.27 6.81 12.16
CA THR A 111 1.69 6.63 11.91
C THR A 111 2.32 5.82 13.03
N LYS A 112 3.44 5.15 12.73
CA LYS A 112 4.06 4.16 13.62
C LYS A 112 3.99 4.54 15.08
N LYS A 113 4.50 5.72 15.41
CA LYS A 113 4.55 6.22 16.79
C LYS A 113 3.17 6.31 17.41
N GLU A 114 2.19 6.72 16.61
CA GLU A 114 0.82 6.88 17.05
C GLU A 114 0.14 5.53 17.26
N VAL A 115 0.22 4.65 16.26
CA VAL A 115 -0.40 3.34 16.35
C VAL A 115 0.32 2.45 17.36
N VAL A 116 1.65 2.62 17.53
CA VAL A 116 2.37 1.86 18.52
C VAL A 116 1.98 2.34 19.92
N LYS A 117 1.73 3.65 20.07
CA LYS A 117 1.22 4.20 21.32
C LYS A 117 -0.23 3.79 21.55
N PHE A 118 -1.02 3.60 20.49
CA PHE A 118 -2.41 3.21 20.66
C PHE A 118 -2.53 1.71 20.96
N ILE A 119 -1.73 0.85 20.31
CA ILE A 119 -1.80 -0.56 20.60
C ILE A 119 -1.21 -0.86 21.98
N GLU A 120 -0.14 -0.15 22.37
CA GLU A 120 0.44 -0.39 23.68
C GLU A 120 -0.51 0.13 24.75
N ASP A 121 -1.12 1.31 24.54
CA ASP A 121 -2.07 1.84 25.50
C ASP A 121 -3.28 0.92 25.60
N TYR A 122 -3.76 0.43 24.45
CA TYR A 122 -4.91 -0.46 24.45
C TYR A 122 -4.56 -1.82 25.05
N SER A 123 -3.29 -2.21 25.00
CA SER A 123 -2.85 -3.49 25.54
C SER A 123 -2.53 -3.38 27.02
N LYS A 124 -1.85 -2.30 27.44
CA LYS A 124 -1.44 -2.12 28.82
C LYS A 124 -2.63 -1.77 29.72
N VAL A 125 -3.65 -1.11 29.17
CA VAL A 125 -4.85 -0.81 29.91
C VAL A 125 -5.77 -2.02 29.97
N ASN A 126 -5.52 -2.99 29.08
CA ASN A 126 -6.26 -4.23 29.07
C ASN A 126 -5.29 -5.42 29.14
N PRO A 127 -4.47 -5.48 30.19
CA PRO A 127 -3.35 -6.39 30.30
C PRO A 127 -3.75 -7.86 30.45
N LYS A 128 -5.03 -8.18 30.24
CA LYS A 128 -5.47 -9.56 30.25
C LYS A 128 -6.38 -9.85 29.06
N LYS A 129 -6.60 -8.86 28.19
CA LYS A 129 -7.32 -9.04 26.93
C LYS A 129 -6.33 -9.01 25.77
N SER A 130 -6.68 -9.66 24.67
CA SER A 130 -5.83 -9.72 23.50
C SER A 130 -6.11 -8.55 22.55
N VAL A 131 -5.19 -8.29 21.62
CA VAL A 131 -5.30 -7.17 20.70
C VAL A 131 -4.97 -7.60 19.28
N TYR A 132 -5.71 -7.08 18.31
CA TYR A 132 -5.47 -7.29 16.89
C TYR A 132 -5.86 -6.03 16.14
N TYR A 133 -4.89 -5.36 15.50
CA TYR A 133 -5.21 -4.17 14.72
C TYR A 133 -4.42 -4.06 13.44
N PHE A 134 -4.97 -3.28 12.51
CA PHE A 134 -4.43 -3.03 11.19
C PHE A 134 -3.98 -1.58 11.09
N SER A 135 -2.85 -1.30 10.45
CA SER A 135 -2.44 0.08 10.23
C SER A 135 -1.50 0.18 9.04
N LEU A 136 -1.47 1.33 8.36
CA LEU A 136 -0.61 1.48 7.20
C LEU A 136 0.87 1.43 7.60
N ASN A 137 1.67 0.70 6.82
CA ASN A 137 3.11 0.68 7.02
C ASN A 137 3.69 2.02 6.54
N TYR A 138 4.81 2.43 7.11
CA TYR A 138 5.47 3.66 6.74
C TYR A 138 6.66 3.32 5.85
N GLU A 139 7.16 2.09 5.99
CA GLU A 139 8.24 1.54 5.19
C GLU A 139 7.71 1.19 3.81
N ASN A 140 6.40 0.90 3.75
CA ASN A 140 5.69 0.62 2.52
C ASN A 140 4.20 0.86 2.73
N PRO A 141 3.76 2.10 2.59
CA PRO A 141 2.36 2.51 2.69
C PRO A 141 1.43 1.80 1.72
N GLY A 142 1.98 1.00 0.80
CA GLY A 142 1.19 0.14 -0.07
C GLY A 142 0.78 -1.13 0.67
N TRP A 143 1.32 -1.31 1.88
CA TRP A 143 1.04 -2.44 2.75
C TRP A 143 0.54 -1.94 4.10
N PHE A 144 -0.29 -2.75 4.76
CA PHE A 144 -0.73 -2.50 6.11
C PHE A 144 -0.16 -3.56 7.05
N TYR A 145 0.20 -3.12 8.26
CA TYR A 145 0.67 -3.99 9.31
C TYR A 145 -0.52 -4.54 10.07
N LEU A 146 -0.35 -5.71 10.69
CA LEU A 146 -1.45 -6.41 11.34
C LEU A 146 -0.96 -6.92 12.70
N ILE A 147 -0.91 -6.03 13.68
CA ILE A 147 -0.38 -6.31 15.01
C ILE A 147 -1.31 -7.20 15.83
N PHE A 148 -0.70 -8.17 16.54
CA PHE A 148 -1.39 -9.08 17.44
C PHE A 148 -0.58 -9.30 18.71
N LYS A 149 -1.25 -9.21 19.87
CA LYS A 149 -0.67 -9.52 21.17
C LYS A 149 -1.71 -10.28 21.99
N LEU A 150 -1.27 -11.24 22.82
CA LEU A 150 -2.21 -11.98 23.64
C LEU A 150 -2.68 -11.12 24.80
N ASN A 151 -1.81 -10.23 25.31
CA ASN A 151 -2.14 -9.25 26.34
C ASN A 151 -0.89 -8.38 26.60
N ALA A 152 -0.94 -7.52 27.62
CA ALA A 152 0.18 -6.65 27.97
C ALA A 152 1.43 -7.44 28.30
N GLU A 153 1.23 -8.60 28.94
CA GLU A 153 2.31 -9.45 29.42
C GLU A 153 2.90 -10.30 28.30
N SER A 154 2.37 -10.17 27.07
CA SER A 154 2.72 -11.06 25.97
C SER A 154 3.62 -10.41 24.94
N LYS A 155 4.22 -11.27 24.12
CA LYS A 155 4.99 -10.96 22.93
C LYS A 155 4.09 -10.25 21.91
N LEU A 156 4.62 -9.97 20.72
CA LEU A 156 3.86 -9.28 19.70
C LEU A 156 4.20 -9.82 18.31
N TYR A 157 3.16 -10.05 17.51
CA TYR A 157 3.29 -10.52 16.14
C TYR A 157 2.58 -9.59 15.17
N ILE A 158 3.22 -9.32 14.03
CA ILE A 158 2.67 -8.42 13.03
C ILE A 158 2.64 -9.12 11.66
N TRP A 159 1.46 -9.17 11.03
CA TRP A 159 1.38 -9.65 9.66
C TRP A 159 1.35 -8.45 8.71
N ASN A 160 1.35 -8.72 7.40
CA ASN A 160 1.33 -7.65 6.40
C ASN A 160 0.34 -7.96 5.29
N VAL A 161 -0.43 -6.94 4.88
CA VAL A 161 -1.39 -7.07 3.80
C VAL A 161 -1.20 -5.93 2.80
N LYS A 162 -1.05 -6.30 1.51
CA LYS A 162 -0.86 -5.34 0.44
C LYS A 162 -2.22 -4.78 0.02
N LEU A 163 -2.25 -3.50 -0.34
CA LEU A 163 -3.45 -2.86 -0.84
C LEU A 163 -3.41 -2.79 -2.36
N THR A 164 -4.57 -3.04 -2.98
CA THR A 164 -4.73 -2.98 -4.43
C THR A 164 -6.14 -2.49 -4.74
N HIS A 165 -6.38 -1.99 -5.96
CA HIS A 165 -7.69 -1.47 -6.31
C HIS A 165 -8.72 -2.60 -6.39
N THR A 166 -8.23 -3.83 -6.49
CA THR A 166 -9.07 -5.02 -6.54
C THR A 166 -9.35 -5.55 -5.14
N GLY A 167 -8.74 -4.96 -4.11
CA GLY A 167 -8.94 -5.41 -2.74
C GLY A 167 -7.68 -5.37 -1.88
N PHE A 168 -7.54 -6.39 -1.03
CA PHE A 168 -6.41 -6.55 -0.13
C PHE A 168 -5.73 -7.89 -0.39
N PHE A 169 -4.40 -7.90 -0.43
CA PHE A 169 -3.66 -9.09 -0.81
C PHE A 169 -2.79 -9.63 0.32
N LEU A 170 -2.96 -10.93 0.61
CA LEU A 170 -2.22 -11.64 1.64
C LEU A 170 -1.87 -13.02 1.12
N VAL A 171 -0.62 -13.45 1.35
CA VAL A 171 -0.06 -14.72 0.91
C VAL A 171 -0.11 -14.87 -0.61
N ASN A 172 -1.27 -15.20 -1.18
CA ASN A 172 -1.44 -15.44 -2.61
C ASN A 172 -2.87 -15.12 -3.06
N TYR A 173 -3.65 -14.39 -2.24
CA TYR A 173 -5.05 -14.16 -2.54
C TYR A 173 -5.44 -12.71 -2.30
N ASN A 174 -6.33 -12.18 -3.16
CA ASN A 174 -6.89 -10.85 -3.03
C ASN A 174 -8.32 -10.92 -2.51
N TYR A 175 -8.66 -9.99 -1.61
CA TYR A 175 -9.97 -9.90 -1.02
C TYR A 175 -10.55 -8.51 -1.30
N PRO A 176 -11.64 -8.43 -2.08
CA PRO A 176 -12.21 -7.20 -2.58
C PRO A 176 -12.81 -6.30 -1.50
N THR A 177 -12.73 -6.70 -0.23
CA THR A 177 -13.16 -5.87 0.88
C THR A 177 -12.56 -6.36 2.18
N VAL A 178 -12.50 -5.50 3.19
CA VAL A 178 -11.90 -5.82 4.49
C VAL A 178 -12.67 -6.94 5.17
N ILE A 179 -13.96 -7.10 4.84
CA ILE A 179 -14.75 -8.19 5.41
C ILE A 179 -14.26 -9.51 4.81
N GLN A 180 -13.99 -9.51 3.50
CA GLN A 180 -13.47 -10.69 2.83
C GLN A 180 -12.03 -10.93 3.24
N LEU A 181 -11.31 -9.88 3.64
CA LEU A 181 -9.96 -10.04 4.14
C LEU A 181 -10.00 -10.71 5.50
N CYS A 182 -11.05 -10.44 6.28
CA CYS A 182 -11.25 -11.12 7.56
C CYS A 182 -11.58 -12.60 7.31
N ASN A 183 -12.34 -12.88 6.24
CA ASN A 183 -12.59 -14.25 5.82
C ASN A 183 -11.31 -14.88 5.26
N GLY A 184 -10.46 -14.04 4.66
CA GLY A 184 -9.17 -14.44 4.14
C GLY A 184 -8.25 -14.84 5.28
N PHE A 185 -8.25 -14.05 6.34
CA PHE A 185 -7.48 -14.33 7.52
C PHE A 185 -7.92 -15.66 8.14
N LYS A 186 -9.24 -15.91 8.19
CA LYS A 186 -9.78 -17.15 8.74
C LYS A 186 -9.44 -18.35 7.87
N THR A 187 -9.67 -18.26 6.57
CA THR A 187 -9.37 -19.38 5.68
C THR A 187 -7.87 -19.66 5.62
N LEU A 188 -7.05 -18.62 5.87
CA LEU A 188 -5.61 -18.78 5.84
C LEU A 188 -5.11 -19.43 7.13
N LEU A 189 -5.61 -19.02 8.29
CA LEU A 189 -5.23 -19.68 9.53
C LEU A 189 -5.82 -21.09 9.55
N LYS A 190 -6.87 -21.36 8.78
CA LYS A 190 -7.38 -22.72 8.64
C LYS A 190 -6.55 -23.50 7.64
N SER A 191 -5.91 -22.82 6.67
CA SER A 191 -4.95 -23.46 5.80
C SER A 191 -3.73 -23.87 6.63
N SER A 192 -3.45 -23.13 7.71
CA SER A 192 -2.38 -23.45 8.63
C SER A 192 -2.85 -24.44 9.70
N ASN A 193 -4.13 -24.37 10.08
CA ASN A 193 -4.71 -25.32 11.01
C ASN A 193 -4.77 -26.70 10.34
N THR A 194 -4.73 -26.73 9.01
CA THR A 194 -4.67 -27.96 8.26
C THR A 194 -3.28 -28.58 8.36
N ARG A 195 -2.28 -27.77 8.74
CA ARG A 195 -0.91 -28.22 8.92
C ARG A 195 -0.69 -28.59 10.39
N ASN A 196 -1.35 -27.83 11.28
CA ASN A 196 -1.36 -28.01 12.73
C ASN A 196 0.04 -28.37 13.25
N PRO B 1 9.66 1.33 -4.59
CA PRO B 1 10.80 0.51 -4.13
C PRO B 1 10.46 -0.97 -4.04
N SER B 2 9.61 -1.37 -3.08
CA SER B 2 9.20 -2.75 -2.92
C SER B 2 7.69 -2.86 -3.14
N PTR B 3 7.22 -4.04 -3.57
CA PTR B 3 5.84 -4.22 -3.99
C PTR B 3 5.19 -5.43 -3.34
O PTR B 3 4.12 -5.29 -2.73
CB PTR B 3 5.80 -4.32 -5.53
CG PTR B 3 6.15 -3.03 -6.23
CD1 PTR B 3 5.13 -2.24 -6.79
CD2 PTR B 3 7.48 -2.60 -6.34
CE1 PTR B 3 5.43 -1.05 -7.45
CE2 PTR B 3 7.80 -1.40 -7.00
CZ PTR B 3 6.77 -0.61 -7.58
OH PTR B 3 6.99 0.52 -8.22
P PTR B 3 8.45 1.14 -8.45
O1P PTR B 3 9.31 0.10 -9.06
O2P PTR B 3 8.87 1.79 -7.18
O3P PTR B 3 8.27 2.30 -9.54
H PTR B 3 7.84 -4.84 -3.62
HA PTR B 3 5.27 -3.34 -3.71
HB2 PTR B 3 6.50 -5.09 -5.85
HB3 PTR B 3 4.80 -4.62 -5.83
HD1 PTR B 3 4.10 -2.55 -6.70
HD2 PTR B 3 8.27 -3.19 -5.92
HE1 PTR B 3 4.64 -0.46 -7.88
HE2 PTR B 3 8.83 -1.09 -7.07
HO3P PTR B 3 7.75 1.99 -10.29
N SER B 4 5.81 -6.61 -3.43
CA SER B 4 5.25 -7.82 -2.83
C SER B 4 5.45 -7.80 -1.31
N PRO B 5 4.38 -8.02 -0.53
CA PRO B 5 4.43 -8.04 0.92
C PRO B 5 5.02 -9.35 1.44
N THR B 6 5.33 -9.40 2.74
CA THR B 6 5.89 -10.59 3.36
C THR B 6 5.34 -10.75 4.77
N SER B 7 4.67 -11.89 5.04
CA SER B 7 4.21 -12.27 6.36
C SER B 7 3.73 -13.72 6.32
N PRO B 8 3.72 -14.42 7.47
CA PRO B 8 3.21 -15.79 7.54
C PRO B 8 1.71 -15.84 7.32
N SER B 9 1.19 -17.03 7.02
CA SER B 9 -0.22 -17.25 6.69
C SER B 9 -1.13 -17.19 7.91
N PTR B 10 -1.03 -16.10 8.68
CA PTR B 10 -1.78 -15.84 9.91
C PTR B 10 -1.50 -16.88 11.00
O PTR B 10 -0.95 -16.53 12.04
CB PTR B 10 -3.26 -15.66 9.57
CG PTR B 10 -4.06 -14.91 10.62
CD1 PTR B 10 -4.58 -13.64 10.32
CD2 PTR B 10 -4.29 -15.47 11.88
CE1 PTR B 10 -5.34 -12.94 11.27
CE2 PTR B 10 -5.05 -14.78 12.84
CZ PTR B 10 -5.58 -13.51 12.54
OH PTR B 10 -6.33 -12.91 13.47
P PTR B 10 -7.07 -11.51 13.22
O1P PTR B 10 -6.05 -10.46 13.06
O2P PTR B 10 -7.89 -11.15 14.56
O3P PTR B 10 -8.08 -11.71 12.15
H PTR B 10 -0.38 -15.38 8.41
HA PTR B 10 -1.43 -14.89 10.28
HB2 PTR B 10 -3.34 -15.10 8.64
HB3 PTR B 10 -3.71 -16.64 9.42
HD1 PTR B 10 -4.39 -13.19 9.35
HD2 PTR B 10 -3.88 -16.44 12.13
HE1 PTR B 10 -5.73 -11.97 11.02
HE2 PTR B 10 -5.23 -15.22 13.81
HO2P PTR B 10 -7.31 -11.05 15.31
N SER B 11 -1.87 -18.15 10.78
CA SER B 11 -1.73 -19.26 11.72
C SER B 11 -2.59 -19.11 12.97
N PRO B 12 -3.23 -20.19 13.43
CA PRO B 12 -4.09 -20.18 14.59
C PRO B 12 -3.27 -20.17 15.89
N THR B 13 -1.95 -20.30 15.76
CA THR B 13 -1.05 -20.31 16.91
C THR B 13 0.34 -19.83 16.48
N SER B 14 1.21 -19.59 17.46
CA SER B 14 2.55 -19.06 17.22
C SER B 14 3.45 -19.40 18.39
N PRO B 15 4.76 -19.53 18.17
CA PRO B 15 5.75 -19.63 19.23
C PRO B 15 5.78 -18.30 19.99
N SER B 16 6.52 -18.27 21.12
CA SER B 16 6.61 -17.10 21.98
C SER B 16 7.40 -15.97 21.34
N HIS A 2 1.31 17.47 -13.56
CA HIS A 2 0.83 18.76 -14.05
C HIS A 2 0.38 18.70 -15.50
N ARG A 3 1.20 18.12 -16.39
CA ARG A 3 0.89 18.03 -17.81
C ARG A 3 -0.35 17.14 -18.02
N VAL A 4 -1.21 17.56 -18.95
CA VAL A 4 -2.46 16.85 -19.24
C VAL A 4 -2.19 15.53 -19.96
N ILE A 5 -3.12 14.57 -19.83
CA ILE A 5 -2.99 13.29 -20.51
C ILE A 5 -4.36 12.73 -20.88
N ASN A 6 -4.39 11.81 -21.85
CA ASN A 6 -5.60 11.28 -22.43
C ASN A 6 -6.12 10.00 -21.78
N HIS A 7 -5.37 9.42 -20.84
CA HIS A 7 -5.75 8.15 -20.22
C HIS A 7 -7.16 8.24 -19.62
N PRO A 8 -7.91 7.11 -19.62
CA PRO A 8 -9.32 7.06 -19.21
C PRO A 8 -9.59 7.51 -17.77
N TYR A 9 -8.55 7.79 -16.99
CA TYR A 9 -8.70 8.18 -15.59
C TYR A 9 -7.74 9.31 -15.23
N TYR A 10 -7.32 10.11 -16.22
CA TYR A 10 -6.41 11.21 -16.00
C TYR A 10 -6.84 12.10 -14.82
N PHE A 11 -5.86 12.77 -14.23
CA PHE A 11 -6.00 13.58 -13.03
C PHE A 11 -6.92 14.77 -13.20
N PRO A 12 -7.53 15.18 -12.09
CA PRO A 12 -8.31 16.38 -12.04
C PRO A 12 -7.48 17.65 -11.79
N PHE A 13 -6.39 17.55 -11.03
CA PHE A 13 -5.61 18.71 -10.60
C PHE A 13 -4.20 18.29 -10.21
N ASN A 14 -3.46 19.23 -9.58
CA ASN A 14 -2.11 18.95 -9.10
C ASN A 14 -2.15 17.76 -8.15
N GLY A 15 -1.00 17.10 -7.94
CA GLY A 15 -0.99 15.83 -7.23
C GLY A 15 -1.63 15.88 -5.85
N LYS A 16 -1.39 16.95 -5.08
CA LYS A 16 -1.96 17.05 -3.74
C LYS A 16 -3.46 17.29 -3.84
N GLN A 17 -3.90 17.95 -4.91
CA GLN A 17 -5.31 18.24 -5.13
C GLN A 17 -6.03 17.01 -5.70
N ALA A 18 -5.34 16.19 -6.50
CA ALA A 18 -5.86 14.93 -7.00
C ALA A 18 -6.08 13.98 -5.83
N GLU A 19 -5.24 14.07 -4.80
CA GLU A 19 -5.43 13.31 -3.56
C GLU A 19 -6.63 13.85 -2.79
N ASP A 20 -6.74 15.16 -2.60
CA ASP A 20 -7.89 15.74 -1.92
C ASP A 20 -9.17 15.61 -2.76
N TYR A 21 -9.03 15.33 -4.05
CA TYR A 21 -10.17 15.12 -4.93
C TYR A 21 -10.71 13.70 -4.77
N LEU A 22 -9.83 12.69 -4.87
CA LEU A 22 -10.22 11.31 -4.67
C LEU A 22 -10.76 11.12 -3.26
N ARG A 23 -10.34 11.96 -2.31
CA ARG A 23 -10.87 11.91 -0.95
C ARG A 23 -12.38 12.12 -0.95
N SER A 24 -12.92 12.78 -1.98
CA SER A 24 -14.36 12.98 -2.10
C SER A 24 -15.05 11.75 -2.67
N LYS A 25 -14.28 10.85 -3.32
CA LYS A 25 -14.81 9.61 -3.86
C LYS A 25 -15.05 8.59 -2.76
N GLU A 26 -14.52 7.39 -3.01
CA GLU A 26 -14.79 6.18 -2.25
C GLU A 26 -13.50 5.42 -1.98
N ARG A 27 -13.54 4.46 -1.06
CA ARG A 27 -12.37 3.81 -0.49
C ARG A 27 -11.60 2.89 -1.44
N GLY A 28 -11.91 2.91 -2.74
CA GLY A 28 -11.13 2.19 -3.74
C GLY A 28 -11.18 2.92 -5.08
N ASP A 29 -10.78 4.20 -5.13
CA ASP A 29 -10.94 4.98 -6.35
C ASP A 29 -9.70 5.79 -6.72
N PHE A 30 -9.37 5.89 -8.00
CA PHE A 30 -8.08 6.42 -8.45
C PHE A 30 -8.17 7.41 -9.61
N VAL A 31 -7.13 8.26 -9.71
CA VAL A 31 -6.94 9.22 -10.80
C VAL A 31 -5.46 9.22 -11.23
N ILE A 32 -5.19 9.38 -12.53
CA ILE A 32 -3.86 9.31 -13.10
C ILE A 32 -3.27 10.69 -13.34
N ARG A 33 -2.32 11.11 -12.50
CA ARG A 33 -1.73 12.44 -12.61
C ARG A 33 -0.33 12.38 -13.19
N GLN A 34 0.00 13.32 -14.08
CA GLN A 34 1.35 13.44 -14.58
C GLN A 34 2.25 13.92 -13.44
N SER A 35 3.37 13.23 -13.21
CA SER A 35 4.17 13.44 -12.02
C SER A 35 5.04 14.70 -12.09
N SER A 36 5.29 15.30 -10.92
CA SER A 36 6.17 16.44 -10.82
C SER A 36 7.63 15.98 -10.69
N ARG A 37 7.86 14.67 -10.61
CA ARG A 37 9.19 14.11 -10.46
C ARG A 37 9.89 13.91 -11.80
N GLY A 38 9.27 14.36 -12.89
CA GLY A 38 9.86 14.31 -14.22
C GLY A 38 8.78 14.44 -15.28
N ASP A 39 9.18 14.76 -16.51
CA ASP A 39 8.23 14.84 -17.62
C ASP A 39 7.88 13.45 -18.11
N ASP A 40 8.83 12.51 -17.98
CA ASP A 40 8.64 11.12 -18.37
C ASP A 40 8.07 10.32 -17.20
N HIS A 41 7.28 10.95 -16.33
CA HIS A 41 6.71 10.26 -15.17
C HIS A 41 5.25 10.60 -14.98
N LEU A 42 4.49 9.60 -14.55
CA LEU A 42 3.08 9.71 -14.18
C LEU A 42 2.93 9.19 -12.75
N ALA A 43 1.73 9.32 -12.21
CA ALA A 43 1.43 8.80 -10.89
C ALA A 43 -0.06 8.48 -10.79
N ILE A 44 -0.39 7.37 -10.13
CA ILE A 44 -1.78 7.02 -9.88
C ILE A 44 -2.07 7.33 -8.42
N THR A 45 -3.05 8.21 -8.16
CA THR A 45 -3.46 8.52 -6.80
C THR A 45 -4.78 7.82 -6.57
N TRP A 46 -4.80 6.97 -5.53
CA TRP A 46 -5.91 6.06 -5.24
C TRP A 46 -6.37 6.21 -3.79
N LYS A 47 -7.67 6.43 -3.57
CA LYS A 47 -8.28 6.52 -2.25
C LYS A 47 -8.50 5.13 -1.71
N LEU A 48 -8.07 4.92 -0.44
CA LEU A 48 -8.12 3.64 0.24
C LEU A 48 -9.05 3.66 1.45
N ASP A 49 -9.43 4.85 1.92
CA ASP A 49 -10.26 5.02 3.10
C ASP A 49 -10.88 6.41 3.08
N LYS A 50 -11.82 6.67 4.01
CA LYS A 50 -12.52 7.94 4.10
C LYS A 50 -11.57 9.13 4.07
N ASP A 51 -10.35 8.95 4.60
CA ASP A 51 -9.32 9.98 4.60
C ASP A 51 -7.93 9.34 4.46
N LEU A 52 -7.72 8.60 3.36
CA LEU A 52 -6.44 7.97 3.08
C LEU A 52 -6.30 7.77 1.58
N PHE A 53 -5.07 7.82 1.08
CA PHE A 53 -4.79 7.75 -0.34
C PHE A 53 -3.37 7.23 -0.55
N GLN A 54 -3.12 6.65 -1.72
CA GLN A 54 -1.82 6.11 -2.07
C GLN A 54 -1.44 6.60 -3.46
N HIS A 55 -0.19 7.03 -3.62
CA HIS A 55 0.34 7.46 -4.91
C HIS A 55 1.25 6.36 -5.44
N VAL A 56 1.17 6.06 -6.73
CA VAL A 56 2.07 5.13 -7.37
C VAL A 56 2.66 5.80 -8.60
N ASP A 57 3.92 6.24 -8.49
CA ASP A 57 4.60 6.90 -9.60
C ASP A 57 5.07 5.88 -10.63
N ILE A 58 5.09 6.32 -11.89
CA ILE A 58 5.36 5.49 -13.05
C ILE A 58 6.33 6.21 -13.96
N GLN A 59 7.19 5.46 -14.66
CA GLN A 59 8.04 6.07 -15.67
C GLN A 59 7.53 5.74 -17.06
N GLU A 60 7.49 6.74 -17.94
CA GLU A 60 6.88 6.64 -19.25
C GLU A 60 7.94 6.89 -20.32
N LEU A 61 8.60 5.80 -20.73
CA LEU A 61 9.71 5.84 -21.67
C LEU A 61 9.28 5.60 -23.11
N GLU A 62 10.28 5.61 -24.01
CA GLU A 62 10.13 5.38 -25.42
C GLU A 62 9.15 6.36 -26.06
N LYS A 63 9.66 7.54 -26.45
CA LYS A 63 8.88 8.53 -27.17
C LYS A 63 9.81 9.50 -27.88
N GLU A 64 9.30 10.17 -28.92
CA GLU A 64 10.06 11.13 -29.70
C GLU A 64 10.31 12.42 -28.91
N ASN A 65 9.64 12.57 -27.76
CA ASN A 65 9.82 13.71 -26.87
C ASN A 65 9.61 13.24 -25.42
N PRO A 66 10.48 13.61 -24.47
CA PRO A 66 10.38 13.18 -23.09
C PRO A 66 9.07 13.56 -22.40
N LEU A 67 8.30 14.49 -22.98
CA LEU A 67 7.06 14.96 -22.41
C LEU A 67 5.86 14.23 -23.01
N ALA A 68 6.10 13.39 -24.01
CA ALA A 68 5.04 12.73 -24.73
C ALA A 68 4.65 11.39 -24.10
N LEU A 69 3.44 10.91 -24.44
CA LEU A 69 2.92 9.64 -23.96
C LEU A 69 3.77 8.52 -24.55
N GLY A 70 4.44 7.75 -23.67
CA GLY A 70 5.45 6.78 -24.04
C GLY A 70 4.85 5.45 -24.52
N LYS A 71 5.63 4.73 -25.32
CA LYS A 71 5.26 3.41 -25.81
C LYS A 71 5.44 2.36 -24.72
N VAL A 72 6.07 2.77 -23.60
CA VAL A 72 6.28 1.89 -22.46
C VAL A 72 5.98 2.62 -21.16
N LEU A 73 5.40 1.89 -20.20
CA LEU A 73 5.17 2.38 -18.85
C LEU A 73 5.85 1.41 -17.89
N VAL A 74 6.80 1.92 -17.08
CA VAL A 74 7.49 1.12 -16.09
C VAL A 74 7.04 1.52 -14.70
N VAL A 75 6.56 0.55 -13.92
CA VAL A 75 6.13 0.79 -12.56
C VAL A 75 6.63 -0.32 -11.66
N GLU A 76 7.20 0.05 -10.50
CA GLU A 76 7.88 -0.90 -9.62
C GLU A 76 8.84 -1.79 -10.38
N GLY A 77 9.37 -1.29 -11.51
CA GLY A 77 10.35 -2.00 -12.32
C GLY A 77 9.71 -2.94 -13.35
N GLN A 78 8.41 -2.78 -13.64
CA GLN A 78 7.72 -3.66 -14.57
C GLN A 78 7.16 -2.86 -15.75
N ARG A 79 7.57 -3.25 -16.97
CA ARG A 79 7.19 -2.56 -18.19
C ARG A 79 5.87 -3.08 -18.75
N TYR A 80 5.11 -2.17 -19.37
CA TYR A 80 3.84 -2.44 -20.02
C TYR A 80 3.69 -1.53 -21.24
N HIS A 81 2.74 -1.88 -22.12
CA HIS A 81 2.54 -1.21 -23.40
C HIS A 81 1.86 0.15 -23.26
N ASP A 82 1.11 0.38 -22.17
CA ASP A 82 0.37 1.61 -21.99
C ASP A 82 -0.13 1.69 -20.54
N LEU A 83 -0.64 2.85 -20.14
CA LEU A 83 -1.15 3.11 -18.80
C LEU A 83 -2.38 2.25 -18.53
N ASP A 84 -3.16 1.93 -19.56
CA ASP A 84 -4.36 1.12 -19.36
C ASP A 84 -4.00 -0.31 -19.00
N GLN A 85 -2.84 -0.80 -19.44
CA GLN A 85 -2.35 -2.10 -19.02
C GLN A 85 -1.90 -2.04 -17.57
N ILE A 86 -1.20 -0.97 -17.16
CA ILE A 86 -0.73 -0.93 -15.78
C ILE A 86 -1.87 -0.63 -14.84
N ILE A 87 -2.91 0.09 -15.27
CA ILE A 87 -4.04 0.30 -14.38
C ILE A 87 -4.81 -1.00 -14.22
N VAL A 88 -5.09 -1.75 -15.30
CA VAL A 88 -5.82 -2.99 -15.10
C VAL A 88 -4.95 -3.97 -14.32
N GLU A 89 -3.68 -4.13 -14.73
CA GLU A 89 -2.77 -5.02 -14.03
C GLU A 89 -2.56 -4.56 -12.59
N TYR A 90 -1.98 -3.38 -12.40
CA TYR A 90 -1.54 -2.97 -11.09
C TYR A 90 -2.73 -2.82 -10.14
N LEU A 91 -3.82 -2.17 -10.56
CA LEU A 91 -4.93 -1.96 -9.64
C LEU A 91 -5.68 -3.25 -9.39
N GLN A 92 -6.10 -3.98 -10.42
CA GLN A 92 -6.97 -5.12 -10.18
C GLN A 92 -6.23 -6.20 -9.40
N ASN A 93 -4.93 -6.40 -9.69
CA ASN A 93 -4.15 -7.37 -8.94
C ASN A 93 -3.91 -6.88 -7.51
N LYS A 94 -3.65 -5.57 -7.34
CA LYS A 94 -3.39 -5.02 -6.02
C LYS A 94 -4.67 -4.99 -5.18
N ILE A 95 -5.82 -4.75 -5.82
CA ILE A 95 -7.11 -4.78 -5.16
C ILE A 95 -7.50 -6.22 -4.83
N ARG A 96 -7.09 -7.18 -5.67
CA ARG A 96 -7.34 -8.59 -5.39
C ARG A 96 -6.55 -9.01 -4.16
N LEU A 97 -5.30 -8.55 -4.06
CA LEU A 97 -4.47 -8.82 -2.90
C LEU A 97 -5.05 -8.12 -1.67
N LEU A 98 -5.71 -6.97 -1.88
CA LEU A 98 -6.40 -6.28 -0.80
C LEU A 98 -7.64 -7.05 -0.37
N ASN A 99 -8.26 -7.81 -1.28
CA ASN A 99 -9.43 -8.60 -0.92
C ASN A 99 -9.01 -9.81 -0.10
N GLU A 100 -7.87 -10.41 -0.42
CA GLU A 100 -7.43 -11.58 0.34
C GLU A 100 -6.88 -11.17 1.70
N LEU A 101 -6.19 -10.02 1.81
CA LEU A 101 -5.72 -9.56 3.10
C LEU A 101 -6.89 -9.08 3.96
N THR A 102 -7.87 -8.37 3.39
CA THR A 102 -8.99 -7.90 4.19
C THR A 102 -9.86 -9.07 4.61
N SER A 103 -9.85 -10.14 3.81
CA SER A 103 -10.53 -11.39 4.12
C SER A 103 -9.74 -12.22 5.14
N ASN A 104 -8.51 -11.81 5.48
CA ASN A 104 -7.67 -12.54 6.41
C ASN A 104 -8.18 -12.38 7.84
N GLU A 105 -8.13 -13.45 8.63
CA GLU A 105 -8.65 -13.45 10.00
C GLU A 105 -7.80 -12.57 10.91
N LYS A 106 -6.58 -12.20 10.48
CA LYS A 106 -5.70 -11.34 11.26
C LYS A 106 -5.73 -9.90 10.74
N PHE A 107 -6.66 -9.56 9.84
CA PHE A 107 -6.80 -8.19 9.38
C PHE A 107 -7.76 -7.43 10.31
N LYS A 108 -7.34 -6.22 10.73
CA LYS A 108 -8.12 -5.36 11.61
C LYS A 108 -9.16 -4.55 10.82
N ALA A 109 -9.68 -3.49 11.42
CA ALA A 109 -10.76 -2.71 10.86
C ALA A 109 -10.35 -1.89 9.64
N GLY A 110 -11.26 -1.01 9.26
CA GLY A 110 -11.23 -0.29 7.98
C GLY A 110 -10.66 1.12 8.04
N THR A 111 -10.55 1.74 9.21
CA THR A 111 -9.94 3.07 9.32
C THR A 111 -9.22 3.20 10.65
N LYS A 112 -8.18 4.06 10.69
CA LYS A 112 -7.24 4.16 11.80
C LYS A 112 -7.91 4.07 13.17
N LYS A 113 -8.92 4.91 13.39
CA LYS A 113 -9.65 5.00 14.65
C LYS A 113 -10.36 3.72 14.98
N GLU A 114 -10.89 3.06 13.95
CA GLU A 114 -11.61 1.81 14.10
C GLU A 114 -10.66 0.66 14.42
N VAL A 115 -9.56 0.55 13.67
CA VAL A 115 -8.58 -0.51 13.91
C VAL A 115 -7.88 -0.31 15.26
N VAL A 116 -7.60 0.94 15.65
CA VAL A 116 -7.00 1.17 16.95
C VAL A 116 -8.00 0.86 18.07
N LYS A 117 -9.28 1.14 17.85
CA LYS A 117 -10.32 0.85 18.82
C LYS A 117 -10.64 -0.65 18.85
N PHE A 118 -10.46 -1.35 17.72
CA PHE A 118 -10.68 -2.78 17.69
C PHE A 118 -9.51 -3.53 18.32
N ILE A 119 -8.26 -3.10 18.11
CA ILE A 119 -7.14 -3.79 18.74
C ILE A 119 -7.11 -3.52 20.24
N GLU A 120 -7.47 -2.30 20.67
CA GLU A 120 -7.48 -1.99 22.09
C GLU A 120 -8.61 -2.77 22.75
N ASP A 121 -9.79 -2.83 22.11
CA ASP A 121 -10.89 -3.59 22.66
C ASP A 121 -10.51 -5.06 22.73
N TYR A 122 -9.97 -5.61 21.63
CA TYR A 122 -9.64 -7.02 21.63
C TYR A 122 -8.52 -7.29 22.63
N SER A 123 -7.71 -6.28 22.95
CA SER A 123 -6.63 -6.44 23.90
C SER A 123 -7.12 -6.35 25.33
N LYS A 124 -8.00 -5.38 25.63
CA LYS A 124 -8.49 -5.18 26.98
C LYS A 124 -9.51 -6.22 27.43
N VAL A 125 -10.25 -6.80 26.48
CA VAL A 125 -11.18 -7.86 26.75
C VAL A 125 -10.46 -9.21 26.93
N ASN A 126 -9.19 -9.24 26.52
CA ASN A 126 -8.32 -10.43 26.64
C ASN A 126 -6.94 -10.01 27.14
N PRO A 127 -6.85 -9.38 28.31
CA PRO A 127 -5.63 -8.74 28.78
C PRO A 127 -4.50 -9.73 29.05
N LYS A 128 -4.81 -11.01 29.24
CA LYS A 128 -3.79 -12.00 29.52
C LYS A 128 -3.32 -12.68 28.23
N LYS A 129 -3.95 -12.36 27.09
CA LYS A 129 -3.53 -12.87 25.79
C LYS A 129 -2.77 -11.83 24.98
N SER A 130 -2.02 -12.33 24.00
CA SER A 130 -1.32 -11.49 23.05
C SER A 130 -2.27 -11.12 21.91
N VAL A 131 -1.95 -10.03 21.21
CA VAL A 131 -2.77 -9.53 20.13
C VAL A 131 -1.89 -9.16 18.94
N TYR A 132 -2.29 -9.53 17.72
CA TYR A 132 -1.58 -9.04 16.56
C TYR A 132 -2.48 -9.05 15.32
N TYR A 133 -2.49 -7.93 14.59
CA TYR A 133 -3.30 -7.78 13.39
C TYR A 133 -2.66 -6.89 12.34
N PHE A 134 -3.11 -7.06 11.09
CA PHE A 134 -2.67 -6.33 9.91
C PHE A 134 -3.75 -5.31 9.54
N SER A 135 -3.36 -4.10 9.15
CA SER A 135 -4.32 -3.12 8.65
C SER A 135 -3.61 -2.10 7.78
N LEU A 136 -4.32 -1.17 7.14
CA LEU A 136 -3.69 -0.16 6.33
C LEU A 136 -2.92 0.80 7.25
N ASN A 137 -1.66 1.09 6.94
CA ASN A 137 -0.92 2.06 7.74
C ASN A 137 -1.31 3.46 7.28
N TYR A 138 -2.03 4.19 8.13
CA TYR A 138 -2.51 5.52 7.84
C TYR A 138 -1.38 6.51 7.55
N GLU A 139 -0.23 6.31 8.20
CA GLU A 139 0.92 7.17 8.03
C GLU A 139 1.81 6.72 6.86
N ASN A 140 1.51 5.56 6.26
CA ASN A 140 2.26 5.02 5.14
C ASN A 140 1.31 4.19 4.28
N PRO A 141 0.50 4.85 3.44
CA PRO A 141 -0.60 4.24 2.71
C PRO A 141 -0.18 3.20 1.68
N GLY A 142 1.13 3.05 1.44
CA GLY A 142 1.65 2.00 0.57
C GLY A 142 2.03 0.77 1.38
N TRP A 143 1.82 0.81 2.70
CA TRP A 143 2.24 -0.23 3.62
C TRP A 143 1.11 -0.61 4.57
N PHE A 144 1.12 -1.88 5.01
CA PHE A 144 0.16 -2.37 5.98
C PHE A 144 0.82 -2.51 7.33
N TYR A 145 0.13 -2.02 8.36
CA TYR A 145 0.67 -2.02 9.69
C TYR A 145 0.33 -3.33 10.38
N LEU A 146 1.32 -3.92 11.07
CA LEU A 146 1.11 -5.19 11.74
C LEU A 146 1.31 -4.97 13.24
N ILE A 147 0.25 -4.52 13.91
CA ILE A 147 0.28 -4.22 15.34
C ILE A 147 0.42 -5.52 16.11
N PHE A 148 1.16 -5.48 17.23
CA PHE A 148 1.42 -6.61 18.10
C PHE A 148 1.53 -6.16 19.55
N LYS A 149 0.90 -6.91 20.46
CA LYS A 149 0.93 -6.66 21.89
C LYS A 149 1.03 -7.99 22.62
N LEU A 150 1.70 -8.03 23.77
CA LEU A 150 1.81 -9.25 24.55
C LEU A 150 0.59 -9.40 25.45
N ASN A 151 0.01 -8.28 25.87
CA ASN A 151 -1.07 -8.22 26.85
C ASN A 151 -1.71 -6.83 26.79
N ALA A 152 -2.82 -6.64 27.51
CA ALA A 152 -3.37 -5.30 27.69
C ALA A 152 -2.37 -4.46 28.49
N GLU A 153 -1.54 -5.16 29.25
CA GLU A 153 -0.56 -4.60 30.15
C GLU A 153 0.78 -4.40 29.44
N SER A 154 0.76 -4.39 28.10
CA SER A 154 1.97 -4.30 27.30
C SER A 154 1.86 -3.24 26.21
N LYS A 155 3.01 -2.68 25.83
CA LYS A 155 3.11 -1.64 24.82
C LYS A 155 3.00 -2.23 23.43
N LEU A 156 2.67 -1.36 22.46
CA LEU A 156 2.38 -1.74 21.10
C LEU A 156 3.65 -1.80 20.24
N TYR A 157 3.85 -2.95 19.59
CA TYR A 157 4.86 -3.13 18.57
C TYR A 157 4.16 -3.19 17.21
N ILE A 158 4.70 -2.52 16.20
CA ILE A 158 4.10 -2.53 14.88
C ILE A 158 5.15 -2.85 13.80
N TRP A 159 4.81 -3.75 12.87
CA TRP A 159 5.62 -3.99 11.69
C TRP A 159 4.94 -3.39 10.47
N ASN A 160 5.62 -3.39 9.32
CA ASN A 160 5.05 -2.84 8.11
C ASN A 160 5.42 -3.67 6.88
N VAL A 161 4.45 -3.85 5.97
CA VAL A 161 4.67 -4.55 4.69
C VAL A 161 4.14 -3.71 3.54
N LYS A 162 4.95 -3.52 2.50
CA LYS A 162 4.57 -2.70 1.36
C LYS A 162 3.64 -3.49 0.46
N LEU A 163 2.54 -2.86 0.02
CA LEU A 163 1.62 -3.51 -0.89
C LEU A 163 2.05 -3.23 -2.32
N THR A 164 2.02 -4.27 -3.16
CA THR A 164 2.37 -4.17 -4.58
C THR A 164 1.44 -5.09 -5.35
N HIS A 165 1.24 -4.85 -6.65
CA HIS A 165 0.32 -5.68 -7.41
C HIS A 165 0.88 -7.09 -7.58
N THR A 166 2.19 -7.24 -7.34
CA THR A 166 2.87 -8.53 -7.43
C THR A 166 2.75 -9.30 -6.12
N GLY A 167 2.31 -8.64 -5.03
CA GLY A 167 2.23 -9.27 -3.73
C GLY A 167 2.45 -8.31 -2.56
N PHE A 168 3.10 -8.82 -1.50
CA PHE A 168 3.42 -8.06 -0.32
C PHE A 168 4.93 -8.07 -0.11
N PHE A 169 5.52 -6.88 0.10
CA PHE A 169 6.96 -6.79 0.22
C PHE A 169 7.40 -6.51 1.65
N LEU A 170 8.40 -7.27 2.11
CA LEU A 170 8.95 -7.15 3.44
C LEU A 170 10.45 -7.44 3.38
N VAL A 171 11.24 -6.61 4.05
CA VAL A 171 12.70 -6.67 4.06
C VAL A 171 13.26 -6.62 2.64
N ASN A 172 13.43 -7.77 1.98
CA ASN A 172 14.05 -7.85 0.66
C ASN A 172 13.25 -8.76 -0.28
N TYR A 173 12.05 -9.20 0.12
CA TYR A 173 11.32 -10.19 -0.67
C TYR A 173 9.84 -9.84 -0.81
N ASN A 174 9.27 -10.18 -1.97
CA ASN A 174 7.84 -10.03 -2.24
C ASN A 174 7.14 -11.37 -2.21
N TYR A 175 5.98 -11.40 -1.56
CA TYR A 175 5.17 -12.59 -1.41
C TYR A 175 3.85 -12.39 -2.14
N PRO A 176 3.58 -13.18 -3.18
CA PRO A 176 2.45 -13.02 -4.08
C PRO A 176 1.09 -13.24 -3.41
N THR A 177 1.06 -13.57 -2.12
CA THR A 177 -0.18 -13.71 -1.38
C THR A 177 0.07 -13.60 0.12
N VAL A 178 -0.97 -13.27 0.89
CA VAL A 178 -0.87 -13.10 2.33
C VAL A 178 -0.46 -14.41 3.00
N ILE A 179 -0.77 -15.55 2.38
CA ILE A 179 -0.37 -16.85 2.92
C ILE A 179 1.15 -16.98 2.80
N GLN A 180 1.70 -16.57 1.65
CA GLN A 180 3.13 -16.59 1.44
C GLN A 180 3.80 -15.53 2.30
N LEU A 181 3.09 -14.47 2.65
CA LEU A 181 3.62 -13.46 3.55
C LEU A 181 3.71 -14.04 4.96
N CYS A 182 2.79 -14.94 5.33
CA CYS A 182 2.88 -15.63 6.60
C CYS A 182 4.10 -16.56 6.59
N ASN A 183 4.34 -17.23 5.46
CA ASN A 183 5.54 -18.05 5.29
C ASN A 183 6.77 -17.15 5.29
N GLY A 184 6.61 -15.94 4.75
CA GLY A 184 7.65 -14.93 4.68
C GLY A 184 8.04 -14.46 6.07
N PHE A 185 7.03 -14.20 6.90
CA PHE A 185 7.23 -13.79 8.26
C PHE A 185 8.03 -14.86 9.01
N LYS A 186 7.63 -16.12 8.88
CA LYS A 186 8.25 -17.24 9.59
C LYS A 186 9.66 -17.53 9.12
N THR A 187 9.89 -17.48 7.80
CA THR A 187 11.24 -17.67 7.29
C THR A 187 12.13 -16.49 7.64
N LEU A 188 11.57 -15.29 7.77
CA LEU A 188 12.35 -14.10 8.08
C LEU A 188 12.86 -14.14 9.51
N LEU A 189 12.00 -14.48 10.48
CA LEU A 189 12.38 -14.54 11.88
C LEU A 189 13.28 -15.72 12.20
N LYS A 190 13.58 -16.53 11.19
CA LYS A 190 14.57 -17.58 11.34
C LYS A 190 15.80 -17.35 10.46
N SER A 191 15.63 -16.70 9.29
CA SER A 191 16.77 -16.37 8.44
C SER A 191 17.43 -15.10 8.97
N SER A 192 16.64 -14.09 9.35
CA SER A 192 17.16 -12.98 10.13
C SER A 192 17.28 -13.48 11.57
N ASN A 193 16.67 -14.65 11.81
CA ASN A 193 16.62 -15.30 13.10
C ASN A 193 16.12 -14.37 14.17
N THR A 194 15.11 -13.57 13.83
CA THR A 194 14.55 -12.64 14.79
C THR A 194 15.68 -11.69 15.22
N ARG A 195 16.44 -11.25 14.21
CA ARG A 195 17.68 -10.48 14.32
C ARG A 195 18.81 -11.27 14.97
N ASN A 196 18.48 -12.04 16.00
CA ASN A 196 19.40 -12.79 16.84
C ASN A 196 20.54 -13.46 16.06
N PRO B 1 -1.00 10.66 7.35
CA PRO B 1 -0.29 10.18 6.15
C PRO B 1 1.08 10.81 6.02
N SER B 2 2.04 10.04 5.49
CA SER B 2 3.42 10.48 5.29
C SER B 2 4.11 9.51 4.33
N PTR B 3 5.39 9.77 4.05
CA PTR B 3 6.22 8.91 3.23
C PTR B 3 7.43 8.47 4.06
O PTR B 3 8.57 8.89 3.78
CB PTR B 3 6.66 9.66 1.97
CG PTR B 3 5.57 10.16 1.04
CD1 PTR B 3 4.36 9.48 0.88
CD2 PTR B 3 5.79 11.34 0.31
CE1 PTR B 3 3.40 9.94 -0.03
CE2 PTR B 3 4.83 11.81 -0.60
CZ PTR B 3 3.63 11.10 -0.81
OH PTR B 3 2.73 11.45 -1.70
P PTR B 3 2.96 12.68 -2.72
O1P PTR B 3 4.24 12.48 -3.41
O2P PTR B 3 2.73 13.93 -1.95
O3P PTR B 3 1.81 12.60 -3.82
H PTR B 3 5.82 10.61 4.42
HA PTR B 3 5.66 8.02 2.94
HB2 PTR B 3 7.25 10.52 2.28
HB3 PTR B 3 7.31 9.01 1.39
HD1 PTR B 3 4.17 8.58 1.45
HD2 PTR B 3 6.71 11.89 0.45
HE1 PTR B 3 2.47 9.40 -0.16
HE2 PTR B 3 5.03 12.72 -1.15
HO3P PTR B 3 0.92 12.56 -3.43
N SER B 4 7.21 7.64 5.08
CA SER B 4 8.27 7.26 6.01
C SER B 4 8.04 5.86 6.60
N PRO B 5 8.07 4.80 5.77
CA PRO B 5 7.91 3.43 6.20
C PRO B 5 9.17 2.93 6.91
N THR B 6 9.00 1.97 7.82
CA THR B 6 10.09 1.31 8.53
C THR B 6 9.53 0.09 9.26
N SER B 7 10.33 -0.98 9.40
CA SER B 7 9.89 -2.16 10.14
C SER B 7 11.07 -3.02 10.56
N PRO B 8 11.08 -3.51 11.81
CA PRO B 8 12.01 -4.51 12.28
C PRO B 8 11.56 -5.88 11.79
N SER B 9 12.27 -6.95 12.19
CA SER B 9 11.91 -8.32 11.82
C SER B 9 10.76 -8.83 12.69
N PTR B 10 10.05 -9.85 12.17
CA PTR B 10 8.85 -10.42 12.77
C PTR B 10 9.20 -11.28 13.98
O PTR B 10 10.31 -11.81 14.07
CB PTR B 10 8.16 -11.19 11.66
CG PTR B 10 6.74 -11.68 11.89
CD1 PTR B 10 6.52 -12.88 12.56
CD2 PTR B 10 5.66 -10.94 11.40
CE1 PTR B 10 5.22 -13.41 12.65
CE2 PTR B 10 4.36 -11.45 11.49
CZ PTR B 10 4.13 -12.72 12.07
OH PTR B 10 2.90 -13.23 12.01
P PTR B 10 2.55 -14.78 12.31
O1P PTR B 10 1.13 -14.98 11.97
O2P PTR B 10 2.69 -15.02 13.89
O3P PTR B 10 3.57 -15.61 11.64
H PTR B 10 10.36 -10.24 11.30
HA PTR B 10 8.20 -9.61 13.08
HB2 PTR B 10 8.13 -10.55 10.77
HB3 PTR B 10 8.78 -12.06 11.41
HD1 PTR B 10 7.35 -13.40 13.00
HD2 PTR B 10 5.82 -9.97 10.94
HE1 PTR B 10 5.08 -14.36 13.15
HE2 PTR B 10 3.53 -10.89 11.11
HO2P PTR B 10 3.59 -14.89 14.21
N SER B 11 8.27 -11.44 14.94
CA SER B 11 8.53 -12.17 16.16
C SER B 11 8.22 -13.66 16.04
N PRO B 12 9.06 -14.52 16.62
CA PRO B 12 8.90 -15.98 16.64
C PRO B 12 7.83 -16.41 17.64
N THR B 13 7.16 -15.43 18.27
CA THR B 13 6.14 -15.68 19.29
C THR B 13 4.92 -16.38 18.71
N SER B 14 4.20 -17.10 19.58
CA SER B 14 2.99 -17.81 19.20
C SER B 14 1.87 -16.82 18.91
N PRO B 15 0.90 -17.20 18.06
CA PRO B 15 -0.25 -16.37 17.72
C PRO B 15 -1.14 -16.05 18.92
N SER B 16 -0.97 -16.80 20.02
CA SER B 16 -1.75 -16.63 21.23
C SER B 16 -1.05 -17.33 22.40
N HIS A 2 -1.40 23.11 -14.54
CA HIS A 2 -2.66 23.86 -14.40
C HIS A 2 -3.51 23.29 -13.27
N ARG A 3 -3.97 24.16 -12.36
CA ARG A 3 -4.80 23.76 -11.23
C ARG A 3 -6.21 23.32 -11.64
N VAL A 4 -6.52 23.34 -12.94
CA VAL A 4 -7.79 22.90 -13.48
C VAL A 4 -7.55 21.97 -14.66
N ILE A 5 -8.47 21.02 -14.89
CA ILE A 5 -8.36 20.04 -15.95
C ILE A 5 -9.76 19.68 -16.45
N ASN A 6 -9.85 19.20 -17.69
CA ASN A 6 -11.13 18.95 -18.34
C ASN A 6 -11.70 17.56 -18.09
N HIS A 7 -10.92 16.67 -17.47
CA HIS A 7 -11.34 15.29 -17.24
C HIS A 7 -12.58 15.22 -16.34
N PRO A 8 -13.49 14.27 -16.61
CA PRO A 8 -14.73 14.11 -15.87
C PRO A 8 -14.49 13.61 -14.45
N TYR A 9 -13.29 13.07 -14.18
CA TYR A 9 -12.92 12.64 -12.85
C TYR A 9 -12.29 13.78 -12.05
N TYR A 10 -12.08 14.94 -12.69
CA TYR A 10 -11.56 16.11 -12.01
C TYR A 10 -12.58 16.65 -11.01
N PHE A 11 -12.10 17.10 -9.86
CA PHE A 11 -12.91 17.79 -8.88
C PHE A 11 -12.04 18.86 -8.19
N PRO A 12 -12.47 20.12 -8.21
CA PRO A 12 -11.77 21.24 -7.59
C PRO A 12 -11.92 21.20 -6.06
N PHE A 13 -12.53 20.13 -5.54
CA PHE A 13 -12.78 19.96 -4.13
C PHE A 13 -11.48 19.91 -3.34
N ASN A 14 -11.59 20.30 -2.06
CA ASN A 14 -10.50 20.22 -1.10
C ASN A 14 -10.15 18.75 -0.86
N GLY A 15 -8.99 18.47 -0.28
CA GLY A 15 -8.58 17.09 -0.06
C GLY A 15 -9.58 16.34 0.82
N LYS A 16 -10.01 16.98 1.91
CA LYS A 16 -10.99 16.39 2.82
C LYS A 16 -12.38 16.34 2.17
N GLN A 17 -12.63 17.23 1.21
CA GLN A 17 -13.90 17.24 0.51
C GLN A 17 -13.92 16.14 -0.56
N ALA A 18 -12.78 15.90 -1.20
CA ALA A 18 -12.63 14.84 -2.18
C ALA A 18 -12.76 13.49 -1.50
N GLU A 19 -12.22 13.36 -0.27
CA GLU A 19 -12.33 12.09 0.45
C GLU A 19 -13.78 11.86 0.89
N ASP A 20 -14.43 12.82 1.55
CA ASP A 20 -15.82 12.64 1.94
C ASP A 20 -16.72 12.45 0.73
N TYR A 21 -16.30 12.92 -0.44
CA TYR A 21 -17.07 12.71 -1.67
C TYR A 21 -16.98 11.24 -2.09
N LEU A 22 -15.77 10.73 -2.28
CA LEU A 22 -15.57 9.36 -2.76
C LEU A 22 -16.03 8.34 -1.72
N ARG A 23 -16.06 8.70 -0.44
CA ARG A 23 -16.54 7.81 0.60
C ARG A 23 -17.99 7.42 0.30
N SER A 24 -18.71 8.28 -0.44
CA SER A 24 -20.09 8.05 -0.82
C SER A 24 -20.20 7.26 -2.13
N LYS A 25 -19.07 6.89 -2.74
CA LYS A 25 -19.06 6.10 -3.97
C LYS A 25 -19.02 4.60 -3.65
N GLU A 26 -17.87 3.94 -3.85
CA GLU A 26 -17.81 2.48 -3.76
C GLU A 26 -16.38 2.00 -3.43
N ARG A 27 -16.20 0.68 -3.30
CA ARG A 27 -14.95 0.11 -2.79
C ARG A 27 -13.73 0.45 -3.65
N GLY A 28 -13.92 0.81 -4.91
CA GLY A 28 -12.84 1.30 -5.74
C GLY A 28 -13.32 2.58 -6.44
N ASP A 29 -12.87 3.74 -5.97
CA ASP A 29 -13.28 5.01 -6.57
C ASP A 29 -12.09 5.94 -6.71
N PHE A 30 -12.17 6.97 -7.55
CA PHE A 30 -11.09 7.91 -7.76
C PHE A 30 -11.59 9.26 -8.27
N VAL A 31 -11.00 10.34 -7.74
CA VAL A 31 -11.25 11.70 -8.21
C VAL A 31 -9.90 12.43 -8.32
N ILE A 32 -9.79 13.33 -9.30
CA ILE A 32 -8.57 14.07 -9.52
C ILE A 32 -8.71 15.47 -8.94
N ARG A 33 -7.68 15.94 -8.23
CA ARG A 33 -7.72 17.19 -7.48
C ARG A 33 -6.34 17.83 -7.50
N GLN A 34 -6.27 19.17 -7.65
CA GLN A 34 -5.00 19.86 -7.66
C GLN A 34 -4.19 19.51 -6.41
N SER A 35 -2.91 19.20 -6.61
CA SER A 35 -2.03 18.74 -5.55
C SER A 35 -1.81 19.79 -4.47
N SER A 36 -2.13 21.06 -4.76
CA SER A 36 -1.87 22.22 -3.92
C SER A 36 -0.37 22.43 -3.66
N ARG A 37 0.46 21.42 -3.95
CA ARG A 37 1.90 21.50 -3.85
C ARG A 37 2.49 22.30 -5.01
N GLY A 38 1.63 22.65 -5.98
CA GLY A 38 2.00 23.46 -7.13
C GLY A 38 0.80 23.61 -8.07
N ASP A 39 0.91 24.51 -9.05
CA ASP A 39 -0.12 24.64 -10.08
C ASP A 39 0.13 23.62 -11.18
N ASP A 40 1.40 23.22 -11.34
CA ASP A 40 1.79 22.16 -12.27
C ASP A 40 1.71 20.80 -11.58
N HIS A 41 0.88 20.68 -10.53
CA HIS A 41 0.73 19.42 -9.82
C HIS A 41 -0.72 19.09 -9.53
N LEU A 42 -1.06 17.82 -9.76
CA LEU A 42 -2.40 17.28 -9.53
C LEU A 42 -2.26 16.07 -8.61
N ALA A 43 -3.38 15.60 -8.10
CA ALA A 43 -3.41 14.44 -7.23
C ALA A 43 -4.64 13.60 -7.49
N ILE A 44 -4.50 12.27 -7.36
CA ILE A 44 -5.63 11.37 -7.47
C ILE A 44 -6.00 10.91 -6.07
N THR A 45 -7.25 11.12 -5.67
CA THR A 45 -7.74 10.66 -4.39
C THR A 45 -8.67 9.49 -4.67
N TRP A 46 -8.28 8.29 -4.23
CA TRP A 46 -9.00 7.09 -4.59
C TRP A 46 -9.42 6.28 -3.37
N LYS A 47 -10.66 5.76 -3.41
CA LYS A 47 -11.30 5.04 -2.31
C LYS A 47 -10.97 3.57 -2.34
N LEU A 48 -10.65 3.03 -1.15
CA LEU A 48 -10.39 1.63 -0.91
C LEU A 48 -11.54 0.98 -0.14
N ASP A 49 -12.22 1.76 0.71
CA ASP A 49 -13.30 1.27 1.54
C ASP A 49 -14.16 2.45 2.02
N LYS A 50 -15.30 2.16 2.67
CA LYS A 50 -16.26 3.17 3.08
C LYS A 50 -15.67 4.22 4.01
N ASP A 51 -14.49 3.96 4.58
CA ASP A 51 -13.79 4.86 5.48
C ASP A 51 -12.29 4.81 5.21
N LEU A 52 -11.90 4.71 3.94
CA LEU A 52 -10.50 4.61 3.58
C LEU A 52 -10.24 5.07 2.14
N PHE A 53 -9.18 5.85 1.93
CA PHE A 53 -8.84 6.44 0.65
C PHE A 53 -7.35 6.79 0.63
N GLN A 54 -6.77 6.91 -0.56
CA GLN A 54 -5.37 7.23 -0.74
C GLN A 54 -5.23 8.38 -1.74
N HIS A 55 -4.32 9.32 -1.43
CA HIS A 55 -4.00 10.43 -2.31
C HIS A 55 -2.65 10.16 -2.97
N VAL A 56 -2.53 10.50 -4.25
CA VAL A 56 -1.29 10.30 -5.01
C VAL A 56 -0.95 11.55 -5.82
N ASP A 57 0.26 12.08 -5.62
CA ASP A 57 0.72 13.31 -6.25
C ASP A 57 1.20 13.08 -7.69
N ILE A 58 0.98 14.07 -8.56
CA ILE A 58 1.31 14.04 -9.98
C ILE A 58 1.93 15.37 -10.38
N GLN A 59 2.85 15.36 -11.35
CA GLN A 59 3.39 16.59 -11.89
C GLN A 59 3.08 16.74 -13.38
N GLU A 60 2.67 17.93 -13.78
CA GLU A 60 2.34 18.25 -15.15
C GLU A 60 3.57 18.81 -15.86
N LEU A 61 4.39 17.89 -16.38
CA LEU A 61 5.64 18.21 -17.05
C LEU A 61 5.41 18.70 -18.48
N GLU A 62 6.46 19.24 -19.10
CA GLU A 62 6.45 19.70 -20.48
C GLU A 62 5.52 20.88 -20.76
N LYS A 63 5.63 21.95 -19.97
CA LYS A 63 4.96 23.21 -20.26
C LYS A 63 5.88 24.38 -19.95
N GLU A 64 5.64 25.49 -20.65
CA GLU A 64 6.45 26.70 -20.55
C GLU A 64 6.10 27.48 -19.30
N ASN A 65 4.96 27.17 -18.69
CA ASN A 65 4.48 27.78 -17.46
C ASN A 65 3.67 26.75 -16.68
N PRO A 66 3.80 26.71 -15.34
CA PRO A 66 3.11 25.76 -14.50
C PRO A 66 1.60 26.04 -14.49
N LEU A 67 1.21 27.24 -14.93
CA LEU A 67 -0.19 27.60 -15.05
C LEU A 67 -0.83 26.82 -16.19
N ALA A 68 -0.01 26.29 -17.10
CA ALA A 68 -0.51 25.55 -18.24
C ALA A 68 -0.61 24.06 -17.92
N LEU A 69 -1.42 23.32 -18.68
CA LEU A 69 -1.57 21.88 -18.49
C LEU A 69 -0.44 21.18 -19.22
N GLY A 70 0.35 20.39 -18.49
CA GLY A 70 1.54 19.72 -19.02
C GLY A 70 1.22 18.83 -20.22
N LYS A 71 2.14 18.80 -21.20
CA LYS A 71 2.02 17.92 -22.33
C LYS A 71 2.19 16.46 -21.90
N VAL A 72 2.64 16.28 -20.66
CA VAL A 72 2.82 14.97 -20.04
C VAL A 72 2.49 15.06 -18.56
N LEU A 73 2.24 13.88 -17.96
CA LEU A 73 1.98 13.74 -16.54
C LEU A 73 3.03 12.80 -15.98
N VAL A 74 3.74 13.24 -14.94
CA VAL A 74 4.72 12.42 -14.24
C VAL A 74 4.11 11.99 -12.92
N VAL A 75 4.08 10.67 -12.67
CA VAL A 75 3.54 10.15 -11.44
C VAL A 75 4.48 9.07 -10.91
N GLU A 76 4.79 9.13 -9.62
CA GLU A 76 5.77 8.23 -9.00
C GLU A 76 7.06 8.20 -9.81
N GLY A 77 7.35 9.27 -10.55
CA GLY A 77 8.57 9.40 -11.35
C GLY A 77 8.43 8.84 -12.76
N GLN A 78 7.20 8.61 -13.25
CA GLN A 78 6.98 8.01 -14.56
C GLN A 78 6.07 8.90 -15.41
N ARG A 79 6.53 9.25 -16.61
CA ARG A 79 5.79 10.12 -17.51
C ARG A 79 4.72 9.36 -18.28
N TYR A 80 3.69 10.10 -18.70
CA TYR A 80 2.57 9.63 -19.49
C TYR A 80 1.93 10.78 -20.25
N HIS A 81 1.21 10.45 -21.32
CA HIS A 81 0.62 11.40 -22.24
C HIS A 81 -0.59 12.14 -21.66
N ASP A 82 -1.29 11.57 -20.67
CA ASP A 82 -2.48 12.18 -20.11
C ASP A 82 -2.85 11.56 -18.78
N LEU A 83 -3.68 12.25 -18.01
CA LEU A 83 -4.15 11.82 -16.71
C LEU A 83 -4.97 10.54 -16.87
N ASP A 84 -5.64 10.38 -18.01
CA ASP A 84 -6.41 9.17 -18.28
C ASP A 84 -5.48 7.98 -18.51
N GLN A 85 -4.24 8.22 -18.96
CA GLN A 85 -3.29 7.13 -19.12
C GLN A 85 -2.74 6.74 -17.75
N ILE A 86 -2.47 7.72 -16.88
CA ILE A 86 -1.92 7.38 -15.58
C ILE A 86 -3.01 6.75 -14.72
N ILE A 87 -4.27 7.17 -14.88
CA ILE A 87 -5.33 6.57 -14.07
C ILE A 87 -5.55 5.13 -14.53
N VAL A 88 -5.60 4.85 -15.84
CA VAL A 88 -5.81 3.46 -16.24
C VAL A 88 -4.57 2.63 -15.90
N GLU A 89 -3.38 3.13 -16.25
CA GLU A 89 -2.15 2.41 -15.97
C GLU A 89 -1.96 2.21 -14.48
N TYR A 90 -1.92 3.31 -13.70
CA TYR A 90 -1.57 3.21 -12.31
C TYR A 90 -2.70 2.65 -11.45
N LEU A 91 -3.99 2.91 -11.77
CA LEU A 91 -5.04 2.29 -10.96
C LEU A 91 -5.17 0.82 -11.28
N GLN A 92 -5.23 0.45 -12.56
CA GLN A 92 -5.49 -0.96 -12.88
C GLN A 92 -4.33 -1.82 -12.40
N ASN A 93 -3.10 -1.33 -12.49
CA ASN A 93 -1.95 -2.05 -11.96
C ASN A 93 -1.94 -2.05 -10.42
N LYS A 94 -2.35 -0.96 -9.78
CA LYS A 94 -2.40 -0.92 -8.33
C LYS A 94 -3.54 -1.79 -7.81
N ILE A 95 -4.67 -1.81 -8.52
CA ILE A 95 -5.82 -2.63 -8.15
C ILE A 95 -5.50 -4.10 -8.43
N ARG A 96 -4.67 -4.38 -9.44
CA ARG A 96 -4.19 -5.73 -9.69
C ARG A 96 -3.40 -6.18 -8.46
N LEU A 97 -2.45 -5.33 -8.02
CA LEU A 97 -1.62 -5.61 -6.87
C LEU A 97 -2.49 -5.81 -5.64
N LEU A 98 -3.60 -5.07 -5.56
CA LEU A 98 -4.53 -5.19 -4.45
C LEU A 98 -5.23 -6.54 -4.45
N ASN A 99 -5.52 -7.10 -5.63
CA ASN A 99 -6.13 -8.43 -5.70
C ASN A 99 -5.12 -9.52 -5.34
N GLU A 100 -3.87 -9.35 -5.76
CA GLU A 100 -2.87 -10.37 -5.45
C GLU A 100 -2.41 -10.27 -4.00
N LEU A 101 -2.34 -9.06 -3.43
CA LEU A 101 -1.99 -8.94 -2.02
C LEU A 101 -3.12 -9.45 -1.15
N THR A 102 -4.38 -9.18 -1.49
CA THR A 102 -5.48 -9.67 -0.68
C THR A 102 -5.59 -11.18 -0.84
N SER A 103 -5.15 -11.68 -1.99
CA SER A 103 -5.07 -13.10 -2.27
C SER A 103 -3.84 -13.75 -1.62
N ASN A 104 -2.96 -12.95 -1.00
CA ASN A 104 -1.72 -13.45 -0.41
C ASN A 104 -1.99 -14.15 0.92
N GLU A 105 -1.23 -15.20 1.21
CA GLU A 105 -1.39 -15.99 2.42
C GLU A 105 -1.04 -15.17 3.67
N LYS A 106 -0.22 -14.13 3.51
CA LYS A 106 0.16 -13.26 4.62
C LYS A 106 -0.83 -12.11 4.80
N PHE A 107 -1.88 -11.99 3.99
CA PHE A 107 -2.79 -10.87 4.16
C PHE A 107 -3.85 -11.17 5.23
N LYS A 108 -4.00 -10.22 6.16
CA LYS A 108 -4.93 -10.29 7.27
C LYS A 108 -6.30 -9.73 6.88
N ALA A 109 -7.23 -9.74 7.85
CA ALA A 109 -8.64 -9.43 7.65
C ALA A 109 -8.91 -8.20 6.78
N GLY A 110 -8.89 -7.00 7.35
CA GLY A 110 -9.16 -5.79 6.57
C GLY A 110 -9.33 -4.52 7.39
N THR A 111 -9.54 -4.63 8.72
CA THR A 111 -9.58 -3.45 9.56
C THR A 111 -8.94 -3.74 10.91
N LYS A 112 -8.50 -2.69 11.60
CA LYS A 112 -7.67 -2.78 12.80
C LYS A 112 -8.14 -3.84 13.79
N LYS A 113 -9.41 -3.74 14.18
CA LYS A 113 -10.01 -4.64 15.17
C LYS A 113 -10.03 -6.08 14.65
N GLU A 114 -10.26 -6.23 13.35
CA GLU A 114 -10.31 -7.53 12.72
C GLU A 114 -8.92 -8.16 12.59
N VAL A 115 -7.97 -7.41 12.05
CA VAL A 115 -6.61 -7.92 11.87
C VAL A 115 -5.95 -8.11 13.22
N VAL A 116 -6.27 -7.29 14.22
CA VAL A 116 -5.69 -7.46 15.56
C VAL A 116 -6.29 -8.69 16.25
N LYS A 117 -7.59 -8.94 16.03
CA LYS A 117 -8.26 -10.13 16.57
C LYS A 117 -7.77 -11.38 15.86
N PHE A 118 -7.44 -11.29 14.57
CA PHE A 118 -6.98 -12.44 13.83
C PHE A 118 -5.51 -12.74 14.16
N ILE A 119 -4.67 -11.71 14.28
CA ILE A 119 -3.26 -11.95 14.61
C ILE A 119 -3.12 -12.41 16.05
N GLU A 120 -3.94 -11.88 16.98
CA GLU A 120 -3.85 -12.31 18.36
C GLU A 120 -4.34 -13.74 18.45
N ASP A 121 -5.46 -14.06 17.79
CA ASP A 121 -6.01 -15.41 17.80
C ASP A 121 -5.03 -16.36 17.17
N TYR A 122 -4.42 -15.98 16.04
CA TYR A 122 -3.48 -16.87 15.38
C TYR A 122 -2.20 -17.01 16.22
N SER A 123 -1.89 -16.01 17.05
CA SER A 123 -0.70 -16.09 17.86
C SER A 123 -0.94 -16.94 19.11
N LYS A 124 -2.10 -16.78 19.74
CA LYS A 124 -2.41 -17.49 20.97
C LYS A 124 -2.73 -18.96 20.76
N VAL A 125 -3.29 -19.31 19.60
CA VAL A 125 -3.56 -20.69 19.23
C VAL A 125 -2.27 -21.39 18.81
N ASN A 126 -1.21 -20.61 18.56
CA ASN A 126 0.10 -21.11 18.14
C ASN A 126 1.20 -20.40 18.92
N PRO A 127 1.21 -20.51 20.25
CA PRO A 127 2.06 -19.71 21.12
C PRO A 127 3.55 -20.00 20.96
N LYS A 128 3.92 -21.11 20.33
CA LYS A 128 5.34 -21.40 20.12
C LYS A 128 5.80 -20.85 18.77
N LYS A 129 4.85 -20.56 17.87
CA LYS A 129 5.15 -20.09 16.53
C LYS A 129 5.19 -18.58 16.43
N SER A 130 5.91 -18.13 15.41
CA SER A 130 6.02 -16.74 15.01
C SER A 130 4.80 -16.36 14.17
N VAL A 131 4.52 -15.06 14.09
CA VAL A 131 3.39 -14.54 13.34
C VAL A 131 3.82 -13.34 12.53
N TYR A 132 3.38 -13.27 11.26
CA TYR A 132 3.66 -12.11 10.42
C TYR A 132 2.60 -11.99 9.33
N TYR A 133 1.92 -10.84 9.27
CA TYR A 133 0.89 -10.59 8.28
C TYR A 133 0.85 -9.15 7.81
N PHE A 134 0.18 -8.95 6.66
CA PHE A 134 0.04 -7.67 5.99
C PHE A 134 -1.44 -7.30 5.91
N SER A 135 -1.78 -6.02 6.11
CA SER A 135 -3.15 -5.57 5.90
C SER A 135 -3.22 -4.09 5.56
N LEU A 136 -4.25 -3.64 4.85
CA LEU A 136 -4.35 -2.24 4.47
C LEU A 136 -4.46 -1.36 5.72
N ASN A 137 -3.64 -0.30 5.78
CA ASN A 137 -3.61 0.58 6.93
C ASN A 137 -4.58 1.74 6.75
N TYR A 138 -4.92 2.42 7.85
CA TYR A 138 -5.85 3.55 7.83
C TYR A 138 -5.12 4.84 8.24
N GLU A 139 -4.08 4.72 9.06
CA GLU A 139 -3.23 5.86 9.41
C GLU A 139 -2.28 6.16 8.25
N ASN A 140 -2.21 5.28 7.25
CA ASN A 140 -1.35 5.43 6.10
C ASN A 140 -1.93 4.61 4.94
N PRO A 141 -3.07 5.06 4.37
CA PRO A 141 -3.86 4.30 3.42
C PRO A 141 -3.12 3.83 2.16
N GLY A 142 -2.09 4.55 1.72
CA GLY A 142 -1.30 4.16 0.56
C GLY A 142 -0.28 3.09 0.92
N TRP A 143 -0.32 2.61 2.16
CA TRP A 143 0.61 1.64 2.69
C TRP A 143 -0.15 0.55 3.44
N PHE A 144 0.44 -0.65 3.48
CA PHE A 144 -0.15 -1.77 4.20
C PHE A 144 0.66 -2.06 5.45
N TYR A 145 -0.03 -2.34 6.56
CA TYR A 145 0.64 -2.60 7.81
C TYR A 145 1.31 -3.97 7.78
N LEU A 146 2.42 -4.12 8.51
CA LEU A 146 3.19 -5.35 8.52
C LEU A 146 3.41 -5.76 9.97
N ILE A 147 2.45 -6.49 10.53
CA ILE A 147 2.51 -6.96 11.91
C ILE A 147 3.41 -8.19 12.06
N PHE A 148 4.21 -8.23 13.14
CA PHE A 148 5.06 -9.35 13.49
C PHE A 148 5.01 -9.65 14.99
N LYS A 149 4.98 -10.94 15.35
CA LYS A 149 5.12 -11.43 16.71
C LYS A 149 5.95 -12.71 16.68
N LEU A 150 6.74 -12.99 17.73
CA LEU A 150 7.54 -14.21 17.73
C LEU A 150 6.79 -15.37 18.38
N ASN A 151 5.80 -15.05 19.22
CA ASN A 151 5.02 -16.01 19.99
C ASN A 151 3.72 -15.35 20.45
N ALA A 152 2.89 -16.06 21.21
CA ALA A 152 1.65 -15.51 21.73
C ALA A 152 1.93 -14.36 22.69
N GLU A 153 2.75 -14.62 23.72
CA GLU A 153 3.06 -13.64 24.76
C GLU A 153 4.20 -12.71 24.34
N SER A 154 4.75 -12.89 23.14
CA SER A 154 5.83 -12.06 22.65
C SER A 154 5.34 -10.65 22.32
N LYS A 155 6.28 -9.71 22.21
CA LYS A 155 6.01 -8.35 21.81
C LYS A 155 5.44 -8.34 20.40
N LEU A 156 5.09 -7.15 19.91
CA LEU A 156 4.52 -7.00 18.59
C LEU A 156 5.13 -5.79 17.89
N TYR A 157 5.48 -5.99 16.62
CA TYR A 157 6.09 -4.96 15.79
C TYR A 157 5.30 -4.78 14.51
N ILE A 158 5.05 -3.53 14.11
CA ILE A 158 4.35 -3.24 12.88
C ILE A 158 5.16 -2.27 12.01
N TRP A 159 5.12 -2.47 10.69
CA TRP A 159 5.74 -1.57 9.73
C TRP A 159 4.81 -1.37 8.54
N ASN A 160 5.33 -0.82 7.43
CA ASN A 160 4.53 -0.51 6.25
C ASN A 160 5.17 -1.01 4.95
N VAL A 161 4.31 -1.22 3.94
CA VAL A 161 4.71 -1.47 2.56
C VAL A 161 3.85 -0.59 1.67
N LYS A 162 4.47 0.24 0.82
CA LYS A 162 3.77 1.23 0.03
C LYS A 162 3.21 0.61 -1.25
N LEU A 163 1.96 0.95 -1.57
CA LEU A 163 1.36 0.56 -2.84
C LEU A 163 1.87 1.47 -3.96
N THR A 164 2.11 0.89 -5.13
CA THR A 164 2.48 1.60 -6.33
C THR A 164 2.02 0.77 -7.52
N HIS A 165 1.85 1.39 -8.68
CA HIS A 165 1.47 0.63 -9.85
C HIS A 165 2.66 -0.21 -10.33
N THR A 166 3.85 0.12 -9.82
CA THR A 166 5.05 -0.64 -10.10
C THR A 166 5.14 -1.85 -9.17
N GLY A 167 4.17 -1.99 -8.24
CA GLY A 167 4.13 -3.11 -7.34
C GLY A 167 3.96 -2.70 -5.88
N PHE A 168 4.66 -3.39 -4.99
CA PHE A 168 4.69 -3.10 -3.57
C PHE A 168 6.09 -2.62 -3.21
N PHE A 169 6.21 -1.49 -2.50
CA PHE A 169 7.51 -0.94 -2.16
C PHE A 169 7.83 -1.15 -0.69
N LEU A 170 8.97 -1.81 -0.43
CA LEU A 170 9.40 -2.18 0.90
C LEU A 170 10.89 -1.91 1.06
N VAL A 171 11.28 -1.36 2.22
CA VAL A 171 12.62 -0.91 2.55
C VAL A 171 13.14 0.15 1.57
N ASN A 172 13.44 -0.24 0.32
CA ASN A 172 13.96 0.69 -0.68
C ASN A 172 13.69 0.16 -2.10
N TYR A 173 12.89 -0.90 -2.24
CA TYR A 173 12.69 -1.54 -3.54
C TYR A 173 11.22 -1.86 -3.80
N ASN A 174 10.82 -1.83 -5.07
CA ASN A 174 9.46 -2.12 -5.50
C ASN A 174 9.38 -3.51 -6.12
N TYR A 175 8.31 -4.24 -5.78
CA TYR A 175 8.10 -5.59 -6.24
C TYR A 175 6.79 -5.67 -7.03
N PRO A 176 6.87 -5.90 -8.35
CA PRO A 176 5.75 -5.79 -9.28
C PRO A 176 4.64 -6.81 -9.02
N THR A 177 4.90 -7.76 -8.11
CA THR A 177 3.93 -8.73 -7.67
C THR A 177 4.26 -9.11 -6.23
N VAL A 178 3.25 -9.51 -5.45
CA VAL A 178 3.44 -9.84 -4.05
C VAL A 178 4.27 -11.11 -3.90
N ILE A 179 4.40 -11.90 -4.97
CA ILE A 179 5.26 -13.07 -4.96
C ILE A 179 6.71 -12.58 -4.94
N GLN A 180 7.01 -11.53 -5.72
CA GLN A 180 8.33 -10.93 -5.75
C GLN A 180 8.61 -10.19 -4.46
N LEU A 181 7.57 -9.66 -3.80
CA LEU A 181 7.71 -9.03 -2.51
C LEU A 181 8.18 -10.07 -1.51
N CYS A 182 7.61 -11.27 -1.54
CA CYS A 182 8.05 -12.34 -0.67
C CYS A 182 9.49 -12.75 -1.00
N ASN A 183 9.84 -12.84 -2.28
CA ASN A 183 11.19 -13.21 -2.68
C ASN A 183 12.19 -12.16 -2.21
N GLY A 184 11.79 -10.88 -2.27
CA GLY A 184 12.64 -9.78 -1.86
C GLY A 184 12.82 -9.76 -0.35
N PHE A 185 11.77 -10.12 0.39
CA PHE A 185 11.84 -10.11 1.84
C PHE A 185 12.76 -11.22 2.32
N LYS A 186 12.68 -12.40 1.68
CA LYS A 186 13.50 -13.56 2.01
C LYS A 186 14.95 -13.33 1.63
N THR A 187 15.20 -12.74 0.46
CA THR A 187 16.58 -12.43 0.09
C THR A 187 17.15 -11.31 0.95
N LEU A 188 16.28 -10.44 1.49
CA LEU A 188 16.73 -9.34 2.34
C LEU A 188 17.22 -9.89 3.67
N LEU A 189 16.49 -10.83 4.29
CA LEU A 189 16.94 -11.41 5.55
C LEU A 189 18.19 -12.25 5.36
N LYS A 190 18.50 -12.64 4.12
CA LYS A 190 19.73 -13.36 3.82
C LYS A 190 20.85 -12.37 3.53
N SER A 191 20.52 -11.20 2.97
CA SER A 191 21.50 -10.16 2.75
C SER A 191 21.93 -9.56 4.08
N SER A 192 20.97 -9.34 4.99
CA SER A 192 21.26 -8.84 6.32
C SER A 192 21.98 -9.90 7.14
N ASN A 193 21.77 -11.19 6.83
CA ASN A 193 22.46 -12.28 7.49
C ASN A 193 23.84 -12.46 6.89
N THR A 194 24.05 -12.02 5.64
CA THR A 194 25.35 -12.08 5.01
C THR A 194 26.22 -10.95 5.54
N ARG A 195 25.60 -9.82 5.88
CA ARG A 195 26.29 -8.68 6.48
C ARG A 195 26.46 -8.90 7.99
N ASN A 196 25.44 -9.49 8.63
CA ASN A 196 25.38 -9.86 10.03
C ASN A 196 25.90 -8.75 10.96
N PRO B 1 0.71 8.44 7.56
CA PRO B 1 0.85 9.82 8.07
C PRO B 1 1.33 10.78 6.99
N SER B 2 2.33 10.36 6.19
CA SER B 2 2.90 11.18 5.14
C SER B 2 3.41 10.30 4.01
N PTR B 3 3.88 10.90 2.92
CA PTR B 3 4.36 10.18 1.76
C PTR B 3 5.74 9.54 2.03
O PTR B 3 6.73 9.94 1.45
CB PTR B 3 4.43 11.13 0.56
CG PTR B 3 3.11 11.68 0.06
CD1 PTR B 3 2.59 12.87 0.58
CD2 PTR B 3 2.40 11.01 -0.94
CE1 PTR B 3 1.39 13.42 0.08
CE2 PTR B 3 1.21 11.53 -1.46
CZ PTR B 3 0.70 12.75 -0.96
OH PTR B 3 -0.42 13.24 -1.51
P PTR B 3 -1.10 14.62 -1.06
O1P PTR B 3 -2.38 14.75 -1.81
O2P PTR B 3 -0.09 15.68 -1.17
O3P PTR B 3 -1.51 14.48 0.49
H PTR B 3 3.92 11.91 2.90
HA PTR B 3 3.65 9.39 1.52
HB2 PTR B 3 5.07 11.97 0.83
HB3 PTR B 3 4.90 10.61 -0.27
HD1 PTR B 3 3.12 13.39 1.37
HD2 PTR B 3 2.78 10.06 -1.32
HE1 PTR B 3 1.02 14.33 0.49
HE2 PTR B 3 0.68 11.00 -2.23
HO3P PTR B 3 -2.07 13.72 0.65
N SER B 4 5.79 8.54 2.91
CA SER B 4 7.03 7.81 3.17
C SER B 4 6.75 6.42 3.77
N PRO B 5 7.38 5.37 3.25
CA PRO B 5 7.31 4.02 3.77
C PRO B 5 8.32 3.79 4.90
N THR B 6 8.24 2.62 5.53
CA THR B 6 9.21 2.15 6.52
C THR B 6 9.02 0.64 6.67
N SER B 7 10.11 -0.13 6.73
CA SER B 7 10.01 -1.59 6.78
C SER B 7 11.24 -2.22 7.44
N PRO B 8 11.08 -3.39 8.07
CA PRO B 8 12.17 -4.13 8.70
C PRO B 8 12.83 -5.07 7.71
N SER B 9 13.92 -5.72 8.14
CA SER B 9 14.65 -6.69 7.33
C SER B 9 14.02 -8.08 7.46
N PTR B 10 12.70 -8.16 7.60
CA PTR B 10 12.00 -9.42 7.86
C PTR B 10 12.63 -10.14 9.06
O PTR B 10 13.26 -9.49 9.91
CB PTR B 10 12.01 -10.26 6.56
CG PTR B 10 10.99 -11.37 6.43
CD1 PTR B 10 10.01 -11.62 7.41
CD2 PTR B 10 11.03 -12.16 5.28
CE1 PTR B 10 9.08 -12.66 7.21
CE2 PTR B 10 10.11 -13.18 5.07
CZ PTR B 10 9.11 -13.45 6.04
OH PTR B 10 8.21 -14.41 5.88
P PTR B 10 8.16 -15.35 4.57
O1P PTR B 10 7.76 -14.53 3.42
O2P PTR B 10 7.00 -16.43 4.78
O3P PTR B 10 9.43 -16.12 4.50
H PTR B 10 12.14 -7.32 7.54
HA PTR B 10 10.96 -9.18 8.10
HB2 PTR B 10 11.86 -9.57 5.74
HB3 PTR B 10 13.01 -10.68 6.44
HD1 PTR B 10 9.96 -11.03 8.31
HD2 PTR B 10 11.79 -11.97 4.54
HE1 PTR B 10 8.32 -12.85 7.96
HE2 PTR B 10 10.16 -13.77 4.17
HO2P PTR B 10 7.06 -16.88 5.64
N SER B 11 12.48 -11.46 9.17
CA SER B 11 13.06 -12.19 10.27
C SER B 11 13.44 -13.61 9.85
N PRO B 12 14.73 -13.97 9.91
CA PRO B 12 15.20 -15.30 9.56
C PRO B 12 14.81 -16.30 10.65
N THR B 13 14.41 -15.80 11.83
CA THR B 13 13.96 -16.63 12.94
C THR B 13 12.46 -16.86 12.87
N SER B 14 11.79 -16.37 11.81
CA SER B 14 10.34 -16.51 11.66
C SER B 14 9.87 -17.96 11.51
N PRO B 15 10.69 -18.94 11.07
CA PRO B 15 10.30 -20.34 11.09
C PRO B 15 10.03 -20.87 12.51
N SER B 16 10.48 -20.13 13.54
CA SER B 16 10.31 -20.52 14.93
C SER B 16 8.84 -20.56 15.31
N HIS A 2 1.41 20.99 -15.46
CA HIS A 2 1.91 22.15 -14.70
C HIS A 2 2.65 21.68 -13.45
N ARG A 3 3.10 22.61 -12.62
CA ARG A 3 3.75 22.32 -11.35
C ARG A 3 3.07 23.00 -10.17
N VAL A 4 1.87 23.56 -10.43
CA VAL A 4 1.05 24.20 -9.42
C VAL A 4 -0.41 23.88 -9.72
N ILE A 5 -1.27 23.95 -8.70
CA ILE A 5 -2.67 23.62 -8.82
C ILE A 5 -3.47 24.52 -7.88
N ASN A 6 -4.73 24.78 -8.22
CA ASN A 6 -5.60 25.62 -7.40
C ASN A 6 -6.09 24.88 -6.16
N HIS A 7 -5.78 23.60 -6.05
CA HIS A 7 -6.24 22.76 -4.96
C HIS A 7 -5.67 23.21 -3.62
N PRO A 8 -6.51 23.40 -2.60
CA PRO A 8 -6.08 23.81 -1.27
C PRO A 8 -5.08 22.83 -0.63
N TYR A 9 -5.02 21.59 -1.13
CA TYR A 9 -4.11 20.58 -0.61
C TYR A 9 -2.80 20.55 -1.39
N TYR A 10 -2.58 21.54 -2.27
CA TYR A 10 -1.34 21.64 -3.00
C TYR A 10 -0.17 21.94 -2.05
N PHE A 11 0.98 21.33 -2.32
CA PHE A 11 2.23 21.65 -1.64
C PHE A 11 3.38 21.44 -2.62
N PRO A 12 4.27 22.43 -2.78
CA PRO A 12 5.42 22.36 -3.68
C PRO A 12 6.51 21.48 -3.09
N PHE A 13 6.21 20.78 -2.00
CA PHE A 13 7.18 19.97 -1.27
C PHE A 13 7.65 18.77 -2.09
N ASN A 14 8.88 18.35 -1.81
CA ASN A 14 9.46 17.14 -2.36
C ASN A 14 8.76 15.94 -1.71
N GLY A 15 8.92 14.74 -2.26
CA GLY A 15 8.20 13.58 -1.76
C GLY A 15 8.47 13.32 -0.28
N LYS A 16 9.73 13.51 0.16
CA LYS A 16 10.07 13.30 1.55
C LYS A 16 9.51 14.40 2.44
N GLN A 17 9.43 15.63 1.93
CA GLN A 17 8.88 16.73 2.71
C GLN A 17 7.35 16.62 2.74
N ALA A 18 6.75 16.11 1.66
CA ALA A 18 5.32 15.89 1.61
C ALA A 18 4.95 14.76 2.56
N GLU A 19 5.76 13.70 2.62
CA GLU A 19 5.48 12.60 3.52
C GLU A 19 5.70 13.05 4.96
N ASP A 20 6.82 13.71 5.28
CA ASP A 20 7.05 14.19 6.64
C ASP A 20 5.97 15.18 7.07
N TYR A 21 5.37 15.91 6.10
CA TYR A 21 4.30 16.84 6.43
C TYR A 21 3.05 16.09 6.85
N LEU A 22 2.53 15.22 5.98
CA LEU A 22 1.31 14.47 6.25
C LEU A 22 1.46 13.55 7.45
N ARG A 23 2.68 13.15 7.81
CA ARG A 23 2.89 12.34 9.00
C ARG A 23 2.34 13.05 10.23
N SER A 24 2.30 14.39 10.19
CA SER A 24 1.80 15.20 11.28
C SER A 24 0.29 15.41 11.20
N LYS A 25 -0.38 14.79 10.21
CA LYS A 25 -1.82 14.87 10.03
C LYS A 25 -2.45 13.58 10.58
N GLU A 26 -3.24 12.87 9.78
CA GLU A 26 -4.09 11.78 10.27
C GLU A 26 -3.97 10.50 9.47
N ARG A 27 -4.55 9.41 10.00
CA ARG A 27 -4.45 8.08 9.42
C ARG A 27 -5.05 8.01 8.02
N GLY A 28 -5.77 9.07 7.61
CA GLY A 28 -6.20 9.27 6.25
C GLY A 28 -5.95 10.73 5.88
N ASP A 29 -4.86 11.01 5.15
CA ASP A 29 -4.56 12.39 4.76
C ASP A 29 -4.04 12.45 3.33
N PHE A 30 -3.98 13.65 2.71
CA PHE A 30 -3.44 13.81 1.37
C PHE A 30 -2.88 15.20 1.11
N VAL A 31 -1.84 15.27 0.27
CA VAL A 31 -1.28 16.51 -0.26
C VAL A 31 -0.99 16.32 -1.74
N ILE A 32 -1.15 17.38 -2.54
CA ILE A 32 -0.88 17.32 -3.98
C ILE A 32 0.45 18.01 -4.29
N ARG A 33 1.27 17.38 -5.13
CA ARG A 33 2.58 17.91 -5.52
C ARG A 33 2.92 17.55 -6.96
N GLN A 34 3.76 18.33 -7.61
CA GLN A 34 4.29 17.95 -8.91
C GLN A 34 4.94 16.57 -8.82
N SER A 35 4.80 15.76 -9.87
CA SER A 35 5.41 14.44 -9.93
C SER A 35 6.84 14.55 -10.47
N SER A 36 7.75 13.70 -9.98
CA SER A 36 9.12 13.70 -10.47
C SER A 36 9.19 13.11 -11.88
N ARG A 37 8.04 12.71 -12.43
CA ARG A 37 7.96 12.12 -13.76
C ARG A 37 7.97 13.22 -14.84
N GLY A 38 7.64 14.46 -14.47
CA GLY A 38 7.68 15.56 -15.43
C GLY A 38 6.77 16.73 -15.06
N ASP A 39 6.73 17.74 -15.95
CA ASP A 39 5.86 18.90 -15.77
C ASP A 39 4.44 18.62 -16.23
N ASP A 40 4.25 17.55 -17.04
CA ASP A 40 2.92 17.10 -17.42
C ASP A 40 2.41 16.09 -16.40
N HIS A 41 3.02 16.04 -15.21
CA HIS A 41 2.64 15.08 -14.20
C HIS A 41 2.55 15.71 -12.81
N LEU A 42 1.52 15.30 -12.07
CA LEU A 42 1.31 15.69 -10.68
C LEU A 42 1.19 14.41 -9.86
N ALA A 43 1.20 14.54 -8.54
CA ALA A 43 1.08 13.40 -7.65
C ALA A 43 0.29 13.75 -6.40
N ILE A 44 -0.43 12.75 -5.88
CA ILE A 44 -1.10 12.85 -4.61
C ILE A 44 -0.34 11.99 -3.61
N THR A 45 0.00 12.55 -2.44
CA THR A 45 0.69 11.81 -1.39
C THR A 45 -0.26 11.70 -0.21
N TRP A 46 -0.69 10.48 0.10
CA TRP A 46 -1.72 10.24 1.11
C TRP A 46 -1.15 9.48 2.31
N LYS A 47 -1.51 9.91 3.53
CA LYS A 47 -1.07 9.24 4.75
C LYS A 47 -1.99 8.06 5.02
N LEU A 48 -1.35 6.90 5.25
CA LEU A 48 -1.99 5.63 5.55
C LEU A 48 -1.97 5.33 7.04
N ASP A 49 -0.85 5.65 7.70
CA ASP A 49 -0.68 5.35 9.12
C ASP A 49 0.54 6.08 9.65
N LYS A 50 0.86 5.84 10.93
CA LYS A 50 2.06 6.40 11.54
C LYS A 50 3.27 5.89 10.76
N ASP A 51 4.07 6.83 10.25
CA ASP A 51 5.22 6.54 9.40
C ASP A 51 4.86 5.74 8.13
N LEU A 52 3.72 6.06 7.50
CA LEU A 52 3.33 5.39 6.27
C LEU A 52 2.40 6.24 5.41
N PHE A 53 2.55 6.12 4.08
CA PHE A 53 1.86 6.95 3.12
C PHE A 53 1.83 6.25 1.77
N GLN A 54 1.27 6.91 0.75
CA GLN A 54 1.31 6.41 -0.63
C GLN A 54 1.30 7.58 -1.62
N HIS A 55 2.09 7.44 -2.69
CA HIS A 55 2.20 8.42 -3.76
C HIS A 55 1.43 7.88 -4.97
N VAL A 56 0.70 8.77 -5.66
CA VAL A 56 0.00 8.40 -6.88
C VAL A 56 0.22 9.44 -7.97
N ASP A 57 0.74 9.00 -9.12
CA ASP A 57 1.00 9.87 -10.26
C ASP A 57 -0.27 10.22 -11.01
N ILE A 58 -0.24 11.39 -11.67
CA ILE A 58 -1.32 11.90 -12.47
C ILE A 58 -0.71 12.44 -13.77
N GLN A 59 -1.33 12.14 -14.90
CA GLN A 59 -0.88 12.62 -16.19
C GLN A 59 -1.78 13.76 -16.63
N GLU A 60 -1.18 14.91 -16.95
CA GLU A 60 -1.94 16.03 -17.43
C GLU A 60 -2.08 15.92 -18.94
N LEU A 61 -3.27 15.48 -19.37
CA LEU A 61 -3.64 15.42 -20.77
C LEU A 61 -4.15 16.78 -21.22
N GLU A 62 -4.19 17.01 -22.53
CA GLU A 62 -4.53 18.30 -23.12
C GLU A 62 -3.47 19.36 -22.81
N LYS A 63 -3.68 20.56 -23.37
CA LYS A 63 -2.73 21.68 -23.38
C LYS A 63 -1.49 21.37 -24.22
N GLU A 64 -1.33 22.12 -25.30
CA GLU A 64 -0.20 22.02 -26.21
C GLU A 64 1.08 22.54 -25.57
N ASN A 65 1.00 22.97 -24.31
CA ASN A 65 2.16 23.38 -23.51
C ASN A 65 2.12 22.58 -22.21
N PRO A 66 3.00 21.59 -22.04
CA PRO A 66 3.07 20.78 -20.82
C PRO A 66 3.33 21.63 -19.57
N LEU A 67 3.85 22.84 -19.73
CA LEU A 67 4.09 23.75 -18.63
C LEU A 67 2.76 24.25 -18.08
N ALA A 68 1.70 24.17 -18.88
CA ALA A 68 0.38 24.60 -18.50
C ALA A 68 -0.35 23.48 -17.77
N LEU A 69 -1.55 23.79 -17.27
CA LEU A 69 -2.39 22.81 -16.62
C LEU A 69 -3.18 22.05 -17.69
N GLY A 70 -3.18 20.72 -17.62
CA GLY A 70 -3.93 19.91 -18.56
C GLY A 70 -5.42 20.17 -18.41
N LYS A 71 -6.14 20.23 -19.55
CA LYS A 71 -7.58 20.42 -19.54
C LYS A 71 -8.27 19.14 -19.04
N VAL A 72 -7.48 18.07 -18.91
CA VAL A 72 -7.93 16.79 -18.39
C VAL A 72 -6.82 16.20 -17.53
N LEU A 73 -7.18 15.27 -16.64
CA LEU A 73 -6.23 14.59 -15.77
C LEU A 73 -6.44 13.09 -15.92
N VAL A 74 -5.36 12.34 -16.20
CA VAL A 74 -5.39 10.90 -16.35
C VAL A 74 -4.69 10.23 -15.17
N VAL A 75 -5.31 9.18 -14.63
CA VAL A 75 -4.73 8.39 -13.55
C VAL A 75 -4.93 6.93 -13.87
N GLU A 76 -3.84 6.14 -13.85
CA GLU A 76 -3.88 4.73 -14.19
C GLU A 76 -4.60 4.46 -15.51
N GLY A 77 -4.52 5.43 -16.44
CA GLY A 77 -5.11 5.29 -17.76
C GLY A 77 -6.58 5.71 -17.80
N GLN A 78 -7.04 6.47 -16.80
CA GLN A 78 -8.43 6.89 -16.71
C GLN A 78 -8.48 8.41 -16.64
N ARG A 79 -9.16 9.05 -17.59
CA ARG A 79 -9.21 10.50 -17.66
C ARG A 79 -10.33 11.07 -16.80
N TYR A 80 -10.15 12.33 -16.39
CA TYR A 80 -11.11 13.06 -15.58
C TYR A 80 -11.06 14.54 -15.93
N HIS A 81 -12.14 15.26 -15.60
CA HIS A 81 -12.30 16.66 -15.99
C HIS A 81 -11.44 17.61 -15.16
N ASP A 82 -11.03 17.21 -13.96
CA ASP A 82 -10.31 18.11 -13.06
C ASP A 82 -9.66 17.33 -11.92
N LEU A 83 -8.67 17.96 -11.27
CA LEU A 83 -7.96 17.41 -10.12
C LEU A 83 -8.94 17.13 -8.99
N ASP A 84 -10.01 17.93 -8.86
CA ASP A 84 -10.99 17.68 -7.82
C ASP A 84 -11.82 16.44 -8.12
N GLN A 85 -11.96 16.06 -9.40
CA GLN A 85 -12.66 14.83 -9.72
C GLN A 85 -11.74 13.65 -9.45
N ILE A 86 -10.44 13.77 -9.77
CA ILE A 86 -9.58 12.62 -9.54
C ILE A 86 -9.43 12.44 -8.04
N ILE A 87 -9.38 13.51 -7.25
CA ILE A 87 -9.21 13.36 -5.82
C ILE A 87 -10.46 12.78 -5.18
N VAL A 88 -11.66 13.27 -5.49
CA VAL A 88 -12.83 12.71 -4.84
C VAL A 88 -13.06 11.27 -5.29
N GLU A 89 -12.91 11.01 -6.60
CA GLU A 89 -13.13 9.67 -7.11
C GLU A 89 -12.02 8.73 -6.63
N TYR A 90 -10.75 9.15 -6.71
CA TYR A 90 -9.65 8.31 -6.27
C TYR A 90 -9.68 8.12 -4.76
N LEU A 91 -9.88 9.20 -4.01
CA LEU A 91 -9.88 9.10 -2.56
C LEU A 91 -11.08 8.32 -2.06
N GLN A 92 -12.30 8.70 -2.46
CA GLN A 92 -13.46 8.04 -1.89
C GLN A 92 -13.49 6.57 -2.26
N ASN A 93 -13.09 6.20 -3.48
CA ASN A 93 -13.02 4.79 -3.83
C ASN A 93 -11.86 4.09 -3.11
N LYS A 94 -10.71 4.75 -2.96
CA LYS A 94 -9.57 4.16 -2.26
C LYS A 94 -9.90 3.98 -0.78
N ILE A 95 -10.55 4.98 -0.18
CA ILE A 95 -10.92 4.95 1.22
C ILE A 95 -12.01 3.91 1.46
N ARG A 96 -12.89 3.71 0.46
CA ARG A 96 -13.91 2.67 0.54
C ARG A 96 -13.24 1.30 0.55
N LEU A 97 -12.25 1.11 -0.34
CA LEU A 97 -11.48 -0.12 -0.42
C LEU A 97 -10.70 -0.31 0.88
N LEU A 98 -10.26 0.80 1.49
CA LEU A 98 -9.54 0.73 2.74
C LEU A 98 -10.46 0.32 3.88
N ASN A 99 -11.74 0.69 3.83
CA ASN A 99 -12.67 0.28 4.87
C ASN A 99 -12.98 -1.21 4.75
N GLU A 100 -13.13 -1.70 3.53
CA GLU A 100 -13.45 -3.10 3.34
C GLU A 100 -12.24 -3.98 3.67
N LEU A 101 -11.03 -3.54 3.33
CA LEU A 101 -9.84 -4.30 3.65
C LEU A 101 -9.49 -4.21 5.13
N THR A 102 -9.64 -3.03 5.75
CA THR A 102 -9.32 -2.88 7.16
C THR A 102 -10.34 -3.63 8.00
N SER A 103 -11.54 -3.81 7.46
CA SER A 103 -12.59 -4.60 8.08
C SER A 103 -12.36 -6.09 7.89
N ASN A 104 -11.38 -6.47 7.07
CA ASN A 104 -11.09 -7.88 6.80
C ASN A 104 -10.39 -8.51 8.00
N GLU A 105 -10.73 -9.77 8.30
CA GLU A 105 -10.16 -10.47 9.44
C GLU A 105 -8.65 -10.70 9.23
N LYS A 106 -8.21 -10.79 7.96
CA LYS A 106 -6.81 -10.95 7.64
C LYS A 106 -6.03 -9.64 7.64
N PHE A 107 -6.64 -8.50 7.98
CA PHE A 107 -5.88 -7.26 7.97
C PHE A 107 -5.18 -7.03 9.30
N LYS A 108 -3.89 -6.68 9.24
CA LYS A 108 -3.04 -6.41 10.39
C LYS A 108 -3.10 -4.93 10.78
N ALA A 109 -2.30 -4.55 11.77
CA ALA A 109 -2.35 -3.23 12.40
C ALA A 109 -2.40 -2.06 11.41
N GLY A 110 -1.34 -1.89 10.62
CA GLY A 110 -1.31 -0.83 9.62
C GLY A 110 0.08 -0.23 9.38
N THR A 111 1.02 -0.39 10.32
CA THR A 111 2.38 0.12 10.14
C THR A 111 3.39 -0.95 10.53
N LYS A 112 4.60 -0.90 9.96
CA LYS A 112 5.57 -1.98 10.04
C LYS A 112 5.70 -2.59 11.42
N LYS A 113 6.19 -1.81 12.40
CA LYS A 113 6.37 -2.27 13.75
C LYS A 113 5.11 -2.92 14.30
N GLU A 114 3.95 -2.33 14.05
CA GLU A 114 2.74 -2.84 14.65
C GLU A 114 2.34 -4.17 14.03
N VAL A 115 2.41 -4.28 12.70
CA VAL A 115 2.05 -5.52 12.02
C VAL A 115 3.08 -6.61 12.30
N VAL A 116 4.37 -6.27 12.48
CA VAL A 116 5.36 -7.28 12.80
C VAL A 116 5.15 -7.78 14.23
N LYS A 117 4.78 -6.87 15.15
CA LYS A 117 4.50 -7.22 16.53
C LYS A 117 3.21 -8.01 16.63
N PHE A 118 2.23 -7.72 15.79
CA PHE A 118 0.97 -8.46 15.81
C PHE A 118 1.12 -9.83 15.16
N ILE A 119 1.83 -9.93 14.03
CA ILE A 119 1.98 -11.23 13.38
C ILE A 119 2.91 -12.12 14.21
N GLU A 120 3.94 -11.57 14.84
CA GLU A 120 4.83 -12.37 15.65
C GLU A 120 4.07 -12.83 16.89
N ASP A 121 3.32 -11.93 17.52
CA ASP A 121 2.55 -12.29 18.71
C ASP A 121 1.50 -13.33 18.35
N TYR A 122 0.82 -13.15 17.21
CA TYR A 122 -0.20 -14.11 16.82
C TYR A 122 0.44 -15.44 16.43
N SER A 123 1.69 -15.42 15.96
CA SER A 123 2.35 -16.65 15.56
C SER A 123 2.89 -17.39 16.77
N LYS A 124 3.47 -16.66 17.73
CA LYS A 124 4.08 -17.28 18.89
C LYS A 124 3.08 -17.78 19.92
N VAL A 125 1.90 -17.16 19.98
CA VAL A 125 0.82 -17.62 20.85
C VAL A 125 0.16 -18.86 20.27
N ASN A 126 0.36 -19.08 18.96
CA ASN A 126 -0.20 -20.21 18.22
C ASN A 126 0.89 -20.82 17.34
N PRO A 127 1.99 -21.28 17.95
CA PRO A 127 3.20 -21.68 17.25
C PRO A 127 3.06 -22.96 16.45
N LYS A 128 1.85 -23.50 16.33
CA LYS A 128 1.61 -24.67 15.51
C LYS A 128 0.41 -24.49 14.59
N LYS A 129 -0.12 -23.25 14.53
CA LYS A 129 -1.12 -22.86 13.55
C LYS A 129 -0.48 -21.95 12.51
N SER A 130 -1.05 -21.88 11.31
CA SER A 130 -0.52 -21.04 10.24
C SER A 130 -0.99 -19.60 10.45
N VAL A 131 -0.28 -18.66 9.82
CA VAL A 131 -0.57 -17.24 9.95
C VAL A 131 -0.51 -16.56 8.59
N TYR A 132 -1.52 -15.74 8.25
CA TYR A 132 -1.51 -14.96 7.03
C TYR A 132 -2.31 -13.67 7.17
N TYR A 133 -1.68 -12.52 6.89
CA TYR A 133 -2.34 -11.23 6.99
C TYR A 133 -1.91 -10.22 5.94
N PHE A 134 -2.81 -9.27 5.66
CA PHE A 134 -2.61 -8.13 4.78
C PHE A 134 -2.42 -6.87 5.60
N SER A 135 -1.52 -6.00 5.17
CA SER A 135 -1.40 -4.66 5.73
C SER A 135 -0.75 -3.74 4.71
N LEU A 136 -0.42 -2.50 5.07
CA LEU A 136 0.27 -1.60 4.16
C LEU A 136 1.77 -1.88 4.22
N ASN A 137 2.44 -1.90 3.06
CA ASN A 137 3.87 -2.16 3.00
C ASN A 137 4.66 -0.88 3.23
N TYR A 138 5.69 -0.96 4.09
CA TYR A 138 6.50 0.20 4.46
C TYR A 138 7.67 0.42 3.50
N GLU A 139 8.08 -0.62 2.76
CA GLU A 139 9.13 -0.51 1.77
C GLU A 139 8.53 -0.11 0.42
N ASN A 140 7.20 -0.07 0.34
CA ASN A 140 6.49 0.26 -0.87
C ASN A 140 5.19 1.00 -0.53
N PRO A 141 5.30 2.29 -0.18
CA PRO A 141 4.17 3.15 0.14
C PRO A 141 3.26 3.26 -1.10
N GLY A 142 2.26 2.38 -1.16
CA GLY A 142 1.36 2.25 -2.31
C GLY A 142 1.00 0.79 -2.56
N TRP A 143 1.57 -0.13 -1.78
CA TRP A 143 1.29 -1.55 -1.87
C TRP A 143 0.89 -2.10 -0.50
N PHE A 144 0.09 -3.17 -0.50
CA PHE A 144 -0.23 -3.89 0.72
C PHE A 144 0.70 -5.08 0.84
N TYR A 145 1.17 -5.37 2.05
CA TYR A 145 2.00 -6.52 2.32
C TYR A 145 1.11 -7.71 2.67
N LEU A 146 1.59 -8.92 2.42
CA LEU A 146 0.81 -10.13 2.63
C LEU A 146 1.70 -11.21 3.22
N ILE A 147 1.87 -11.11 4.53
CA ILE A 147 2.73 -12.00 5.32
C ILE A 147 2.10 -13.39 5.48
N PHE A 148 2.94 -14.43 5.47
CA PHE A 148 2.53 -15.81 5.65
C PHE A 148 3.58 -16.63 6.40
N LYS A 149 3.14 -17.43 7.38
CA LYS A 149 3.98 -18.34 8.16
C LYS A 149 3.20 -19.62 8.40
N LEU A 150 3.87 -20.78 8.41
CA LEU A 150 3.18 -22.03 8.63
C LEU A 150 2.97 -22.28 10.13
N ASN A 151 3.79 -21.62 10.96
CA ASN A 151 3.88 -21.80 12.40
C ASN A 151 4.65 -20.62 12.97
N ALA A 152 4.96 -20.61 14.28
CA ALA A 152 5.80 -19.58 14.86
C ALA A 152 7.19 -19.65 14.24
N GLU A 153 7.69 -20.86 14.05
CA GLU A 153 9.05 -21.13 13.64
C GLU A 153 9.19 -21.28 12.12
N SER A 154 8.10 -21.10 11.37
CA SER A 154 8.05 -21.46 9.97
C SER A 154 8.01 -20.28 9.01
N LYS A 155 9.20 -19.87 8.56
CA LYS A 155 9.40 -18.86 7.52
C LYS A 155 8.60 -17.58 7.71
N LEU A 156 8.70 -16.72 6.69
CA LEU A 156 7.97 -15.47 6.61
C LEU A 156 7.91 -15.02 5.15
N TYR A 157 6.88 -15.47 4.44
CA TYR A 157 6.70 -15.09 3.04
C TYR A 157 5.78 -13.88 2.97
N ILE A 158 6.22 -12.82 2.30
CA ILE A 158 5.41 -11.63 2.13
C ILE A 158 5.14 -11.37 0.65
N TRP A 159 3.87 -11.43 0.25
CA TRP A 159 3.43 -11.04 -1.08
C TRP A 159 2.99 -9.57 -1.04
N ASN A 160 2.59 -9.02 -2.20
CA ASN A 160 2.24 -7.62 -2.29
C ASN A 160 1.17 -7.37 -3.35
N VAL A 161 0.30 -6.39 -3.09
CA VAL A 161 -0.71 -5.95 -4.03
C VAL A 161 -0.76 -4.42 -4.05
N LYS A 162 -0.81 -3.80 -5.23
CA LYS A 162 -0.74 -2.35 -5.36
C LYS A 162 -2.12 -1.74 -5.16
N LEU A 163 -2.21 -0.66 -4.38
CA LEU A 163 -3.48 -0.02 -4.09
C LEU A 163 -3.90 0.90 -5.24
N THR A 164 -5.20 0.95 -5.52
CA THR A 164 -5.76 1.79 -6.58
C THR A 164 -7.23 2.06 -6.27
N HIS A 165 -7.78 3.13 -6.84
CA HIS A 165 -9.19 3.44 -6.66
C HIS A 165 -10.02 2.43 -7.45
N THR A 166 -9.39 1.72 -8.39
CA THR A 166 -10.03 0.71 -9.20
C THR A 166 -10.09 -0.62 -8.43
N GLY A 167 -9.43 -0.69 -7.25
CA GLY A 167 -9.40 -1.90 -6.46
C GLY A 167 -8.01 -2.21 -5.94
N PHE A 168 -7.55 -3.44 -6.19
CA PHE A 168 -6.21 -3.88 -5.82
C PHE A 168 -5.55 -4.55 -7.02
N PHE A 169 -4.29 -4.20 -7.30
CA PHE A 169 -3.61 -4.71 -8.47
C PHE A 169 -2.63 -5.82 -8.10
N LEU A 170 -2.68 -6.91 -8.85
CA LEU A 170 -1.84 -8.08 -8.63
C LEU A 170 -1.55 -8.75 -9.97
N VAL A 171 -0.29 -9.12 -10.18
CA VAL A 171 0.24 -9.72 -11.41
C VAL A 171 0.02 -8.83 -12.63
N ASN A 172 -1.23 -8.69 -13.10
CA ASN A 172 -1.54 -7.90 -14.27
C ASN A 172 -3.00 -7.45 -14.32
N TYR A 173 -3.74 -7.60 -13.21
CA TYR A 173 -5.16 -7.26 -13.19
C TYR A 173 -5.57 -6.61 -11.87
N ASN A 174 -6.62 -5.79 -11.92
CA ASN A 174 -7.14 -5.08 -10.76
C ASN A 174 -8.45 -5.70 -10.26
N TYR A 175 -8.56 -5.85 -8.94
CA TYR A 175 -9.72 -6.42 -8.29
C TYR A 175 -10.45 -5.35 -7.49
N PRO A 176 -11.67 -4.97 -7.91
CA PRO A 176 -12.42 -3.84 -7.38
C PRO A 176 -12.89 -4.02 -5.93
N THR A 177 -12.54 -5.13 -5.29
CA THR A 177 -12.84 -5.37 -3.90
C THR A 177 -11.94 -6.48 -3.35
N VAL A 178 -11.75 -6.54 -2.03
CA VAL A 178 -10.90 -7.56 -1.42
C VAL A 178 -11.49 -8.95 -1.66
N ILE A 179 -12.80 -9.05 -1.86
CA ILE A 179 -13.43 -10.32 -2.14
C ILE A 179 -12.98 -10.83 -3.51
N GLN A 180 -12.90 -9.92 -4.48
CA GLN A 180 -12.45 -10.26 -5.82
C GLN A 180 -10.94 -10.52 -5.82
N LEU A 181 -10.21 -9.87 -4.91
CA LEU A 181 -8.78 -10.10 -4.78
C LEU A 181 -8.55 -11.51 -4.26
N CYS A 182 -9.44 -12.00 -3.39
CA CYS A 182 -9.38 -13.38 -2.96
C CYS A 182 -9.66 -14.28 -4.15
N ASN A 183 -10.69 -13.98 -4.94
CA ASN A 183 -10.99 -14.78 -6.12
C ASN A 183 -9.78 -14.81 -7.05
N GLY A 184 -9.04 -13.69 -7.13
CA GLY A 184 -7.83 -13.60 -7.93
C GLY A 184 -6.72 -14.46 -7.32
N PHE A 185 -6.57 -14.43 -6.00
CA PHE A 185 -5.55 -15.21 -5.33
C PHE A 185 -5.82 -16.69 -5.50
N LYS A 186 -7.03 -17.16 -5.18
CA LYS A 186 -7.40 -18.55 -5.27
C LYS A 186 -7.36 -19.07 -6.70
N THR A 187 -7.77 -18.25 -7.66
CA THR A 187 -7.71 -18.68 -9.05
C THR A 187 -6.26 -18.72 -9.55
N LEU A 188 -5.39 -17.86 -9.01
CA LEU A 188 -4.00 -17.81 -9.43
C LEU A 188 -3.23 -18.99 -8.86
N LEU A 189 -3.43 -19.31 -7.57
CA LEU A 189 -2.75 -20.43 -6.95
C LEU A 189 -3.29 -21.74 -7.49
N LYS A 190 -4.56 -21.78 -7.91
CA LYS A 190 -5.12 -23.01 -8.45
C LYS A 190 -4.66 -23.18 -9.90
N SER A 191 -4.36 -22.07 -10.58
CA SER A 191 -3.76 -22.09 -11.90
C SER A 191 -2.30 -22.55 -11.82
N SER A 192 -1.85 -22.95 -10.64
CA SER A 192 -0.51 -23.48 -10.44
C SER A 192 -0.53 -24.75 -9.60
N ASN A 193 -1.55 -24.92 -8.75
CA ASN A 193 -1.73 -26.15 -7.98
C ASN A 193 -2.34 -27.23 -8.86
N THR A 194 -2.90 -26.85 -10.01
CA THR A 194 -3.33 -27.80 -11.02
C THR A 194 -2.11 -28.28 -11.84
N ARG A 195 -0.90 -27.98 -11.35
CA ARG A 195 0.34 -28.37 -12.00
C ARG A 195 1.36 -28.79 -10.95
N ASN A 196 1.41 -28.03 -9.85
CA ASN A 196 2.25 -28.31 -8.69
C ASN A 196 1.43 -28.97 -7.59
N PRO B 1 13.42 -0.14 -1.10
CA PRO B 1 13.88 1.17 -0.68
C PRO B 1 12.92 2.24 -1.17
N SER B 2 11.72 2.23 -0.59
CA SER B 2 10.58 3.07 -0.86
C SER B 2 10.06 2.99 -2.30
N PTR B 3 10.78 2.35 -3.21
CA PTR B 3 10.38 2.12 -4.57
C PTR B 3 10.95 0.77 -5.03
O PTR B 3 11.82 0.74 -5.90
CB PTR B 3 10.93 3.26 -5.45
CG PTR B 3 10.42 4.65 -5.14
CD1 PTR B 3 11.30 5.64 -4.69
CD2 PTR B 3 9.07 4.97 -5.32
CE1 PTR B 3 10.86 6.94 -4.46
CE2 PTR B 3 8.61 6.28 -5.08
CZ PTR B 3 9.50 7.29 -4.67
OH PTR B 3 9.14 8.55 -4.47
P PTR B 3 7.64 9.11 -4.64
O1P PTR B 3 7.69 10.58 -4.47
O2P PTR B 3 6.74 8.32 -3.78
O3P PTR B 3 7.17 8.87 -6.16
H PTR B 3 11.68 1.98 -2.93
HA PTR B 3 9.29 2.09 -4.63
HB2 PTR B 3 12.02 3.25 -5.36
HB3 PTR B 3 10.68 3.03 -6.49
HD1 PTR B 3 12.34 5.39 -4.51
HD2 PTR B 3 8.38 4.21 -5.65
HE1 PTR B 3 11.54 7.70 -4.12
HE2 PTR B 3 7.56 6.50 -5.24
HO3P PTR B 3 6.29 9.20 -6.32
N SER B 4 10.47 -0.33 -4.45
CA SER B 4 11.01 -1.65 -4.75
C SER B 4 9.96 -2.74 -4.58
N PRO B 5 8.85 -2.70 -5.35
CA PRO B 5 7.79 -3.67 -5.27
C PRO B 5 8.18 -5.00 -5.91
N THR B 6 7.61 -6.10 -5.41
CA THR B 6 7.82 -7.44 -5.96
C THR B 6 6.76 -8.37 -5.40
N SER B 7 6.39 -9.40 -6.18
CA SER B 7 5.41 -10.38 -5.73
C SER B 7 5.48 -11.64 -6.60
N PRO B 8 5.91 -12.78 -6.04
CA PRO B 8 5.89 -14.06 -6.73
C PRO B 8 4.46 -14.62 -6.76
N SER B 9 4.26 -15.79 -7.37
CA SER B 9 2.95 -16.43 -7.40
C SER B 9 2.52 -16.78 -5.97
N PTR B 10 1.21 -16.81 -5.73
CA PTR B 10 0.68 -17.02 -4.39
C PTR B 10 0.64 -18.52 -4.06
O PTR B 10 0.25 -19.33 -4.89
CB PTR B 10 -0.70 -16.37 -4.32
CG PTR B 10 -1.32 -16.27 -2.93
CD1 PTR B 10 -2.68 -16.52 -2.79
CD2 PTR B 10 -0.56 -15.92 -1.81
CE1 PTR B 10 -3.31 -16.39 -1.54
CE2 PTR B 10 -1.17 -15.79 -0.56
CZ PTR B 10 -2.56 -16.01 -0.41
OH PTR B 10 -3.12 -15.79 0.77
P PTR B 10 -4.72 -15.83 1.01
O1P PTR B 10 -5.35 -14.91 0.06
O2P PTR B 10 -4.99 -15.23 2.47
O3P PTR B 10 -5.15 -17.25 1.03
H PTR B 10 0.56 -16.67 -6.48
HA PTR B 10 1.33 -16.53 -3.68
HB2 PTR B 10 -0.61 -15.36 -4.71
HB3 PTR B 10 -1.38 -16.92 -4.97
HD1 PTR B 10 -3.27 -16.82 -3.66
HD2 PTR B 10 0.51 -15.75 -1.91
HE1 PTR B 10 -4.36 -16.59 -1.46
HE2 PTR B 10 -0.58 -15.51 0.30
HO2P PTR B 10 -4.61 -14.36 2.58
N SER B 11 1.04 -18.86 -2.83
CA SER B 11 1.07 -20.25 -2.38
C SER B 11 -0.35 -20.76 -2.16
N PRO B 12 -0.59 -22.05 -2.45
CA PRO B 12 -1.83 -22.71 -2.13
C PRO B 12 -1.94 -22.88 -0.62
N THR B 13 -3.15 -23.17 -0.13
CA THR B 13 -3.41 -23.34 1.29
C THR B 13 -4.60 -24.29 1.48
N SER B 14 -4.89 -24.71 2.72
CA SER B 14 -5.94 -25.70 2.94
C SER B 14 -7.32 -25.21 2.48
N PRO B 15 -7.72 -23.96 2.78
CA PRO B 15 -8.96 -23.39 2.28
C PRO B 15 -9.01 -23.24 0.76
N SER B 16 -7.87 -23.31 0.06
CA SER B 16 -7.83 -23.12 -1.38
C SER B 16 -6.51 -23.58 -1.97
#